data_8GWF
#
_entry.id   8GWF
#
_cell.length_a   1.00
_cell.length_b   1.00
_cell.length_c   1.00
_cell.angle_alpha   90.00
_cell.angle_beta   90.00
_cell.angle_gamma   90.00
#
_symmetry.space_group_name_H-M   'P 1'
#
loop_
_entity.id
_entity.type
_entity.pdbx_description
1 polymer 'RNA-directed RNA polymerase'
2 polymer 'Non-structural protein 8'
3 polymer 'Non-structural protein 7'
4 polymer primer
5 polymer template
6 polymer Helicase
7 polymer 'Non-structural protein 9'
8 non-polymer 'ZINC ION'
9 non-polymer "GUANOSINE-5'-TRIPHOSPHATE"
10 water water
#
loop_
_entity_poly.entity_id
_entity_poly.type
_entity_poly.pdbx_seq_one_letter_code
_entity_poly.pdbx_strand_id
1 'polypeptide(L)'
;SADAQSFLNRVCGVSAARLTPCGTGTSTDVVYRAFDIYNDKVAGFAKFLKTNCCRFQEKDEDDNLIDSYFVVKRHTFSNY
QHEETIYNLLKDCPAVAKHDFFKFRIDGDMVPHISRQRLTKYTMADLVYALRHFDEGNCDTLKEILVTYNCCDDDYFNKK
DWYDFVENPDILRVYANLGERVRQALLKTVQFCDAMRNAGIVGVLTLDNQDLNGNWYDFGDFIQTTPGSGVPVVDSYYSL
LMPILTLTRALTAESHVDTDLTKPYIKWDLLKYDFTEERLKLFDRYFKYWDQTYHPNCVNCLDDRCILHCANFNVLFSTV
FPPTSFGPLVRKIFVDGVPFVVSTGYHFRELGVVHNQDVNLHSSRLSFKELLVYAADPAMHAASGNLLLDKRTTCFSVAA
LTNNVAFQTVKPGNFNKDFYDFAVSKGFFKEGSSVELKHFFFAQDGNAAISDYDYYRYNLPTMCDIRQLLFVVEVVDKYF
DCYDGGCINANQVIVNNLDKSAGFPFNKWGKARLYYDSMSYEDQDALFAYTKRNVIPTITQMNLKYAISAKNRARTVAGV
SICSTMTNRQFHQKLLKSIAATRGATVVIGTSKFYGGWHNMLKTVYSDVENPHLMGWDYPKCDRAMPNMLRIMASLVLAR
KHTTCCSLSHRFYRLANECAQVLSEMVMCGGSLYVKPGGTSSGDATTAYANSVFNICQAVTANVNALLSTDGNKIADKYV
RNLQHRLYECLYRNRDVDTDFVNEFYAYLRKHFSMMILSDDAVVCFNSTYASQGLVASIKNFKSVLYYQNNVFMSEAKCW
TETDLTKGPHEFCSQHTMLVKQGDDYVYLPYPDPSRILGAGCFVDDIVKTDGTLMIERFVSLAIDAYPLTKHPNQEYADV
FHLYLQYIRKLHDELTGHMLDMYSVMLTNDNTSRYWEPEFYEAMYTPHTVLQ
;
A
2 'polypeptide(L)'
;AIASEFSSLPSYAAFATAQEAYEQAVANGDSEVVLKKLKKSLNVAKSEFDRDAAMQRKLEKMADQAMTQMYKQARSEDKR
AKVTSAMQTMLFTMLRKLDNDALNNIINNARDGCVPLNIIPLTTAAKLMVVIPDYNTYKNTCDGTTFTYASALWEIQQVV
DADSKIVQLSEISMDNSPNLAWPLIVTALRANSAVKLQ
;
B,D
3 'polypeptide(L)'
;SKMSDVKCTSVVLLSVLQQLRVESSSKLWAQCVQLHNDILLAKDTTEAFEKMVSLLSVLLSMQGAVDINKLCEEMLDNRA
TLQ
;
C
4 'polyribonucleotide' GCGGUAGUAGCAUGCUAGGGAGCAG I
5 'polyribonucleotide' AAUGUCUGACUGCUCCCUAGCAUGCUACUACCG J
6 'polypeptide(L)'
;AVGACVLCNSQTSLRCGACIRRPFLCCKCCYDHVISTSHKLVLSVNPYVCNAPGCDVTDVTQLYLGGMSYYCKSHKPPIS
FPLCANGQVFGLYKNTCVGSDNVTDFNAIATCDWTNAGDYILANTCTERLKLFAAETLKATEETFKLSYGIATVREVLSD
RELHLSWEVGKPRPPLNRNYVFTGYRVTKNSKVQIGEYTFEKGDYGDAVVYRGTTTYKLNVGDYFVLTSHTVMPLSAPTL
VPQEHYVRITGLYPTLNISDEFSSNVANYQKVGMQKYSTLQGPPGTGKSHFAIGLALYYPSARIVYTACSHAAVDALCEK
ALKYLPIDKCSRIIPARARVECFDKFKVNSTLEQYVFCTVNALPETTADIVVFDEISMATNYDLSVVNARLRAKHYVYIG
DPAQLPAPRTLLTKGTLEPEYFNSVCRLMKTIGPDMFLGTCRRCPAEIVDTVSALVYDNKLKAHKDKSAQCFKMFYKGVI
THDVSSAINRPQIGVVREFLTRNPAWRKAVFISPYNSQNAVASKILGLPTQTVDSSQGSEYDYVIFTQTTETAHSCNVNR
FNVAITRAKVGILCIMSDRDLYDKLQFTSLEIPRRNVATLQ
;
F,E
7 'polypeptide(L)'
;SNAMNNELSPVALRQMSCAAGTTQTACTDDNALAYYNTTKGGRFVLALLSDLQDLKWARFPKSDGTGTIYTELEPPCRFV
TDTPKGPKVKYLYFIKGLNNLNRGMVLGSLAATVRLQ
;
G
#
loop_
_chem_comp.id
_chem_comp.type
_chem_comp.name
_chem_comp.formula
A RNA linking ADENOSINE-5'-MONOPHOSPHATE 'C10 H14 N5 O7 P'
C RNA linking CYTIDINE-5'-MONOPHOSPHATE 'C9 H14 N3 O8 P'
G RNA linking GUANOSINE-5'-MONOPHOSPHATE 'C10 H14 N5 O8 P'
GTP non-polymer GUANOSINE-5'-TRIPHOSPHATE 'C10 H16 N5 O14 P3'
U RNA linking URIDINE-5'-MONOPHOSPHATE 'C9 H13 N2 O9 P'
ZN non-polymer 'ZINC ION' 'Zn 2'
#
# COMPACT_ATOMS: atom_id res chain seq x y z
N SER A 1 30.61 -30.58 83.96
CA SER A 1 30.35 -31.87 84.60
C SER A 1 28.94 -32.36 84.27
N ALA A 2 28.86 -33.61 83.80
CA ALA A 2 27.61 -34.20 83.36
C ALA A 2 26.88 -33.27 82.40
N ASP A 3 25.64 -32.88 82.76
CA ASP A 3 24.82 -31.93 82.03
C ASP A 3 25.03 -31.99 80.52
N ALA A 4 26.05 -31.29 80.03
CA ALA A 4 26.29 -31.18 78.61
C ALA A 4 26.49 -32.55 77.96
N GLN A 5 27.25 -33.44 78.59
CA GLN A 5 27.52 -34.76 78.06
C GLN A 5 26.44 -35.77 78.43
N SER A 6 25.49 -35.39 79.30
CA SER A 6 24.31 -36.19 79.56
C SER A 6 23.09 -35.72 78.79
N PHE A 7 22.88 -34.41 78.68
CA PHE A 7 21.88 -33.87 77.77
C PHE A 7 22.17 -34.30 76.33
N LEU A 8 23.46 -34.42 75.97
CA LEU A 8 23.82 -34.82 74.62
C LEU A 8 23.33 -36.23 74.32
N ASN A 9 23.56 -37.17 75.23
CA ASN A 9 23.10 -38.54 74.97
C ASN A 9 21.66 -38.76 75.35
N ARG A 10 20.99 -37.79 75.97
CA ARG A 10 19.54 -37.89 76.10
C ARG A 10 18.83 -37.37 74.85
N VAL A 11 19.31 -36.26 74.28
CA VAL A 11 18.81 -35.80 72.99
C VAL A 11 19.14 -36.85 71.92
N CYS A 12 20.33 -37.43 72.02
CA CYS A 12 20.69 -38.58 71.19
C CYS A 12 19.64 -39.67 71.33
N GLY A 13 19.01 -40.04 70.22
CA GLY A 13 17.84 -40.90 70.31
C GLY A 13 18.20 -42.37 70.35
N VAL A 14 17.62 -43.16 69.45
CA VAL A 14 17.82 -44.59 69.45
C VAL A 14 18.21 -45.09 68.06
N SER A 15 18.38 -44.18 67.10
CA SER A 15 18.61 -44.65 65.74
C SER A 15 20.09 -44.74 65.40
N ALA A 16 20.78 -43.60 65.25
CA ALA A 16 22.23 -43.61 65.19
C ALA A 16 22.82 -42.51 66.05
N ALA A 17 22.22 -41.32 65.97
CA ALA A 17 22.53 -40.16 66.79
C ALA A 17 24.03 -39.89 66.94
N ARG A 18 24.72 -39.60 65.84
CA ARG A 18 26.09 -39.09 65.89
C ARG A 18 26.02 -37.57 65.89
N LEU A 19 25.97 -36.97 67.07
CA LEU A 19 25.67 -35.56 67.24
C LEU A 19 26.89 -34.77 67.67
N THR A 20 26.84 -33.47 67.39
CA THR A 20 27.86 -32.51 67.82
C THR A 20 27.18 -31.17 68.13
N PRO A 21 27.46 -30.57 69.29
CA PRO A 21 26.77 -29.33 69.66
C PRO A 21 27.15 -28.17 68.76
N CYS A 22 26.23 -27.22 68.63
CA CYS A 22 26.43 -26.02 67.81
C CYS A 22 26.95 -24.90 68.70
N GLY A 23 28.14 -25.12 69.27
CA GLY A 23 28.80 -24.12 70.09
C GLY A 23 28.00 -23.70 71.31
N THR A 24 27.47 -24.67 72.04
CA THR A 24 26.68 -24.38 73.24
C THR A 24 27.04 -25.42 74.30
N GLY A 25 26.51 -25.22 75.51
CA GLY A 25 26.62 -26.21 76.56
C GLY A 25 25.27 -26.82 76.84
N THR A 26 24.59 -26.35 77.88
CA THR A 26 23.19 -26.72 78.10
C THR A 26 22.26 -25.54 77.83
N SER A 27 22.79 -24.42 77.37
CA SER A 27 22.02 -23.20 77.14
C SER A 27 21.46 -23.17 75.72
N THR A 28 20.63 -22.16 75.46
CA THR A 28 19.94 -22.04 74.19
C THR A 28 20.84 -21.40 73.14
N ASP A 29 20.34 -21.36 71.91
CA ASP A 29 21.04 -20.77 70.77
C ASP A 29 20.17 -19.67 70.17
N VAL A 30 20.81 -18.60 69.73
CA VAL A 30 20.12 -17.42 69.21
C VAL A 30 20.47 -17.26 67.73
N VAL A 31 19.44 -17.08 66.90
CA VAL A 31 19.60 -16.92 65.46
C VAL A 31 18.70 -15.79 64.98
N TYR A 32 18.84 -15.44 63.71
CA TYR A 32 18.10 -14.34 63.08
C TYR A 32 17.37 -14.89 61.88
N ARG A 33 16.05 -15.10 62.00
CA ARG A 33 15.29 -15.79 60.97
C ARG A 33 13.99 -15.06 60.71
N ALA A 34 13.28 -15.48 59.67
CA ALA A 34 12.06 -14.82 59.21
C ALA A 34 10.84 -15.61 59.67
N PHE A 35 9.81 -14.89 60.13
CA PHE A 35 8.58 -15.48 60.62
C PHE A 35 7.38 -14.78 60.01
N ASP A 36 6.21 -15.37 60.22
CA ASP A 36 4.94 -14.79 59.75
C ASP A 36 4.01 -14.73 60.97
N ILE A 37 3.82 -13.53 61.51
CA ILE A 37 3.24 -13.36 62.83
C ILE A 37 1.88 -12.69 62.74
N TYR A 38 0.97 -13.14 63.61
CA TYR A 38 -0.31 -12.48 63.84
C TYR A 38 -0.81 -12.84 65.23
N ASN A 39 -0.60 -11.96 66.21
CA ASN A 39 -0.94 -12.29 67.59
C ASN A 39 -1.63 -11.15 68.33
N ASP A 40 -2.50 -10.42 67.61
CA ASP A 40 -3.41 -9.39 68.09
C ASP A 40 -2.74 -8.08 68.48
N LYS A 41 -1.41 -8.03 68.52
CA LYS A 41 -0.73 -6.77 68.81
C LYS A 41 0.40 -6.54 67.81
N VAL A 42 0.89 -7.61 67.19
CA VAL A 42 1.90 -7.52 66.14
C VAL A 42 1.42 -8.31 64.93
N ALA A 43 1.87 -7.89 63.76
CA ALA A 43 1.57 -8.58 62.51
C ALA A 43 2.63 -8.20 61.48
N GLY A 44 2.80 -9.07 60.50
CA GLY A 44 3.71 -8.80 59.40
C GLY A 44 4.49 -10.05 59.03
N PHE A 45 5.43 -9.85 58.10
CA PHE A 45 6.30 -10.91 57.58
C PHE A 45 7.73 -10.34 57.58
N ALA A 46 8.42 -10.48 58.70
CA ALA A 46 9.71 -9.84 58.91
C ALA A 46 10.68 -10.83 59.55
N LYS A 47 11.89 -10.36 59.82
CA LYS A 47 12.97 -11.16 60.38
C LYS A 47 13.13 -10.82 61.85
N PHE A 48 12.63 -11.70 62.72
CA PHE A 48 12.81 -11.53 64.16
C PHE A 48 14.03 -12.29 64.65
N LEU A 49 14.17 -12.42 65.98
CA LEU A 49 15.36 -13.04 66.56
C LEU A 49 14.91 -14.19 67.45
N LYS A 50 15.16 -15.42 67.00
CA LYS A 50 14.80 -16.60 67.78
C LYS A 50 15.68 -16.71 69.02
N THR A 51 15.10 -17.23 70.10
CA THR A 51 15.78 -17.21 71.39
C THR A 51 15.89 -18.56 72.09
N ASN A 52 14.88 -19.43 72.05
CA ASN A 52 14.84 -20.63 72.89
C ASN A 52 14.96 -21.88 72.01
N CYS A 53 16.21 -22.28 71.75
CA CYS A 53 16.48 -23.47 70.95
C CYS A 53 17.92 -23.89 71.19
N CYS A 54 18.12 -25.21 71.25
CA CYS A 54 19.45 -25.81 71.25
C CYS A 54 19.55 -26.76 70.06
N ARG A 55 20.58 -26.56 69.24
CA ARG A 55 20.71 -27.27 67.97
C ARG A 55 21.95 -28.15 68.00
N PHE A 56 21.80 -29.39 67.53
CA PHE A 56 22.90 -30.35 67.44
C PHE A 56 22.97 -30.86 66.01
N GLN A 57 24.08 -30.57 65.33
CA GLN A 57 24.28 -31.09 63.99
C GLN A 57 24.67 -32.57 64.07
N GLU A 58 24.40 -33.28 62.98
CA GLU A 58 24.59 -34.72 62.92
C GLU A 58 25.72 -35.06 61.96
N LYS A 59 26.54 -36.04 62.34
CA LYS A 59 27.63 -36.51 61.52
C LYS A 59 27.28 -37.86 60.88
N ASP A 60 28.24 -38.42 60.14
CA ASP A 60 28.06 -39.73 59.53
C ASP A 60 29.36 -40.52 59.60
N GLU A 61 29.47 -41.57 58.78
CA GLU A 61 30.57 -42.54 58.85
C GLU A 61 31.95 -41.90 58.83
N ASP A 62 32.19 -40.96 57.92
CA ASP A 62 33.53 -40.41 57.75
C ASP A 62 33.74 -39.13 58.55
N ASP A 63 32.87 -38.89 59.53
CA ASP A 63 33.03 -37.79 60.49
C ASP A 63 33.12 -36.44 59.79
N ASN A 64 32.23 -36.21 58.84
CA ASN A 64 32.05 -34.91 58.20
C ASN A 64 30.59 -34.48 58.34
N LEU A 65 30.40 -33.19 58.61
CA LEU A 65 29.07 -32.70 58.97
C LEU A 65 28.09 -32.86 57.81
N ILE A 66 26.81 -33.05 58.18
CA ILE A 66 25.75 -33.28 57.21
C ILE A 66 24.62 -32.30 57.46
N ASP A 67 23.67 -32.22 56.55
CA ASP A 67 22.54 -31.29 56.63
C ASP A 67 21.40 -31.93 57.42
N SER A 68 21.64 -32.15 58.71
CA SER A 68 20.61 -32.70 59.59
C SER A 68 20.84 -32.13 60.98
N TYR A 69 19.78 -31.62 61.61
CA TYR A 69 19.88 -30.97 62.90
C TYR A 69 18.83 -31.52 63.85
N PHE A 70 19.17 -31.51 65.14
CA PHE A 70 18.25 -31.88 66.21
C PHE A 70 17.97 -30.62 67.02
N VAL A 71 16.75 -30.12 66.90
CA VAL A 71 16.35 -28.86 67.53
C VAL A 71 15.49 -29.21 68.75
N VAL A 72 15.98 -28.88 69.93
CA VAL A 72 15.27 -29.15 71.18
C VAL A 72 15.00 -27.82 71.87
N LYS A 73 13.71 -27.45 71.94
CA LYS A 73 13.32 -26.10 72.44
C LYS A 73 12.54 -26.08 73.73
N ARG A 74 12.41 -24.92 74.35
CA ARG A 74 11.75 -24.89 75.65
C ARG A 74 10.59 -23.91 75.81
N HIS A 75 9.40 -24.40 76.14
CA HIS A 75 8.24 -23.53 76.32
C HIS A 75 7.52 -23.71 77.66
N THR A 76 6.29 -24.21 77.64
CA THR A 76 5.52 -24.35 78.88
C THR A 76 5.02 -25.76 79.12
N PHE A 77 4.74 -26.11 80.36
CA PHE A 77 4.34 -27.48 80.65
C PHE A 77 2.96 -27.72 80.10
N SER A 78 2.05 -26.78 80.26
CA SER A 78 0.78 -26.96 79.56
C SER A 78 0.98 -27.15 78.06
N ASN A 79 1.86 -26.34 77.46
CA ASN A 79 2.18 -26.53 76.05
C ASN A 79 2.77 -27.91 75.79
N TYR A 80 3.50 -28.45 76.77
CA TYR A 80 4.02 -29.81 76.66
C TYR A 80 2.90 -30.81 76.42
N GLN A 81 1.89 -30.80 77.29
CA GLN A 81 0.78 -31.74 77.17
C GLN A 81 -0.03 -31.49 75.90
N HIS A 82 -0.27 -30.22 75.58
CA HIS A 82 -1.06 -29.89 74.38
C HIS A 82 -0.38 -30.39 73.12
N GLU A 83 0.91 -30.09 72.97
CA GLU A 83 1.65 -30.55 71.79
C GLU A 83 1.75 -32.06 71.76
N GLU A 84 1.93 -32.70 72.93
CA GLU A 84 2.00 -34.15 72.95
C GLU A 84 0.69 -34.77 72.47
N THR A 85 -0.44 -34.24 72.92
CA THR A 85 -1.73 -34.77 72.49
C THR A 85 -1.94 -34.58 70.99
N ILE A 86 -1.65 -33.38 70.48
CA ILE A 86 -1.86 -33.13 69.06
C ILE A 86 -0.95 -34.01 68.22
N TYR A 87 0.31 -34.15 68.61
CA TYR A 87 1.23 -35.01 67.88
C TYR A 87 0.79 -36.47 67.93
N ASN A 88 0.32 -36.93 69.09
CA ASN A 88 -0.19 -38.31 69.18
C ASN A 88 -1.35 -38.51 68.22
N LEU A 89 -2.19 -37.50 68.04
CA LEU A 89 -3.25 -37.60 67.04
C LEU A 89 -2.71 -37.57 65.62
N LEU A 90 -1.59 -36.88 65.39
CA LEU A 90 -1.09 -36.63 64.04
C LEU A 90 0.19 -37.38 63.70
N LYS A 91 0.60 -38.37 64.49
CA LYS A 91 1.94 -38.92 64.33
C LYS A 91 2.06 -39.87 63.14
N ASP A 92 0.96 -40.40 62.62
CA ASP A 92 1.03 -41.39 61.55
C ASP A 92 1.16 -40.78 60.16
N CYS A 93 1.07 -39.47 60.02
CA CYS A 93 1.25 -38.86 58.71
C CYS A 93 2.71 -38.96 58.27
N PRO A 94 2.95 -39.28 56.99
CA PRO A 94 4.34 -39.36 56.51
C PRO A 94 4.93 -38.00 56.19
N ALA A 95 4.19 -36.93 56.46
CA ALA A 95 4.65 -35.57 56.20
C ALA A 95 4.85 -34.78 57.49
N VAL A 96 4.99 -35.47 58.62
CA VAL A 96 5.16 -34.84 59.92
C VAL A 96 6.50 -35.29 60.49
N ALA A 97 7.30 -34.32 60.93
CA ALA A 97 8.60 -34.63 61.52
C ALA A 97 8.42 -35.45 62.79
N LYS A 98 9.46 -36.20 63.15
CA LYS A 98 9.43 -37.13 64.27
C LYS A 98 9.77 -36.37 65.54
N HIS A 99 8.81 -36.28 66.45
CA HIS A 99 8.98 -35.58 67.71
C HIS A 99 9.44 -36.55 68.80
N ASP A 100 9.97 -35.99 69.89
CA ASP A 100 10.42 -36.80 71.02
C ASP A 100 10.28 -36.00 72.31
N PHE A 101 9.39 -36.43 73.19
CA PHE A 101 9.09 -35.72 74.42
C PHE A 101 9.78 -36.42 75.59
N PHE A 102 10.59 -35.67 76.34
CA PHE A 102 11.28 -36.19 77.50
C PHE A 102 11.38 -35.10 78.56
N LYS A 103 11.87 -35.48 79.73
CA LYS A 103 12.06 -34.54 80.84
C LYS A 103 13.47 -34.69 81.36
N PHE A 104 14.08 -33.54 81.67
CA PHE A 104 15.47 -33.50 82.11
C PHE A 104 15.62 -32.36 83.10
N ARG A 105 16.48 -32.55 84.11
CA ARG A 105 16.67 -31.56 85.15
C ARG A 105 17.89 -30.70 84.85
N ILE A 106 17.71 -29.37 84.91
CA ILE A 106 18.80 -28.43 84.82
C ILE A 106 19.23 -27.94 86.20
N ASP A 107 18.36 -28.09 87.19
CA ASP A 107 18.60 -27.69 88.58
C ASP A 107 17.85 -28.67 89.46
N GLY A 108 17.60 -28.28 90.71
CA GLY A 108 16.78 -29.12 91.59
C GLY A 108 15.41 -29.39 91.01
N ASP A 109 14.95 -28.52 90.11
CA ASP A 109 13.69 -28.73 89.42
C ASP A 109 13.89 -29.52 88.12
N MET A 110 12.79 -30.04 87.60
CA MET A 110 12.78 -30.77 86.34
C MET A 110 11.95 -29.99 85.32
N VAL A 111 12.53 -29.71 84.17
CA VAL A 111 11.85 -28.95 83.12
C VAL A 111 11.65 -29.84 81.89
N PRO A 112 10.58 -29.64 81.12
CA PRO A 112 10.34 -30.50 79.95
C PRO A 112 10.92 -29.94 78.66
N HIS A 113 11.39 -30.83 77.78
CA HIS A 113 11.91 -30.44 76.48
C HIS A 113 11.17 -31.20 75.38
N ILE A 114 11.08 -30.57 74.22
CA ILE A 114 10.54 -31.17 73.01
C ILE A 114 11.63 -31.17 71.96
N SER A 115 11.96 -32.33 71.42
CA SER A 115 13.06 -32.48 70.47
C SER A 115 12.51 -32.91 69.11
N ARG A 116 12.92 -32.20 68.07
CA ARG A 116 12.59 -32.55 66.69
C ARG A 116 13.84 -33.03 65.97
N GLN A 117 13.67 -34.04 65.12
CA GLN A 117 14.77 -34.82 64.59
C GLN A 117 14.88 -34.62 63.09
N ARG A 118 16.11 -34.42 62.61
CA ARG A 118 16.47 -34.46 61.20
C ARG A 118 15.82 -33.33 60.40
N LEU A 119 15.81 -32.12 60.96
CA LEU A 119 15.38 -30.95 60.22
C LEU A 119 16.57 -30.39 59.40
N THR A 120 16.27 -29.45 58.52
CA THR A 120 17.29 -28.75 57.75
C THR A 120 17.64 -27.46 58.47
N LYS A 121 18.62 -26.73 57.92
CA LYS A 121 19.07 -25.50 58.55
C LYS A 121 18.07 -24.36 58.33
N TYR A 122 17.47 -24.29 57.15
CA TYR A 122 16.57 -23.20 56.79
C TYR A 122 15.18 -23.73 56.47
N THR A 123 14.18 -22.89 56.64
CA THR A 123 12.79 -23.24 56.38
C THR A 123 12.38 -22.70 55.00
N MET A 124 11.11 -22.87 54.63
CA MET A 124 10.60 -22.29 53.40
C MET A 124 10.42 -20.79 53.47
N ALA A 125 10.04 -20.27 54.64
CA ALA A 125 9.93 -18.83 54.83
C ALA A 125 11.25 -18.11 54.61
N ASP A 126 12.36 -18.73 55.00
CA ASP A 126 13.66 -18.11 54.75
C ASP A 126 13.92 -17.95 53.25
N LEU A 127 13.61 -18.99 52.47
CA LEU A 127 13.79 -18.91 51.02
C LEU A 127 12.89 -17.85 50.40
N VAL A 128 11.62 -17.83 50.82
CA VAL A 128 10.68 -16.85 50.26
C VAL A 128 11.13 -15.43 50.60
N TYR A 129 11.55 -15.21 51.84
CA TYR A 129 12.01 -13.88 52.25
C TYR A 129 13.27 -13.49 51.49
N ALA A 130 14.19 -14.43 51.31
CA ALA A 130 15.43 -14.14 50.59
C ALA A 130 15.16 -13.75 49.15
N LEU A 131 14.21 -14.43 48.50
CA LEU A 131 13.92 -14.12 47.11
C LEU A 131 13.01 -12.92 46.93
N ARG A 132 12.23 -12.55 47.94
CA ARG A 132 11.29 -11.44 47.82
C ARG A 132 11.82 -10.13 48.42
N HIS A 133 12.99 -10.14 49.03
CA HIS A 133 13.60 -8.94 49.60
C HIS A 133 15.07 -8.88 49.19
N PHE A 134 15.33 -9.07 47.90
CA PHE A 134 16.69 -9.22 47.42
C PHE A 134 17.50 -7.93 47.62
N ASP A 135 18.74 -8.12 48.03
CA ASP A 135 19.68 -7.02 48.20
C ASP A 135 21.08 -7.58 47.95
N GLU A 136 21.70 -7.18 46.84
CA GLU A 136 23.01 -7.72 46.48
C GLU A 136 24.11 -7.34 47.46
N GLY A 137 23.88 -6.33 48.32
CA GLY A 137 24.87 -6.00 49.33
C GLY A 137 25.07 -7.08 50.37
N ASN A 138 23.99 -7.76 50.76
CA ASN A 138 24.08 -8.84 51.73
C ASN A 138 23.02 -9.89 51.38
N CYS A 139 23.45 -10.99 50.77
CA CYS A 139 22.55 -12.08 50.40
C CYS A 139 23.15 -13.42 50.80
N ASP A 140 23.67 -13.50 52.03
CA ASP A 140 24.37 -14.71 52.46
C ASP A 140 23.44 -15.93 52.51
N THR A 141 22.20 -15.73 52.96
CA THR A 141 21.27 -16.85 53.07
C THR A 141 20.99 -17.48 51.71
N LEU A 142 20.75 -16.64 50.69
CA LEU A 142 20.46 -17.16 49.36
C LEU A 142 21.66 -17.93 48.80
N LYS A 143 22.87 -17.40 48.97
CA LYS A 143 24.06 -18.09 48.49
C LYS A 143 24.25 -19.42 49.20
N GLU A 144 24.07 -19.43 50.52
CA GLU A 144 24.21 -20.68 51.27
C GLU A 144 23.19 -21.71 50.80
N ILE A 145 21.94 -21.30 50.64
CA ILE A 145 20.89 -22.21 50.17
C ILE A 145 21.21 -22.74 48.79
N LEU A 146 21.71 -21.88 47.90
CA LEU A 146 22.04 -22.31 46.55
C LEU A 146 23.19 -23.30 46.53
N VAL A 147 24.20 -23.12 47.39
CA VAL A 147 25.35 -24.02 47.35
C VAL A 147 25.11 -25.31 48.12
N THR A 148 24.20 -25.33 49.10
CA THR A 148 24.00 -26.55 49.86
C THR A 148 23.12 -27.57 49.15
N TYR A 149 22.51 -27.19 48.02
CA TYR A 149 21.62 -28.09 47.28
C TYR A 149 22.08 -28.32 45.85
N ASN A 150 23.36 -28.09 45.56
CA ASN A 150 23.96 -28.41 44.26
C ASN A 150 23.25 -27.68 43.11
N CYS A 151 22.86 -26.44 43.36
CA CYS A 151 22.39 -25.58 42.27
C CYS A 151 23.56 -24.94 41.53
N CYS A 152 24.60 -24.57 42.25
CA CYS A 152 25.83 -24.03 41.66
C CYS A 152 26.97 -24.37 42.59
N ASP A 153 28.12 -23.73 42.39
CA ASP A 153 29.27 -23.91 43.25
C ASP A 153 29.69 -22.57 43.82
N ASP A 154 30.55 -22.60 44.84
CA ASP A 154 30.90 -21.39 45.58
C ASP A 154 31.64 -20.37 44.73
N ASP A 155 32.27 -20.80 43.64
CA ASP A 155 33.00 -19.88 42.76
C ASP A 155 32.11 -19.27 41.69
N TYR A 156 30.83 -19.64 41.66
CA TYR A 156 29.90 -19.00 40.73
C TYR A 156 29.67 -17.54 41.10
N PHE A 157 29.79 -17.21 42.38
CA PHE A 157 29.54 -15.87 42.88
C PHE A 157 30.76 -14.96 42.74
N ASN A 158 31.92 -15.49 42.36
CA ASN A 158 33.07 -14.66 42.07
C ASN A 158 32.85 -13.80 40.83
N LYS A 159 31.93 -14.20 39.95
CA LYS A 159 31.51 -13.38 38.83
C LYS A 159 30.81 -12.12 39.34
N LYS A 160 30.79 -11.07 38.53
CA LYS A 160 30.02 -9.87 38.84
C LYS A 160 28.82 -9.83 37.92
N ASP A 161 27.72 -9.26 38.41
CA ASP A 161 26.43 -9.30 37.76
C ASP A 161 25.96 -10.74 37.61
N TRP A 162 26.30 -11.59 38.60
CA TRP A 162 25.80 -12.95 38.60
C TRP A 162 24.31 -13.03 38.89
N TYR A 163 23.75 -12.00 39.53
CA TYR A 163 22.34 -11.95 39.90
C TYR A 163 21.47 -11.27 38.86
N ASP A 164 22.06 -10.52 37.93
CA ASP A 164 21.29 -9.76 36.97
C ASP A 164 20.51 -10.67 36.03
N PHE A 165 19.39 -10.16 35.53
CA PHE A 165 18.57 -10.91 34.59
C PHE A 165 18.88 -10.59 33.13
N VAL A 166 19.21 -9.35 32.82
CA VAL A 166 19.58 -8.96 31.47
C VAL A 166 21.00 -9.40 31.14
N GLU A 167 21.97 -9.05 31.99
CA GLU A 167 23.29 -9.66 31.96
C GLU A 167 23.24 -10.97 32.74
N ASN A 168 24.00 -11.95 32.24
CA ASN A 168 24.01 -13.29 32.82
C ASN A 168 22.61 -13.89 32.89
N PRO A 169 22.01 -14.29 31.75
CA PRO A 169 20.70 -14.93 31.80
C PRO A 169 20.77 -16.39 32.23
N ASP A 170 21.94 -16.84 32.69
CA ASP A 170 22.12 -18.19 33.21
C ASP A 170 21.64 -18.34 34.64
N ILE A 171 21.37 -17.23 35.34
CA ILE A 171 20.80 -17.30 36.67
C ILE A 171 19.40 -17.92 36.65
N LEU A 172 18.70 -17.84 35.52
CA LEU A 172 17.43 -18.55 35.40
C LEU A 172 17.62 -20.05 35.48
N ARG A 173 18.61 -20.58 34.75
CA ARG A 173 18.93 -22.00 34.85
C ARG A 173 19.41 -22.36 36.24
N VAL A 174 20.16 -21.47 36.89
CA VAL A 174 20.60 -21.72 38.26
C VAL A 174 19.41 -21.80 39.21
N TYR A 175 18.44 -20.88 39.08
CA TYR A 175 17.28 -20.88 39.95
C TYR A 175 16.36 -22.05 39.69
N ALA A 176 16.31 -22.54 38.45
CA ALA A 176 15.34 -23.58 38.08
C ALA A 176 15.71 -24.95 38.65
N ASN A 177 16.67 -25.00 39.57
CA ASN A 177 17.10 -26.25 40.20
C ASN A 177 16.40 -26.52 41.52
N LEU A 178 15.54 -25.62 42.00
CA LEU A 178 14.80 -25.80 43.24
C LEU A 178 13.34 -26.19 42.99
N GLY A 179 12.94 -26.32 41.72
CA GLY A 179 11.54 -26.57 41.41
C GLY A 179 11.05 -27.90 41.94
N GLU A 180 11.88 -28.93 41.87
CA GLU A 180 11.48 -30.24 42.39
C GLU A 180 11.31 -30.24 43.91
N ARG A 181 12.21 -29.55 44.63
CA ARG A 181 12.03 -29.39 46.06
C ARG A 181 10.72 -28.69 46.38
N VAL A 182 10.42 -27.61 45.64
CA VAL A 182 9.17 -26.89 45.88
C VAL A 182 7.97 -27.78 45.60
N ARG A 183 8.02 -28.57 44.53
CA ARG A 183 6.89 -29.44 44.18
C ARG A 183 6.68 -30.52 45.24
N GLN A 184 7.75 -31.12 45.74
CA GLN A 184 7.61 -32.09 46.81
C GLN A 184 7.06 -31.45 48.08
N ALA A 185 7.47 -30.22 48.37
CA ALA A 185 6.89 -29.50 49.51
C ALA A 185 5.40 -29.29 49.33
N LEU A 186 4.96 -28.95 48.12
CA LEU A 186 3.53 -28.78 47.86
C LEU A 186 2.77 -30.08 48.08
N LEU A 187 3.31 -31.19 47.57
CA LEU A 187 2.64 -32.47 47.77
C LEU A 187 2.55 -32.84 49.25
N LYS A 188 3.63 -32.62 50.01
CA LYS A 188 3.58 -32.91 51.43
C LYS A 188 2.60 -32.00 52.17
N THR A 189 2.47 -30.75 51.72
CA THR A 189 1.46 -29.86 52.30
C THR A 189 0.06 -30.39 52.07
N VAL A 190 -0.22 -30.89 50.87
CA VAL A 190 -1.54 -31.47 50.60
C VAL A 190 -1.78 -32.68 51.50
N GLN A 191 -0.76 -33.52 51.67
CA GLN A 191 -0.89 -34.67 52.56
C GLN A 191 -1.21 -34.23 53.99
N PHE A 192 -0.50 -33.20 54.47
CA PHE A 192 -0.72 -32.70 55.82
C PHE A 192 -2.14 -32.16 55.99
N CYS A 193 -2.64 -31.44 54.98
CA CYS A 193 -4.01 -30.94 55.06
C CYS A 193 -5.01 -32.07 55.11
N ASP A 194 -4.80 -33.13 54.31
CA ASP A 194 -5.70 -34.28 54.36
C ASP A 194 -5.69 -34.93 55.75
N ALA A 195 -4.49 -35.09 56.33
CA ALA A 195 -4.39 -35.68 57.66
C ALA A 195 -5.09 -34.82 58.71
N MET A 196 -4.92 -33.50 58.62
CA MET A 196 -5.57 -32.61 59.58
C MET A 196 -7.09 -32.68 59.45
N ARG A 197 -7.60 -32.74 58.22
CA ARG A 197 -9.05 -32.86 58.04
C ARG A 197 -9.57 -34.17 58.60
N ASN A 198 -8.85 -35.27 58.38
CA ASN A 198 -9.31 -36.56 58.87
C ASN A 198 -9.21 -36.69 60.39
N ALA A 199 -8.24 -36.03 61.02
CA ALA A 199 -8.07 -36.14 62.47
C ALA A 199 -8.94 -35.18 63.26
N GLY A 200 -9.52 -34.16 62.62
CA GLY A 200 -10.36 -33.21 63.31
C GLY A 200 -9.58 -32.16 64.07
N ILE A 201 -8.67 -31.47 63.38
CA ILE A 201 -7.80 -30.47 63.99
C ILE A 201 -7.91 -29.18 63.19
N VAL A 202 -8.03 -28.07 63.91
CA VAL A 202 -8.19 -26.74 63.31
C VAL A 202 -6.92 -25.94 63.57
N GLY A 203 -6.37 -25.35 62.52
CA GLY A 203 -5.17 -24.54 62.66
C GLY A 203 -4.87 -23.81 61.37
N VAL A 204 -3.94 -22.88 61.46
CA VAL A 204 -3.53 -22.04 60.33
C VAL A 204 -2.08 -22.40 59.98
N LEU A 205 -1.83 -22.60 58.69
CA LEU A 205 -0.53 -23.07 58.21
C LEU A 205 0.32 -21.89 57.77
N THR A 206 1.54 -21.82 58.28
CA THR A 206 2.50 -20.77 57.95
C THR A 206 3.74 -21.37 57.31
N LEU A 207 4.52 -20.50 56.66
CA LEU A 207 5.70 -20.95 55.92
C LEU A 207 6.87 -21.31 56.82
N ASP A 208 6.91 -20.82 58.05
CA ASP A 208 8.04 -21.04 58.94
C ASP A 208 7.91 -22.31 59.77
N ASN A 209 6.83 -23.06 59.60
CA ASN A 209 6.65 -24.35 60.27
C ASN A 209 6.95 -25.52 59.34
N GLN A 210 7.56 -25.25 58.19
CA GLN A 210 7.92 -26.29 57.23
C GLN A 210 9.36 -26.06 56.79
N ASP A 211 10.16 -27.12 56.80
CA ASP A 211 11.55 -27.03 56.36
C ASP A 211 11.66 -27.33 54.88
N LEU A 212 12.90 -27.27 54.38
CA LEU A 212 13.11 -27.43 52.94
C LEU A 212 13.02 -28.87 52.48
N ASN A 213 12.72 -29.83 53.35
CA ASN A 213 12.42 -31.19 52.94
C ASN A 213 10.93 -31.48 52.86
N GLY A 214 10.09 -30.60 53.41
CA GLY A 214 8.63 -30.72 53.33
C GLY A 214 7.97 -31.10 54.63
N ASN A 215 8.75 -31.47 55.64
CA ASN A 215 8.20 -31.93 56.90
C ASN A 215 7.59 -30.78 57.70
N TRP A 216 6.58 -31.11 58.50
CA TRP A 216 5.83 -30.15 59.28
C TRP A 216 6.03 -30.40 60.77
N TYR A 217 5.87 -29.33 61.56
CA TYR A 217 5.98 -29.43 63.01
C TYR A 217 5.24 -28.25 63.63
N ASP A 218 5.50 -28.01 64.92
CA ASP A 218 4.98 -26.85 65.63
C ASP A 218 3.45 -26.78 65.68
N PHE A 219 2.84 -27.68 66.45
CA PHE A 219 1.39 -27.74 66.59
C PHE A 219 0.93 -26.98 67.83
N GLY A 220 1.60 -25.88 68.15
CA GLY A 220 1.33 -25.14 69.37
C GLY A 220 0.13 -24.21 69.35
N ASP A 221 -0.38 -23.88 68.17
CA ASP A 221 -1.53 -22.99 68.02
C ASP A 221 -2.74 -23.71 67.44
N PHE A 222 -2.77 -25.02 67.50
CA PHE A 222 -3.88 -25.81 66.99
C PHE A 222 -4.89 -26.09 68.11
N ILE A 223 -6.08 -26.52 67.71
CA ILE A 223 -7.13 -26.93 68.63
C ILE A 223 -7.69 -28.26 68.13
N GLN A 224 -8.65 -28.79 68.89
CA GLN A 224 -9.22 -30.11 68.61
C GLN A 224 -10.71 -30.00 68.35
N THR A 225 -11.20 -30.82 67.42
CA THR A 225 -12.62 -30.88 67.09
C THR A 225 -12.99 -32.33 66.86
N THR A 226 -14.24 -32.62 66.53
CA THR A 226 -14.69 -33.98 66.29
C THR A 226 -14.05 -34.52 65.02
N PRO A 227 -13.67 -35.80 64.99
CA PRO A 227 -12.97 -36.34 63.82
C PRO A 227 -13.80 -36.20 62.55
N GLY A 228 -13.10 -35.92 61.45
CA GLY A 228 -13.73 -35.71 60.17
C GLY A 228 -14.21 -34.30 59.91
N SER A 229 -14.09 -33.39 60.88
CA SER A 229 -14.55 -32.02 60.74
C SER A 229 -13.43 -31.03 61.00
N GLY A 230 -12.22 -31.36 60.54
CA GLY A 230 -11.11 -30.43 60.63
C GLY A 230 -11.10 -29.44 59.48
N VAL A 231 -10.38 -28.33 59.69
CA VAL A 231 -10.33 -27.29 58.68
C VAL A 231 -9.00 -26.53 58.78
N PRO A 232 -8.11 -26.67 57.81
CA PRO A 232 -6.90 -25.84 57.78
C PRO A 232 -7.12 -24.53 57.03
N VAL A 233 -6.40 -23.50 57.46
CA VAL A 233 -6.43 -22.18 56.83
C VAL A 233 -5.13 -21.99 56.09
N VAL A 234 -5.19 -21.87 54.77
CA VAL A 234 -3.99 -21.90 53.93
C VAL A 234 -3.90 -20.69 53.01
N ASP A 235 -4.45 -19.55 53.44
CA ASP A 235 -4.44 -18.34 52.62
C ASP A 235 -3.06 -17.71 52.51
N SER A 236 -2.46 -17.35 53.65
CA SER A 236 -1.18 -16.65 53.63
C SER A 236 -0.07 -17.52 53.04
N TYR A 237 -0.11 -18.83 53.33
CA TYR A 237 0.89 -19.77 52.83
C TYR A 237 0.98 -19.73 51.31
N TYR A 238 -0.11 -20.09 50.63
CA TYR A 238 -0.11 -20.10 49.18
C TYR A 238 0.09 -18.69 48.62
N SER A 239 -0.54 -17.69 49.22
CA SER A 239 -0.45 -16.33 48.68
C SER A 239 0.98 -15.80 48.70
N LEU A 240 1.73 -16.05 49.78
CA LEU A 240 3.11 -15.62 49.84
C LEU A 240 4.03 -16.49 48.99
N LEU A 241 3.73 -17.79 48.88
CA LEU A 241 4.60 -18.67 48.11
C LEU A 241 4.41 -18.54 46.60
N MET A 242 3.29 -17.96 46.15
CA MET A 242 2.97 -17.93 44.73
C MET A 242 4.05 -17.35 43.83
N PRO A 243 4.68 -16.20 44.12
CA PRO A 243 5.66 -15.65 43.18
C PRO A 243 6.88 -16.54 42.95
N ILE A 244 7.19 -17.44 43.88
CA ILE A 244 8.36 -18.32 43.74
C ILE A 244 8.09 -19.50 42.82
N LEU A 245 6.83 -19.83 42.56
CA LEU A 245 6.48 -20.99 41.74
C LEU A 245 6.88 -20.84 40.29
N THR A 246 6.96 -19.60 39.77
CA THR A 246 7.38 -19.38 38.39
C THR A 246 8.85 -19.02 38.25
N LEU A 247 9.48 -18.46 39.28
CA LEU A 247 10.90 -18.18 39.22
C LEU A 247 11.72 -19.47 39.12
N THR A 248 11.33 -20.48 39.90
CA THR A 248 12.04 -21.75 39.93
C THR A 248 11.45 -22.78 38.96
N ARG A 249 10.36 -22.45 38.29
CA ARG A 249 9.70 -23.35 37.35
C ARG A 249 9.40 -24.70 38.00
N ALA A 250 8.58 -24.70 39.05
CA ALA A 250 8.36 -25.89 39.86
C ALA A 250 7.54 -26.95 39.14
N LEU A 251 6.79 -26.60 38.11
CA LEU A 251 5.88 -27.53 37.43
C LEU A 251 6.47 -28.07 36.13
N THR A 252 7.80 -28.14 36.04
CA THR A 252 8.43 -28.67 34.82
C THR A 252 8.22 -30.16 34.68
N ALA A 253 8.11 -30.89 35.80
CA ALA A 253 8.01 -32.34 35.77
C ALA A 253 6.67 -32.82 35.22
N GLU A 254 5.73 -31.90 35.04
CA GLU A 254 4.40 -32.25 34.56
C GLU A 254 4.32 -32.39 33.04
N SER A 255 5.40 -32.09 32.33
CA SER A 255 5.44 -32.26 30.88
C SER A 255 6.09 -33.59 30.47
N HIS A 256 6.45 -34.43 31.43
CA HIS A 256 7.04 -35.72 31.13
C HIS A 256 5.99 -36.83 31.23
N VAL A 257 6.38 -38.04 30.82
CA VAL A 257 5.41 -39.11 30.59
C VAL A 257 4.70 -39.50 31.88
N ASP A 258 5.44 -39.76 32.95
CA ASP A 258 4.87 -40.24 34.20
C ASP A 258 5.20 -39.29 35.35
N THR A 259 5.24 -37.99 35.05
CA THR A 259 5.65 -36.97 36.02
C THR A 259 7.02 -37.32 36.60
N ASP A 260 7.90 -37.82 35.74
CA ASP A 260 9.23 -38.23 36.13
C ASP A 260 10.24 -37.50 35.25
N LEU A 261 11.24 -36.90 35.89
CA LEU A 261 12.22 -36.08 35.19
C LEU A 261 13.23 -36.88 34.40
N THR A 262 13.08 -38.22 34.34
CA THR A 262 14.01 -39.07 33.61
C THR A 262 13.35 -39.76 32.41
N LYS A 263 12.11 -39.41 32.09
CA LYS A 263 11.40 -40.01 30.97
C LYS A 263 11.15 -38.98 29.88
N PRO A 264 10.89 -39.38 28.65
CA PRO A 264 10.68 -38.42 27.56
C PRO A 264 9.41 -37.60 27.78
N TYR A 265 9.21 -36.63 26.90
CA TYR A 265 8.10 -35.69 27.01
C TYR A 265 6.80 -36.35 26.54
N ILE A 266 5.68 -35.74 26.95
CA ILE A 266 4.38 -36.17 26.46
C ILE A 266 4.19 -35.65 25.03
N LYS A 267 3.57 -36.47 24.20
CA LYS A 267 3.36 -36.15 22.78
C LYS A 267 1.87 -35.94 22.55
N TRP A 268 1.40 -34.71 22.75
CA TRP A 268 0.04 -34.34 22.42
C TRP A 268 -0.12 -34.22 20.91
N ASP A 269 -1.32 -34.53 20.42
CA ASP A 269 -1.62 -34.30 19.02
C ASP A 269 -1.73 -32.81 18.75
N LEU A 270 -1.36 -32.42 17.52
CA LEU A 270 -1.32 -31.02 17.15
C LEU A 270 -2.71 -30.40 17.03
N LEU A 271 -3.76 -31.22 16.97
CA LEU A 271 -5.11 -30.72 16.77
C LEU A 271 -5.86 -30.45 18.06
N LYS A 272 -5.24 -30.64 19.22
CA LYS A 272 -5.89 -30.46 20.50
C LYS A 272 -5.67 -29.05 21.02
N TYR A 273 -6.74 -28.40 21.48
CA TYR A 273 -6.64 -27.03 21.93
C TYR A 273 -7.46 -26.72 23.17
N ASP A 274 -8.11 -27.70 23.78
CA ASP A 274 -9.03 -27.40 24.88
C ASP A 274 -8.32 -27.38 26.23
N PHE A 275 -7.75 -28.51 26.64
CA PHE A 275 -6.98 -28.62 27.88
C PHE A 275 -7.76 -28.15 29.11
N THR A 276 -9.09 -28.21 29.05
CA THR A 276 -9.93 -27.74 30.16
C THR A 276 -9.95 -28.71 31.33
N GLU A 277 -9.70 -29.99 31.10
CA GLU A 277 -9.65 -30.98 32.18
C GLU A 277 -8.29 -31.07 32.85
N GLU A 278 -7.21 -30.87 32.10
CA GLU A 278 -5.88 -30.89 32.69
C GLU A 278 -5.71 -29.78 33.71
N ARG A 279 -6.27 -28.60 33.43
CA ARG A 279 -6.19 -27.49 34.38
C ARG A 279 -6.90 -27.84 35.68
N LEU A 280 -8.09 -28.43 35.58
CA LEU A 280 -8.80 -28.85 36.78
C LEU A 280 -8.04 -29.92 37.55
N LYS A 281 -7.44 -30.89 36.84
CA LYS A 281 -6.66 -31.91 37.52
C LYS A 281 -5.47 -31.31 38.25
N LEU A 282 -4.77 -30.37 37.60
CA LEU A 282 -3.64 -29.71 38.25
C LEU A 282 -4.09 -28.93 39.49
N PHE A 283 -5.21 -28.20 39.38
CA PHE A 283 -5.70 -27.47 40.54
C PHE A 283 -6.07 -28.40 41.68
N ASP A 284 -6.72 -29.52 41.37
CA ASP A 284 -7.08 -30.47 42.41
C ASP A 284 -5.87 -31.18 43.00
N ARG A 285 -4.78 -31.29 42.23
CA ARG A 285 -3.59 -31.97 42.72
C ARG A 285 -2.72 -31.07 43.60
N TYR A 286 -2.58 -29.78 43.25
CA TYR A 286 -1.65 -28.92 43.96
C TYR A 286 -2.30 -27.87 44.83
N PHE A 287 -3.58 -27.56 44.63
CA PHE A 287 -4.27 -26.50 45.36
C PHE A 287 -5.62 -26.99 45.85
N LYS A 288 -5.63 -28.16 46.49
CA LYS A 288 -6.88 -28.81 46.85
C LYS A 288 -7.70 -28.00 47.86
N TYR A 289 -7.05 -27.43 48.87
CA TYR A 289 -7.76 -26.77 49.96
C TYR A 289 -7.86 -25.27 49.80
N TRP A 290 -7.43 -24.72 48.67
CA TRP A 290 -7.72 -23.33 48.35
C TRP A 290 -9.20 -23.19 48.05
N ASP A 291 -9.92 -22.50 48.94
CA ASP A 291 -11.38 -22.47 48.91
C ASP A 291 -11.85 -21.17 48.23
N GLN A 292 -11.86 -21.20 46.90
CA GLN A 292 -12.47 -20.16 46.10
C GLN A 292 -12.64 -20.71 44.70
N THR A 293 -13.83 -20.57 44.14
CA THR A 293 -14.15 -21.23 42.87
C THR A 293 -13.18 -20.78 41.78
N TYR A 294 -12.72 -21.75 40.99
CA TYR A 294 -11.75 -21.52 39.94
C TYR A 294 -12.39 -21.82 38.59
N HIS A 295 -12.35 -20.85 37.68
CA HIS A 295 -12.92 -21.00 36.35
C HIS A 295 -11.80 -21.16 35.33
N PRO A 296 -11.64 -22.34 34.72
CA PRO A 296 -10.59 -22.48 33.69
C PRO A 296 -10.78 -21.52 32.53
N ASN A 297 -12.02 -21.22 32.16
CA ASN A 297 -12.34 -20.26 31.11
C ASN A 297 -12.89 -19.01 31.77
N CYS A 298 -12.24 -17.88 31.55
CA CYS A 298 -12.59 -16.63 32.23
C CYS A 298 -13.85 -15.98 31.68
N VAL A 299 -14.55 -16.64 30.76
CA VAL A 299 -15.83 -16.13 30.26
C VAL A 299 -16.96 -16.40 31.25
N ASN A 300 -16.74 -17.24 32.25
CA ASN A 300 -17.75 -17.56 33.25
C ASN A 300 -17.54 -16.81 34.57
N CYS A 301 -16.60 -15.87 34.61
CA CYS A 301 -16.31 -15.14 35.84
C CYS A 301 -17.43 -14.16 36.16
N LEU A 302 -17.45 -13.73 37.42
CA LEU A 302 -18.52 -12.86 37.91
C LEU A 302 -18.17 -11.38 37.83
N ASP A 303 -16.90 -11.01 38.00
CA ASP A 303 -16.47 -9.62 37.84
C ASP A 303 -14.99 -9.59 37.51
N ASP A 304 -14.39 -8.40 37.56
CA ASP A 304 -12.97 -8.25 37.24
C ASP A 304 -12.05 -8.85 38.29
N ARG A 305 -12.45 -8.82 39.57
CA ARG A 305 -11.65 -9.46 40.61
C ARG A 305 -11.55 -10.97 40.39
N CYS A 306 -12.68 -11.61 40.05
CA CYS A 306 -12.64 -13.03 39.73
C CYS A 306 -11.81 -13.30 38.48
N ILE A 307 -11.88 -12.39 37.49
CA ILE A 307 -11.06 -12.55 36.29
C ILE A 307 -9.58 -12.55 36.65
N LEU A 308 -9.17 -11.60 37.50
CA LEU A 308 -7.78 -11.56 37.95
C LEU A 308 -7.41 -12.84 38.70
N HIS A 309 -8.29 -13.28 39.59
CA HIS A 309 -8.01 -14.46 40.41
C HIS A 309 -7.80 -15.70 39.55
N CYS A 310 -8.68 -15.91 38.57
CA CYS A 310 -8.56 -17.09 37.72
C CYS A 310 -7.45 -16.98 36.67
N ALA A 311 -7.20 -15.78 36.13
CA ALA A 311 -6.09 -15.61 35.22
C ALA A 311 -4.75 -15.82 35.89
N ASN A 312 -4.65 -15.53 37.20
CA ASN A 312 -3.41 -15.83 37.91
C ASN A 312 -3.09 -17.31 37.88
N PHE A 313 -4.10 -18.17 38.09
CA PHE A 313 -3.87 -19.61 38.03
C PHE A 313 -3.64 -20.07 36.60
N ASN A 314 -4.35 -19.48 35.64
CA ASN A 314 -4.16 -19.85 34.24
C ASN A 314 -2.74 -19.55 33.77
N VAL A 315 -2.16 -18.45 34.24
CA VAL A 315 -0.79 -18.11 33.87
C VAL A 315 0.17 -19.22 34.28
N LEU A 316 0.02 -19.74 35.51
CA LEU A 316 0.89 -20.82 35.96
C LEU A 316 0.61 -22.12 35.21
N PHE A 317 -0.66 -22.45 34.98
CA PHE A 317 -0.97 -23.73 34.37
C PHE A 317 -0.69 -23.78 32.87
N SER A 318 -0.60 -22.63 32.20
CA SER A 318 -0.40 -22.62 30.76
C SER A 318 1.04 -22.91 30.35
N THR A 319 1.99 -22.98 31.29
CA THR A 319 3.37 -23.24 30.94
C THR A 319 3.67 -24.71 30.69
N VAL A 320 2.70 -25.60 30.90
CA VAL A 320 2.91 -27.02 30.71
C VAL A 320 2.57 -27.46 29.28
N PHE A 321 1.51 -26.90 28.72
CA PHE A 321 0.93 -27.29 27.43
C PHE A 321 1.78 -26.80 26.27
N PRO A 322 1.72 -27.46 25.12
CA PRO A 322 2.57 -27.09 23.99
C PRO A 322 2.25 -25.70 23.48
N PRO A 323 3.25 -24.96 22.97
CA PRO A 323 3.04 -23.59 22.54
C PRO A 323 2.37 -23.43 21.18
N THR A 324 2.10 -24.52 20.46
CA THR A 324 1.46 -24.44 19.16
C THR A 324 -0.06 -24.55 19.24
N SER A 325 -0.60 -24.69 20.45
CA SER A 325 -2.05 -24.81 20.65
C SER A 325 -2.66 -23.50 21.15
N PHE A 326 -1.91 -22.41 21.06
CA PHE A 326 -2.38 -21.10 21.50
C PHE A 326 -2.54 -20.19 20.30
N GLY A 327 -3.54 -19.31 20.38
CA GLY A 327 -3.77 -18.34 19.33
C GLY A 327 -5.13 -18.49 18.67
N PRO A 328 -5.27 -17.96 17.46
CA PRO A 328 -6.56 -18.03 16.76
C PRO A 328 -6.94 -19.47 16.42
N LEU A 329 -8.24 -19.73 16.42
CA LEU A 329 -8.81 -20.98 15.97
C LEU A 329 -9.60 -20.72 14.69
N VAL A 330 -9.27 -21.44 13.63
CA VAL A 330 -9.82 -21.19 12.32
C VAL A 330 -10.72 -22.35 11.92
N ARG A 331 -11.57 -22.11 10.92
CA ARG A 331 -12.42 -23.15 10.34
C ARG A 331 -12.81 -22.69 8.94
N LYS A 332 -13.54 -23.54 8.23
CA LYS A 332 -13.84 -23.33 6.82
C LYS A 332 -15.30 -22.88 6.67
N ILE A 333 -15.50 -21.76 6.00
CA ILE A 333 -16.83 -21.24 5.70
C ILE A 333 -16.95 -21.10 4.18
N PHE A 334 -18.19 -21.03 3.72
CA PHE A 334 -18.50 -21.00 2.29
C PHE A 334 -19.19 -19.69 1.95
N VAL A 335 -18.69 -19.00 0.92
CA VAL A 335 -19.30 -17.79 0.41
C VAL A 335 -19.56 -18.01 -1.09
N ASP A 336 -20.83 -18.21 -1.45
CA ASP A 336 -21.26 -18.48 -2.82
C ASP A 336 -20.51 -19.67 -3.41
N GLY A 337 -20.41 -20.72 -2.59
CA GLY A 337 -19.85 -21.99 -3.02
C GLY A 337 -18.34 -22.08 -3.03
N VAL A 338 -17.63 -21.02 -2.66
CA VAL A 338 -16.17 -21.06 -2.61
C VAL A 338 -15.76 -21.16 -1.14
N PRO A 339 -14.71 -21.91 -0.81
CA PRO A 339 -14.34 -22.06 0.61
C PRO A 339 -13.34 -21.02 1.09
N PHE A 340 -13.59 -20.47 2.28
CA PHE A 340 -12.67 -19.53 2.92
C PHE A 340 -12.00 -20.18 4.13
N VAL A 341 -11.09 -19.45 4.76
CA VAL A 341 -10.53 -19.85 6.05
C VAL A 341 -10.50 -18.60 6.93
N VAL A 342 -11.32 -18.59 7.99
CA VAL A 342 -11.48 -17.42 8.84
C VAL A 342 -11.33 -17.86 10.29
N SER A 343 -11.04 -16.88 11.16
CA SER A 343 -10.86 -17.10 12.58
C SER A 343 -12.19 -16.91 13.31
N THR A 344 -12.57 -17.89 14.11
CA THR A 344 -13.85 -17.87 14.82
C THR A 344 -13.64 -18.18 16.30
N GLY A 345 -12.56 -17.66 16.87
CA GLY A 345 -12.29 -17.84 18.28
C GLY A 345 -10.83 -17.56 18.59
N TYR A 346 -10.48 -17.79 19.85
CA TYR A 346 -9.13 -17.55 20.32
C TYR A 346 -8.88 -18.44 21.54
N HIS A 347 -7.60 -18.75 21.75
CA HIS A 347 -7.15 -19.54 22.90
C HIS A 347 -6.05 -18.76 23.60
N PHE A 348 -6.40 -18.05 24.67
CA PHE A 348 -5.45 -17.22 25.39
C PHE A 348 -4.71 -18.04 26.45
N ARG A 349 -3.49 -17.61 26.75
CA ARG A 349 -2.74 -18.22 27.85
C ARG A 349 -3.34 -17.85 29.20
N GLU A 350 -4.01 -16.71 29.28
CA GLU A 350 -4.58 -16.22 30.52
C GLU A 350 -6.09 -16.40 30.61
N LEU A 351 -6.82 -16.15 29.53
CA LEU A 351 -8.27 -16.13 29.55
C LEU A 351 -8.92 -17.43 29.08
N GLY A 352 -8.13 -18.44 28.73
CA GLY A 352 -8.72 -19.70 28.31
C GLY A 352 -9.25 -19.65 26.88
N VAL A 353 -10.28 -20.46 26.64
CA VAL A 353 -10.87 -20.62 25.31
C VAL A 353 -12.06 -19.68 25.17
N VAL A 354 -12.08 -18.93 24.07
CA VAL A 354 -13.15 -17.98 23.78
C VAL A 354 -13.70 -18.28 22.38
N HIS A 355 -15.02 -18.38 22.26
CA HIS A 355 -15.69 -18.66 21.00
C HIS A 355 -16.50 -17.45 20.56
N ASN A 356 -16.52 -17.22 19.24
CA ASN A 356 -17.30 -16.13 18.69
C ASN A 356 -18.80 -16.43 18.78
N GLN A 357 -19.59 -15.37 18.80
CA GLN A 357 -21.04 -15.49 19.02
C GLN A 357 -21.87 -15.35 17.75
N ASP A 358 -21.36 -14.67 16.73
CA ASP A 358 -22.08 -14.47 15.47
C ASP A 358 -21.20 -14.94 14.33
N VAL A 359 -21.30 -16.23 14.00
CA VAL A 359 -20.56 -16.83 12.88
C VAL A 359 -21.56 -17.56 11.99
N ASN A 360 -21.56 -17.24 10.71
CA ASN A 360 -22.44 -17.87 9.73
C ASN A 360 -21.58 -18.58 8.69
N LEU A 361 -21.85 -19.87 8.48
CA LEU A 361 -21.02 -20.66 7.56
C LEU A 361 -21.40 -20.39 6.12
N HIS A 362 -22.68 -20.51 5.78
CA HIS A 362 -23.16 -20.26 4.43
C HIS A 362 -23.72 -18.84 4.35
N SER A 363 -23.22 -18.07 3.38
CA SER A 363 -23.64 -16.69 3.24
C SER A 363 -23.52 -16.27 1.78
N SER A 364 -24.24 -15.21 1.42
CA SER A 364 -24.16 -14.63 0.09
C SER A 364 -22.94 -13.71 -0.01
N ARG A 365 -22.86 -12.90 -1.07
CA ARG A 365 -21.76 -11.98 -1.23
C ARG A 365 -21.70 -11.00 -0.06
N LEU A 366 -20.49 -10.78 0.43
CA LEU A 366 -20.25 -10.07 1.68
C LEU A 366 -20.17 -8.56 1.45
N SER A 367 -20.36 -7.82 2.54
CA SER A 367 -20.40 -6.37 2.51
C SER A 367 -19.01 -5.76 2.73
N PHE A 368 -18.96 -4.44 2.94
CA PHE A 368 -17.72 -3.71 3.13
C PHE A 368 -17.04 -4.01 4.46
N LYS A 369 -17.79 -4.00 5.57
CA LYS A 369 -17.19 -4.27 6.86
C LYS A 369 -16.75 -5.73 7.01
N GLU A 370 -17.48 -6.66 6.39
CA GLU A 370 -17.01 -8.04 6.36
C GLU A 370 -15.71 -8.18 5.58
N LEU A 371 -15.57 -7.46 4.47
CA LEU A 371 -14.30 -7.42 3.75
C LEU A 371 -13.19 -6.86 4.63
N LEU A 372 -13.48 -5.79 5.35
CA LEU A 372 -12.48 -5.19 6.23
C LEU A 372 -12.05 -6.16 7.33
N VAL A 373 -13.02 -6.88 7.90
CA VAL A 373 -12.71 -7.84 8.96
C VAL A 373 -11.89 -9.01 8.42
N TYR A 374 -12.27 -9.55 7.27
CA TYR A 374 -11.56 -10.68 6.69
C TYR A 374 -10.21 -10.32 6.11
N ALA A 375 -9.97 -9.06 5.78
CA ALA A 375 -8.68 -8.62 5.27
C ALA A 375 -7.69 -8.29 6.38
N ALA A 376 -8.15 -8.19 7.63
CA ALA A 376 -7.26 -7.93 8.75
C ALA A 376 -6.93 -9.19 9.53
N ASP A 377 -7.64 -10.29 9.30
CA ASP A 377 -7.38 -11.54 10.00
C ASP A 377 -6.06 -12.15 9.50
N PRO A 378 -5.19 -12.60 10.40
CA PRO A 378 -3.95 -13.26 9.95
C PRO A 378 -4.17 -14.68 9.46
N ALA A 379 -5.39 -15.21 9.53
CA ALA A 379 -5.64 -16.60 9.19
C ALA A 379 -5.31 -16.88 7.72
N MET A 380 -5.88 -16.08 6.81
CA MET A 380 -5.66 -16.30 5.39
C MET A 380 -4.20 -16.05 5.01
N HIS A 381 -3.60 -15.00 5.55
CA HIS A 381 -2.21 -14.69 5.23
C HIS A 381 -1.28 -15.82 5.68
N ALA A 382 -1.52 -16.36 6.88
CA ALA A 382 -0.69 -17.45 7.37
C ALA A 382 -0.94 -18.74 6.61
N ALA A 383 -2.20 -19.00 6.24
CA ALA A 383 -2.53 -20.25 5.57
C ALA A 383 -2.14 -20.26 4.11
N SER A 384 -1.91 -19.10 3.50
CA SER A 384 -1.51 -19.02 2.09
C SER A 384 -0.04 -18.64 1.96
N GLY A 385 0.79 -19.05 2.92
CA GLY A 385 2.19 -18.73 2.92
C GLY A 385 3.04 -19.96 3.15
N ASN A 386 4.35 -19.75 3.04
CA ASN A 386 5.33 -20.82 3.21
C ASN A 386 5.73 -20.98 4.67
N LEU A 387 6.15 -22.20 5.01
CA LEU A 387 6.69 -22.44 6.34
C LEU A 387 8.03 -21.71 6.49
N LEU A 388 8.32 -21.29 7.71
CA LEU A 388 9.55 -20.55 7.98
C LEU A 388 10.18 -21.05 9.27
N LEU A 389 11.47 -21.35 9.21
CA LEU A 389 12.26 -21.72 10.39
C LEU A 389 13.41 -20.72 10.48
N ASP A 390 13.32 -19.80 11.44
CA ASP A 390 14.29 -18.72 11.60
C ASP A 390 15.16 -19.02 12.81
N LYS A 391 16.47 -19.06 12.59
CA LYS A 391 17.42 -19.35 13.65
C LYS A 391 18.14 -18.10 14.16
N ARG A 392 17.81 -16.92 13.63
CA ARG A 392 18.40 -15.69 14.16
C ARG A 392 17.84 -15.34 15.52
N THR A 393 16.59 -15.68 15.80
CA THR A 393 15.93 -15.35 17.06
C THR A 393 15.42 -16.63 17.70
N THR A 394 15.02 -16.53 18.97
CA THR A 394 14.48 -17.66 19.71
C THR A 394 12.98 -17.58 19.91
N CYS A 395 12.32 -16.61 19.28
CA CYS A 395 10.87 -16.47 19.38
C CYS A 395 10.18 -17.36 18.35
N PHE A 396 8.94 -17.73 18.66
CA PHE A 396 8.18 -18.60 17.78
C PHE A 396 7.91 -17.91 16.44
N SER A 397 8.03 -18.68 15.36
CA SER A 397 7.86 -18.18 14.00
C SER A 397 6.71 -18.93 13.34
N VAL A 398 5.96 -18.22 12.50
CA VAL A 398 4.75 -18.79 11.91
C VAL A 398 4.93 -19.09 10.43
N ALA A 399 5.15 -18.05 9.63
CA ALA A 399 5.19 -18.22 8.18
C ALA A 399 5.90 -17.04 7.54
N ALA A 400 6.30 -17.23 6.28
CA ALA A 400 6.90 -16.20 5.46
C ALA A 400 5.95 -15.86 4.31
N LEU A 401 5.63 -14.58 4.16
CA LEU A 401 4.63 -14.15 3.19
C LEU A 401 5.16 -14.04 1.77
N THR A 402 6.49 -13.99 1.58
CA THR A 402 7.06 -13.90 0.25
C THR A 402 8.17 -14.92 0.07
N ASN A 403 8.88 -14.86 -1.05
CA ASN A 403 10.01 -15.74 -1.30
C ASN A 403 11.35 -15.11 -0.99
N ASN A 404 11.38 -13.91 -0.45
CA ASN A 404 12.62 -13.22 -0.12
C ASN A 404 12.53 -12.60 1.27
N VAL A 405 13.68 -12.44 1.89
CA VAL A 405 13.79 -11.80 3.21
C VAL A 405 14.29 -10.39 3.02
N ALA A 406 13.60 -9.44 3.65
CA ALA A 406 13.89 -8.01 3.49
C ALA A 406 14.83 -7.55 4.60
N PHE A 407 15.91 -6.88 4.21
CA PHE A 407 16.88 -6.29 5.14
C PHE A 407 16.80 -4.78 5.00
N GLN A 408 16.56 -4.09 6.12
CA GLN A 408 16.35 -2.65 6.13
C GLN A 408 17.46 -1.97 6.92
N THR A 409 18.02 -0.91 6.35
CA THR A 409 19.11 -0.18 6.96
C THR A 409 18.65 1.20 7.43
N VAL A 410 19.52 1.90 8.13
CA VAL A 410 19.27 3.26 8.60
C VAL A 410 20.41 4.15 8.12
N LYS A 411 20.06 5.26 7.50
CA LYS A 411 21.00 6.20 6.90
C LYS A 411 21.50 7.21 7.91
N PRO A 412 22.68 7.80 7.68
CA PRO A 412 23.18 8.85 8.58
C PRO A 412 22.44 10.17 8.40
N GLY A 413 22.86 11.20 9.12
CA GLY A 413 22.23 12.50 9.05
C GLY A 413 22.87 13.41 8.01
N ASN A 414 22.37 14.64 7.97
CA ASN A 414 22.86 15.67 7.07
C ASN A 414 23.54 16.77 7.88
N PHE A 415 24.64 17.29 7.34
CA PHE A 415 25.49 18.24 8.05
C PHE A 415 25.15 19.66 7.62
N ASN A 416 24.79 20.51 8.58
CA ASN A 416 24.59 21.94 8.35
C ASN A 416 25.91 22.65 8.58
N LYS A 417 26.67 22.90 7.51
CA LYS A 417 28.00 23.46 7.64
C LYS A 417 27.99 24.94 7.97
N ASP A 418 27.02 25.70 7.48
CA ASP A 418 26.98 27.13 7.74
C ASP A 418 26.80 27.43 9.22
N PHE A 419 25.87 26.73 9.87
CA PHE A 419 25.66 26.94 11.30
C PHE A 419 26.88 26.54 12.10
N TYR A 420 27.54 25.43 11.73
CA TYR A 420 28.73 25.00 12.43
C TYR A 420 29.86 26.02 12.30
N ASP A 421 30.05 26.57 11.09
CA ASP A 421 31.08 27.60 10.91
C ASP A 421 30.73 28.86 11.70
N PHE A 422 29.47 29.26 11.70
CA PHE A 422 29.05 30.43 12.46
C PHE A 422 29.31 30.24 13.95
N ALA A 423 28.98 29.05 14.48
CA ALA A 423 29.23 28.76 15.88
C ALA A 423 30.72 28.74 16.20
N VAL A 424 31.54 28.14 15.32
CA VAL A 424 32.98 28.11 15.54
C VAL A 424 33.59 29.50 15.51
N SER A 425 33.12 30.38 14.63
CA SER A 425 33.63 31.74 14.53
C SER A 425 33.25 32.61 15.73
N LYS A 426 32.57 32.06 16.74
CA LYS A 426 32.17 32.81 17.92
C LYS A 426 32.71 32.20 19.20
N GLY A 427 33.78 31.42 19.12
CA GLY A 427 34.41 30.88 20.31
C GLY A 427 33.75 29.63 20.88
N PHE A 428 33.14 28.81 20.05
CA PHE A 428 32.53 27.57 20.48
C PHE A 428 33.40 26.38 20.10
N PHE A 429 33.14 25.25 20.76
CA PHE A 429 33.82 23.98 20.49
C PHE A 429 35.32 24.08 20.65
N LYS A 430 35.79 24.81 21.65
CA LYS A 430 37.20 24.86 21.96
C LYS A 430 37.57 23.68 22.86
N GLU A 431 38.87 23.40 22.95
CA GLU A 431 39.36 22.31 23.78
C GLU A 431 39.16 22.62 25.26
N GLY A 432 38.71 21.62 26.01
CA GLY A 432 38.48 21.79 27.43
C GLY A 432 37.18 22.49 27.79
N SER A 433 36.32 22.76 26.81
CA SER A 433 35.06 23.42 27.08
C SER A 433 34.09 22.45 27.75
N SER A 434 33.06 23.02 28.39
CA SER A 434 32.04 22.22 29.06
C SER A 434 30.83 21.94 28.17
N VAL A 435 30.86 22.39 26.92
CA VAL A 435 29.77 22.18 25.98
C VAL A 435 30.36 21.51 24.75
N GLU A 436 29.89 20.31 24.43
CA GLU A 436 30.37 19.55 23.29
C GLU A 436 29.23 18.70 22.73
N LEU A 437 29.40 18.29 21.48
CA LEU A 437 28.37 17.52 20.79
C LEU A 437 28.42 16.06 21.22
N LYS A 438 27.28 15.54 21.69
CA LYS A 438 27.15 14.13 21.99
C LYS A 438 25.79 13.58 21.56
N HIS A 439 25.17 14.23 20.58
CA HIS A 439 23.89 13.78 20.02
C HIS A 439 24.05 13.74 18.50
N PHE A 440 23.96 12.55 17.91
CA PHE A 440 24.19 12.35 16.49
C PHE A 440 23.11 11.44 15.91
N PHE A 441 23.12 11.32 14.59
CA PHE A 441 22.31 10.33 13.89
C PHE A 441 23.17 9.09 13.67
N PHE A 442 22.81 8.00 14.33
CA PHE A 442 23.55 6.75 14.19
C PHE A 442 22.95 5.89 13.10
N ALA A 443 23.82 5.20 12.37
CA ALA A 443 23.43 4.34 11.26
C ALA A 443 23.44 2.88 11.69
N GLN A 444 22.58 2.09 11.05
CA GLN A 444 22.43 0.69 11.38
C GLN A 444 22.55 -0.16 10.12
N ASP A 445 22.97 -1.41 10.30
CA ASP A 445 23.22 -2.30 9.17
C ASP A 445 21.94 -3.08 8.85
N GLY A 446 22.05 -4.09 7.98
CA GLY A 446 20.87 -4.75 7.46
C GLY A 446 20.07 -5.50 8.52
N ASN A 447 20.74 -6.28 9.35
CA ASN A 447 20.07 -7.13 10.33
C ASN A 447 19.99 -6.39 11.67
N ALA A 448 19.19 -5.33 11.69
CA ALA A 448 18.96 -4.54 12.89
C ALA A 448 17.53 -4.66 13.42
N ALA A 449 16.55 -4.73 12.53
CA ALA A 449 15.16 -4.84 12.96
C ALA A 449 14.91 -6.14 13.71
N ILE A 450 15.42 -7.25 13.18
CA ILE A 450 15.24 -8.54 13.85
C ILE A 450 16.05 -8.59 15.15
N SER A 451 17.24 -7.99 15.15
CA SER A 451 18.04 -7.96 16.37
C SER A 451 17.35 -7.17 17.47
N ASP A 452 16.68 -6.08 17.11
CA ASP A 452 15.91 -5.32 18.10
C ASP A 452 14.63 -6.03 18.52
N TYR A 453 13.98 -6.73 17.60
CA TYR A 453 12.79 -7.51 17.96
C TYR A 453 13.14 -8.66 18.89
N ASP A 454 14.35 -9.19 18.78
CA ASP A 454 14.77 -10.31 19.64
C ASP A 454 14.90 -9.91 21.12
N TYR A 455 14.61 -8.68 21.52
CA TYR A 455 14.69 -8.29 22.91
C TYR A 455 13.46 -8.68 23.71
N TYR A 456 12.45 -9.27 23.06
CA TYR A 456 11.29 -9.79 23.77
C TYR A 456 11.60 -11.06 24.56
N ARG A 457 12.82 -11.57 24.47
CA ARG A 457 13.25 -12.72 25.26
C ARG A 457 13.36 -12.41 26.74
N TYR A 458 13.29 -11.13 27.12
CA TYR A 458 13.30 -10.74 28.52
C TYR A 458 11.92 -10.80 29.16
N ASN A 459 10.88 -11.16 28.40
CA ASN A 459 9.52 -11.26 28.91
C ASN A 459 9.27 -12.71 29.33
N LEU A 460 9.09 -12.92 30.63
CA LEU A 460 8.87 -14.24 31.19
C LEU A 460 7.52 -14.34 31.87
N PRO A 461 6.91 -15.53 31.91
CA PRO A 461 5.64 -15.68 32.63
C PRO A 461 5.85 -15.49 34.13
N THR A 462 5.03 -14.63 34.73
CA THR A 462 5.18 -14.23 36.11
C THR A 462 3.86 -14.43 36.85
N MET A 463 3.90 -15.18 37.95
CA MET A 463 2.77 -15.31 38.84
C MET A 463 2.85 -14.25 39.93
N CYS A 464 1.68 -13.75 40.34
CA CYS A 464 1.61 -12.65 41.29
C CYS A 464 1.03 -13.12 42.63
N ASP A 465 1.26 -12.32 43.66
CA ASP A 465 0.61 -12.52 44.96
C ASP A 465 -0.78 -11.91 44.87
N ILE A 466 -1.79 -12.76 44.73
CA ILE A 466 -3.13 -12.30 44.37
C ILE A 466 -3.79 -11.53 45.51
N ARG A 467 -3.61 -11.96 46.76
CA ARG A 467 -4.26 -11.29 47.88
C ARG A 467 -3.73 -9.87 48.10
N GLN A 468 -2.53 -9.57 47.61
CA GLN A 468 -1.98 -8.22 47.70
C GLN A 468 -2.29 -7.39 46.47
N LEU A 469 -2.31 -8.02 45.29
CA LEU A 469 -2.73 -7.32 44.08
C LEU A 469 -4.19 -6.88 44.15
N LEU A 470 -5.05 -7.68 44.79
CA LEU A 470 -6.45 -7.34 44.90
C LEU A 470 -6.70 -6.13 45.80
N PHE A 471 -5.70 -5.72 46.60
CA PHE A 471 -5.77 -4.51 47.42
C PHE A 471 -5.07 -3.34 46.73
N VAL A 472 -3.95 -3.62 46.07
CA VAL A 472 -3.26 -2.60 45.30
C VAL A 472 -4.17 -2.06 44.20
N VAL A 473 -4.98 -2.93 43.59
CA VAL A 473 -5.89 -2.46 42.54
C VAL A 473 -6.95 -1.54 43.12
N GLU A 474 -7.42 -1.80 44.35
CA GLU A 474 -8.38 -0.92 44.98
C GLU A 474 -7.77 0.46 45.24
N VAL A 475 -6.52 0.47 45.72
CA VAL A 475 -5.86 1.76 45.99
C VAL A 475 -5.65 2.53 44.69
N VAL A 476 -5.27 1.82 43.61
CA VAL A 476 -5.07 2.49 42.32
C VAL A 476 -6.38 3.05 41.81
N ASP A 477 -7.47 2.29 41.96
CA ASP A 477 -8.78 2.81 41.54
C ASP A 477 -9.18 4.02 42.36
N LYS A 478 -8.82 4.06 43.65
CA LYS A 478 -9.01 5.28 44.43
C LYS A 478 -8.22 6.44 43.83
N TYR A 479 -7.00 6.17 43.37
CA TYR A 479 -6.23 7.23 42.70
C TYR A 479 -6.93 7.73 41.45
N PHE A 480 -7.51 6.84 40.66
CA PHE A 480 -8.20 7.23 39.42
C PHE A 480 -9.69 7.44 39.65
N ASP A 481 -10.06 8.48 40.42
CA ASP A 481 -11.44 8.65 40.84
C ASP A 481 -12.07 9.98 40.48
N CYS A 482 -11.29 10.97 40.02
CA CYS A 482 -11.80 12.31 39.79
C CYS A 482 -12.21 12.55 38.33
N TYR A 483 -12.30 11.51 37.53
CA TYR A 483 -12.60 11.63 36.11
C TYR A 483 -13.95 10.99 35.79
N ASP A 484 -14.37 11.13 34.54
CA ASP A 484 -15.58 10.49 34.05
C ASP A 484 -15.30 9.92 32.67
N GLY A 485 -16.03 8.87 32.31
CA GLY A 485 -15.81 8.22 31.04
C GLY A 485 -17.03 7.42 30.62
N GLY A 486 -16.87 6.75 29.49
CA GLY A 486 -17.94 5.97 28.91
C GLY A 486 -17.75 5.84 27.41
N CYS A 487 -18.79 5.38 26.74
CA CYS A 487 -18.78 5.17 25.31
C CYS A 487 -19.36 6.38 24.59
N ILE A 488 -18.85 6.64 23.38
CA ILE A 488 -19.30 7.74 22.56
C ILE A 488 -19.66 7.21 21.17
N ASN A 489 -20.45 7.99 20.45
CA ASN A 489 -20.86 7.62 19.11
C ASN A 489 -19.74 7.92 18.11
N ALA A 490 -19.91 7.45 16.88
CA ALA A 490 -18.88 7.59 15.87
C ALA A 490 -18.72 9.03 15.38
N ASN A 491 -19.68 9.90 15.64
CA ASN A 491 -19.61 11.28 15.20
C ASN A 491 -19.01 12.21 16.24
N GLN A 492 -18.63 11.68 17.40
CA GLN A 492 -17.99 12.47 18.45
C GLN A 492 -16.51 12.18 18.58
N VAL A 493 -15.94 11.39 17.68
CA VAL A 493 -14.54 11.00 17.74
C VAL A 493 -13.69 12.08 17.09
N ILE A 494 -12.63 12.49 17.78
CA ILE A 494 -11.71 13.52 17.30
C ILE A 494 -10.42 12.84 16.87
N VAL A 495 -10.03 13.07 15.61
CA VAL A 495 -8.80 12.53 15.06
C VAL A 495 -7.99 13.68 14.48
N ASN A 496 -6.70 13.72 14.80
CA ASN A 496 -5.78 14.71 14.26
C ASN A 496 -4.76 14.01 13.37
N ASN A 497 -4.36 14.68 12.29
CA ASN A 497 -3.39 14.15 11.35
C ASN A 497 -3.86 12.83 10.74
N LEU A 498 -4.95 12.87 9.97
CA LEU A 498 -5.49 11.71 9.28
C LEU A 498 -4.62 11.25 8.12
N ASP A 499 -3.40 11.77 8.01
CA ASP A 499 -2.50 11.44 6.90
C ASP A 499 -1.36 10.54 7.38
N LYS A 500 -1.68 9.61 8.28
CA LYS A 500 -0.69 8.69 8.82
C LYS A 500 -1.06 7.26 8.44
N SER A 501 -0.12 6.35 8.67
CA SER A 501 -0.23 4.98 8.18
C SER A 501 -1.40 4.26 8.86
N ALA A 502 -1.93 3.26 8.15
CA ALA A 502 -3.06 2.48 8.61
C ALA A 502 -2.70 1.04 8.97
N GLY A 503 -1.45 0.65 8.81
CA GLY A 503 -1.00 -0.68 9.18
C GLY A 503 -1.02 -1.63 8.00
N PHE A 504 -0.89 -2.93 8.33
CA PHE A 504 -0.87 -4.01 7.36
C PHE A 504 -2.19 -4.78 7.38
N PRO A 505 -2.72 -5.16 6.22
CA PRO A 505 -2.25 -4.89 4.86
C PRO A 505 -2.85 -3.63 4.26
N PHE A 506 -3.41 -2.75 5.09
CA PHE A 506 -4.14 -1.59 4.61
C PHE A 506 -3.25 -0.50 4.04
N ASN A 507 -1.93 -0.61 4.17
CA ASN A 507 -1.03 0.41 3.67
C ASN A 507 -0.72 0.26 2.19
N LYS A 508 -1.32 -0.74 1.53
CA LYS A 508 -1.15 -0.91 0.09
C LYS A 508 -2.13 -0.09 -0.73
N TRP A 509 -3.10 0.56 -0.08
CA TRP A 509 -4.14 1.27 -0.81
C TRP A 509 -4.39 2.69 -0.35
N GLY A 510 -3.84 3.12 0.78
CA GLY A 510 -4.01 4.49 1.22
C GLY A 510 -3.70 4.65 2.69
N LYS A 511 -3.90 5.88 3.15
CA LYS A 511 -3.68 6.25 4.54
C LYS A 511 -4.99 6.10 5.32
N ALA A 512 -5.00 6.59 6.55
CA ALA A 512 -6.21 6.54 7.38
C ALA A 512 -7.34 7.42 6.86
N ARG A 513 -7.02 8.43 6.05
CA ARG A 513 -8.06 9.28 5.48
C ARG A 513 -8.98 8.48 4.56
N LEU A 514 -8.41 7.57 3.77
CA LEU A 514 -9.20 6.77 2.85
C LEU A 514 -10.22 5.91 3.59
N TYR A 515 -9.83 5.33 4.72
CA TYR A 515 -10.72 4.45 5.48
C TYR A 515 -11.66 5.22 6.40
N TYR A 516 -11.30 6.43 6.82
CA TYR A 516 -12.24 7.26 7.56
C TYR A 516 -13.22 8.00 6.67
N ASP A 517 -12.94 8.09 5.36
CA ASP A 517 -13.90 8.69 4.44
C ASP A 517 -14.80 7.64 3.81
N SER A 518 -14.23 6.50 3.42
CA SER A 518 -15.01 5.44 2.79
C SER A 518 -16.02 4.80 3.73
N MET A 519 -15.81 4.91 5.03
CA MET A 519 -16.73 4.35 6.02
C MET A 519 -17.63 5.46 6.56
N SER A 520 -18.94 5.28 6.41
CA SER A 520 -19.90 6.23 6.95
C SER A 520 -20.10 5.95 8.43
N TYR A 521 -20.98 6.72 9.08
CA TYR A 521 -21.11 6.68 10.52
C TYR A 521 -21.75 5.41 11.04
N GLU A 522 -22.86 4.95 10.45
CA GLU A 522 -23.46 3.73 10.97
C GLU A 522 -22.64 2.49 10.64
N ASP A 523 -21.82 2.54 9.58
CA ASP A 523 -20.86 1.46 9.36
C ASP A 523 -19.87 1.36 10.51
N GLN A 524 -19.33 2.51 10.95
CA GLN A 524 -18.42 2.51 12.09
C GLN A 524 -19.13 2.04 13.36
N ASP A 525 -20.37 2.47 13.56
CA ASP A 525 -21.11 2.03 14.74
C ASP A 525 -21.37 0.53 14.72
N ALA A 526 -21.73 -0.03 13.57
CA ALA A 526 -21.94 -1.47 13.47
C ALA A 526 -20.64 -2.23 13.69
N LEU A 527 -19.53 -1.72 13.15
CA LEU A 527 -18.24 -2.37 13.39
C LEU A 527 -17.87 -2.34 14.86
N PHE A 528 -18.09 -1.21 15.54
CA PHE A 528 -17.79 -1.13 16.96
C PHE A 528 -18.67 -2.05 17.78
N ALA A 529 -19.96 -2.14 17.45
CA ALA A 529 -20.87 -3.06 18.13
C ALA A 529 -20.60 -4.52 17.78
N TYR A 530 -19.85 -4.78 16.71
CA TYR A 530 -19.52 -6.16 16.36
C TYR A 530 -18.49 -6.75 17.30
N THR A 531 -17.64 -5.91 17.90
CA THR A 531 -16.55 -6.38 18.75
C THR A 531 -16.96 -6.57 20.19
N LYS A 532 -18.24 -6.40 20.53
CA LYS A 532 -18.73 -6.72 21.86
C LYS A 532 -19.31 -8.13 21.91
N ARG A 533 -19.27 -8.87 20.81
CA ARG A 533 -19.70 -10.26 20.80
C ARG A 533 -18.73 -11.16 20.05
N ASN A 534 -17.65 -10.62 19.49
CA ASN A 534 -16.70 -11.40 18.71
C ASN A 534 -15.30 -10.90 19.01
N VAL A 535 -14.31 -11.68 18.57
CA VAL A 535 -12.90 -11.36 18.73
C VAL A 535 -12.27 -11.23 17.36
N ILE A 536 -11.58 -10.12 17.13
CA ILE A 536 -10.92 -9.87 15.84
C ILE A 536 -9.42 -9.75 16.04
N PRO A 537 -8.64 -10.80 15.76
CA PRO A 537 -7.18 -10.67 15.82
C PRO A 537 -6.63 -9.92 14.62
N THR A 538 -5.61 -9.12 14.88
CA THR A 538 -5.02 -8.29 13.83
C THR A 538 -3.51 -8.51 13.71
N ILE A 539 -2.85 -7.71 12.88
CA ILE A 539 -1.42 -7.82 12.63
C ILE A 539 -0.76 -6.47 12.91
N THR A 540 0.39 -6.52 13.58
CA THR A 540 1.14 -5.32 13.94
C THR A 540 2.44 -5.29 13.14
N GLN A 541 2.77 -4.12 12.60
CA GLN A 541 3.97 -3.93 11.82
C GLN A 541 5.00 -3.16 12.63
N MET A 542 6.27 -3.56 12.51
CA MET A 542 7.37 -2.96 13.24
C MET A 542 8.20 -2.09 12.30
N ASN A 543 8.47 -0.85 12.73
CA ASN A 543 9.20 0.12 11.94
C ASN A 543 10.39 0.65 12.73
N LEU A 544 11.42 1.08 12.00
CA LEU A 544 12.61 1.67 12.60
C LEU A 544 12.50 3.19 12.59
N LYS A 545 13.03 3.81 13.63
CA LYS A 545 12.96 5.26 13.78
C LYS A 545 14.20 5.93 13.17
N TYR A 546 14.02 7.17 12.74
CA TYR A 546 15.07 7.98 12.12
C TYR A 546 15.09 9.31 12.87
N ALA A 547 15.84 9.36 13.97
CA ALA A 547 15.84 10.52 14.84
C ALA A 547 17.19 10.63 15.54
N ILE A 548 17.43 11.79 16.13
CA ILE A 548 18.66 12.07 16.87
C ILE A 548 18.58 11.42 18.23
N SER A 549 19.73 11.07 18.79
CA SER A 549 19.79 10.39 20.08
C SER A 549 21.23 10.49 20.60
N ALA A 550 21.45 9.98 21.80
CA ALA A 550 22.75 9.99 22.44
C ALA A 550 23.39 8.61 22.55
N LYS A 551 22.65 7.54 22.29
CA LYS A 551 23.17 6.18 22.33
C LYS A 551 22.92 5.50 21.00
N ASN A 552 23.72 4.48 20.70
CA ASN A 552 23.84 3.91 19.37
C ASN A 552 23.07 2.59 19.21
N ARG A 553 21.92 2.48 19.85
CA ARG A 553 21.06 1.31 19.66
C ARG A 553 19.83 1.69 18.83
N ALA A 554 19.34 0.73 18.07
CA ALA A 554 18.20 0.94 17.20
C ALA A 554 16.92 1.07 18.00
N ARG A 555 16.03 1.96 17.56
CA ARG A 555 14.74 2.18 18.19
C ARG A 555 13.63 1.78 17.22
N THR A 556 12.60 1.14 17.77
CA THR A 556 11.54 0.58 16.95
C THR A 556 10.19 0.88 17.59
N VAL A 557 9.22 1.27 16.75
CA VAL A 557 7.85 1.50 17.17
C VAL A 557 6.95 0.49 16.45
N ALA A 558 5.73 0.36 16.96
CA ALA A 558 4.77 -0.62 16.46
C ALA A 558 3.62 0.10 15.77
N GLY A 559 3.30 -0.32 14.55
CA GLY A 559 2.18 0.23 13.82
C GLY A 559 0.95 -0.66 13.87
N VAL A 560 -0.04 -0.26 14.66
CA VAL A 560 -1.23 -1.10 14.84
C VAL A 560 -2.19 -0.91 13.66
N SER A 561 -3.00 -1.92 13.42
CA SER A 561 -3.95 -1.89 12.33
C SER A 561 -5.06 -0.87 12.61
N ILE A 562 -5.72 -0.44 11.53
CA ILE A 562 -6.78 0.56 11.65
C ILE A 562 -8.03 0.01 12.33
N CYS A 563 -8.36 -1.27 12.12
CA CYS A 563 -9.55 -1.85 12.72
C CYS A 563 -9.49 -1.91 14.24
N SER A 564 -8.30 -1.88 14.83
CA SER A 564 -8.16 -1.86 16.28
C SER A 564 -8.23 -0.45 16.83
N THR A 565 -7.52 0.49 16.20
CA THR A 565 -7.52 1.88 16.67
C THR A 565 -8.91 2.50 16.53
N MET A 566 -9.61 2.19 15.43
CA MET A 566 -10.91 2.80 15.18
C MET A 566 -11.91 2.50 16.28
N THR A 567 -11.87 1.29 16.84
CA THR A 567 -12.75 0.92 17.94
C THR A 567 -12.20 1.27 19.31
N ASN A 568 -10.88 1.20 19.50
CA ASN A 568 -10.31 1.60 20.78
C ASN A 568 -10.54 3.07 21.05
N ARG A 569 -10.53 3.90 20.01
CA ARG A 569 -10.85 5.31 20.20
C ARG A 569 -12.27 5.48 20.73
N GLN A 570 -13.25 4.85 20.08
CA GLN A 570 -14.63 4.95 20.56
C GLN A 570 -14.78 4.40 21.96
N PHE A 571 -13.95 3.42 22.34
CA PHE A 571 -14.08 2.87 23.69
C PHE A 571 -13.47 3.78 24.76
N HIS A 572 -12.34 4.42 24.47
CA HIS A 572 -11.54 5.04 25.54
C HIS A 572 -11.40 6.56 25.45
N GLN A 573 -11.82 7.19 24.35
CA GLN A 573 -11.46 8.57 24.11
C GLN A 573 -12.06 9.53 25.13
N LYS A 574 -13.28 9.26 25.60
CA LYS A 574 -13.90 10.17 26.57
C LYS A 574 -13.08 10.24 27.86
N LEU A 575 -12.69 9.08 28.39
CA LEU A 575 -11.87 9.06 29.59
C LEU A 575 -10.49 9.66 29.33
N LEU A 576 -9.90 9.36 28.17
CA LEU A 576 -8.58 9.91 27.87
C LEU A 576 -8.61 11.43 27.79
N LYS A 577 -9.66 11.99 27.19
CA LYS A 577 -9.79 13.44 27.12
C LYS A 577 -10.10 14.06 28.47
N SER A 578 -10.89 13.37 29.30
CA SER A 578 -11.16 13.88 30.64
C SER A 578 -9.93 13.87 31.53
N ILE A 579 -9.03 12.91 31.35
CA ILE A 579 -7.80 12.89 32.13
C ILE A 579 -6.87 14.04 31.75
N ALA A 580 -6.75 14.34 30.45
CA ALA A 580 -5.82 15.34 29.97
C ALA A 580 -6.36 16.76 30.05
N ALA A 581 -7.39 16.99 30.87
CA ALA A 581 -7.94 18.33 31.04
C ALA A 581 -8.03 18.76 32.50
N THR A 582 -7.50 17.96 33.43
CA THR A 582 -7.56 18.27 34.84
C THR A 582 -6.21 18.78 35.33
N ARG A 583 -6.25 19.82 36.17
CA ARG A 583 -5.04 20.42 36.74
C ARG A 583 -5.03 20.17 38.24
N GLY A 584 -3.86 19.83 38.77
CA GLY A 584 -3.69 19.60 40.18
C GLY A 584 -3.85 18.16 40.63
N ALA A 585 -3.84 17.20 39.70
CA ALA A 585 -3.98 15.78 40.02
C ALA A 585 -2.59 15.13 40.05
N THR A 586 -2.58 13.82 40.30
CA THR A 586 -1.33 13.06 40.33
C THR A 586 -0.75 12.87 38.93
N VAL A 587 -1.59 12.49 37.97
CA VAL A 587 -1.15 12.36 36.58
C VAL A 587 -1.13 13.75 35.95
N VAL A 588 0.00 14.11 35.36
CA VAL A 588 0.19 15.46 34.84
C VAL A 588 0.22 15.46 33.32
N ILE A 589 -0.44 14.48 32.71
CA ILE A 589 -0.56 14.46 31.26
C ILE A 589 -1.54 15.55 30.83
N GLY A 590 -1.08 16.45 29.96
CA GLY A 590 -1.89 17.54 29.45
C GLY A 590 -1.42 18.91 29.91
N THR A 591 -0.78 18.98 31.08
CA THR A 591 -0.27 20.25 31.58
C THR A 591 0.97 20.66 30.80
N SER A 592 1.04 21.94 30.44
CA SER A 592 2.16 22.49 29.71
C SER A 592 3.18 23.07 30.69
N LYS A 593 4.38 23.35 30.17
CA LYS A 593 5.45 23.94 30.98
C LYS A 593 5.63 25.43 30.76
N PHE A 594 4.92 26.03 29.80
CA PHE A 594 5.01 27.45 29.54
C PHE A 594 4.00 28.21 30.41
N TYR A 595 4.22 29.53 30.52
CA TYR A 595 3.31 30.43 31.22
C TYR A 595 3.12 30.01 32.68
N GLY A 596 4.21 29.55 33.30
CA GLY A 596 4.19 29.22 34.71
C GLY A 596 3.68 27.85 35.08
N GLY A 597 3.53 26.94 34.11
CA GLY A 597 3.05 25.61 34.40
C GLY A 597 4.00 24.78 35.23
N TRP A 598 5.29 24.90 34.93
CA TRP A 598 6.31 24.13 35.66
C TRP A 598 6.32 24.49 37.14
N HIS A 599 6.25 25.78 37.45
CA HIS A 599 6.22 26.23 38.84
C HIS A 599 4.98 25.71 39.55
N ASN A 600 3.83 25.73 38.87
CA ASN A 600 2.60 25.23 39.47
C ASN A 600 2.68 23.74 39.76
N MET A 601 3.23 22.95 38.82
CA MET A 601 3.39 21.53 39.06
C MET A 601 4.32 21.26 40.23
N LEU A 602 5.45 21.97 40.28
CA LEU A 602 6.39 21.76 41.37
C LEU A 602 5.79 22.14 42.73
N LYS A 603 5.03 23.24 42.78
CA LYS A 603 4.35 23.61 44.02
C LYS A 603 3.26 22.63 44.41
N THR A 604 2.55 22.05 43.43
CA THR A 604 1.55 21.04 43.74
C THR A 604 2.18 19.78 44.31
N VAL A 605 3.30 19.33 43.72
CA VAL A 605 3.90 18.07 44.17
C VAL A 605 4.50 18.22 45.56
N TYR A 606 4.93 19.42 45.94
CA TYR A 606 5.50 19.62 47.27
C TYR A 606 4.46 19.49 48.37
N SER A 607 3.19 19.78 48.07
CA SER A 607 2.08 19.72 49.01
C SER A 607 2.45 20.31 50.37
N ASP A 608 2.30 19.52 51.43
CA ASP A 608 2.67 19.96 52.77
C ASP A 608 3.38 18.82 53.51
N VAL A 609 4.30 18.15 52.83
CA VAL A 609 5.09 17.09 53.43
C VAL A 609 5.95 17.69 54.54
N GLU A 610 6.21 16.91 55.58
CA GLU A 610 6.78 17.43 56.83
C GLU A 610 8.30 17.51 56.81
N ASN A 611 8.98 16.47 56.33
CA ASN A 611 10.43 16.44 56.21
C ASN A 611 10.79 16.07 54.78
N PRO A 612 10.63 17.02 53.85
CA PRO A 612 10.63 16.66 52.43
C PRO A 612 12.02 16.33 51.89
N HIS A 613 12.08 15.21 51.16
CA HIS A 613 13.17 14.90 50.26
C HIS A 613 12.57 14.59 48.90
N LEU A 614 13.43 14.50 47.87
CA LEU A 614 12.99 14.17 46.52
C LEU A 614 13.71 12.93 46.03
N MET A 615 13.03 12.17 45.18
CA MET A 615 13.53 10.88 44.73
C MET A 615 12.98 10.57 43.35
N GLY A 616 13.81 9.91 42.54
CA GLY A 616 13.37 9.44 41.23
C GLY A 616 14.05 8.13 40.92
N TRP A 617 13.39 7.31 40.12
CA TRP A 617 13.89 5.97 39.80
C TRP A 617 13.76 5.74 38.30
N ASP A 618 14.04 4.52 37.87
CA ASP A 618 14.10 4.20 36.45
C ASP A 618 13.68 2.75 36.24
N TYR A 619 13.02 2.49 35.10
CA TYR A 619 12.59 1.14 34.76
C TYR A 619 13.47 0.59 33.64
N PRO A 620 14.29 -0.43 33.90
CA PRO A 620 15.07 -1.03 32.82
C PRO A 620 14.21 -1.90 31.93
N LYS A 621 14.26 -1.63 30.62
CA LYS A 621 13.47 -2.35 29.63
C LYS A 621 11.98 -2.35 30.00
N CYS A 622 11.41 -1.15 30.05
CA CYS A 622 10.07 -0.97 30.62
C CYS A 622 9.00 -1.71 29.82
N ASP A 623 9.05 -1.64 28.49
CA ASP A 623 7.99 -2.21 27.67
C ASP A 623 8.27 -3.63 27.20
N ARG A 624 9.53 -4.05 27.17
CA ARG A 624 9.84 -5.43 26.78
C ARG A 624 9.67 -6.42 27.93
N ALA A 625 9.58 -5.94 29.17
CA ALA A 625 9.62 -6.82 30.33
C ALA A 625 8.41 -6.71 31.26
N MET A 626 7.43 -5.88 30.93
CA MET A 626 6.25 -5.77 31.78
C MET A 626 5.41 -7.04 31.70
N PRO A 627 5.11 -7.68 32.83
CA PRO A 627 4.33 -8.92 32.80
C PRO A 627 2.90 -8.67 32.32
N ASN A 628 2.28 -9.74 31.81
CA ASN A 628 0.94 -9.68 31.27
C ASN A 628 -0.12 -9.33 32.31
N MET A 629 0.03 -9.83 33.54
CA MET A 629 -0.99 -9.62 34.55
C MET A 629 -1.19 -8.15 34.87
N LEU A 630 -0.10 -7.38 34.94
CA LEU A 630 -0.21 -5.95 35.18
C LEU A 630 -0.86 -5.20 34.02
N ARG A 631 -0.61 -5.63 32.78
CA ARG A 631 -1.31 -5.04 31.64
C ARG A 631 -2.81 -5.33 31.69
N ILE A 632 -3.18 -6.57 32.06
CA ILE A 632 -4.59 -6.90 32.25
C ILE A 632 -5.20 -6.02 33.34
N MET A 633 -4.47 -5.83 34.44
CA MET A 633 -4.95 -4.99 35.52
C MET A 633 -5.16 -3.55 35.08
N ALA A 634 -4.22 -3.02 34.28
CA ALA A 634 -4.36 -1.66 33.78
C ALA A 634 -5.58 -1.52 32.88
N SER A 635 -5.79 -2.51 31.99
CA SER A 635 -6.97 -2.47 31.13
C SER A 635 -8.26 -2.52 31.95
N LEU A 636 -8.29 -3.39 32.97
CA LEU A 636 -9.47 -3.50 33.82
C LEU A 636 -9.72 -2.22 34.59
N VAL A 637 -8.67 -1.56 35.08
CA VAL A 637 -8.83 -0.31 35.80
C VAL A 637 -9.36 0.78 34.88
N LEU A 638 -8.84 0.85 33.65
CA LEU A 638 -9.33 1.85 32.70
C LEU A 638 -10.79 1.59 32.33
N ALA A 639 -11.18 0.31 32.22
CA ALA A 639 -12.51 -0.05 31.77
C ALA A 639 -13.55 -0.05 32.89
N ARG A 640 -13.25 0.56 34.03
CA ARG A 640 -14.19 0.59 35.14
C ARG A 640 -15.19 1.73 35.06
N LYS A 641 -15.08 2.61 34.05
CA LYS A 641 -16.01 3.71 33.89
C LYS A 641 -17.25 3.33 33.08
N HIS A 642 -17.35 2.08 32.64
CA HIS A 642 -18.43 1.63 31.78
C HIS A 642 -19.52 0.89 32.53
N THR A 643 -19.84 1.31 33.75
CA THR A 643 -20.80 0.61 34.60
C THR A 643 -22.24 0.81 34.16
N THR A 644 -22.50 1.71 33.21
CA THR A 644 -23.88 1.97 32.78
C THR A 644 -24.05 1.75 31.28
N CYS A 645 -23.00 2.00 30.50
CA CYS A 645 -23.11 1.90 29.06
C CYS A 645 -22.89 0.49 28.53
N CYS A 646 -22.32 -0.40 29.34
CA CYS A 646 -21.95 -1.72 28.88
C CYS A 646 -22.42 -2.79 29.86
N SER A 647 -22.68 -3.98 29.33
CA SER A 647 -23.05 -5.12 30.15
C SER A 647 -21.81 -5.82 30.69
N LEU A 648 -21.98 -6.99 31.30
CA LEU A 648 -20.86 -7.76 31.81
C LEU A 648 -20.16 -8.61 30.76
N SER A 649 -20.90 -9.11 29.76
CA SER A 649 -20.28 -9.83 28.66
C SER A 649 -19.59 -8.90 27.67
N HIS A 650 -20.16 -7.71 27.45
CA HIS A 650 -19.55 -6.75 26.53
C HIS A 650 -18.17 -6.33 27.01
N ARG A 651 -18.02 -6.08 28.31
CA ARG A 651 -16.72 -5.70 28.86
C ARG A 651 -15.70 -6.82 28.73
N PHE A 652 -16.11 -8.07 28.98
CA PHE A 652 -15.19 -9.19 28.81
C PHE A 652 -14.75 -9.33 27.37
N TYR A 653 -15.68 -9.18 26.42
CA TYR A 653 -15.30 -9.30 25.03
C TYR A 653 -14.41 -8.15 24.57
N ARG A 654 -14.64 -6.94 25.09
CA ARG A 654 -13.72 -5.84 24.80
C ARG A 654 -12.33 -6.12 25.36
N LEU A 655 -12.25 -6.66 26.57
CA LEU A 655 -10.95 -7.03 27.13
C LEU A 655 -10.27 -8.10 26.29
N ALA A 656 -11.03 -9.09 25.83
CA ALA A 656 -10.46 -10.15 25.00
C ALA A 656 -9.95 -9.58 23.68
N ASN A 657 -10.70 -8.66 23.08
CA ASN A 657 -10.24 -8.03 21.84
C ASN A 657 -8.95 -7.25 22.06
N GLU A 658 -8.87 -6.50 23.16
CA GLU A 658 -7.64 -5.76 23.46
C GLU A 658 -6.46 -6.71 23.66
N CYS A 659 -6.67 -7.80 24.40
CA CYS A 659 -5.58 -8.76 24.60
C CYS A 659 -5.15 -9.40 23.29
N ALA A 660 -6.11 -9.74 22.43
CA ALA A 660 -5.77 -10.38 21.16
C ALA A 660 -5.14 -9.43 20.15
N GLN A 661 -5.33 -8.12 20.32
CA GLN A 661 -4.76 -7.18 19.36
C GLN A 661 -3.47 -6.51 19.81
N VAL A 662 -3.30 -6.19 21.08
CA VAL A 662 -2.14 -5.39 21.48
C VAL A 662 -1.35 -6.01 22.63
N LEU A 663 -1.57 -7.28 22.92
CA LEU A 663 -0.81 -7.90 24.00
C LEU A 663 -0.07 -9.15 23.51
N SER A 664 -0.72 -9.97 22.70
CA SER A 664 -0.08 -11.16 22.15
C SER A 664 -0.70 -11.49 20.79
N GLU A 665 -0.03 -11.07 19.71
CA GLU A 665 -0.57 -11.22 18.37
C GLU A 665 0.60 -11.40 17.39
N MET A 666 0.25 -11.62 16.14
CA MET A 666 1.26 -11.77 15.10
C MET A 666 1.85 -10.41 14.75
N VAL A 667 3.18 -10.33 14.73
CA VAL A 667 3.88 -9.13 14.28
C VAL A 667 4.57 -9.44 12.96
N MET A 668 4.72 -8.41 12.13
CA MET A 668 5.26 -8.54 10.79
C MET A 668 6.59 -7.80 10.74
N CYS A 669 7.68 -8.52 11.00
CA CYS A 669 9.02 -7.97 10.95
C CYS A 669 9.72 -8.45 9.68
N GLY A 670 10.29 -7.51 8.93
CA GLY A 670 10.88 -7.85 7.65
C GLY A 670 9.80 -8.22 6.65
N GLY A 671 9.70 -9.51 6.33
CA GLY A 671 8.62 -9.99 5.49
C GLY A 671 8.03 -11.28 6.01
N SER A 672 8.05 -11.45 7.34
CA SER A 672 7.65 -12.71 7.95
C SER A 672 6.76 -12.43 9.15
N LEU A 673 6.01 -13.45 9.56
CA LEU A 673 5.10 -13.36 10.70
C LEU A 673 5.71 -14.08 11.89
N TYR A 674 5.72 -13.42 13.04
CA TYR A 674 6.23 -13.96 14.29
C TYR A 674 5.14 -13.88 15.36
N VAL A 675 5.42 -14.49 16.51
CA VAL A 675 4.48 -14.51 17.64
C VAL A 675 5.07 -13.68 18.76
N LYS A 676 4.32 -12.69 19.23
CA LYS A 676 4.76 -11.85 20.33
C LYS A 676 4.47 -12.53 21.66
N PRO A 677 5.48 -12.75 22.51
CA PRO A 677 5.23 -13.43 23.79
C PRO A 677 4.36 -12.61 24.73
N GLY A 678 4.69 -11.34 24.92
CA GLY A 678 3.93 -10.49 25.81
C GLY A 678 4.45 -9.08 25.86
N GLY A 679 4.13 -8.35 26.92
CA GLY A 679 4.54 -6.97 27.05
C GLY A 679 3.61 -6.02 26.34
N THR A 680 4.00 -4.75 26.33
CA THR A 680 3.22 -3.71 25.67
C THR A 680 3.77 -3.41 24.29
N SER A 681 2.85 -3.07 23.38
CA SER A 681 3.17 -2.70 22.00
C SER A 681 3.01 -1.19 21.93
N SER A 682 4.11 -0.45 22.13
CA SER A 682 4.06 1.01 22.22
C SER A 682 3.58 1.58 20.89
N GLY A 683 2.38 2.15 20.88
CA GLY A 683 1.77 2.59 19.65
C GLY A 683 0.29 2.29 19.53
N ASP A 684 -0.33 1.79 20.58
CA ASP A 684 -1.77 1.60 20.59
C ASP A 684 -2.43 2.92 20.99
N ALA A 685 -3.74 2.90 21.26
CA ALA A 685 -4.48 4.12 21.55
C ALA A 685 -4.45 4.49 23.03
N THR A 686 -3.85 3.65 23.87
CA THR A 686 -3.87 3.88 25.32
C THR A 686 -2.52 3.57 25.98
N THR A 687 -1.43 4.07 25.39
CA THR A 687 -0.10 3.70 25.87
C THR A 687 0.26 4.44 27.16
N ALA A 688 0.30 5.77 27.11
CA ALA A 688 0.83 6.55 28.23
C ALA A 688 -0.01 6.39 29.48
N TYR A 689 -1.34 6.35 29.34
CA TYR A 689 -2.21 6.22 30.50
C TYR A 689 -2.04 4.85 31.17
N ALA A 690 -1.92 3.79 30.38
CA ALA A 690 -1.64 2.48 30.94
C ALA A 690 -0.28 2.44 31.63
N ASN A 691 0.72 3.12 31.05
CA ASN A 691 2.01 3.21 31.71
C ASN A 691 1.91 3.92 33.06
N SER A 692 1.11 4.99 33.12
CA SER A 692 0.90 5.69 34.39
C SER A 692 0.23 4.80 35.42
N VAL A 693 -0.79 4.03 35.01
CA VAL A 693 -1.44 3.10 35.93
C VAL A 693 -0.44 2.08 36.45
N PHE A 694 0.41 1.55 35.56
CA PHE A 694 1.41 0.58 35.98
C PHE A 694 2.41 1.19 36.97
N ASN A 695 2.83 2.42 36.72
CA ASN A 695 3.76 3.09 37.64
C ASN A 695 3.13 3.28 39.01
N ILE A 696 1.87 3.73 39.05
CA ILE A 696 1.20 3.91 40.33
C ILE A 696 1.06 2.58 41.05
N CYS A 697 0.74 1.51 40.32
CA CYS A 697 0.62 0.19 40.95
C CYS A 697 1.93 -0.24 41.58
N GLN A 698 3.05 -0.06 40.86
CA GLN A 698 4.35 -0.43 41.42
C GLN A 698 4.70 0.39 42.66
N ALA A 699 4.42 1.70 42.64
CA ALA A 699 4.69 2.51 43.82
C ALA A 699 3.86 2.05 45.01
N VAL A 700 2.58 1.73 44.78
CA VAL A 700 1.72 1.30 45.88
C VAL A 700 2.20 -0.02 46.47
N THR A 701 2.57 -0.99 45.62
CA THR A 701 3.02 -2.26 46.19
C THR A 701 4.38 -2.10 46.88
N ALA A 702 5.23 -1.20 46.40
CA ALA A 702 6.47 -0.93 47.12
C ALA A 702 6.20 -0.36 48.51
N ASN A 703 5.25 0.56 48.62
CA ASN A 703 4.90 1.09 49.94
C ASN A 703 4.33 -0.01 50.85
N VAL A 704 3.48 -0.87 50.29
CA VAL A 704 2.89 -1.95 51.09
C VAL A 704 3.98 -2.89 51.60
N ASN A 705 4.91 -3.27 50.74
CA ASN A 705 6.00 -4.15 51.15
C ASN A 705 6.90 -3.48 52.18
N ALA A 706 7.14 -2.18 52.02
CA ALA A 706 7.95 -1.46 53.01
C ALA A 706 7.28 -1.44 54.38
N LEU A 707 5.97 -1.22 54.42
CA LEU A 707 5.28 -1.15 55.71
C LEU A 707 5.07 -2.50 56.37
N LEU A 708 4.80 -3.55 55.59
CA LEU A 708 4.46 -4.85 56.18
C LEU A 708 5.67 -5.67 56.60
N SER A 709 6.89 -5.21 56.32
CA SER A 709 8.10 -5.95 56.62
C SER A 709 8.95 -5.24 57.67
N THR A 710 8.29 -4.68 58.68
CA THR A 710 8.96 -3.94 59.75
C THR A 710 8.57 -4.55 61.10
N ASP A 711 9.55 -4.66 61.99
CA ASP A 711 9.30 -5.16 63.33
C ASP A 711 8.32 -4.25 64.06
N GLY A 712 7.12 -4.75 64.33
CA GLY A 712 6.06 -3.94 64.90
C GLY A 712 6.24 -3.65 66.38
N ASN A 713 7.21 -4.30 67.01
CA ASN A 713 7.49 -4.07 68.43
C ASN A 713 8.33 -2.84 68.68
N LYS A 714 8.87 -2.21 67.62
CA LYS A 714 9.71 -1.02 67.76
C LYS A 714 9.07 0.23 67.20
N ILE A 715 7.83 0.15 66.72
CA ILE A 715 7.14 1.34 66.21
C ILE A 715 6.63 2.14 67.40
N ALA A 716 7.18 3.34 67.59
CA ALA A 716 6.81 4.18 68.72
C ALA A 716 5.37 4.68 68.63
N ASP A 717 4.95 5.14 67.46
CA ASP A 717 3.59 5.62 67.29
C ASP A 717 2.61 4.44 67.25
N LYS A 718 1.51 4.58 67.98
CA LYS A 718 0.49 3.54 68.03
C LYS A 718 -0.48 3.59 66.86
N TYR A 719 -0.69 4.77 66.26
CA TYR A 719 -1.54 4.86 65.09
C TYR A 719 -0.97 4.06 63.92
N VAL A 720 0.34 4.17 63.69
CA VAL A 720 0.97 3.41 62.61
C VAL A 720 0.94 1.92 62.92
N ARG A 721 1.10 1.54 64.20
CA ARG A 721 1.02 0.13 64.57
C ARG A 721 -0.37 -0.44 64.28
N ASN A 722 -1.42 0.30 64.65
CA ASN A 722 -2.77 -0.15 64.33
C ASN A 722 -2.99 -0.19 62.82
N LEU A 723 -2.42 0.76 62.09
CA LEU A 723 -2.54 0.76 60.64
C LEU A 723 -1.90 -0.48 60.03
N GLN A 724 -0.73 -0.88 60.54
CA GLN A 724 -0.07 -2.09 60.05
C GLN A 724 -0.89 -3.34 60.38
N HIS A 725 -1.42 -3.41 61.61
CA HIS A 725 -2.27 -4.54 61.98
C HIS A 725 -3.47 -4.66 61.06
N ARG A 726 -4.18 -3.54 60.83
CA ARG A 726 -5.32 -3.54 59.93
C ARG A 726 -4.94 -3.85 58.49
N LEU A 727 -3.75 -3.41 58.05
CA LEU A 727 -3.30 -3.74 56.71
C LEU A 727 -3.11 -5.24 56.53
N TYR A 728 -2.48 -5.89 57.52
CA TYR A 728 -2.33 -7.34 57.44
C TYR A 728 -3.69 -8.03 57.45
N GLU A 729 -4.60 -7.57 58.31
CA GLU A 729 -5.93 -8.17 58.37
C GLU A 729 -6.67 -8.03 57.05
N CYS A 730 -6.60 -6.85 56.43
CA CYS A 730 -7.29 -6.61 55.16
C CYS A 730 -6.63 -7.35 53.99
N LEU A 731 -5.33 -7.64 54.10
CA LEU A 731 -4.68 -8.37 53.01
C LEU A 731 -4.95 -9.87 53.10
N TYR A 732 -4.67 -10.49 54.25
CA TYR A 732 -4.64 -11.95 54.31
C TYR A 732 -5.76 -12.57 55.15
N ARG A 733 -6.65 -11.77 55.73
CA ARG A 733 -7.72 -12.32 56.55
C ARG A 733 -9.09 -11.79 56.18
N ASN A 734 -9.21 -11.02 55.09
CA ASN A 734 -10.48 -10.48 54.65
C ASN A 734 -10.68 -10.82 53.18
N ARG A 735 -11.88 -11.31 52.86
CA ARG A 735 -12.17 -11.77 51.51
C ARG A 735 -12.77 -10.70 50.61
N ASP A 736 -13.50 -9.74 51.17
CA ASP A 736 -14.15 -8.70 50.40
C ASP A 736 -13.50 -7.35 50.70
N VAL A 737 -13.90 -6.35 49.92
CA VAL A 737 -13.33 -5.01 50.01
C VAL A 737 -13.79 -4.34 51.30
N ASP A 738 -12.92 -3.53 51.90
CA ASP A 738 -13.24 -2.75 53.10
C ASP A 738 -12.92 -1.30 52.75
N THR A 739 -13.95 -0.53 52.39
CA THR A 739 -13.75 0.81 51.85
C THR A 739 -13.17 1.79 52.86
N ASP A 740 -13.51 1.67 54.14
CA ASP A 740 -13.01 2.60 55.13
C ASP A 740 -11.49 2.54 55.25
N PHE A 741 -10.94 1.33 55.32
CA PHE A 741 -9.49 1.20 55.38
C PHE A 741 -8.82 1.59 54.08
N VAL A 742 -9.47 1.37 52.93
CA VAL A 742 -8.91 1.84 51.68
C VAL A 742 -8.79 3.36 51.68
N ASN A 743 -9.83 4.04 52.15
CA ASN A 743 -9.77 5.50 52.25
C ASN A 743 -8.69 5.94 53.23
N GLU A 744 -8.57 5.25 54.38
CA GLU A 744 -7.56 5.61 55.36
C GLU A 744 -6.15 5.46 54.79
N PHE A 745 -5.88 4.33 54.13
CA PHE A 745 -4.57 4.11 53.54
C PHE A 745 -4.28 5.11 52.42
N TYR A 746 -5.29 5.44 51.62
CA TYR A 746 -5.11 6.44 50.57
C TYR A 746 -4.77 7.80 51.14
N ALA A 747 -5.45 8.21 52.21
CA ALA A 747 -5.13 9.48 52.86
C ALA A 747 -3.72 9.46 53.45
N TYR A 748 -3.35 8.35 54.10
CA TYR A 748 -2.00 8.22 54.66
C TYR A 748 -0.94 8.34 53.57
N LEU A 749 -1.15 7.65 52.45
CA LEU A 749 -0.20 7.71 51.35
C LEU A 749 -0.11 9.11 50.76
N ARG A 750 -1.25 9.78 50.57
CA ARG A 750 -1.21 11.11 49.99
C ARG A 750 -0.61 12.13 50.94
N LYS A 751 -0.69 11.91 52.25
CA LYS A 751 -0.06 12.83 53.20
C LYS A 751 1.45 12.60 53.33
N HIS A 752 1.90 11.35 53.34
CA HIS A 752 3.31 11.06 53.59
C HIS A 752 4.08 10.64 52.34
N PHE A 753 3.40 10.51 51.20
CA PHE A 753 4.09 10.06 49.99
C PHE A 753 3.45 10.69 48.76
N SER A 754 3.97 11.81 48.30
CA SER A 754 3.37 12.59 47.21
C SER A 754 4.04 12.25 45.89
N MET A 755 3.24 12.10 44.85
CA MET A 755 3.72 11.65 43.55
C MET A 755 3.31 12.61 42.44
N MET A 756 4.06 12.57 41.34
CA MET A 756 3.68 13.25 40.11
C MET A 756 4.14 12.35 38.97
N ILE A 757 3.18 11.86 38.18
CA ILE A 757 3.42 10.76 37.24
C ILE A 757 3.13 11.22 35.83
N LEU A 758 4.04 10.93 34.90
CA LEU A 758 3.82 11.14 33.47
C LEU A 758 4.40 9.94 32.73
N SER A 759 3.58 8.91 32.54
CA SER A 759 3.90 7.77 31.69
C SER A 759 5.28 7.18 31.96
N ASP A 760 5.47 6.59 33.15
CA ASP A 760 6.67 5.89 33.61
C ASP A 760 7.79 6.83 33.99
N ASP A 761 7.51 8.14 34.05
CA ASP A 761 8.39 9.12 34.66
C ASP A 761 7.71 9.70 35.90
N ALA A 762 8.48 9.78 36.99
CA ALA A 762 7.87 10.13 38.26
C ALA A 762 8.84 10.93 39.12
N VAL A 763 8.26 11.82 39.93
CA VAL A 763 8.98 12.55 40.97
C VAL A 763 8.18 12.42 42.25
N VAL A 764 8.88 12.10 43.35
CA VAL A 764 8.23 11.83 44.63
C VAL A 764 8.83 12.72 45.70
N CYS A 765 7.95 13.37 46.46
CA CYS A 765 8.33 14.12 47.65
C CYS A 765 7.79 13.37 48.86
N PHE A 766 8.70 12.83 49.68
CA PHE A 766 8.33 11.92 50.74
C PHE A 766 8.87 12.40 52.08
N ASN A 767 8.19 12.00 53.15
CA ASN A 767 8.67 12.25 54.50
C ASN A 767 9.95 11.43 54.74
N SER A 768 10.99 12.11 55.22
CA SER A 768 12.31 11.49 55.33
C SER A 768 12.51 10.67 56.59
N THR A 769 12.02 11.14 57.74
CA THR A 769 12.19 10.37 58.96
C THR A 769 11.35 9.08 58.95
N TYR A 770 10.17 9.13 58.34
CA TYR A 770 9.36 7.93 58.19
C TYR A 770 10.07 6.91 57.31
N ALA A 771 10.68 7.37 56.22
CA ALA A 771 11.45 6.48 55.36
C ALA A 771 12.67 5.91 56.07
N SER A 772 13.34 6.71 56.90
CA SER A 772 14.47 6.20 57.67
C SER A 772 14.01 5.15 58.68
N GLN A 773 12.85 5.34 59.31
CA GLN A 773 12.33 4.37 60.26
C GLN A 773 11.65 3.18 59.58
N GLY A 774 11.43 3.24 58.28
CA GLY A 774 10.87 2.13 57.54
C GLY A 774 9.37 2.14 57.35
N LEU A 775 8.68 3.24 57.65
CA LEU A 775 7.24 3.34 57.51
C LEU A 775 6.82 3.85 56.13
N VAL A 776 7.77 4.06 55.23
CA VAL A 776 7.51 4.59 53.90
C VAL A 776 8.56 4.03 52.95
N ALA A 777 8.18 3.79 51.70
CA ALA A 777 9.04 3.09 50.76
C ALA A 777 10.31 3.88 50.46
N SER A 778 11.37 3.14 50.14
CA SER A 778 12.66 3.72 49.75
C SER A 778 13.12 3.13 48.43
N ILE A 779 14.36 3.42 48.04
CA ILE A 779 14.91 2.93 46.78
C ILE A 779 15.11 1.43 46.85
N LYS A 780 15.52 0.94 48.02
CA LYS A 780 15.73 -0.50 48.21
C LYS A 780 14.42 -1.28 48.02
N ASN A 781 13.31 -0.73 48.52
CA ASN A 781 12.03 -1.38 48.33
C ASN A 781 11.65 -1.45 46.86
N PHE A 782 11.90 -0.38 46.11
CA PHE A 782 11.66 -0.41 44.67
C PHE A 782 12.53 -1.45 43.98
N LYS A 783 13.80 -1.55 44.39
CA LYS A 783 14.68 -2.56 43.82
C LYS A 783 14.16 -3.96 44.07
N SER A 784 13.75 -4.25 45.31
CA SER A 784 13.24 -5.58 45.62
C SER A 784 11.96 -5.90 44.87
N VAL A 785 11.04 -4.93 44.81
CA VAL A 785 9.78 -5.15 44.11
C VAL A 785 10.03 -5.39 42.63
N LEU A 786 10.90 -4.60 42.01
CA LEU A 786 11.22 -4.83 40.60
C LEU A 786 11.87 -6.18 40.40
N TYR A 787 12.77 -6.59 41.29
CA TYR A 787 13.43 -7.89 41.14
C TYR A 787 12.42 -9.03 41.18
N TYR A 788 11.50 -9.00 42.14
CA TYR A 788 10.63 -10.16 42.29
C TYR A 788 9.31 -10.06 41.53
N GLN A 789 9.01 -8.93 40.90
CA GLN A 789 7.76 -8.79 40.18
C GLN A 789 7.92 -8.33 38.73
N ASN A 790 9.13 -7.98 38.30
CA ASN A 790 9.35 -7.48 36.95
C ASN A 790 10.48 -8.20 36.22
N ASN A 791 11.21 -9.09 36.89
CA ASN A 791 12.26 -9.91 36.27
C ASN A 791 13.38 -9.05 35.70
N VAL A 792 13.68 -7.94 36.37
CA VAL A 792 14.79 -7.06 35.98
C VAL A 792 15.53 -6.65 37.24
N PHE A 793 16.77 -6.21 37.04
CA PHE A 793 17.59 -5.67 38.13
C PHE A 793 17.77 -4.17 37.92
N MET A 794 17.41 -3.40 38.94
CA MET A 794 17.42 -1.93 38.88
C MET A 794 18.65 -1.42 39.61
N SER A 795 19.68 -1.05 38.85
CA SER A 795 20.89 -0.49 39.44
C SER A 795 20.59 0.89 40.01
N GLU A 796 21.17 1.18 41.18
CA GLU A 796 20.90 2.44 41.85
C GLU A 796 21.80 3.56 41.34
N ALA A 797 22.45 3.32 40.20
CA ALA A 797 23.26 4.34 39.54
C ALA A 797 22.44 5.16 38.54
N LYS A 798 21.17 4.81 38.35
CA LYS A 798 20.28 5.58 37.49
C LYS A 798 19.17 6.24 38.29
N CYS A 799 19.33 6.34 39.61
CA CYS A 799 18.36 6.98 40.48
C CYS A 799 19.06 8.07 41.28
N TRP A 800 18.31 9.11 41.61
CA TRP A 800 18.87 10.27 42.31
C TRP A 800 18.07 10.55 43.58
N THR A 801 18.63 11.41 44.43
CA THR A 801 17.98 11.85 45.64
C THR A 801 18.44 13.27 45.94
N GLU A 802 17.48 14.13 46.27
CA GLU A 802 17.77 15.54 46.51
C GLU A 802 17.23 15.93 47.87
N THR A 803 18.11 16.44 48.74
CA THR A 803 17.75 16.81 50.10
C THR A 803 17.55 18.30 50.26
N ASP A 804 17.66 19.09 49.20
CA ASP A 804 17.45 20.53 49.24
C ASP A 804 16.34 20.88 48.25
N LEU A 805 15.25 21.45 48.76
CA LEU A 805 14.09 21.72 47.92
C LEU A 805 14.21 23.01 47.12
N THR A 806 15.14 23.89 47.46
CA THR A 806 15.36 25.10 46.66
C THR A 806 15.87 24.79 45.26
N LYS A 807 16.46 23.61 45.08
CA LYS A 807 16.77 23.07 43.75
C LYS A 807 15.81 21.93 43.50
N GLY A 808 15.06 21.99 42.40
CA GLY A 808 14.02 21.04 42.14
C GLY A 808 14.53 19.65 41.84
N PRO A 809 13.69 18.84 41.18
CA PRO A 809 14.13 17.49 40.81
C PRO A 809 15.34 17.53 39.90
N HIS A 810 16.24 16.57 40.09
CA HIS A 810 17.45 16.51 39.29
C HIS A 810 17.16 16.27 37.81
N GLU A 811 16.08 15.55 37.50
CA GLU A 811 15.68 15.32 36.11
C GLU A 811 14.22 14.89 36.02
N PHE A 812 13.42 15.63 35.24
CA PHE A 812 12.05 15.24 34.95
C PHE A 812 11.76 15.59 33.50
N CYS A 813 11.41 14.56 32.71
CA CYS A 813 11.12 14.73 31.29
C CYS A 813 12.30 15.37 30.56
N SER A 814 13.52 14.97 30.92
CA SER A 814 14.79 15.41 30.32
C SER A 814 15.07 16.88 30.55
N GLN A 815 14.53 17.50 31.60
CA GLN A 815 14.77 18.90 31.90
C GLN A 815 15.27 19.06 33.32
N HIS A 816 16.22 19.98 33.51
CA HIS A 816 16.69 20.36 34.83
C HIS A 816 15.89 21.55 35.32
N THR A 817 16.04 21.87 36.61
CA THR A 817 15.26 22.92 37.24
C THR A 817 16.18 23.91 37.94
N MET A 818 15.89 25.19 37.77
CA MET A 818 16.62 26.26 38.43
C MET A 818 15.63 27.28 38.99
N LEU A 819 16.00 27.89 40.12
CA LEU A 819 15.16 28.85 40.81
C LEU A 819 15.71 30.24 40.55
N VAL A 820 15.05 30.98 39.66
CA VAL A 820 15.49 32.31 39.27
C VAL A 820 14.52 33.36 39.83
N LYS A 821 14.95 34.61 39.82
CA LYS A 821 14.14 35.74 40.24
C LYS A 821 13.65 36.48 39.01
N GLN A 822 12.33 36.49 38.82
CA GLN A 822 11.72 37.25 37.75
C GLN A 822 10.63 38.13 38.35
N GLY A 823 10.54 39.36 37.86
CA GLY A 823 9.63 40.31 38.46
C GLY A 823 10.05 40.68 39.86
N ASP A 824 9.30 40.19 40.86
CA ASP A 824 9.60 40.42 42.26
C ASP A 824 9.80 39.12 43.02
N ASP A 825 9.22 38.02 42.55
CA ASP A 825 9.22 36.76 43.27
C ASP A 825 10.18 35.79 42.58
N TYR A 826 10.28 34.58 43.14
CA TYR A 826 11.16 33.54 42.64
C TYR A 826 10.34 32.40 42.08
N VAL A 827 10.70 31.92 40.89
CA VAL A 827 9.95 30.87 40.20
C VAL A 827 10.92 29.80 39.72
N TYR A 828 10.36 28.64 39.38
CA TYR A 828 11.10 27.51 38.84
C TYR A 828 10.97 27.49 37.33
N LEU A 829 12.09 27.33 36.63
CA LEU A 829 12.12 27.28 35.18
C LEU A 829 12.88 26.04 34.73
N PRO A 830 12.44 25.40 33.65
CA PRO A 830 13.18 24.25 33.11
C PRO A 830 14.15 24.66 32.01
N TYR A 831 15.30 24.01 31.93
CA TYR A 831 16.24 24.25 30.84
C TYR A 831 16.76 22.90 30.34
N PRO A 832 17.02 22.78 29.05
CA PRO A 832 17.50 21.52 28.49
C PRO A 832 19.02 21.39 28.52
N ASP A 833 19.52 20.28 27.99
CA ASP A 833 20.95 20.09 27.82
C ASP A 833 21.43 20.89 26.62
N PRO A 834 22.45 21.73 26.76
CA PRO A 834 22.90 22.54 25.62
C PRO A 834 23.36 21.70 24.43
N SER A 835 23.94 20.54 24.69
CA SER A 835 24.40 19.67 23.62
C SER A 835 23.24 19.21 22.74
N ARG A 836 22.07 18.95 23.34
CA ARG A 836 20.90 18.57 22.56
C ARG A 836 20.47 19.69 21.61
N ILE A 837 20.46 20.93 22.08
CA ILE A 837 20.05 22.06 21.24
C ILE A 837 21.05 22.25 20.11
N LEU A 838 22.35 22.20 20.43
CA LEU A 838 23.35 22.37 19.38
C LEU A 838 23.31 21.24 18.37
N GLY A 839 23.11 20.01 18.82
CA GLY A 839 23.01 18.89 17.91
C GLY A 839 21.80 19.00 17.00
N ALA A 840 20.66 19.46 17.54
CA ALA A 840 19.51 19.74 16.70
C ALA A 840 19.81 20.84 15.68
N GLY A 841 20.63 21.82 16.07
CA GLY A 841 21.02 22.86 15.13
C GLY A 841 21.88 22.34 14.00
N CYS A 842 22.84 21.47 14.31
CA CYS A 842 23.88 21.09 13.34
C CYS A 842 23.56 19.84 12.53
N PHE A 843 22.71 18.94 13.00
CA PHE A 843 22.45 17.69 12.30
C PHE A 843 20.96 17.56 12.01
N VAL A 844 20.63 17.42 10.73
CA VAL A 844 19.25 17.44 10.25
C VAL A 844 19.02 16.36 9.21
N ASP A 845 17.81 16.34 8.64
CA ASP A 845 17.50 15.61 7.40
C ASP A 845 17.49 16.66 6.30
N ASP A 846 17.92 16.27 5.10
CA ASP A 846 18.14 17.22 4.02
C ASP A 846 16.89 18.04 3.71
N ILE A 847 17.11 19.25 3.17
CA ILE A 847 16.13 20.25 2.75
C ILE A 847 15.52 20.93 3.98
N VAL A 848 15.31 20.18 5.07
CA VAL A 848 14.85 20.77 6.31
C VAL A 848 15.84 21.79 6.83
N LYS A 849 17.13 21.62 6.54
CA LYS A 849 18.15 22.60 6.84
C LYS A 849 19.27 22.52 5.82
N THR A 850 20.44 23.05 6.16
CA THR A 850 21.58 23.28 5.28
C THR A 850 21.28 24.46 4.36
N ASP A 851 20.08 25.01 4.49
CA ASP A 851 19.70 26.28 3.89
C ASP A 851 18.72 26.94 4.85
N GLY A 852 19.24 27.79 5.73
CA GLY A 852 18.42 28.32 6.81
C GLY A 852 17.31 29.24 6.31
N THR A 853 17.56 29.94 5.20
CA THR A 853 16.58 30.91 4.72
C THR A 853 15.25 30.25 4.34
N LEU A 854 15.28 28.99 3.91
CA LEU A 854 14.05 28.29 3.58
C LEU A 854 13.19 27.98 4.80
N MET A 855 13.79 27.82 5.98
CA MET A 855 13.03 27.56 7.19
C MET A 855 13.66 28.31 8.37
N ILE A 856 13.15 29.50 8.66
CA ILE A 856 13.68 30.32 9.74
C ILE A 856 12.90 30.02 11.01
N GLU A 857 11.72 29.41 10.86
CA GLU A 857 10.86 29.10 12.00
C GLU A 857 11.35 27.89 12.80
N ARG A 858 12.31 27.13 12.26
CA ARG A 858 12.95 26.10 13.07
C ARG A 858 13.78 26.73 14.18
N PHE A 859 14.60 27.72 13.86
CA PHE A 859 15.47 28.34 14.83
C PHE A 859 14.71 29.18 15.84
N VAL A 860 13.55 29.72 15.46
CA VAL A 860 12.72 30.44 16.43
C VAL A 860 12.24 29.49 17.52
N SER A 861 11.74 28.31 17.14
CA SER A 861 11.33 27.32 18.13
C SER A 861 12.52 26.83 18.94
N LEU A 862 13.66 26.61 18.29
CA LEU A 862 14.84 26.14 19.02
C LEU A 862 15.32 27.17 20.03
N ALA A 863 15.23 28.46 19.71
CA ALA A 863 15.56 29.51 20.65
C ALA A 863 14.51 29.69 21.73
N ILE A 864 13.25 29.38 21.44
CA ILE A 864 12.23 29.35 22.49
C ILE A 864 12.57 28.27 23.51
N ASP A 865 13.00 27.09 23.03
CA ASP A 865 13.35 26.01 23.94
C ASP A 865 14.59 26.33 24.77
N ALA A 866 15.48 27.18 24.25
CA ALA A 866 16.78 27.42 24.86
C ALA A 866 16.86 28.74 25.62
N TYR A 867 15.72 29.41 25.83
CA TYR A 867 15.75 30.71 26.51
C TYR A 867 16.26 30.64 27.95
N PRO A 868 15.75 29.71 28.82
CA PRO A 868 16.11 29.80 30.24
C PRO A 868 17.57 29.53 30.54
N LEU A 869 18.38 29.29 29.51
CA LEU A 869 19.81 29.08 29.70
C LEU A 869 20.56 30.37 30.00
N THR A 870 19.92 31.53 29.89
CA THR A 870 20.57 32.81 30.14
C THR A 870 20.66 33.14 31.62
N LYS A 871 19.95 32.42 32.49
CA LYS A 871 20.01 32.64 33.92
C LYS A 871 20.96 31.66 34.62
N HIS A 872 21.62 30.80 33.86
CA HIS A 872 22.53 29.81 34.41
C HIS A 872 23.84 30.48 34.81
N PRO A 873 24.39 30.14 35.99
CA PRO A 873 25.67 30.73 36.38
C PRO A 873 26.81 30.46 35.42
N ASN A 874 26.80 29.32 34.73
CA ASN A 874 27.82 29.06 33.71
C ASN A 874 27.58 29.96 32.51
N GLN A 875 28.68 30.31 31.81
CA GLN A 875 28.66 31.37 30.82
C GLN A 875 28.36 30.91 29.40
N GLU A 876 28.80 29.71 29.00
CA GLU A 876 28.50 29.25 27.64
C GLU A 876 27.02 28.99 27.44
N TYR A 877 26.31 28.68 28.53
CA TYR A 877 24.90 28.31 28.43
C TYR A 877 24.07 29.48 27.89
N ALA A 878 24.34 30.70 28.36
CA ALA A 878 23.69 31.87 27.80
C ALA A 878 24.19 32.18 26.40
N ASP A 879 25.47 31.90 26.14
CA ASP A 879 26.04 32.10 24.81
C ASP A 879 25.32 31.27 23.76
N VAL A 880 24.75 30.13 24.13
CA VAL A 880 23.96 29.35 23.17
C VAL A 880 22.76 30.17 22.68
N PHE A 881 22.01 30.75 23.61
CA PHE A 881 20.83 31.54 23.24
C PHE A 881 21.23 32.77 22.43
N HIS A 882 22.30 33.45 22.86
CA HIS A 882 22.74 34.62 22.11
C HIS A 882 23.19 34.25 20.69
N LEU A 883 23.89 33.12 20.55
CA LEU A 883 24.30 32.66 19.22
C LEU A 883 23.09 32.37 18.34
N TYR A 884 22.05 31.75 18.91
CA TYR A 884 20.84 31.51 18.13
C TYR A 884 20.20 32.81 17.67
N LEU A 885 20.14 33.81 18.55
CA LEU A 885 19.55 35.09 18.15
C LEU A 885 20.35 35.75 17.02
N GLN A 886 21.68 35.76 17.13
CA GLN A 886 22.49 36.34 16.06
C GLN A 886 22.35 35.58 14.76
N TYR A 887 22.25 34.25 14.81
CA TYR A 887 22.04 33.48 13.59
C TYR A 887 20.69 33.80 12.95
N ILE A 888 19.65 33.99 13.76
CA ILE A 888 18.35 34.36 13.21
C ILE A 888 18.44 35.70 12.49
N ARG A 889 19.09 36.69 13.11
CA ARG A 889 19.24 37.98 12.46
C ARG A 889 20.03 37.86 11.15
N LYS A 890 21.11 37.08 11.17
CA LYS A 890 21.91 36.90 9.97
C LYS A 890 21.10 36.25 8.86
N LEU A 891 20.29 35.25 9.19
CA LEU A 891 19.46 34.59 8.19
C LEU A 891 18.45 35.56 7.59
N HIS A 892 17.82 36.40 8.42
CA HIS A 892 16.87 37.37 7.88
C HIS A 892 17.55 38.36 6.94
N ASP A 893 18.71 38.90 7.35
CA ASP A 893 19.43 39.83 6.49
C ASP A 893 19.84 39.17 5.18
N GLU A 894 20.32 37.93 5.26
CA GLU A 894 20.67 37.18 4.06
C GLU A 894 19.48 37.05 3.13
N LEU A 895 18.32 36.68 3.68
CA LEU A 895 17.14 36.52 2.83
C LEU A 895 16.78 37.82 2.13
N THR A 896 16.70 38.92 2.87
CA THR A 896 16.27 40.18 2.26
C THR A 896 17.25 40.63 1.18
N GLY A 897 18.55 40.68 1.49
CA GLY A 897 19.51 41.12 0.50
C GLY A 897 19.61 40.17 -0.69
N HIS A 898 19.69 38.87 -0.39
CA HIS A 898 19.80 37.81 -1.38
C HIS A 898 18.59 37.75 -2.29
N MET A 899 17.45 38.30 -1.89
CA MET A 899 16.27 38.38 -2.73
C MET A 899 16.16 39.72 -3.45
N LEU A 900 16.70 40.79 -2.86
CA LEU A 900 16.66 42.10 -3.49
C LEU A 900 17.68 42.12 -4.62
N ASP A 901 18.74 41.30 -4.57
CA ASP A 901 19.82 41.45 -5.54
C ASP A 901 19.48 41.02 -6.96
N MET A 902 19.27 39.73 -7.20
CA MET A 902 19.03 39.25 -8.57
C MET A 902 17.64 39.65 -9.06
N TYR A 903 16.62 39.43 -8.24
CA TYR A 903 15.30 39.96 -8.55
C TYR A 903 15.28 41.44 -8.15
N SER A 904 14.12 42.07 -8.21
CA SER A 904 14.05 43.47 -7.83
C SER A 904 12.99 43.69 -6.76
N VAL A 905 12.55 42.61 -6.11
CA VAL A 905 11.56 42.73 -5.06
C VAL A 905 12.21 43.31 -3.81
N MET A 906 11.60 44.36 -3.27
CA MET A 906 12.12 45.05 -2.10
C MET A 906 11.35 44.60 -0.87
N LEU A 907 12.08 44.15 0.15
CA LEU A 907 11.49 43.63 1.38
C LEU A 907 11.48 44.70 2.46
N THR A 908 10.54 44.55 3.39
CA THR A 908 10.41 45.45 4.53
C THR A 908 10.68 44.70 5.82
N ASN A 909 11.11 45.44 6.84
CA ASN A 909 11.46 44.84 8.12
C ASN A 909 10.45 45.21 9.19
N ASP A 910 9.17 45.27 8.81
CA ASP A 910 8.10 45.58 9.76
C ASP A 910 7.87 44.38 10.66
N ASN A 911 7.79 44.64 11.96
CA ASN A 911 7.54 43.66 13.03
C ASN A 911 8.17 42.29 12.74
N THR A 912 9.43 42.35 12.30
CA THR A 912 10.26 41.17 12.13
C THR A 912 11.43 41.18 13.10
N SER A 913 11.86 42.36 13.55
CA SER A 913 12.95 42.47 14.51
C SER A 913 12.59 41.90 15.88
N ARG A 914 11.32 41.60 16.12
CA ARG A 914 10.92 40.99 17.37
C ARG A 914 11.56 39.62 17.59
N TYR A 915 11.99 38.96 16.51
CA TYR A 915 12.52 37.60 16.60
C TYR A 915 13.98 37.53 17.04
N TRP A 916 14.70 38.65 17.03
CA TRP A 916 16.07 38.67 17.52
C TRP A 916 16.23 39.64 18.67
N GLU A 917 15.20 39.79 19.50
CA GLU A 917 15.27 40.51 20.76
C GLU A 917 14.66 39.63 21.84
N PRO A 918 15.18 39.71 23.06
CA PRO A 918 14.81 38.72 24.09
C PRO A 918 13.40 38.86 24.66
N GLU A 919 12.71 39.97 24.39
CA GLU A 919 11.39 40.19 24.98
C GLU A 919 10.31 39.30 24.38
N PHE A 920 10.47 38.85 23.13
CA PHE A 920 9.51 37.92 22.55
C PHE A 920 9.59 36.55 23.23
N TYR A 921 10.78 36.14 23.65
CA TYR A 921 10.99 34.85 24.27
C TYR A 921 10.80 34.88 25.79
N GLU A 922 11.03 36.02 26.42
CA GLU A 922 10.82 36.14 27.85
C GLU A 922 9.35 36.02 28.23
N ALA A 923 8.43 36.35 27.32
CA ALA A 923 7.01 36.34 27.61
C ALA A 923 6.40 34.94 27.62
N MET A 924 7.15 33.93 27.17
CA MET A 924 6.64 32.57 27.16
C MET A 924 6.79 31.86 28.50
N TYR A 925 7.49 32.45 29.46
CA TYR A 925 7.71 31.86 30.76
C TYR A 925 7.15 32.71 31.89
N THR A 926 6.29 33.67 31.57
CA THR A 926 5.65 34.56 32.53
C THR A 926 4.17 34.24 32.61
N PRO A 927 3.62 34.05 33.81
CA PRO A 927 2.24 33.59 33.92
C PRO A 927 1.25 34.64 33.42
N HIS A 928 0.88 34.52 32.15
CA HIS A 928 -0.30 35.18 31.61
C HIS A 928 -0.82 34.45 30.38
N THR A 929 -1.92 33.72 30.54
CA THR A 929 -2.36 32.79 29.51
C THR A 929 -3.65 33.22 28.82
N VAL A 930 -1.08 33.63 26.59
CA VAL A 930 -1.94 34.16 25.53
C VAL A 930 -2.08 33.12 24.42
N LEU A 931 -2.99 33.38 23.48
CA LEU A 931 -3.44 32.39 22.49
C LEU A 931 -3.91 31.12 23.19
N PHE B 6 -24.91 41.98 -10.94
CA PHE B 6 -24.65 43.13 -10.08
C PHE B 6 -25.05 44.43 -10.77
N SER B 7 -25.43 44.32 -12.05
CA SER B 7 -25.84 45.48 -12.84
C SER B 7 -27.21 45.34 -13.46
N SER B 8 -27.81 44.16 -13.43
CA SER B 8 -29.13 43.92 -14.03
C SER B 8 -30.09 43.36 -12.98
N LEU B 9 -30.00 43.87 -11.75
CA LEU B 9 -30.88 43.45 -10.67
C LEU B 9 -32.28 43.99 -10.92
N PRO B 10 -33.33 43.38 -10.35
CA PRO B 10 -34.70 43.84 -10.63
C PRO B 10 -34.96 45.28 -10.24
N SER B 11 -34.34 45.75 -9.15
CA SER B 11 -34.53 47.12 -8.71
C SER B 11 -33.60 48.10 -9.39
N TYR B 12 -32.64 47.61 -10.17
CA TYR B 12 -31.66 48.49 -10.80
C TYR B 12 -32.34 49.45 -11.79
N ALA B 13 -33.30 48.95 -12.57
CA ALA B 13 -33.98 49.79 -13.54
C ALA B 13 -34.68 50.95 -12.85
N ALA B 14 -35.47 50.64 -11.81
CA ALA B 14 -36.20 51.68 -11.09
C ALA B 14 -35.24 52.66 -10.44
N PHE B 15 -34.19 52.16 -9.80
CA PHE B 15 -33.23 53.03 -9.10
C PHE B 15 -32.54 53.97 -10.09
N ALA B 16 -32.06 53.43 -11.21
CA ALA B 16 -31.35 54.25 -12.18
C ALA B 16 -32.27 55.26 -12.84
N THR B 17 -33.50 54.86 -13.19
CA THR B 17 -34.43 55.79 -13.80
C THR B 17 -34.80 56.91 -12.85
N ALA B 18 -35.07 56.58 -11.58
CA ALA B 18 -35.37 57.61 -10.59
C ALA B 18 -34.18 58.55 -10.39
N GLN B 19 -32.96 58.01 -10.33
CA GLN B 19 -31.78 58.86 -10.18
C GLN B 19 -31.61 59.79 -11.36
N GLU B 20 -31.79 59.27 -12.59
CA GLU B 20 -31.66 60.10 -13.78
C GLU B 20 -32.70 61.20 -13.80
N ALA B 21 -33.95 60.87 -13.50
CA ALA B 21 -35.02 61.88 -13.50
C ALA B 21 -34.78 62.93 -12.44
N TYR B 22 -34.37 62.50 -11.23
CA TYR B 22 -34.13 63.45 -10.15
C TYR B 22 -32.98 64.38 -10.48
N GLU B 23 -31.89 63.83 -11.03
CA GLU B 23 -30.76 64.68 -11.37
C GLU B 23 -31.05 65.59 -12.55
N GLN B 24 -31.90 65.17 -13.49
CA GLN B 24 -32.35 66.08 -14.54
C GLN B 24 -33.17 67.23 -13.94
N ALA B 25 -34.04 66.92 -12.98
CA ALA B 25 -34.80 67.97 -12.31
C ALA B 25 -33.87 68.92 -11.57
N VAL B 26 -32.83 68.39 -10.94
CA VAL B 26 -31.85 69.24 -10.26
C VAL B 26 -31.12 70.13 -11.25
N ALA B 27 -30.69 69.59 -12.38
CA ALA B 27 -30.03 70.36 -13.43
C ALA B 27 -30.97 71.36 -14.08
N ASN B 28 -32.28 71.19 -13.93
CA ASN B 28 -33.24 72.17 -14.40
C ASN B 28 -33.28 73.44 -13.55
N GLY B 29 -32.66 73.42 -12.38
CA GLY B 29 -32.66 74.58 -11.51
C GLY B 29 -34.02 74.97 -10.98
N ASP B 30 -34.79 74.01 -10.50
CA ASP B 30 -36.15 74.25 -10.03
C ASP B 30 -36.10 74.66 -8.56
N SER B 31 -37.21 74.73 -7.83
CA SER B 31 -37.21 75.22 -6.46
C SER B 31 -36.62 74.16 -5.51
N GLU B 32 -36.64 74.49 -4.22
CA GLU B 32 -36.11 73.61 -3.20
C GLU B 32 -37.00 72.41 -2.90
N VAL B 33 -38.30 72.50 -3.20
CA VAL B 33 -39.20 71.38 -2.96
C VAL B 33 -38.81 70.20 -3.85
N VAL B 34 -38.48 70.47 -5.11
CA VAL B 34 -38.05 69.40 -6.00
C VAL B 34 -36.74 68.80 -5.51
N LEU B 35 -35.88 69.62 -4.89
CA LEU B 35 -34.63 69.10 -4.35
C LEU B 35 -34.88 68.18 -3.15
N LYS B 36 -35.81 68.57 -2.28
CA LYS B 36 -36.16 67.72 -1.14
C LYS B 36 -36.76 66.40 -1.61
N LYS B 37 -37.65 66.48 -2.61
CA LYS B 37 -38.23 65.25 -3.16
C LYS B 37 -37.15 64.37 -3.79
N LEU B 38 -36.22 64.99 -4.52
CA LEU B 38 -35.07 64.27 -5.06
C LEU B 38 -34.32 63.53 -3.97
N LYS B 39 -33.98 64.23 -2.90
CA LYS B 39 -33.19 63.63 -1.83
C LYS B 39 -33.93 62.47 -1.19
N LYS B 40 -35.23 62.65 -0.88
CA LYS B 40 -35.99 61.58 -0.25
C LYS B 40 -36.10 60.37 -1.17
N SER B 41 -36.44 60.59 -2.45
CA SER B 41 -36.63 59.49 -3.37
C SER B 41 -35.32 58.74 -3.59
N LEU B 42 -34.21 59.45 -3.76
CA LEU B 42 -32.93 58.78 -3.97
C LEU B 42 -32.47 58.05 -2.72
N ASN B 43 -32.72 58.61 -1.54
CA ASN B 43 -32.35 57.93 -0.31
C ASN B 43 -33.11 56.61 -0.16
N VAL B 44 -34.43 56.64 -0.37
CA VAL B 44 -35.19 55.40 -0.25
C VAL B 44 -34.83 54.42 -1.36
N ALA B 45 -34.50 54.91 -2.56
CA ALA B 45 -34.12 54.03 -3.65
C ALA B 45 -32.82 53.31 -3.34
N LYS B 46 -31.81 54.03 -2.85
CA LYS B 46 -30.57 53.38 -2.47
C LYS B 46 -30.78 52.43 -1.29
N SER B 47 -31.65 52.80 -0.36
CA SER B 47 -31.93 51.93 0.78
C SER B 47 -32.54 50.60 0.32
N GLU B 48 -33.44 50.66 -0.67
CA GLU B 48 -34.06 49.42 -1.15
C GLU B 48 -33.10 48.64 -2.04
N PHE B 49 -32.19 49.34 -2.73
CA PHE B 49 -31.18 48.63 -3.52
C PHE B 49 -30.17 47.92 -2.63
N ASP B 50 -29.97 48.40 -1.41
CA ASP B 50 -28.96 47.83 -0.52
C ASP B 50 -29.19 46.35 -0.22
N ARG B 51 -30.38 45.99 0.25
CA ARG B 51 -30.62 44.58 0.56
C ARG B 51 -30.66 43.72 -0.69
N ASP B 52 -31.17 44.26 -1.80
CA ASP B 52 -31.15 43.52 -3.05
C ASP B 52 -29.73 43.27 -3.54
N ALA B 53 -28.76 44.10 -3.13
CA ALA B 53 -27.36 43.88 -3.49
C ALA B 53 -26.62 43.02 -2.46
N ALA B 54 -27.18 42.88 -1.26
CA ALA B 54 -26.51 42.08 -0.23
C ALA B 54 -26.98 40.62 -0.19
N MET B 55 -28.30 40.41 -0.23
CA MET B 55 -28.85 39.07 -0.14
C MET B 55 -28.41 38.19 -1.30
N GLN B 56 -28.36 38.73 -2.51
CA GLN B 56 -27.92 37.96 -3.67
C GLN B 56 -26.49 37.47 -3.49
N ARG B 57 -25.60 38.35 -3.02
CA ARG B 57 -24.22 37.97 -2.78
C ARG B 57 -24.10 36.92 -1.69
N LYS B 58 -24.93 36.99 -0.65
CA LYS B 58 -24.93 35.89 0.33
C LYS B 58 -25.36 34.57 -0.29
N LEU B 59 -26.42 34.60 -1.10
CA LEU B 59 -26.96 33.37 -1.68
C LEU B 59 -25.97 32.71 -2.63
N GLU B 60 -25.24 33.49 -3.43
CA GLU B 60 -24.29 32.89 -4.36
C GLU B 60 -23.20 32.11 -3.63
N LYS B 61 -22.67 32.68 -2.53
CA LYS B 61 -21.64 31.98 -1.77
C LYS B 61 -22.20 30.74 -1.11
N MET B 62 -23.44 30.78 -0.63
CA MET B 62 -24.06 29.58 -0.07
C MET B 62 -24.14 28.47 -1.13
N ALA B 63 -24.59 28.83 -2.33
CA ALA B 63 -24.70 27.85 -3.41
C ALA B 63 -23.34 27.25 -3.78
N ASP B 64 -22.32 28.10 -3.84
CA ASP B 64 -20.98 27.61 -4.18
C ASP B 64 -20.48 26.62 -3.12
N GLN B 65 -20.68 26.92 -1.84
CA GLN B 65 -20.27 25.99 -0.80
C GLN B 65 -21.01 24.65 -0.93
N ALA B 66 -22.31 24.70 -1.21
CA ALA B 66 -23.07 23.46 -1.40
C ALA B 66 -22.51 22.63 -2.55
N MET B 67 -22.20 23.29 -3.67
CA MET B 67 -21.64 22.57 -4.81
C MET B 67 -20.32 21.91 -4.46
N THR B 68 -19.44 22.64 -3.77
CA THR B 68 -18.14 22.07 -3.42
C THR B 68 -18.30 20.85 -2.52
N GLN B 69 -19.20 20.93 -1.52
CA GLN B 69 -19.39 19.80 -0.62
C GLN B 69 -19.92 18.58 -1.35
N MET B 70 -20.88 18.77 -2.26
CA MET B 70 -21.40 17.61 -2.98
C MET B 70 -20.35 17.00 -3.92
N TYR B 71 -19.50 17.83 -4.53
CA TYR B 71 -18.43 17.29 -5.37
C TYR B 71 -17.48 16.42 -4.56
N LYS B 72 -17.07 16.91 -3.39
CA LYS B 72 -16.14 16.11 -2.58
C LYS B 72 -16.80 14.83 -2.09
N GLN B 73 -18.10 14.86 -1.81
CA GLN B 73 -18.81 13.62 -1.46
C GLN B 73 -18.76 12.61 -2.59
N ALA B 74 -18.98 13.07 -3.84
CA ALA B 74 -18.92 12.16 -4.97
C ALA B 74 -17.52 11.55 -5.12
N ARG B 75 -16.48 12.37 -4.95
CA ARG B 75 -15.12 11.83 -5.03
C ARG B 75 -14.87 10.77 -3.96
N SER B 76 -15.35 11.01 -2.74
CA SER B 76 -15.19 10.02 -1.68
C SER B 76 -15.87 8.71 -2.03
N GLU B 77 -17.07 8.78 -2.61
CA GLU B 77 -17.76 7.56 -3.01
C GLU B 77 -16.97 6.78 -4.07
N ASP B 78 -16.41 7.49 -5.05
CA ASP B 78 -15.62 6.81 -6.08
C ASP B 78 -14.42 6.09 -5.45
N LYS B 79 -13.73 6.78 -4.53
CA LYS B 79 -12.58 6.15 -3.87
C LYS B 79 -13.01 4.91 -3.08
N ARG B 80 -14.15 4.97 -2.40
CA ARG B 80 -14.64 3.80 -1.67
C ARG B 80 -14.88 2.63 -2.61
N ALA B 81 -15.51 2.89 -3.75
CA ALA B 81 -15.77 1.80 -4.70
C ALA B 81 -14.48 1.14 -5.16
N LYS B 82 -13.47 1.96 -5.50
CA LYS B 82 -12.22 1.36 -5.97
C LYS B 82 -11.48 0.59 -4.89
N VAL B 83 -11.51 1.06 -3.64
CA VAL B 83 -10.85 0.30 -2.58
C VAL B 83 -11.57 -1.01 -2.31
N THR B 84 -12.90 -1.03 -2.42
CA THR B 84 -13.65 -2.27 -2.28
C THR B 84 -13.24 -3.27 -3.35
N SER B 85 -13.13 -2.80 -4.60
CA SER B 85 -12.71 -3.69 -5.68
C SER B 85 -11.32 -4.26 -5.41
N ALA B 86 -10.39 -3.41 -4.96
CA ALA B 86 -9.04 -3.88 -4.69
C ALA B 86 -9.02 -4.95 -3.59
N MET B 87 -9.76 -4.74 -2.51
CA MET B 87 -9.77 -5.73 -1.44
C MET B 87 -10.36 -7.06 -1.91
N GLN B 88 -11.46 -6.99 -2.68
CA GLN B 88 -12.04 -8.22 -3.20
C GLN B 88 -11.05 -8.98 -4.08
N THR B 89 -10.35 -8.25 -4.95
CA THR B 89 -9.37 -8.89 -5.83
C THR B 89 -8.26 -9.54 -5.02
N MET B 90 -7.76 -8.86 -3.98
CA MET B 90 -6.68 -9.44 -3.18
C MET B 90 -7.14 -10.73 -2.50
N LEU B 91 -8.34 -10.72 -1.91
CA LEU B 91 -8.81 -11.91 -1.23
C LEU B 91 -8.99 -13.08 -2.21
N PHE B 92 -9.63 -12.83 -3.35
CA PHE B 92 -9.88 -13.93 -4.28
C PHE B 92 -8.58 -14.41 -4.94
N THR B 93 -7.57 -13.54 -5.04
CA THR B 93 -6.28 -13.98 -5.54
C THR B 93 -5.53 -14.85 -4.54
N MET B 94 -5.50 -14.46 -3.26
CA MET B 94 -4.82 -15.28 -2.27
C MET B 94 -5.58 -16.56 -1.94
N LEU B 95 -6.86 -16.64 -2.31
CA LEU B 95 -7.61 -17.88 -2.09
C LEU B 95 -7.03 -19.07 -2.86
N ARG B 96 -6.46 -18.82 -4.04
CA ARG B 96 -6.15 -19.88 -5.00
C ARG B 96 -4.90 -20.68 -4.67
N LYS B 97 -4.38 -20.59 -3.44
CA LYS B 97 -3.18 -21.33 -3.06
C LYS B 97 -3.36 -22.15 -1.79
N LEU B 98 -4.59 -22.61 -1.51
CA LEU B 98 -4.87 -23.22 -0.21
C LEU B 98 -4.54 -24.70 -0.15
N ASP B 99 -4.21 -25.35 -1.27
CA ASP B 99 -3.89 -26.78 -1.28
C ASP B 99 -5.03 -27.57 -0.69
N ASN B 100 -6.18 -27.59 -1.38
CA ASN B 100 -7.46 -27.94 -0.78
C ASN B 100 -7.65 -29.44 -0.56
N ASP B 101 -6.59 -30.24 -0.61
CA ASP B 101 -6.70 -31.64 -0.24
C ASP B 101 -6.07 -31.98 1.09
N ALA B 102 -4.86 -31.46 1.37
CA ALA B 102 -4.27 -31.65 2.69
C ALA B 102 -5.02 -30.86 3.74
N LEU B 103 -5.44 -29.64 3.40
CA LEU B 103 -6.23 -28.83 4.33
C LEU B 103 -7.53 -29.52 4.67
N ASN B 104 -8.22 -30.06 3.65
CA ASN B 104 -9.44 -30.82 3.89
C ASN B 104 -9.17 -32.08 4.69
N ASN B 105 -8.04 -32.75 4.45
CA ASN B 105 -7.70 -33.95 5.18
C ASN B 105 -7.46 -33.69 6.66
N ILE B 106 -6.83 -32.58 7.02
CA ILE B 106 -6.63 -32.26 8.43
C ILE B 106 -7.83 -31.57 9.07
N ILE B 107 -8.70 -30.93 8.28
CA ILE B 107 -9.89 -30.32 8.85
C ILE B 107 -10.89 -31.39 9.29
N ASN B 108 -11.07 -32.42 8.46
CA ASN B 108 -12.04 -33.47 8.76
C ASN B 108 -11.65 -34.28 9.98
N ASN B 109 -10.36 -34.36 10.31
CA ASN B 109 -9.93 -35.10 11.49
C ASN B 109 -10.29 -34.37 12.79
N ALA B 110 -10.53 -33.06 12.73
CA ALA B 110 -10.93 -32.32 13.92
C ALA B 110 -12.33 -32.75 14.36
N ARG B 111 -12.53 -32.74 15.68
CA ARG B 111 -13.77 -33.21 16.27
C ARG B 111 -14.93 -32.24 16.11
N ASP B 112 -14.66 -30.97 15.83
CA ASP B 112 -15.75 -30.04 15.56
C ASP B 112 -15.47 -29.08 14.41
N GLY B 113 -14.34 -29.20 13.71
CA GLY B 113 -14.01 -28.31 12.62
C GLY B 113 -13.05 -27.20 12.96
N CYS B 114 -12.68 -27.03 14.23
CA CYS B 114 -11.77 -25.98 14.65
C CYS B 114 -10.37 -26.55 14.89
N VAL B 115 -9.38 -25.85 14.37
CA VAL B 115 -7.97 -26.24 14.54
C VAL B 115 -7.14 -24.99 14.84
N PRO B 116 -6.05 -25.11 15.57
CA PRO B 116 -5.16 -23.95 15.78
C PRO B 116 -4.55 -23.49 14.46
N LEU B 117 -4.33 -22.18 14.36
CA LEU B 117 -3.77 -21.61 13.15
C LEU B 117 -2.28 -21.89 13.00
N ASN B 118 -1.57 -22.14 14.11
CA ASN B 118 -0.13 -22.31 14.07
C ASN B 118 0.30 -23.65 13.49
N ILE B 119 -0.62 -24.59 13.26
CA ILE B 119 -0.27 -25.91 12.77
C ILE B 119 -0.71 -26.12 11.33
N ILE B 120 -1.27 -25.09 10.70
CA ILE B 120 -1.69 -25.22 9.30
C ILE B 120 -0.47 -25.13 8.39
N PRO B 121 0.39 -24.10 8.48
CA PRO B 121 1.63 -24.14 7.70
C PRO B 121 2.55 -25.27 8.08
N LEU B 122 2.47 -25.74 9.33
CA LEU B 122 3.38 -26.79 9.79
C LEU B 122 3.06 -28.14 9.17
N THR B 123 1.83 -28.36 8.70
CA THR B 123 1.43 -29.66 8.17
C THR B 123 0.90 -29.61 6.74
N THR B 124 0.66 -28.43 6.17
CA THR B 124 0.14 -28.35 4.81
C THR B 124 0.99 -27.55 3.85
N ALA B 125 2.02 -26.85 4.31
CA ALA B 125 2.83 -26.04 3.41
C ALA B 125 3.67 -26.91 2.49
N ALA B 126 3.95 -26.39 1.31
CA ALA B 126 4.74 -27.08 0.30
C ALA B 126 6.19 -26.64 0.26
N LYS B 127 6.50 -25.44 0.74
CA LYS B 127 7.84 -24.89 0.69
C LYS B 127 8.29 -24.48 2.09
N LEU B 128 9.59 -24.59 2.34
CA LEU B 128 10.19 -24.24 3.61
C LEU B 128 11.37 -23.31 3.38
N MET B 129 11.48 -22.28 4.23
CA MET B 129 12.55 -21.31 4.16
C MET B 129 13.29 -21.28 5.49
N VAL B 130 14.62 -21.37 5.44
CA VAL B 130 15.47 -21.39 6.62
C VAL B 130 16.49 -20.27 6.52
N VAL B 131 16.65 -19.52 7.61
CA VAL B 131 17.63 -18.44 7.71
C VAL B 131 18.70 -18.88 8.69
N ILE B 132 19.96 -18.85 8.27
CA ILE B 132 21.06 -19.42 9.02
C ILE B 132 22.03 -18.30 9.39
N PRO B 133 22.32 -18.10 10.69
CA PRO B 133 23.28 -17.05 11.07
C PRO B 133 24.71 -17.33 10.66
N ASP B 134 25.23 -18.51 11.00
CA ASP B 134 26.63 -18.83 10.78
C ASP B 134 26.77 -20.29 10.37
N TYR B 135 28.01 -20.75 10.21
CA TYR B 135 28.30 -22.10 9.72
C TYR B 135 28.07 -23.16 10.79
N ASN B 136 28.35 -22.84 12.06
CA ASN B 136 28.14 -23.80 13.12
C ASN B 136 26.67 -24.17 13.22
N THR B 137 25.78 -23.18 13.12
CA THR B 137 24.35 -23.46 13.08
C THR B 137 23.96 -24.19 11.80
N TYR B 138 24.62 -23.87 10.68
CA TYR B 138 24.28 -24.50 9.40
C TYR B 138 24.56 -26.00 9.43
N LYS B 139 25.71 -26.40 9.97
CA LYS B 139 26.08 -27.81 9.95
C LYS B 139 25.27 -28.65 10.92
N ASN B 140 24.46 -28.03 11.78
CA ASN B 140 23.59 -28.75 12.70
C ASN B 140 22.13 -28.78 12.24
N THR B 141 21.77 -28.01 11.22
CA THR B 141 20.36 -27.93 10.83
C THR B 141 20.12 -28.51 9.42
N CYS B 142 20.83 -28.00 8.42
CA CYS B 142 20.55 -28.38 7.04
C CYS B 142 21.78 -28.94 6.34
N ASP B 143 22.58 -29.74 7.04
CA ASP B 143 23.76 -30.35 6.45
C ASP B 143 23.35 -31.37 5.39
N GLY B 144 24.09 -31.40 4.28
CA GLY B 144 23.82 -32.34 3.22
C GLY B 144 22.88 -31.79 2.16
N THR B 145 22.07 -32.67 1.57
CA THR B 145 21.11 -32.27 0.55
C THR B 145 19.66 -32.49 0.98
N THR B 146 19.41 -33.40 1.93
CA THR B 146 18.08 -33.61 2.49
C THR B 146 18.19 -33.65 4.00
N PHE B 147 17.24 -33.00 4.67
CA PHE B 147 17.20 -32.94 6.13
C PHE B 147 15.77 -33.18 6.60
N THR B 148 15.62 -33.38 7.90
CA THR B 148 14.32 -33.66 8.51
C THR B 148 13.97 -32.55 9.48
N TYR B 149 12.75 -32.05 9.39
CA TYR B 149 12.25 -31.04 10.31
C TYR B 149 10.74 -31.14 10.37
N ALA B 150 10.18 -30.95 11.56
CA ALA B 150 8.74 -31.04 11.80
C ALA B 150 8.17 -32.39 11.37
N SER B 151 8.90 -33.46 11.64
CA SER B 151 8.48 -34.83 11.34
C SER B 151 8.17 -35.00 9.85
N ALA B 152 9.01 -34.40 9.01
CA ALA B 152 8.87 -34.50 7.56
C ALA B 152 10.26 -34.46 6.95
N LEU B 153 10.35 -34.84 5.67
CA LEU B 153 11.61 -34.87 4.94
C LEU B 153 11.59 -33.78 3.89
N TRP B 154 12.62 -32.94 3.89
CA TRP B 154 12.76 -31.86 2.93
C TRP B 154 14.07 -32.03 2.15
N GLU B 155 14.05 -31.59 0.89
CA GLU B 155 15.25 -31.64 0.06
C GLU B 155 15.52 -30.24 -0.48
N ILE B 156 16.79 -29.84 -0.43
CA ILE B 156 17.20 -28.48 -0.76
C ILE B 156 16.98 -28.21 -2.25
N GLN B 157 16.64 -26.97 -2.58
CA GLN B 157 16.34 -26.60 -3.96
C GLN B 157 17.20 -25.42 -4.42
N GLN B 158 17.60 -24.57 -3.48
CA GLN B 158 18.35 -23.37 -3.80
C GLN B 158 18.88 -22.75 -2.52
N VAL B 159 20.03 -22.08 -2.63
CA VAL B 159 20.63 -21.36 -1.51
C VAL B 159 21.12 -20.00 -2.01
N VAL B 160 20.67 -18.93 -1.36
CA VAL B 160 21.12 -17.58 -1.69
C VAL B 160 21.73 -16.94 -0.45
N ASP B 161 22.29 -15.74 -0.60
CA ASP B 161 22.93 -15.04 0.50
C ASP B 161 22.17 -13.74 0.76
N ALA B 162 22.73 -12.91 1.66
CA ALA B 162 22.09 -11.66 2.02
C ALA B 162 21.95 -10.70 0.85
N ASP B 163 22.79 -10.84 -0.18
CA ASP B 163 22.69 -10.01 -1.38
C ASP B 163 21.84 -10.63 -2.47
N SER B 164 21.18 -11.75 -2.18
CA SER B 164 20.30 -12.44 -3.13
C SER B 164 21.08 -12.91 -4.36
N LYS B 165 22.18 -13.61 -4.15
CA LYS B 165 22.96 -14.20 -5.22
C LYS B 165 23.11 -15.69 -4.95
N ILE B 166 23.09 -16.50 -6.02
CA ILE B 166 23.10 -17.95 -5.91
C ILE B 166 24.40 -18.44 -5.27
N VAL B 167 24.29 -19.40 -4.36
CA VAL B 167 25.43 -20.00 -3.70
C VAL B 167 25.31 -21.51 -3.80
N GLN B 168 26.38 -22.16 -4.26
CA GLN B 168 26.42 -23.61 -4.40
C GLN B 168 26.91 -24.25 -3.12
N LEU B 169 26.36 -25.43 -2.80
CA LEU B 169 26.69 -26.11 -1.56
C LEU B 169 28.14 -26.57 -1.49
N SER B 170 28.84 -26.64 -2.63
CA SER B 170 30.23 -27.08 -2.63
C SER B 170 31.17 -26.07 -1.98
N GLU B 171 30.75 -24.81 -1.84
CA GLU B 171 31.59 -23.78 -1.25
C GLU B 171 31.14 -23.32 0.13
N ILE B 172 30.13 -23.97 0.71
CA ILE B 172 29.77 -23.70 2.10
C ILE B 172 30.59 -24.63 2.99
N SER B 173 31.80 -24.22 3.31
CA SER B 173 32.70 -25.02 4.13
C SER B 173 33.22 -24.19 5.30
N MET B 174 34.01 -24.83 6.16
CA MET B 174 34.60 -24.13 7.30
C MET B 174 35.69 -23.15 6.88
N ASP B 175 36.50 -23.51 5.88
CA ASP B 175 37.56 -22.62 5.42
C ASP B 175 37.00 -21.44 4.64
N ASN B 176 36.01 -21.69 3.79
CA ASN B 176 35.45 -20.66 2.93
C ASN B 176 34.31 -19.88 3.58
N SER B 177 34.01 -20.15 4.87
CA SER B 177 32.93 -19.45 5.54
C SER B 177 33.12 -17.93 5.57
N PRO B 178 34.31 -17.38 5.88
CA PRO B 178 34.41 -15.92 6.03
C PRO B 178 34.37 -15.15 4.72
N ASN B 179 33.99 -15.80 3.62
CA ASN B 179 33.91 -15.13 2.32
C ASN B 179 32.48 -15.03 1.79
N LEU B 180 31.48 -15.19 2.64
CA LEU B 180 30.08 -15.16 2.23
C LEU B 180 29.29 -14.16 3.06
N ALA B 181 28.33 -13.49 2.42
CA ALA B 181 27.35 -12.72 3.17
C ALA B 181 26.45 -13.68 3.94
N TRP B 182 26.71 -13.80 5.24
CA TRP B 182 26.33 -15.00 5.98
C TRP B 182 24.84 -15.23 6.21
N PRO B 183 23.97 -14.22 6.28
CA PRO B 183 22.54 -14.54 6.48
C PRO B 183 21.98 -15.30 5.29
N LEU B 184 22.35 -16.58 5.19
CA LEU B 184 21.97 -17.44 4.09
C LEU B 184 20.51 -17.86 4.22
N ILE B 185 19.85 -18.04 3.07
CA ILE B 185 18.45 -18.44 3.03
C ILE B 185 18.37 -19.72 2.21
N VAL B 186 17.85 -20.78 2.82
CA VAL B 186 17.75 -22.08 2.18
C VAL B 186 16.29 -22.38 1.86
N THR B 187 16.05 -22.86 0.65
CA THR B 187 14.70 -23.19 0.17
C THR B 187 14.64 -24.68 -0.11
N ALA B 188 13.61 -25.34 0.39
CA ALA B 188 13.43 -26.78 0.23
C ALA B 188 11.98 -27.09 -0.14
N LEU B 189 11.78 -28.33 -0.59
CA LEU B 189 10.46 -28.83 -0.95
C LEU B 189 10.15 -30.06 -0.11
N ARG B 190 8.86 -30.25 0.17
CA ARG B 190 8.40 -31.42 0.90
C ARG B 190 8.61 -32.66 0.04
N ALA B 191 9.20 -33.70 0.61
CA ALA B 191 9.50 -34.91 -0.13
C ALA B 191 8.35 -35.92 0.00
N ASN B 192 7.89 -36.40 -1.15
CA ASN B 192 6.89 -37.46 -1.23
C ASN B 192 5.53 -37.06 -0.69
N SER C 1 38.53 21.11 19.29
CA SER C 1 38.08 21.56 17.97
C SER C 1 38.58 20.62 16.89
N LYS C 2 39.62 19.86 17.21
CA LYS C 2 40.16 18.86 16.28
C LYS C 2 39.40 17.54 16.32
N MET C 3 38.44 17.40 17.24
CA MET C 3 37.66 16.18 17.36
C MET C 3 36.28 16.31 16.71
N SER C 4 35.59 17.42 16.99
CA SER C 4 34.33 17.69 16.31
C SER C 4 34.51 17.80 14.81
N ASP C 5 35.65 18.34 14.36
CA ASP C 5 35.92 18.41 12.94
C ASP C 5 35.97 17.02 12.32
N VAL C 6 36.66 16.08 12.98
CA VAL C 6 36.76 14.74 12.42
C VAL C 6 35.41 14.02 12.49
N LYS C 7 34.60 14.29 13.52
CA LYS C 7 33.27 13.67 13.56
C LYS C 7 32.38 14.18 12.42
N CYS C 8 32.40 15.49 12.17
CA CYS C 8 31.62 16.03 11.06
C CYS C 8 32.13 15.50 9.72
N THR C 9 33.45 15.40 9.55
CA THR C 9 34.01 14.84 8.33
C THR C 9 33.60 13.39 8.15
N SER C 10 33.57 12.61 9.24
CA SER C 10 33.12 11.23 9.15
C SER C 10 31.66 11.14 8.75
N VAL C 11 30.80 12.01 9.27
CA VAL C 11 29.40 12.01 8.88
C VAL C 11 29.27 12.29 7.38
N VAL C 12 29.99 13.31 6.91
CA VAL C 12 29.93 13.65 5.48
C VAL C 12 30.45 12.51 4.63
N LEU C 13 31.53 11.86 5.06
CA LEU C 13 32.11 10.75 4.31
C LEU C 13 31.13 9.58 4.22
N LEU C 14 30.45 9.27 5.33
CA LEU C 14 29.47 8.19 5.28
C LEU C 14 28.31 8.54 4.36
N SER C 15 27.87 9.79 4.36
CA SER C 15 26.83 10.20 3.42
C SER C 15 27.28 10.02 1.97
N VAL C 16 28.51 10.43 1.67
CA VAL C 16 29.04 10.30 0.30
C VAL C 16 29.12 8.82 -0.08
N LEU C 17 29.60 7.98 0.84
CA LEU C 17 29.68 6.55 0.56
C LEU C 17 28.31 5.94 0.32
N GLN C 18 27.31 6.35 1.11
CA GLN C 18 25.96 5.84 0.90
C GLN C 18 25.39 6.28 -0.44
N GLN C 19 25.75 7.48 -0.92
CA GLN C 19 25.24 7.94 -2.20
C GLN C 19 25.74 7.08 -3.36
N LEU C 20 26.86 6.38 -3.20
CA LEU C 20 27.45 5.60 -4.27
C LEU C 20 26.98 4.15 -4.28
N ARG C 21 25.84 3.84 -3.69
CA ARG C 21 25.26 2.50 -3.67
C ARG C 21 26.24 1.49 -3.08
N VAL C 22 26.71 1.80 -1.87
CA VAL C 22 27.59 0.89 -1.14
C VAL C 22 26.81 -0.14 -0.33
N GLU C 23 25.62 0.19 0.15
CA GLU C 23 24.81 -0.72 0.93
C GLU C 23 24.26 -1.89 0.13
N SER C 24 24.64 -2.02 -1.15
CA SER C 24 24.32 -3.18 -1.96
C SER C 24 25.31 -4.31 -1.76
N SER C 25 26.27 -4.12 -0.83
CA SER C 25 27.25 -5.12 -0.42
C SER C 25 27.21 -5.13 1.11
N SER C 26 26.64 -6.21 1.66
CA SER C 26 26.33 -6.24 3.09
C SER C 26 27.57 -6.15 3.96
N LYS C 27 28.65 -6.86 3.60
CA LYS C 27 29.86 -6.84 4.43
C LYS C 27 30.51 -5.47 4.46
N LEU C 28 30.67 -4.84 3.29
CA LEU C 28 31.28 -3.52 3.22
C LEU C 28 30.44 -2.50 3.97
N TRP C 29 29.11 -2.55 3.79
CA TRP C 29 28.25 -1.61 4.48
C TRP C 29 28.29 -1.81 5.99
N ALA C 30 28.34 -3.06 6.45
CA ALA C 30 28.44 -3.31 7.88
C ALA C 30 29.75 -2.77 8.45
N GLN C 31 30.86 -2.99 7.75
CA GLN C 31 32.14 -2.46 8.22
C GLN C 31 32.13 -0.94 8.26
N CYS C 32 31.58 -0.31 7.22
CA CYS C 32 31.52 1.16 7.18
C CYS C 32 30.65 1.70 8.31
N VAL C 33 29.51 1.07 8.56
CA VAL C 33 28.63 1.52 9.63
C VAL C 33 29.31 1.36 10.98
N GLN C 34 30.02 0.25 11.19
CA GLN C 34 30.72 0.05 12.45
C GLN C 34 31.79 1.13 12.66
N LEU C 35 32.57 1.42 11.61
CA LEU C 35 33.60 2.45 11.73
C LEU C 35 32.99 3.81 12.03
N HIS C 36 31.92 4.17 11.31
CA HIS C 36 31.30 5.48 11.50
C HIS C 36 30.72 5.62 12.90
N ASN C 37 30.06 4.56 13.40
CA ASN C 37 29.52 4.61 14.75
C ASN C 37 30.60 4.62 15.81
N ASP C 38 31.74 3.99 15.54
CA ASP C 38 32.85 4.02 16.49
C ASP C 38 33.54 5.37 16.55
N ILE C 39 33.62 6.09 15.43
CA ILE C 39 34.28 7.40 15.44
C ILE C 39 33.50 8.39 16.31
N LEU C 40 32.17 8.39 16.18
CA LEU C 40 31.35 9.36 16.91
C LEU C 40 31.38 9.14 18.42
N LEU C 41 31.75 7.96 18.88
CA LEU C 41 31.81 7.66 20.31
C LEU C 41 33.21 7.79 20.89
N ALA C 42 34.18 8.24 20.10
CA ALA C 42 35.56 8.32 20.56
C ALA C 42 35.71 9.42 21.62
N LYS C 43 36.79 9.31 22.39
CA LYS C 43 37.08 10.28 23.44
C LYS C 43 38.44 10.93 23.23
N ASP C 44 39.36 10.22 22.58
CA ASP C 44 40.68 10.75 22.27
C ASP C 44 40.87 10.76 20.76
N THR C 45 41.78 11.61 20.29
CA THR C 45 41.87 11.99 18.89
C THR C 45 43.00 11.29 18.16
N THR C 46 43.25 10.02 18.47
CA THR C 46 44.20 9.22 17.69
C THR C 46 43.48 8.02 17.09
N GLU C 47 42.67 7.35 17.92
CA GLU C 47 41.84 6.26 17.43
C GLU C 47 40.86 6.75 16.38
N ALA C 48 40.29 7.94 16.59
CA ALA C 48 39.39 8.52 15.60
C ALA C 48 40.11 8.73 14.27
N PHE C 49 41.37 9.17 14.31
CA PHE C 49 42.09 9.40 13.07
C PHE C 49 42.46 8.10 12.35
N GLU C 50 42.85 7.06 13.09
CA GLU C 50 43.14 5.81 12.38
C GLU C 50 41.87 5.20 11.80
N LYS C 51 40.76 5.26 12.54
CA LYS C 51 39.49 4.79 11.98
C LYS C 51 39.07 5.64 10.78
N MET C 52 39.39 6.94 10.80
CA MET C 52 39.12 7.81 9.65
C MET C 52 39.93 7.38 8.44
N VAL C 53 41.20 7.03 8.64
CA VAL C 53 42.01 6.52 7.53
C VAL C 53 41.40 5.24 6.97
N SER C 54 41.00 4.33 7.86
CA SER C 54 40.39 3.07 7.42
C SER C 54 39.12 3.32 6.63
N LEU C 55 38.29 4.27 7.08
CA LEU C 55 37.03 4.55 6.40
C LEU C 55 37.26 5.23 5.06
N LEU C 56 38.24 6.15 4.97
CA LEU C 56 38.53 6.80 3.71
C LEU C 56 39.13 5.85 2.68
N SER C 57 39.87 4.83 3.15
CA SER C 57 40.39 3.82 2.24
C SER C 57 39.28 3.13 1.46
N VAL C 58 38.08 3.01 2.04
CA VAL C 58 36.96 2.40 1.32
C VAL C 58 36.58 3.23 0.10
N LEU C 59 36.47 4.54 0.27
CA LEU C 59 36.16 5.42 -0.86
C LEU C 59 37.29 5.48 -1.87
N LEU C 60 38.53 5.49 -1.42
CA LEU C 60 39.65 5.58 -2.35
C LEU C 60 39.81 4.34 -3.22
N SER C 61 39.42 3.17 -2.72
CA SER C 61 39.58 1.92 -3.47
C SER C 61 38.32 1.60 -4.28
N MET C 62 37.89 2.60 -5.06
CA MET C 62 36.78 2.42 -6.00
C MET C 62 37.12 3.25 -7.23
N GLN C 63 37.53 2.57 -8.30
CA GLN C 63 38.17 3.22 -9.44
C GLN C 63 37.27 4.25 -10.13
N GLY C 64 36.13 3.81 -10.66
CA GLY C 64 35.24 4.71 -11.36
C GLY C 64 34.69 5.79 -10.46
N ALA C 65 33.83 5.39 -9.51
CA ALA C 65 33.26 6.21 -8.45
C ALA C 65 33.34 7.72 -8.68
N VAL C 66 34.42 8.33 -8.21
CA VAL C 66 34.61 9.77 -8.29
C VAL C 66 35.95 10.05 -8.96
N ASP C 67 36.17 11.33 -9.26
CA ASP C 67 37.42 11.81 -9.86
C ASP C 67 38.22 12.51 -8.75
N ILE C 68 39.29 11.85 -8.31
CA ILE C 68 40.13 12.38 -7.23
C ILE C 68 40.84 13.63 -7.75
N ASN C 69 41.27 13.59 -9.00
CA ASN C 69 42.09 14.67 -9.56
C ASN C 69 41.30 15.93 -9.87
N LYS C 70 40.10 15.79 -10.42
CA LYS C 70 39.26 16.97 -10.67
C LYS C 70 38.84 17.59 -9.34
N LEU C 71 38.40 16.76 -8.40
CA LEU C 71 38.03 17.23 -7.07
C LEU C 71 39.22 17.75 -6.27
N CYS C 72 40.44 17.59 -6.78
CA CYS C 72 41.62 18.18 -6.16
C CYS C 72 42.10 19.44 -6.87
N GLU C 73 41.58 19.73 -8.06
CA GLU C 73 41.97 20.90 -8.84
C GLU C 73 40.96 22.04 -8.76
N GLU C 74 39.92 21.90 -7.94
CA GLU C 74 38.86 22.90 -7.85
C GLU C 74 39.09 23.81 -6.65
N MET C 75 40.35 24.12 -6.36
CA MET C 75 40.74 24.78 -5.11
C MET C 75 40.26 23.96 -3.92
N LEU C 76 40.40 22.64 -4.05
CA LEU C 76 40.03 21.67 -3.04
C LEU C 76 41.24 20.79 -2.75
N ASP C 77 40.99 19.63 -2.13
CA ASP C 77 42.00 18.80 -1.47
C ASP C 77 43.35 18.75 -2.17
N ASN C 78 44.42 18.80 -1.38
CA ASN C 78 45.78 18.71 -1.90
C ASN C 78 46.32 17.30 -1.75
N PHE D 6 -0.31 56.84 -1.56
CA PHE D 6 -1.23 56.49 -2.65
C PHE D 6 -1.73 57.75 -3.34
N SER D 7 -0.91 58.30 -4.23
CA SER D 7 -1.24 59.52 -4.96
C SER D 7 -1.31 59.29 -6.46
N SER D 8 -1.75 58.10 -6.87
CA SER D 8 -1.84 57.76 -8.29
C SER D 8 -3.22 57.22 -8.65
N LEU D 9 -4.26 57.67 -7.95
CA LEU D 9 -5.62 57.21 -8.20
C LEU D 9 -6.54 58.40 -8.43
N PRO D 10 -7.58 58.26 -9.24
CA PRO D 10 -8.53 59.38 -9.44
C PRO D 10 -9.20 59.83 -8.15
N SER D 11 -9.42 58.89 -7.22
CA SER D 11 -10.01 59.24 -5.93
C SER D 11 -9.15 60.26 -5.20
N TYR D 12 -7.82 60.07 -5.25
CA TYR D 12 -6.92 61.04 -4.62
C TYR D 12 -7.06 62.41 -5.26
N ALA D 13 -7.17 62.46 -6.59
CA ALA D 13 -7.32 63.74 -7.27
C ALA D 13 -8.60 64.45 -6.86
N ALA D 14 -9.71 63.71 -6.85
CA ALA D 14 -10.98 64.30 -6.47
C ALA D 14 -10.95 64.80 -5.02
N PHE D 15 -10.39 63.98 -4.12
CA PHE D 15 -10.31 64.36 -2.72
C PHE D 15 -9.42 65.59 -2.54
N ALA D 16 -8.32 65.66 -3.28
CA ALA D 16 -7.41 66.80 -3.17
C ALA D 16 -8.08 68.08 -3.66
N THR D 17 -8.79 68.00 -4.79
CA THR D 17 -9.48 69.20 -5.30
C THR D 17 -10.56 69.66 -4.32
N ALA D 18 -11.33 68.71 -3.78
CA ALA D 18 -12.34 69.08 -2.79
C ALA D 18 -11.72 69.68 -1.55
N GLN D 19 -10.60 69.11 -1.08
CA GLN D 19 -9.92 69.63 0.09
C GLN D 19 -9.47 71.06 -0.15
N GLU D 20 -8.82 71.31 -1.30
CA GLU D 20 -8.35 72.65 -1.62
C GLU D 20 -9.51 73.64 -1.70
N ALA D 21 -10.59 73.26 -2.38
CA ALA D 21 -11.71 74.18 -2.53
C ALA D 21 -12.34 74.52 -1.18
N TYR D 22 -12.60 73.49 -0.36
CA TYR D 22 -13.19 73.73 0.94
C TYR D 22 -12.28 74.56 1.83
N GLU D 23 -10.98 74.27 1.82
CA GLU D 23 -10.04 75.00 2.66
C GLU D 23 -9.98 76.47 2.25
N GLN D 24 -9.93 76.73 0.94
CA GLN D 24 -9.90 78.11 0.46
C GLN D 24 -11.18 78.85 0.84
N ALA D 25 -12.33 78.19 0.66
CA ALA D 25 -13.60 78.84 0.99
C ALA D 25 -13.70 79.14 2.48
N VAL D 26 -13.25 78.20 3.33
CA VAL D 26 -13.34 78.41 4.77
C VAL D 26 -12.37 79.49 5.21
N ALA D 27 -11.14 79.48 4.70
CA ALA D 27 -10.17 80.51 5.07
C ALA D 27 -10.62 81.88 4.61
N ASN D 28 -11.35 81.96 3.49
CA ASN D 28 -11.90 83.24 3.06
C ASN D 28 -12.98 83.73 4.02
N GLY D 29 -13.61 82.82 4.77
CA GLY D 29 -14.68 83.19 5.67
C GLY D 29 -16.03 83.19 5.00
N ASP D 30 -17.00 82.47 5.56
CA ASP D 30 -18.30 82.35 4.93
C ASP D 30 -19.38 81.91 5.92
N SER D 31 -20.57 81.57 5.41
CA SER D 31 -21.71 81.22 6.24
C SER D 31 -21.72 79.74 6.58
N GLU D 32 -22.83 79.26 7.12
CA GLU D 32 -22.97 77.87 7.57
C GLU D 32 -23.36 76.92 6.46
N VAL D 33 -24.29 77.33 5.59
CA VAL D 33 -24.80 76.43 4.55
C VAL D 33 -23.69 76.04 3.58
N VAL D 34 -22.80 76.98 3.24
CA VAL D 34 -21.70 76.68 2.34
C VAL D 34 -20.76 75.64 2.96
N LEU D 35 -20.46 75.80 4.25
CA LEU D 35 -19.62 74.81 4.93
C LEU D 35 -20.29 73.44 4.94
N LYS D 36 -21.58 73.41 5.23
CA LYS D 36 -22.29 72.13 5.27
C LYS D 36 -22.28 71.45 3.91
N LYS D 37 -22.55 72.20 2.84
CA LYS D 37 -22.55 71.62 1.50
C LYS D 37 -21.15 71.14 1.12
N LEU D 38 -20.12 71.94 1.45
CA LEU D 38 -18.76 71.56 1.11
C LEU D 38 -18.34 70.28 1.83
N LYS D 39 -18.67 70.17 3.11
CA LYS D 39 -18.32 68.96 3.84
C LYS D 39 -19.12 67.75 3.37
N LYS D 40 -20.39 67.96 3.01
CA LYS D 40 -21.19 66.87 2.46
C LYS D 40 -20.64 66.39 1.12
N SER D 41 -20.08 67.27 0.31
CA SER D 41 -19.44 66.86 -0.94
C SER D 41 -17.99 66.41 -0.75
N LEU D 42 -17.40 66.65 0.42
CA LEU D 42 -16.01 66.31 0.69
C LEU D 42 -15.86 64.93 1.33
N ASN D 43 -16.75 64.59 2.27
CA ASN D 43 -16.55 63.39 3.08
C ASN D 43 -16.69 62.12 2.24
N VAL D 44 -17.56 62.11 1.23
CA VAL D 44 -17.69 60.94 0.39
C VAL D 44 -16.40 60.68 -0.38
N ALA D 45 -15.78 61.75 -0.92
CA ALA D 45 -14.51 61.59 -1.61
C ALA D 45 -13.41 61.17 -0.65
N LYS D 46 -13.44 61.69 0.58
CA LYS D 46 -12.44 61.28 1.56
C LYS D 46 -12.54 59.79 1.88
N SER D 47 -13.76 59.29 2.06
CA SER D 47 -13.94 57.85 2.30
C SER D 47 -13.51 57.03 1.08
N GLU D 48 -13.85 57.53 -0.11
CA GLU D 48 -13.42 56.87 -1.35
C GLU D 48 -11.91 56.73 -1.41
N PHE D 49 -11.19 57.78 -1.03
CA PHE D 49 -9.73 57.72 -1.01
C PHE D 49 -9.24 56.75 0.07
N ASP D 50 -9.78 56.87 1.28
CA ASP D 50 -9.30 56.12 2.44
C ASP D 50 -9.51 54.63 2.30
N ARG D 51 -10.54 54.15 1.60
CA ARG D 51 -10.69 52.71 1.38
C ARG D 51 -9.55 52.15 0.53
N ASP D 52 -9.31 52.77 -0.63
CA ASP D 52 -8.25 52.28 -1.51
C ASP D 52 -6.87 52.45 -0.89
N ALA D 53 -6.71 53.48 -0.04
CA ALA D 53 -5.41 53.71 0.60
C ALA D 53 -4.92 52.51 1.40
N ALA D 54 -5.83 51.70 1.95
CA ALA D 54 -5.46 50.47 2.64
C ALA D 54 -5.60 49.23 1.77
N MET D 55 -6.56 49.22 0.85
CA MET D 55 -6.69 48.06 -0.04
C MET D 55 -5.43 47.86 -0.88
N GLN D 56 -4.85 48.96 -1.39
CA GLN D 56 -3.63 48.87 -2.17
C GLN D 56 -2.48 48.33 -1.35
N ARG D 57 -2.35 48.80 -0.10
CA ARG D 57 -1.27 48.31 0.76
C ARG D 57 -1.40 46.81 1.01
N LYS D 58 -2.60 46.34 1.31
CA LYS D 58 -2.78 44.92 1.55
C LYS D 58 -2.47 44.11 0.29
N LEU D 59 -2.89 44.60 -0.88
CA LEU D 59 -2.58 43.92 -2.12
C LEU D 59 -1.08 43.83 -2.35
N GLU D 60 -0.36 44.94 -2.12
CA GLU D 60 1.07 44.96 -2.39
C GLU D 60 1.81 44.00 -1.47
N LYS D 61 1.50 44.03 -0.17
CA LYS D 61 2.18 43.12 0.75
C LYS D 61 1.87 41.66 0.44
N MET D 62 0.62 41.37 0.05
CA MET D 62 0.26 40.00 -0.30
C MET D 62 1.02 39.53 -1.54
N ALA D 63 1.16 40.40 -2.54
CA ALA D 63 1.94 40.04 -3.72
C ALA D 63 3.38 39.77 -3.37
N ASP D 64 3.96 40.61 -2.50
CA ASP D 64 5.34 40.40 -2.08
C ASP D 64 5.51 39.05 -1.39
N GLN D 65 4.58 38.71 -0.50
CA GLN D 65 4.65 37.41 0.18
C GLN D 65 4.55 36.26 -0.80
N ALA D 66 3.65 36.36 -1.79
CA ALA D 66 3.52 35.29 -2.78
C ALA D 66 4.79 35.10 -3.59
N MET D 67 5.42 36.20 -4.02
CA MET D 67 6.68 36.07 -4.75
C MET D 67 7.76 35.45 -3.87
N THR D 68 7.78 35.82 -2.58
CA THR D 68 8.72 35.21 -1.65
C THR D 68 8.53 33.70 -1.60
N GLN D 69 7.27 33.26 -1.47
CA GLN D 69 7.00 31.84 -1.33
C GLN D 69 7.40 31.07 -2.58
N MET D 70 7.10 31.64 -3.76
CA MET D 70 7.50 30.96 -4.99
C MET D 70 9.00 30.89 -5.15
N TYR D 71 9.73 31.94 -4.77
CA TYR D 71 11.20 31.88 -4.81
C TYR D 71 11.71 30.77 -3.90
N LYS D 72 11.14 30.66 -2.70
CA LYS D 72 11.59 29.62 -1.76
C LYS D 72 11.34 28.23 -2.33
N GLN D 73 10.17 28.01 -2.93
CA GLN D 73 9.88 26.69 -3.49
C GLN D 73 10.84 26.36 -4.63
N ALA D 74 11.08 27.32 -5.53
CA ALA D 74 12.00 27.07 -6.64
C ALA D 74 13.40 26.76 -6.14
N ARG D 75 13.88 27.52 -5.14
CA ARG D 75 15.22 27.28 -4.62
C ARG D 75 15.33 25.92 -3.95
N SER D 76 14.32 25.50 -3.19
CA SER D 76 14.36 24.17 -2.58
C SER D 76 14.40 23.07 -3.64
N GLU D 77 13.56 23.20 -4.68
CA GLU D 77 13.55 22.21 -5.74
C GLU D 77 14.90 22.14 -6.44
N ASP D 78 15.54 23.29 -6.66
CA ASP D 78 16.87 23.32 -7.28
C ASP D 78 17.88 22.63 -6.36
N LYS D 79 17.86 22.98 -5.07
CA LYS D 79 18.87 22.50 -4.13
C LYS D 79 18.82 20.98 -3.99
N ARG D 80 17.61 20.40 -3.98
CA ARG D 80 17.50 18.96 -3.79
C ARG D 80 17.85 18.15 -5.04
N ALA D 81 18.51 18.76 -6.03
CA ALA D 81 18.88 18.08 -7.26
C ALA D 81 20.37 18.17 -7.59
N LYS D 82 21.20 18.64 -6.66
CA LYS D 82 22.64 18.73 -6.87
C LYS D 82 23.41 18.14 -5.69
N VAL D 83 22.78 17.23 -4.95
CA VAL D 83 23.28 16.79 -3.66
C VAL D 83 24.59 16.02 -3.80
N THR D 84 24.73 15.19 -4.84
CA THR D 84 25.95 14.38 -4.98
C THR D 84 27.18 15.27 -5.13
N SER D 85 27.14 16.19 -6.09
CA SER D 85 28.26 17.10 -6.30
C SER D 85 28.50 18.00 -5.10
N ALA D 86 27.43 18.52 -4.50
CA ALA D 86 27.60 19.39 -3.34
C ALA D 86 28.29 18.64 -2.20
N MET D 87 27.85 17.40 -1.94
CA MET D 87 28.42 16.61 -0.85
C MET D 87 29.88 16.25 -1.12
N GLN D 88 30.21 15.90 -2.36
CA GLN D 88 31.60 15.57 -2.67
C GLN D 88 32.51 16.77 -2.51
N THR D 89 32.08 17.94 -3.00
CA THR D 89 32.88 19.15 -2.85
C THR D 89 33.06 19.51 -1.38
N MET D 90 31.97 19.42 -0.61
CA MET D 90 32.07 19.72 0.82
C MET D 90 33.01 18.76 1.53
N LEU D 91 32.90 17.46 1.22
CA LEU D 91 33.75 16.47 1.87
C LEU D 91 35.22 16.74 1.60
N PHE D 92 35.57 17.05 0.35
CA PHE D 92 36.97 17.32 0.07
C PHE D 92 37.44 18.64 0.65
N THR D 93 36.55 19.63 0.81
CA THR D 93 36.93 20.85 1.51
C THR D 93 37.27 20.58 2.97
N MET D 94 36.41 19.82 3.66
CA MET D 94 36.72 19.48 5.05
C MET D 94 37.98 18.63 5.14
N LEU D 95 38.20 17.74 4.18
CA LEU D 95 39.41 16.93 4.19
C LEU D 95 40.65 17.79 4.03
N ARG D 96 40.59 18.83 3.18
CA ARG D 96 41.65 19.84 3.19
C ARG D 96 41.83 20.46 4.57
N LYS D 97 40.74 20.94 5.17
CA LYS D 97 40.85 21.69 6.42
C LYS D 97 41.39 20.84 7.57
N LEU D 98 41.17 19.52 7.54
CA LEU D 98 41.66 18.67 8.62
C LEU D 98 43.17 18.71 8.74
N ASP D 99 43.88 18.65 7.60
CA ASP D 99 45.34 18.78 7.56
C ASP D 99 46.03 17.70 8.40
N ASN D 100 45.87 16.45 7.98
CA ASN D 100 46.57 15.32 8.59
C ASN D 100 47.57 14.73 7.61
N ASP D 101 48.67 14.22 8.15
CA ASP D 101 49.74 13.69 7.32
C ASP D 101 49.40 12.36 6.66
N ALA D 102 48.76 11.44 7.39
CA ALA D 102 48.39 10.15 6.79
C ALA D 102 47.33 10.33 5.72
N LEU D 103 46.31 11.14 6.01
CA LEU D 103 45.26 11.40 5.02
C LEU D 103 45.83 12.09 3.79
N ASN D 104 46.71 13.08 3.99
CA ASN D 104 47.35 13.75 2.86
C ASN D 104 48.17 12.77 2.04
N ASN D 105 48.91 11.89 2.72
CA ASN D 105 49.74 10.90 2.04
C ASN D 105 48.88 10.01 1.15
N ILE D 106 47.82 9.41 1.70
CA ILE D 106 47.00 8.51 0.92
C ILE D 106 46.23 9.24 -0.17
N ILE D 107 45.81 10.49 0.06
CA ILE D 107 45.10 11.24 -0.97
C ILE D 107 46.02 11.56 -2.14
N ASN D 108 47.25 11.99 -1.86
CA ASN D 108 48.20 12.24 -2.94
C ASN D 108 48.55 10.95 -3.67
N ASN D 109 48.72 9.85 -2.95
CA ASN D 109 49.02 8.56 -3.56
C ASN D 109 47.91 8.13 -4.50
N ALA D 110 46.64 8.27 -4.06
CA ALA D 110 45.52 7.97 -4.94
C ALA D 110 45.42 8.93 -6.11
N ARG D 111 45.80 10.19 -5.90
CA ARG D 111 45.78 11.18 -6.98
C ARG D 111 46.82 10.90 -8.04
N ASP D 112 47.95 10.27 -7.68
CA ASP D 112 48.98 9.93 -8.65
C ASP D 112 48.79 8.55 -9.26
N GLY D 113 47.98 7.69 -8.64
CA GLY D 113 47.64 6.42 -9.25
C GLY D 113 47.77 5.20 -8.35
N CYS D 114 48.34 5.36 -7.16
CA CYS D 114 48.57 4.24 -6.25
C CYS D 114 47.42 4.14 -5.26
N VAL D 115 46.42 3.35 -5.63
CA VAL D 115 45.23 3.17 -4.80
C VAL D 115 45.29 1.81 -4.11
N PRO D 116 44.60 1.62 -2.99
CA PRO D 116 44.58 0.29 -2.36
C PRO D 116 43.53 -0.61 -3.00
N LEU D 117 43.47 -1.87 -2.56
CA LEU D 117 42.48 -2.82 -3.05
C LEU D 117 41.52 -3.32 -1.99
N ASN D 118 41.77 -3.07 -0.72
CA ASN D 118 40.88 -3.48 0.36
C ASN D 118 40.93 -2.43 1.46
N ILE D 119 40.25 -2.70 2.57
CA ILE D 119 40.26 -1.80 3.72
C ILE D 119 41.62 -1.87 4.38
N ILE D 120 42.18 -0.70 4.69
CA ILE D 120 43.49 -0.62 5.33
C ILE D 120 43.36 -1.19 6.75
N PRO D 121 44.12 -2.23 7.09
CA PRO D 121 44.03 -2.80 8.43
C PRO D 121 44.73 -1.95 9.47
N LEU D 122 44.33 -2.13 10.73
CA LEU D 122 44.92 -1.40 11.84
C LEU D 122 45.76 -2.27 12.78
N THR D 123 45.57 -3.58 12.74
CA THR D 123 46.29 -4.47 13.64
C THR D 123 47.75 -4.60 13.22
N THR D 124 48.54 -5.26 14.06
CA THR D 124 49.92 -5.59 13.73
C THR D 124 50.03 -6.70 12.71
N ALA D 125 48.90 -7.12 12.11
CA ALA D 125 48.86 -8.22 11.16
C ALA D 125 47.92 -7.86 10.03
N ALA D 126 47.49 -8.86 9.26
CA ALA D 126 46.52 -8.73 8.16
C ALA D 126 47.16 -8.09 6.93
N LYS D 127 46.66 -8.47 5.75
CA LYS D 127 47.31 -8.16 4.49
C LYS D 127 46.74 -6.90 3.86
N LEU D 128 47.61 -6.15 3.19
CA LEU D 128 47.23 -4.96 2.45
C LEU D 128 47.75 -5.08 1.02
N MET D 129 46.92 -4.73 0.05
CA MET D 129 47.28 -4.84 -1.36
C MET D 129 47.07 -3.50 -2.04
N VAL D 130 48.10 -3.00 -2.72
CA VAL D 130 48.01 -1.75 -3.47
C VAL D 130 48.43 -2.01 -4.91
N VAL D 131 48.22 -1.03 -5.79
CA VAL D 131 48.62 -1.14 -7.19
C VAL D 131 49.61 -0.03 -7.51
N ILE D 132 50.75 -0.40 -8.08
CA ILE D 132 51.80 0.56 -8.43
C ILE D 132 51.93 0.59 -9.94
N PRO D 133 51.48 1.66 -10.61
CA PRO D 133 51.40 1.65 -12.08
C PRO D 133 52.65 2.09 -12.82
N ASP D 134 53.64 2.69 -12.16
CA ASP D 134 54.83 3.17 -12.84
C ASP D 134 56.05 2.94 -11.95
N TYR D 135 57.23 3.15 -12.52
CA TYR D 135 58.47 2.94 -11.77
C TYR D 135 58.74 4.07 -10.80
N ASN D 136 58.28 5.28 -11.09
CA ASN D 136 58.53 6.41 -10.19
C ASN D 136 57.84 6.22 -8.85
N THR D 137 56.59 5.74 -8.85
CA THR D 137 55.91 5.48 -7.59
C THR D 137 56.63 4.40 -6.80
N TYR D 138 57.11 3.36 -7.49
CA TYR D 138 57.88 2.31 -6.83
C TYR D 138 59.15 2.88 -6.22
N LYS D 139 59.81 3.80 -6.92
CA LYS D 139 61.01 4.44 -6.41
C LYS D 139 60.70 5.25 -5.15
N ASN D 140 59.61 6.00 -5.18
CA ASN D 140 59.26 6.83 -4.02
C ASN D 140 58.90 6.00 -2.81
N THR D 141 57.97 5.06 -2.97
CA THR D 141 57.47 4.28 -1.84
C THR D 141 58.39 3.13 -1.47
N CYS D 142 58.60 2.20 -2.40
CA CYS D 142 59.32 0.97 -2.07
C CYS D 142 60.82 1.15 -2.26
N ASP D 143 61.56 1.09 -1.17
CA ASP D 143 63.02 1.13 -1.22
C ASP D 143 63.56 0.10 -0.26
N GLY D 144 64.30 -0.88 -0.79
CA GLY D 144 64.75 -1.99 0.03
C GLY D 144 63.71 -3.08 0.06
N THR D 145 63.35 -3.53 1.27
CA THR D 145 62.31 -4.53 1.44
C THR D 145 61.19 -4.03 2.34
N THR D 146 61.16 -2.72 2.61
CA THR D 146 60.13 -2.12 3.46
C THR D 146 59.23 -1.23 2.62
N PHE D 147 58.01 -1.04 3.10
CA PHE D 147 56.99 -0.28 2.39
C PHE D 147 56.45 0.81 3.31
N THR D 148 56.40 2.04 2.80
CA THR D 148 55.89 3.19 3.55
C THR D 148 54.59 3.64 2.92
N TYR D 149 53.50 3.51 3.67
CA TYR D 149 52.17 3.87 3.18
C TYR D 149 51.32 4.31 4.36
N ALA D 150 50.54 5.36 4.15
CA ALA D 150 49.64 5.90 5.18
C ALA D 150 50.38 6.25 6.47
N SER D 151 51.58 6.80 6.34
CA SER D 151 52.42 7.18 7.48
C SER D 151 52.67 5.99 8.40
N ALA D 152 52.98 4.85 7.79
CA ALA D 152 53.27 3.62 8.52
C ALA D 152 54.42 2.91 7.80
N LEU D 153 54.74 1.70 8.28
CA LEU D 153 55.80 0.90 7.69
C LEU D 153 55.27 -0.52 7.46
N TRP D 154 55.53 -1.04 6.26
CA TRP D 154 55.07 -2.36 5.85
C TRP D 154 56.22 -3.13 5.22
N GLU D 155 56.10 -4.45 5.20
CA GLU D 155 57.13 -5.34 4.70
C GLU D 155 56.63 -6.11 3.48
N ILE D 156 57.26 -5.87 2.33
CA ILE D 156 56.87 -6.55 1.10
C ILE D 156 57.11 -8.06 1.21
N GLN D 157 56.15 -8.83 0.69
CA GLN D 157 56.30 -10.29 0.68
C GLN D 157 55.91 -10.90 -0.67
N GLN D 158 55.36 -10.11 -1.59
CA GLN D 158 54.90 -10.67 -2.86
C GLN D 158 54.71 -9.53 -3.86
N VAL D 159 55.09 -9.82 -5.11
CA VAL D 159 54.88 -8.90 -6.23
C VAL D 159 54.26 -9.68 -7.38
N VAL D 160 53.16 -9.16 -7.90
CA VAL D 160 52.40 -9.83 -8.96
C VAL D 160 52.12 -8.83 -10.07
N ASP D 161 52.21 -9.27 -11.31
CA ASP D 161 52.10 -8.38 -12.46
C ASP D 161 50.71 -8.57 -13.07
N ALA D 162 50.46 -7.89 -14.19
CA ALA D 162 49.16 -8.03 -14.87
C ALA D 162 48.99 -9.43 -15.44
N ASP D 163 50.09 -10.15 -15.67
CA ASP D 163 50.05 -11.53 -16.13
C ASP D 163 50.07 -12.53 -14.98
N SER D 164 50.01 -12.05 -13.74
CA SER D 164 49.92 -12.85 -12.52
C SER D 164 51.16 -13.71 -12.28
N LYS D 165 52.31 -13.35 -12.84
CA LYS D 165 53.54 -14.09 -12.58
C LYS D 165 54.34 -13.39 -11.48
N ILE D 166 54.94 -14.18 -10.59
CA ILE D 166 55.68 -13.61 -9.47
C ILE D 166 56.96 -12.97 -9.99
N VAL D 167 57.25 -11.77 -9.50
CA VAL D 167 58.46 -11.04 -9.84
C VAL D 167 59.25 -10.82 -8.56
N GLN D 168 60.50 -11.24 -8.55
CA GLN D 168 61.37 -11.06 -7.39
C GLN D 168 61.81 -9.61 -7.28
N LEU D 169 62.12 -9.18 -6.04
CA LEU D 169 62.43 -7.79 -5.79
C LEU D 169 63.69 -7.33 -6.52
N SER D 170 64.66 -8.23 -6.65
CA SER D 170 65.93 -7.85 -7.28
C SER D 170 65.75 -7.50 -8.75
N GLU D 171 64.71 -8.03 -9.38
CA GLU D 171 64.47 -7.79 -10.80
C GLU D 171 64.22 -6.34 -11.12
N ILE D 172 63.45 -5.63 -10.30
CA ILE D 172 63.00 -4.27 -10.60
C ILE D 172 64.20 -3.33 -10.51
N SER D 173 64.45 -2.60 -11.60
CA SER D 173 65.54 -1.63 -11.68
C SER D 173 65.18 -0.61 -12.76
N MET D 174 66.00 0.43 -12.88
CA MET D 174 65.71 1.53 -13.78
C MET D 174 65.49 1.04 -15.22
N ASP D 175 66.54 0.48 -15.84
CA ASP D 175 66.40 0.04 -17.23
C ASP D 175 65.91 -1.40 -17.32
N ASN D 176 65.95 -2.14 -16.20
CA ASN D 176 65.56 -3.54 -16.20
C ASN D 176 64.05 -3.69 -16.07
N SER D 177 63.34 -2.63 -15.73
CA SER D 177 61.89 -2.68 -15.57
C SER D 177 61.12 -2.60 -16.89
N PRO D 178 61.46 -1.70 -17.84
CA PRO D 178 60.55 -1.50 -18.99
C PRO D 178 60.50 -2.68 -19.95
N ASN D 179 60.31 -3.88 -19.41
CA ASN D 179 59.96 -5.06 -20.20
C ASN D 179 58.97 -5.91 -19.43
N LEU D 180 58.06 -5.26 -18.71
CA LEU D 180 57.22 -5.94 -17.72
C LEU D 180 55.78 -5.43 -17.84
N ALA D 181 54.85 -6.24 -17.35
CA ALA D 181 53.49 -5.76 -17.13
C ALA D 181 53.46 -4.92 -15.86
N TRP D 182 53.29 -3.61 -16.02
CA TRP D 182 53.58 -2.65 -14.96
C TRP D 182 52.58 -2.58 -13.81
N PRO D 183 51.26 -2.75 -14.02
CA PRO D 183 50.35 -2.61 -12.88
C PRO D 183 50.58 -3.67 -11.82
N LEU D 184 51.68 -3.52 -11.08
CA LEU D 184 52.10 -4.47 -10.05
C LEU D 184 51.14 -4.45 -8.87
N ILE D 185 51.15 -5.52 -8.07
CA ILE D 185 50.29 -5.62 -6.89
C ILE D 185 51.12 -6.05 -5.69
N VAL D 186 51.46 -5.09 -4.82
CA VAL D 186 52.25 -5.42 -3.65
C VAL D 186 51.35 -5.85 -2.49
N THR D 187 51.73 -6.95 -1.86
CA THR D 187 51.02 -7.46 -0.68
C THR D 187 51.99 -7.47 0.49
N ALA D 188 51.72 -6.64 1.49
CA ALA D 188 52.58 -6.47 2.65
C ALA D 188 51.76 -6.60 3.93
N LEU D 189 52.46 -6.67 5.06
CA LEU D 189 51.86 -6.67 6.39
C LEU D 189 52.44 -5.54 7.22
N ARG D 190 51.66 -5.09 8.19
CA ARG D 190 52.02 -3.91 8.99
C ARG D 190 53.18 -4.24 9.92
N ALA D 191 54.29 -3.52 9.78
CA ALA D 191 55.43 -3.69 10.68
C ALA D 191 55.08 -3.17 12.07
N ASN D 192 55.68 -3.77 13.09
CA ASN D 192 55.43 -3.39 14.48
C ASN D 192 55.80 -1.93 14.73
N ALA G 1 13.35 24.24 -13.56
CA ALA G 1 12.37 25.30 -13.37
C ALA G 1 12.87 26.62 -13.94
N VAL G 2 13.91 27.18 -13.32
CA VAL G 2 14.46 28.45 -13.76
C VAL G 2 15.36 28.24 -14.97
N GLY G 3 14.84 28.57 -16.15
CA GLY G 3 15.61 28.46 -17.38
C GLY G 3 16.08 29.81 -17.89
N ALA G 4 15.92 30.06 -19.19
CA ALA G 4 16.43 31.29 -19.77
C ALA G 4 15.69 31.62 -21.06
N CYS G 5 15.04 32.78 -21.09
CA CYS G 5 14.62 33.43 -22.32
C CYS G 5 15.65 34.48 -22.70
N VAL G 6 16.17 34.38 -23.93
CA VAL G 6 17.42 35.05 -24.25
C VAL G 6 17.22 36.20 -25.24
N LEU G 7 16.18 36.11 -26.08
CA LEU G 7 15.91 37.24 -26.97
C LEU G 7 15.60 38.50 -26.19
N CYS G 8 14.85 38.38 -25.09
CA CYS G 8 14.64 39.46 -24.15
C CYS G 8 15.67 39.43 -23.03
N ASN G 9 16.62 38.49 -23.12
CA ASN G 9 17.68 38.29 -22.13
C ASN G 9 17.06 38.28 -20.74
N SER G 10 16.21 37.29 -20.47
CA SER G 10 15.42 37.26 -19.24
C SER G 10 15.39 35.84 -18.70
N GLN G 11 15.96 35.63 -17.53
CA GLN G 11 15.71 34.40 -16.79
C GLN G 11 14.21 34.30 -16.51
N THR G 12 13.69 33.08 -16.59
CA THR G 12 12.24 32.92 -16.50
C THR G 12 11.94 31.63 -15.73
N SER G 13 10.72 31.54 -15.21
CA SER G 13 10.20 30.32 -14.61
C SER G 13 8.92 29.91 -15.34
N LEU G 14 8.49 30.75 -16.28
CA LEU G 14 7.28 30.53 -17.05
C LEU G 14 7.59 29.75 -18.33
N ARG G 15 6.53 29.18 -18.91
CA ARG G 15 6.61 28.46 -20.17
C ARG G 15 5.22 28.36 -20.76
N CYS G 16 5.14 28.31 -22.09
CA CYS G 16 3.85 28.25 -22.76
C CYS G 16 3.21 26.87 -22.55
N GLY G 17 1.93 26.87 -22.17
CA GLY G 17 1.27 25.61 -21.86
C GLY G 17 1.07 24.71 -23.06
N ALA G 18 0.68 25.29 -24.21
CA ALA G 18 0.37 24.53 -25.42
C ALA G 18 1.30 25.01 -26.52
N CYS G 19 2.46 24.35 -26.65
CA CYS G 19 3.43 24.73 -27.66
C CYS G 19 4.36 23.55 -27.96
N ILE G 20 5.47 23.81 -28.66
CA ILE G 20 6.29 22.73 -29.20
C ILE G 20 7.17 22.07 -28.14
N ARG G 21 8.05 22.84 -27.50
CA ARG G 21 9.05 22.31 -26.57
C ARG G 21 8.83 22.78 -25.15
N ARG G 22 7.63 23.21 -24.78
CA ARG G 22 7.42 23.95 -23.55
C ARG G 22 8.39 25.12 -23.53
N PRO G 23 8.30 26.02 -24.51
CA PRO G 23 9.32 27.06 -24.65
C PRO G 23 9.24 28.08 -23.52
N PHE G 24 10.37 28.72 -23.27
CA PHE G 24 10.50 29.62 -22.13
C PHE G 24 10.33 31.06 -22.57
N LEU G 25 9.34 31.74 -21.99
CA LEU G 25 9.01 33.10 -22.38
C LEU G 25 8.82 33.95 -21.14
N CYS G 26 9.46 35.10 -21.11
CA CYS G 26 9.37 36.00 -19.96
C CYS G 26 8.00 36.66 -19.91
N CYS G 27 7.79 37.47 -18.87
CA CYS G 27 6.48 38.07 -18.59
C CYS G 27 5.90 38.79 -19.80
N LYS G 28 6.58 39.86 -20.25
CA LYS G 28 6.12 40.55 -21.45
C LYS G 28 6.27 39.66 -22.67
N CYS G 29 7.27 38.78 -22.67
CA CYS G 29 7.51 37.89 -23.80
C CYS G 29 6.42 36.82 -23.89
N CYS G 30 6.02 36.25 -22.75
CA CYS G 30 4.84 35.39 -22.75
C CYS G 30 3.59 36.16 -23.12
N TYR G 31 3.52 37.44 -22.74
CA TYR G 31 2.35 38.24 -23.07
C TYR G 31 2.19 38.38 -24.59
N ASP G 32 3.23 38.82 -25.29
CA ASP G 32 3.07 38.99 -26.73
C ASP G 32 3.14 37.64 -27.44
N HIS G 33 3.53 36.59 -26.73
CA HIS G 33 3.29 35.24 -27.24
C HIS G 33 1.81 34.85 -27.13
N VAL G 34 1.08 35.41 -26.18
CA VAL G 34 -0.30 34.99 -25.95
C VAL G 34 -1.30 36.02 -26.46
N ILE G 35 -0.82 37.10 -27.09
CA ILE G 35 -1.77 38.03 -27.71
C ILE G 35 -1.57 38.07 -29.22
N SER G 36 -0.35 37.81 -29.68
CA SER G 36 -0.08 37.74 -31.11
C SER G 36 -0.59 36.44 -31.71
N THR G 37 -0.77 35.40 -30.89
CA THR G 37 -1.39 34.15 -31.30
C THR G 37 -2.34 33.67 -30.20
N SER G 38 -2.80 32.43 -30.28
CA SER G 38 -3.73 31.90 -29.28
C SER G 38 -3.04 30.79 -28.51
N HIS G 39 -2.54 31.12 -27.31
CA HIS G 39 -1.83 30.20 -26.45
C HIS G 39 -2.27 30.40 -25.00
N LYS G 40 -3.58 30.50 -24.78
CA LYS G 40 -4.13 30.94 -23.50
C LYS G 40 -3.99 29.85 -22.45
N LEU G 41 -2.74 29.50 -22.14
CA LEU G 41 -2.40 28.63 -21.03
C LEU G 41 -0.89 28.68 -20.81
N VAL G 42 -0.46 28.83 -19.55
CA VAL G 42 0.96 28.93 -19.22
C VAL G 42 1.27 27.98 -18.08
N LEU G 43 2.55 27.67 -17.91
CA LEU G 43 3.03 26.81 -16.83
C LEU G 43 4.16 27.51 -16.11
N SER G 44 4.08 27.55 -14.78
CA SER G 44 5.06 28.13 -13.89
C SER G 44 5.59 27.02 -12.98
N VAL G 45 6.33 27.40 -11.92
CA VAL G 45 6.73 26.45 -10.89
C VAL G 45 5.54 25.58 -10.50
N ASN G 46 4.36 26.20 -10.37
CA ASN G 46 3.11 25.47 -10.25
C ASN G 46 2.20 25.90 -11.41
N PRO G 47 1.32 25.03 -11.89
CA PRO G 47 0.45 25.43 -13.01
C PRO G 47 -0.69 26.32 -12.56
N TYR G 48 -1.05 27.30 -13.37
CA TYR G 48 -2.10 28.26 -13.01
C TYR G 48 -3.47 27.65 -13.32
N VAL G 49 -4.24 27.40 -12.27
CA VAL G 49 -5.57 26.82 -12.37
C VAL G 49 -6.28 27.02 -11.04
N CYS G 50 -7.60 27.23 -11.08
CA CYS G 50 -8.36 27.41 -9.85
C CYS G 50 -8.21 26.19 -8.96
N ASN G 51 -8.00 26.44 -7.67
CA ASN G 51 -7.68 25.39 -6.71
C ASN G 51 -8.89 24.91 -5.92
N ALA G 52 -10.08 25.45 -6.20
CA ALA G 52 -11.16 24.81 -5.46
C ALA G 52 -11.49 23.45 -6.08
N PRO G 53 -11.85 22.46 -5.26
CA PRO G 53 -12.17 21.13 -5.80
C PRO G 53 -13.33 21.19 -6.78
N GLY G 54 -13.19 20.49 -7.90
CA GLY G 54 -14.22 20.40 -8.90
C GLY G 54 -14.25 21.52 -9.91
N CYS G 55 -13.41 22.54 -9.75
CA CYS G 55 -13.43 23.67 -10.67
C CYS G 55 -12.49 23.42 -11.84
N ASP G 56 -12.79 24.07 -12.96
CA ASP G 56 -12.03 23.84 -14.19
C ASP G 56 -11.94 25.10 -15.05
N VAL G 57 -10.77 25.71 -15.09
CA VAL G 57 -10.50 26.89 -15.92
C VAL G 57 -9.13 26.73 -16.57
N THR G 58 -9.12 26.57 -17.89
CA THR G 58 -7.85 26.45 -18.61
C THR G 58 -7.21 27.81 -18.80
N ASP G 59 -8.02 28.85 -18.97
CA ASP G 59 -7.51 30.18 -19.29
C ASP G 59 -6.75 30.79 -18.12
N VAL G 60 -5.88 31.74 -18.43
CA VAL G 60 -5.07 32.43 -17.43
C VAL G 60 -5.39 33.92 -17.38
N THR G 61 -5.97 34.46 -18.47
CA THR G 61 -6.24 35.88 -18.56
C THR G 61 -7.24 36.36 -17.51
N GLN G 62 -7.99 35.46 -16.88
CA GLN G 62 -8.98 35.84 -15.88
C GLN G 62 -8.76 35.20 -14.52
N LEU G 63 -7.66 34.48 -14.31
CA LEU G 63 -7.37 33.95 -12.98
C LEU G 63 -6.89 35.06 -12.06
N TYR G 64 -7.05 34.82 -10.76
CA TYR G 64 -6.59 35.74 -9.73
C TYR G 64 -5.67 35.00 -8.77
N LEU G 65 -4.75 35.73 -8.16
CA LEU G 65 -3.83 35.21 -7.15
C LEU G 65 -4.43 35.48 -5.78
N GLY G 66 -4.98 34.46 -5.16
CA GLY G 66 -5.68 34.59 -3.90
C GLY G 66 -4.80 34.35 -2.69
N GLY G 67 -5.30 33.54 -1.76
CA GLY G 67 -4.59 33.26 -0.53
C GLY G 67 -3.53 32.18 -0.68
N MET G 68 -2.37 32.57 -1.23
CA MET G 68 -1.29 31.64 -1.55
C MET G 68 -1.76 30.57 -2.54
N SER G 69 -2.65 30.97 -3.44
CA SER G 69 -3.20 30.06 -4.45
C SER G 69 -3.75 30.85 -5.63
N TYR G 70 -4.49 30.17 -6.51
CA TYR G 70 -5.08 30.81 -7.68
C TYR G 70 -6.55 30.47 -7.75
N TYR G 71 -7.37 31.46 -8.11
CA TYR G 71 -8.80 31.29 -8.25
C TYR G 71 -9.23 31.97 -9.56
N CYS G 72 -10.51 31.85 -9.90
CA CYS G 72 -10.90 32.04 -11.29
C CYS G 72 -12.12 32.93 -11.50
N LYS G 73 -12.65 32.90 -12.73
CA LYS G 73 -13.70 33.79 -13.19
C LYS G 73 -15.10 33.26 -12.92
N SER G 74 -15.42 32.08 -13.48
CA SER G 74 -16.75 31.53 -13.30
C SER G 74 -17.01 31.20 -11.83
N HIS G 75 -16.01 30.66 -11.15
CA HIS G 75 -16.04 30.40 -9.71
C HIS G 75 -15.11 31.44 -9.08
N LYS G 76 -15.68 32.54 -8.61
CA LYS G 76 -14.92 33.74 -8.34
C LYS G 76 -14.94 34.15 -6.88
N PRO G 77 -13.97 33.75 -6.06
CA PRO G 77 -13.58 34.61 -4.94
C PRO G 77 -12.61 35.67 -5.42
N PRO G 78 -13.08 36.90 -5.67
CA PRO G 78 -12.18 37.92 -6.21
C PRO G 78 -11.57 38.86 -5.19
N ILE G 79 -11.00 38.34 -4.10
CA ILE G 79 -10.18 39.19 -3.23
C ILE G 79 -8.74 39.06 -3.67
N SER G 80 -8.36 39.76 -4.73
CA SER G 80 -7.05 39.57 -5.35
C SER G 80 -6.75 40.67 -6.36
N PHE G 81 -5.68 40.48 -7.13
CA PHE G 81 -5.40 41.26 -8.32
C PHE G 81 -5.24 40.29 -9.49
N PRO G 82 -5.61 40.67 -10.71
CA PRO G 82 -5.56 39.72 -11.83
C PRO G 82 -4.14 39.28 -12.13
N LEU G 83 -4.02 38.03 -12.60
CA LEU G 83 -2.73 37.47 -12.97
C LEU G 83 -2.16 38.16 -14.20
N CYS G 84 -2.97 38.30 -15.24
CA CYS G 84 -2.53 38.93 -16.48
C CYS G 84 -3.01 40.38 -16.50
N ALA G 85 -2.09 41.32 -16.34
CA ALA G 85 -2.43 42.74 -16.33
C ALA G 85 -1.16 43.56 -16.51
N ASN G 86 -1.33 44.78 -16.99
CA ASN G 86 -0.27 45.77 -17.18
C ASN G 86 0.87 45.20 -18.03
N GLY G 87 0.57 44.77 -19.25
CA GLY G 87 1.60 44.36 -20.20
C GLY G 87 2.52 43.26 -19.73
N GLN G 88 2.08 42.43 -18.79
CA GLN G 88 2.97 41.45 -18.18
C GLN G 88 2.15 40.31 -17.60
N VAL G 89 2.84 39.22 -17.29
CA VAL G 89 2.26 38.06 -16.61
C VAL G 89 3.01 37.87 -15.30
N PHE G 90 2.27 37.59 -14.23
CA PHE G 90 2.84 37.52 -12.89
C PHE G 90 3.79 36.34 -12.79
N GLY G 91 4.98 36.59 -12.26
CA GLY G 91 5.98 35.57 -12.02
C GLY G 91 7.23 36.21 -11.45
N LEU G 92 8.24 35.39 -11.21
CA LEU G 92 9.54 35.93 -10.87
C LEU G 92 10.13 36.63 -12.09
N TYR G 93 11.13 37.48 -11.83
CA TYR G 93 11.76 38.31 -12.87
C TYR G 93 10.74 39.21 -13.54
N LYS G 94 9.73 39.63 -12.77
CA LYS G 94 8.72 40.55 -13.29
C LYS G 94 9.26 41.96 -13.49
N ASN G 95 10.43 42.27 -12.94
CA ASN G 95 11.04 43.59 -13.07
C ASN G 95 12.23 43.59 -14.02
N THR G 96 13.07 42.55 -13.96
CA THR G 96 14.25 42.46 -14.82
C THR G 96 13.86 41.74 -16.11
N CYS G 97 13.06 42.43 -16.93
CA CYS G 97 12.66 41.91 -18.22
C CYS G 97 12.81 43.02 -19.25
N VAL G 98 13.02 42.63 -20.50
CA VAL G 98 13.31 43.59 -21.56
C VAL G 98 12.17 43.61 -22.57
N GLY G 99 11.87 42.46 -23.16
CA GLY G 99 10.88 42.35 -24.21
C GLY G 99 11.52 42.01 -25.54
N SER G 100 10.68 41.98 -26.58
CA SER G 100 11.15 41.61 -27.90
C SER G 100 10.65 42.63 -28.92
N ASP G 101 11.56 43.06 -29.79
CA ASP G 101 11.19 43.94 -30.89
C ASP G 101 10.54 43.14 -32.03
N ASN G 102 11.20 42.07 -32.46
CA ASN G 102 10.62 41.14 -33.42
C ASN G 102 9.58 40.30 -32.70
N VAL G 103 8.31 40.73 -32.77
CA VAL G 103 7.26 40.10 -31.98
C VAL G 103 6.88 38.71 -32.46
N THR G 104 7.15 38.37 -33.72
CA THR G 104 6.52 37.21 -34.35
C THR G 104 7.54 36.16 -34.76
N ASP G 105 8.58 35.96 -33.94
CA ASP G 105 9.48 34.84 -34.20
C ASP G 105 8.79 33.51 -33.91
N PHE G 106 8.40 33.30 -32.66
CA PHE G 106 7.55 32.16 -32.33
C PHE G 106 6.21 32.25 -33.05
N ASN G 107 5.63 33.44 -33.10
CA ASN G 107 4.34 33.62 -33.73
C ASN G 107 4.36 33.30 -35.21
N ALA G 108 5.55 33.24 -35.82
CA ALA G 108 5.68 32.89 -37.22
C ALA G 108 6.08 31.44 -37.41
N ILE G 109 7.16 31.01 -36.76
CA ILE G 109 7.73 29.70 -37.07
C ILE G 109 7.34 28.62 -36.06
N ALA G 110 6.95 28.98 -34.84
CA ALA G 110 6.45 28.01 -33.87
C ALA G 110 4.95 27.82 -33.97
N THR G 111 4.28 28.51 -34.90
CA THR G 111 2.83 28.42 -35.04
C THR G 111 2.41 27.62 -36.26
N CYS G 112 3.32 27.30 -37.17
CA CYS G 112 3.03 26.42 -38.29
C CYS G 112 3.44 25.00 -37.96
N ASP G 113 3.10 24.06 -38.84
CA ASP G 113 3.27 22.65 -38.56
C ASP G 113 4.69 22.17 -38.81
N TRP G 114 5.65 23.09 -38.87
CA TRP G 114 7.08 22.78 -38.89
C TRP G 114 7.46 21.94 -40.11
N THR G 115 6.83 22.21 -41.25
CA THR G 115 7.15 21.50 -42.48
C THR G 115 7.35 22.40 -43.69
N ASN G 116 7.00 23.68 -43.62
CA ASN G 116 7.17 24.59 -44.73
C ASN G 116 8.62 25.05 -44.82
N ALA G 117 9.01 25.53 -46.00
CA ALA G 117 10.36 26.04 -46.19
C ALA G 117 10.60 27.33 -45.41
N GLY G 118 9.54 28.05 -45.06
CA GLY G 118 9.69 29.28 -44.30
C GLY G 118 10.34 29.06 -42.95
N ASP G 119 10.10 27.90 -42.33
CA ASP G 119 10.76 27.54 -41.09
C ASP G 119 12.27 27.61 -41.24
N TYR G 120 12.80 26.92 -42.27
CA TYR G 120 14.24 26.90 -42.45
C TYR G 120 14.75 28.26 -42.93
N ILE G 121 13.95 28.98 -43.71
CA ILE G 121 14.31 30.32 -44.16
C ILE G 121 14.57 31.20 -42.94
N LEU G 122 13.59 31.28 -42.03
CA LEU G 122 13.79 32.11 -40.85
C LEU G 122 14.89 31.55 -39.96
N ALA G 123 15.03 30.22 -39.89
CA ALA G 123 16.11 29.63 -39.09
C ALA G 123 17.48 30.10 -39.56
N ASN G 124 17.67 30.20 -40.87
CA ASN G 124 18.89 30.80 -41.39
C ASN G 124 18.94 32.31 -41.23
N THR G 125 17.79 32.98 -41.17
CA THR G 125 17.77 34.40 -40.77
C THR G 125 17.58 34.55 -39.27
N CYS G 126 18.46 33.90 -38.50
CA CYS G 126 18.40 33.94 -37.04
C CYS G 126 19.77 34.25 -36.45
N THR G 127 19.85 34.17 -35.13
CA THR G 127 21.12 34.20 -34.41
C THR G 127 21.57 32.76 -34.13
N GLU G 128 22.70 32.64 -33.43
CA GLU G 128 23.21 31.32 -33.11
C GLU G 128 22.25 30.57 -32.17
N ARG G 129 21.79 31.25 -31.11
CA ARG G 129 20.90 30.60 -30.16
C ARG G 129 19.48 30.47 -30.71
N LEU G 130 19.03 31.46 -31.48
CA LEU G 130 17.72 31.36 -32.11
C LEU G 130 17.69 30.20 -33.11
N LYS G 131 18.76 30.04 -33.90
CA LYS G 131 18.84 28.90 -34.79
C LYS G 131 19.07 27.59 -34.04
N LEU G 132 19.65 27.64 -32.84
CA LEU G 132 19.68 26.45 -32.00
C LEU G 132 18.28 26.02 -31.59
N PHE G 133 17.47 26.97 -31.13
CA PHE G 133 16.06 26.72 -30.87
C PHE G 133 15.39 26.12 -32.10
N ALA G 134 15.70 26.69 -33.26
CA ALA G 134 15.16 26.19 -34.52
C ALA G 134 15.54 24.73 -34.76
N ALA G 135 16.82 24.39 -34.63
CA ALA G 135 17.28 23.03 -34.92
C ALA G 135 16.68 22.03 -33.95
N GLU G 136 16.63 22.40 -32.66
CA GLU G 136 16.01 21.50 -31.68
C GLU G 136 14.53 21.32 -31.97
N THR G 137 13.85 22.37 -32.43
CA THR G 137 12.44 22.22 -32.77
C THR G 137 12.24 21.40 -34.04
N LEU G 138 13.16 21.47 -35.00
CA LEU G 138 13.13 20.53 -36.12
C LEU G 138 13.31 19.07 -35.70
N LYS G 139 14.25 18.78 -34.79
CA LYS G 139 14.34 17.41 -34.29
C LYS G 139 13.06 17.00 -33.57
N ALA G 140 12.49 17.92 -32.76
CA ALA G 140 11.26 17.62 -32.05
C ALA G 140 10.10 17.35 -33.00
N THR G 141 9.99 18.12 -34.07
CA THR G 141 8.89 17.91 -35.00
C THR G 141 9.11 16.65 -35.83
N GLU G 142 10.37 16.34 -36.15
CA GLU G 142 10.68 15.07 -36.81
C GLU G 142 10.18 13.90 -35.97
N GLU G 143 10.53 13.88 -34.69
CA GLU G 143 10.09 12.76 -33.86
C GLU G 143 8.57 12.79 -33.63
N THR G 144 7.98 13.97 -33.46
CA THR G 144 6.58 14.06 -33.11
C THR G 144 5.67 13.76 -34.30
N PHE G 145 6.18 13.89 -35.53
CA PHE G 145 5.42 13.44 -36.69
C PHE G 145 5.87 12.08 -37.21
N LYS G 146 6.99 11.54 -36.70
CA LYS G 146 7.26 10.13 -36.90
C LYS G 146 6.43 9.26 -35.97
N LEU G 147 6.13 9.72 -34.77
CA LEU G 147 5.27 8.97 -33.84
C LEU G 147 3.79 9.14 -34.15
N SER G 148 3.43 9.04 -35.43
CA SER G 148 2.03 9.10 -35.85
C SER G 148 1.72 8.05 -36.90
N TYR G 149 2.54 7.01 -37.00
CA TYR G 149 2.36 5.92 -37.96
C TYR G 149 2.36 4.59 -37.21
N GLY G 150 2.28 3.51 -37.99
CA GLY G 150 2.00 2.20 -37.45
C GLY G 150 3.21 1.44 -36.94
N ILE G 151 2.92 0.28 -36.36
CA ILE G 151 3.92 -0.63 -35.81
C ILE G 151 3.72 -1.99 -36.48
N ALA G 152 4.72 -2.42 -37.24
CA ALA G 152 4.63 -3.71 -37.92
C ALA G 152 4.87 -4.85 -36.93
N THR G 153 4.23 -5.99 -37.22
CA THR G 153 4.36 -7.15 -36.35
C THR G 153 4.15 -8.43 -37.16
N VAL G 154 4.86 -9.47 -36.76
CA VAL G 154 4.76 -10.80 -37.37
C VAL G 154 4.07 -11.70 -36.36
N ARG G 155 2.88 -12.19 -36.70
CA ARG G 155 2.04 -12.95 -35.77
C ARG G 155 2.11 -14.45 -36.04
N GLU G 156 1.98 -14.87 -37.31
CA GLU G 156 2.44 -16.20 -37.70
C GLU G 156 3.69 -16.06 -38.56
N VAL G 157 4.70 -16.87 -38.28
CA VAL G 157 6.00 -16.73 -38.91
C VAL G 157 6.11 -17.68 -40.10
N LEU G 158 6.90 -17.27 -41.09
CA LEU G 158 7.23 -18.11 -42.24
C LEU G 158 8.74 -18.24 -42.32
N SER G 159 9.24 -18.79 -43.43
CA SER G 159 10.68 -18.89 -43.63
C SER G 159 11.30 -17.50 -43.64
N ASP G 160 12.52 -17.39 -43.12
CA ASP G 160 13.17 -16.10 -43.01
C ASP G 160 13.38 -15.49 -44.40
N ARG G 161 13.37 -14.16 -44.44
CA ARG G 161 13.45 -13.35 -45.66
C ARG G 161 12.21 -13.51 -46.54
N GLU G 162 11.20 -14.26 -46.08
CA GLU G 162 9.90 -14.27 -46.73
C GLU G 162 8.81 -14.61 -45.72
N LEU G 163 8.18 -13.59 -45.13
CA LEU G 163 7.26 -13.77 -44.03
C LEU G 163 5.90 -13.14 -44.38
N HIS G 164 5.02 -13.05 -43.38
CA HIS G 164 3.78 -12.30 -43.49
C HIS G 164 3.77 -11.20 -42.44
N LEU G 165 3.02 -10.13 -42.74
CA LEU G 165 3.09 -8.92 -41.91
C LEU G 165 1.75 -8.21 -41.93
N SER G 166 1.09 -8.14 -40.77
CA SER G 166 0.00 -7.22 -40.53
C SER G 166 0.50 -6.06 -39.68
N TRP G 167 -0.22 -4.93 -39.76
CA TRP G 167 0.28 -3.70 -39.17
C TRP G 167 -0.60 -3.20 -38.04
N GLU G 168 -1.23 -2.03 -38.22
CA GLU G 168 -1.89 -1.35 -37.11
C GLU G 168 -3.32 -0.95 -37.45
N VAL G 169 -3.94 -0.15 -36.59
CA VAL G 169 -5.34 0.24 -36.69
C VAL G 169 -5.41 1.60 -37.38
N GLY G 170 -5.77 1.60 -38.66
CA GLY G 170 -6.16 2.81 -39.35
C GLY G 170 -5.07 3.78 -39.75
N LYS G 171 -3.90 3.70 -39.12
CA LYS G 171 -2.84 4.66 -39.38
C LYS G 171 -2.25 4.42 -40.78
N PRO G 172 -1.64 5.44 -41.38
CA PRO G 172 -0.93 5.25 -42.63
C PRO G 172 0.46 4.66 -42.39
N ARG G 173 1.14 4.34 -43.50
CA ARG G 173 2.47 3.77 -43.44
C ARG G 173 3.49 4.76 -43.98
N PRO G 174 4.67 4.87 -43.36
CA PRO G 174 5.69 5.81 -43.82
C PRO G 174 6.36 5.32 -45.09
N PRO G 175 7.38 6.03 -45.60
CA PRO G 175 8.16 5.49 -46.72
C PRO G 175 8.72 4.10 -46.45
N LEU G 176 9.23 3.47 -47.49
CA LEU G 176 9.35 2.01 -47.56
C LEU G 176 10.75 1.48 -47.38
N ASN G 177 11.80 2.24 -47.68
CA ASN G 177 13.14 1.69 -47.68
C ASN G 177 13.65 1.50 -46.25
N ARG G 178 14.94 1.17 -46.11
CA ARG G 178 15.55 0.92 -44.81
C ARG G 178 15.85 2.20 -44.04
N ASN G 179 15.26 3.32 -44.45
CA ASN G 179 15.44 4.57 -43.72
C ASN G 179 14.91 4.45 -42.29
N TYR G 180 13.75 3.82 -42.13
CA TYR G 180 13.13 3.61 -40.82
C TYR G 180 13.43 2.19 -40.37
N VAL G 181 14.28 2.05 -39.35
CA VAL G 181 14.62 0.74 -38.83
C VAL G 181 13.48 0.23 -37.96
N PHE G 182 13.00 -0.98 -38.24
CA PHE G 182 11.90 -1.59 -37.51
C PHE G 182 12.47 -2.38 -36.34
N THR G 183 12.86 -1.65 -35.31
CA THR G 183 13.47 -2.24 -34.10
C THR G 183 12.51 -1.98 -32.95
N GLY G 184 11.59 -2.93 -32.71
CA GLY G 184 10.57 -2.77 -31.69
C GLY G 184 10.86 -3.55 -30.44
N TYR G 185 9.86 -4.25 -29.92
CA TYR G 185 10.02 -5.11 -28.76
C TYR G 185 8.98 -6.22 -28.80
N ARG G 186 9.24 -7.28 -28.03
CA ARG G 186 8.31 -8.39 -27.92
C ARG G 186 7.69 -8.44 -26.53
N VAL G 187 6.44 -8.87 -26.46
CA VAL G 187 5.67 -8.91 -25.22
C VAL G 187 5.31 -10.36 -24.92
N THR G 188 5.73 -10.84 -23.75
CA THR G 188 5.31 -12.18 -23.32
C THR G 188 3.92 -12.13 -22.68
N LYS G 189 3.76 -11.42 -21.56
CA LYS G 189 2.43 -11.08 -21.07
C LYS G 189 2.27 -9.63 -20.64
N ASN G 190 3.28 -9.00 -20.06
CA ASN G 190 3.18 -7.60 -19.67
C ASN G 190 4.47 -6.83 -19.95
N SER G 191 5.56 -7.56 -20.18
CA SER G 191 6.90 -6.97 -20.24
C SER G 191 7.41 -6.92 -21.68
N LYS G 192 8.56 -6.28 -21.84
CA LYS G 192 9.22 -6.18 -23.14
C LYS G 192 10.39 -7.17 -23.20
N VAL G 193 10.55 -7.81 -24.36
CA VAL G 193 11.45 -8.94 -24.51
C VAL G 193 12.31 -8.74 -25.76
N GLN G 194 13.57 -9.19 -25.67
CA GLN G 194 14.55 -9.14 -26.75
C GLN G 194 13.95 -9.45 -28.11
N ILE G 195 14.17 -8.56 -29.08
CA ILE G 195 13.61 -8.73 -30.42
C ILE G 195 14.68 -8.64 -31.50
N GLY G 196 15.53 -7.62 -31.43
CA GLY G 196 16.52 -7.38 -32.47
C GLY G 196 16.14 -6.20 -33.35
N GLU G 197 16.88 -6.06 -34.45
CA GLU G 197 16.72 -4.96 -35.39
C GLU G 197 16.31 -5.50 -36.74
N TYR G 198 15.25 -4.91 -37.32
CA TYR G 198 14.66 -5.40 -38.55
C TYR G 198 14.44 -4.22 -39.50
N THR G 199 14.00 -4.54 -40.72
CA THR G 199 13.68 -3.53 -41.72
C THR G 199 12.77 -4.14 -42.77
N PHE G 200 11.66 -3.48 -43.06
CA PHE G 200 10.68 -3.97 -44.01
C PHE G 200 10.71 -3.16 -45.30
N GLU G 201 11.05 -3.81 -46.40
CA GLU G 201 10.94 -3.17 -47.71
C GLU G 201 10.04 -3.95 -48.67
N LYS G 202 10.27 -5.25 -48.82
CA LYS G 202 9.60 -6.01 -49.87
C LYS G 202 8.48 -6.86 -49.29
N GLY G 203 7.30 -6.77 -49.89
CA GLY G 203 6.15 -7.55 -49.47
C GLY G 203 5.35 -8.06 -50.64
N ALA G 208 3.35 -12.88 -48.04
CA ALA G 208 4.70 -12.77 -48.61
C ALA G 208 5.33 -11.44 -48.25
N VAL G 209 6.29 -11.46 -47.32
CA VAL G 209 7.00 -10.26 -46.89
C VAL G 209 8.50 -10.55 -46.84
N VAL G 210 9.26 -9.95 -47.75
CA VAL G 210 10.70 -10.18 -47.82
C VAL G 210 11.39 -9.17 -46.91
N TYR G 211 12.23 -9.67 -46.00
CA TYR G 211 12.95 -8.85 -45.04
C TYR G 211 14.45 -8.92 -45.29
N ARG G 212 15.13 -7.85 -44.91
CA ARG G 212 16.59 -7.80 -44.94
C ARG G 212 17.11 -8.01 -43.52
N GLY G 213 18.08 -8.90 -43.38
CA GLY G 213 18.56 -9.26 -42.06
C GLY G 213 19.75 -8.47 -41.58
N THR G 214 19.51 -7.46 -40.74
CA THR G 214 20.60 -6.87 -39.98
C THR G 214 21.19 -7.87 -39.00
N THR G 215 20.42 -8.88 -38.62
CA THR G 215 20.89 -10.00 -37.82
C THR G 215 20.07 -11.22 -38.22
N THR G 216 20.54 -12.40 -37.82
CA THR G 216 19.80 -13.63 -38.07
C THR G 216 18.83 -13.87 -36.91
N TYR G 217 17.57 -14.14 -37.26
CA TYR G 217 16.50 -14.14 -36.27
C TYR G 217 15.70 -15.43 -36.32
N LYS G 218 15.09 -15.75 -35.18
CA LYS G 218 14.12 -16.83 -35.04
C LYS G 218 12.85 -16.20 -34.50
N LEU G 219 12.01 -15.69 -35.40
CA LEU G 219 10.84 -14.91 -35.01
C LEU G 219 9.76 -15.81 -34.42
N ASN G 220 9.11 -15.32 -33.37
CA ASN G 220 8.06 -16.01 -32.65
C ASN G 220 6.72 -15.31 -32.89
N VAL G 221 5.68 -15.75 -32.19
CA VAL G 221 4.34 -15.21 -32.36
C VAL G 221 4.28 -13.79 -31.80
N GLY G 222 3.64 -12.90 -32.57
CA GLY G 222 3.34 -11.55 -32.08
C GLY G 222 4.42 -10.49 -32.14
N ASP G 223 5.65 -10.88 -32.44
CA ASP G 223 6.81 -10.00 -32.43
C ASP G 223 6.56 -8.67 -33.14
N TYR G 224 6.74 -7.55 -32.42
CA TYR G 224 6.39 -6.22 -32.92
C TYR G 224 7.65 -5.45 -33.24
N PHE G 225 7.65 -4.75 -34.38
CA PHE G 225 8.80 -3.98 -34.83
C PHE G 225 8.35 -2.55 -35.13
N VAL G 226 8.92 -1.58 -34.40
CA VAL G 226 8.70 -0.17 -34.70
C VAL G 226 9.75 0.67 -33.97
N LEU G 227 10.06 1.84 -34.50
CA LEU G 227 11.00 2.75 -33.86
C LEU G 227 10.29 3.47 -32.71
N THR G 228 10.75 3.21 -31.48
CA THR G 228 10.26 3.90 -30.29
C THR G 228 11.28 4.98 -29.95
N SER G 229 10.83 6.24 -29.96
CA SER G 229 11.74 7.37 -29.90
C SER G 229 11.58 8.14 -28.60
N HIS G 230 12.72 8.63 -28.09
CA HIS G 230 12.74 9.60 -27.00
C HIS G 230 12.79 11.01 -27.58
N THR G 231 13.02 12.02 -26.75
CA THR G 231 13.14 13.39 -27.23
C THR G 231 14.54 13.90 -26.93
N VAL G 232 15.16 14.53 -27.94
CA VAL G 232 16.52 15.04 -27.82
C VAL G 232 16.55 16.17 -26.79
N MET G 233 17.44 16.06 -25.82
CA MET G 233 17.54 17.04 -24.76
C MET G 233 18.07 18.35 -25.31
N PRO G 234 17.81 19.45 -24.63
CA PRO G 234 18.47 20.71 -24.97
C PRO G 234 19.98 20.58 -24.85
N LEU G 235 20.69 21.32 -25.70
CA LEU G 235 22.15 21.30 -25.74
C LEU G 235 22.68 22.60 -25.14
N SER G 236 23.88 22.54 -24.56
CA SER G 236 24.44 23.66 -23.81
C SER G 236 25.66 24.30 -24.48
N ALA G 237 26.05 23.87 -25.68
CA ALA G 237 27.21 24.46 -26.31
C ALA G 237 26.91 24.88 -27.74
N PRO G 238 27.55 25.94 -28.22
CA PRO G 238 27.26 26.44 -29.58
C PRO G 238 27.69 25.44 -30.65
N THR G 239 27.05 25.55 -31.80
CA THR G 239 27.36 24.66 -32.92
C THR G 239 28.69 25.05 -33.57
N LEU G 240 28.74 26.25 -34.12
CA LEU G 240 29.96 26.75 -34.75
C LEU G 240 30.73 27.65 -33.78
N VAL G 241 32.05 27.65 -33.95
CA VAL G 241 32.93 28.50 -33.16
C VAL G 241 33.26 29.74 -33.98
N PRO G 242 33.29 30.92 -33.37
CA PRO G 242 33.53 32.17 -34.13
C PRO G 242 34.92 32.16 -34.77
N GLN G 243 35.03 32.76 -35.95
CA GLN G 243 36.26 32.73 -36.72
C GLN G 243 37.33 33.64 -36.13
N GLU G 244 38.35 33.05 -35.52
CA GLU G 244 39.51 33.78 -35.03
C GLU G 244 40.77 33.06 -35.45
N HIS G 245 41.56 33.70 -36.31
CA HIS G 245 42.79 33.13 -36.85
C HIS G 245 43.91 33.26 -35.83
N TYR G 246 44.82 32.29 -35.84
CA TYR G 246 45.82 32.21 -34.79
C TYR G 246 46.94 33.22 -35.00
N VAL G 247 47.52 33.67 -33.89
CA VAL G 247 48.64 34.60 -33.96
C VAL G 247 49.85 33.94 -34.61
N ARG G 248 50.14 32.70 -34.21
CA ARG G 248 51.33 32.00 -34.72
C ARG G 248 51.04 30.51 -34.77
N ILE G 249 52.09 29.70 -34.85
CA ILE G 249 51.96 28.25 -34.82
C ILE G 249 52.30 27.81 -33.39
N THR G 250 52.11 28.72 -32.44
CA THR G 250 52.36 28.45 -31.03
C THR G 250 51.51 27.30 -30.54
N GLY G 251 52.11 26.45 -29.71
CA GLY G 251 51.40 25.32 -29.12
C GLY G 251 51.27 24.11 -30.00
N LEU G 252 52.06 23.99 -31.06
CA LEU G 252 52.02 22.86 -31.97
C LEU G 252 53.26 22.00 -31.79
N TYR G 253 53.14 20.72 -32.17
CA TYR G 253 54.27 19.78 -32.11
C TYR G 253 54.74 19.51 -33.53
N PRO G 254 55.64 20.33 -34.07
CA PRO G 254 55.99 20.22 -35.49
C PRO G 254 56.77 18.96 -35.80
N THR G 255 56.74 18.57 -37.07
CA THR G 255 57.46 17.42 -37.59
C THR G 255 58.49 17.89 -38.61
N LEU G 256 59.41 16.99 -38.95
CA LEU G 256 60.49 17.28 -39.88
C LEU G 256 60.19 16.85 -41.30
N ASN G 257 59.62 15.66 -41.50
CA ASN G 257 59.34 15.16 -42.83
C ASN G 257 58.09 15.84 -43.40
N ILE G 258 57.98 15.79 -44.72
CA ILE G 258 56.87 16.42 -45.44
C ILE G 258 56.24 15.37 -46.36
N SER G 259 54.91 15.31 -46.34
CA SER G 259 54.17 14.35 -47.18
C SER G 259 54.46 14.62 -48.65
N ASP G 260 54.72 13.55 -49.40
CA ASP G 260 55.05 13.66 -50.81
C ASP G 260 54.06 12.96 -51.73
N GLU G 261 53.49 11.83 -51.29
CA GLU G 261 52.51 11.12 -52.13
C GLU G 261 51.25 11.95 -52.36
N PHE G 262 50.95 12.87 -51.45
CA PHE G 262 49.81 13.76 -51.58
C PHE G 262 50.35 15.10 -52.08
N SER G 263 49.89 15.54 -53.26
CA SER G 263 50.48 16.68 -53.94
C SER G 263 49.82 18.01 -53.57
N SER G 264 48.83 18.02 -52.69
CA SER G 264 48.19 19.25 -52.28
C SER G 264 48.04 19.28 -50.76
N ASN G 265 49.12 18.98 -50.05
CA ASN G 265 49.04 18.80 -48.60
C ASN G 265 49.82 19.83 -47.79
N VAL G 266 50.96 20.32 -48.27
CA VAL G 266 51.86 21.14 -47.45
C VAL G 266 51.25 22.51 -47.12
N ALA G 267 50.72 23.20 -48.14
CA ALA G 267 50.10 24.50 -47.89
C ALA G 267 48.91 24.36 -46.97
N ASN G 268 48.13 23.30 -47.11
CA ASN G 268 46.99 23.08 -46.24
C ASN G 268 47.44 22.68 -44.83
N TYR G 269 48.59 22.01 -44.73
CA TYR G 269 49.20 21.76 -43.42
C TYR G 269 49.49 23.08 -42.72
N GLN G 270 50.12 24.02 -43.44
CA GLN G 270 50.36 25.33 -42.86
C GLN G 270 49.04 26.03 -42.51
N LYS G 271 48.02 25.84 -43.35
CA LYS G 271 46.71 26.42 -43.08
C LYS G 271 46.18 25.92 -41.74
N VAL G 272 46.15 24.60 -41.54
CA VAL G 272 45.81 24.05 -40.23
C VAL G 272 46.73 24.62 -39.16
N GLY G 273 47.96 24.98 -39.55
CA GLY G 273 48.83 25.70 -38.65
C GLY G 273 48.25 27.01 -38.17
N MET G 274 47.56 27.76 -39.05
CA MET G 274 46.92 28.98 -38.57
C MET G 274 45.47 29.13 -39.01
N GLN G 275 44.73 28.03 -39.16
CA GLN G 275 43.29 28.09 -39.41
C GLN G 275 42.55 27.42 -38.25
N LYS G 276 41.43 28.03 -37.84
CA LYS G 276 40.76 27.58 -36.63
C LYS G 276 39.63 26.62 -36.98
N TYR G 277 38.87 26.89 -38.05
CA TYR G 277 37.87 25.98 -38.57
C TYR G 277 38.00 25.83 -40.09
N SER G 278 37.60 24.66 -40.58
CA SER G 278 37.93 24.26 -41.95
C SER G 278 36.78 23.44 -42.54
N THR G 279 36.06 24.03 -43.49
CA THR G 279 35.07 23.28 -44.25
C THR G 279 35.28 23.51 -45.74
N LEU G 280 35.00 22.46 -46.50
CA LEU G 280 35.13 22.49 -47.95
C LEU G 280 33.92 21.79 -48.54
N GLN G 281 33.79 21.87 -49.87
CA GLN G 281 32.62 21.41 -50.58
C GLN G 281 33.10 20.44 -51.66
N GLY G 282 33.00 19.14 -51.38
CA GLY G 282 33.61 18.18 -52.27
C GLY G 282 32.90 16.84 -52.36
N PRO G 283 32.89 16.26 -53.55
CA PRO G 283 32.40 14.89 -53.71
C PRO G 283 33.40 13.88 -53.17
N PRO G 284 33.14 12.58 -53.31
CA PRO G 284 34.18 11.59 -52.98
C PRO G 284 35.46 11.87 -53.76
N GLY G 285 36.59 11.69 -53.07
CA GLY G 285 37.85 12.10 -53.62
C GLY G 285 38.07 13.60 -53.48
N THR G 286 38.14 14.07 -52.23
CA THR G 286 38.48 15.46 -51.97
C THR G 286 39.37 15.62 -50.73
N GLY G 287 40.26 14.65 -50.49
CA GLY G 287 41.05 14.62 -49.29
C GLY G 287 40.43 13.85 -48.15
N LYS G 288 39.14 13.57 -48.21
CA LYS G 288 38.49 12.74 -47.19
C LYS G 288 39.10 11.35 -47.10
N SER G 289 39.76 10.88 -48.16
CA SER G 289 40.38 9.57 -48.19
C SER G 289 41.80 9.57 -47.64
N HIS G 290 42.59 10.62 -47.90
CA HIS G 290 44.00 10.62 -47.55
C HIS G 290 44.45 11.85 -46.77
N PHE G 291 43.74 12.97 -46.83
CA PHE G 291 44.24 14.16 -46.16
C PHE G 291 44.12 14.04 -44.64
N ALA G 292 43.12 13.32 -44.16
CA ALA G 292 43.02 13.08 -42.72
C ALA G 292 44.24 12.34 -42.20
N ILE G 293 44.67 11.31 -42.94
CA ILE G 293 45.89 10.60 -42.59
C ILE G 293 47.10 11.50 -42.76
N GLY G 294 47.07 12.40 -43.74
CA GLY G 294 48.14 13.35 -43.91
C GLY G 294 48.34 14.24 -42.70
N LEU G 295 47.25 14.78 -42.15
CA LEU G 295 47.33 15.50 -40.88
C LEU G 295 47.75 14.58 -39.73
N ALA G 296 47.26 13.34 -39.73
CA ALA G 296 47.60 12.42 -38.66
C ALA G 296 49.11 12.18 -38.57
N LEU G 297 49.76 11.97 -39.71
CA LEU G 297 51.21 11.81 -39.75
C LEU G 297 51.95 13.12 -39.61
N TYR G 298 51.35 14.23 -40.08
CA TYR G 298 52.03 15.51 -40.07
C TYR G 298 52.03 16.14 -38.68
N TYR G 299 51.00 15.89 -37.88
CA TYR G 299 51.07 16.12 -36.44
C TYR G 299 50.74 14.83 -35.69
N PRO G 300 51.74 14.16 -35.10
CA PRO G 300 51.51 12.85 -34.50
C PRO G 300 50.65 12.87 -33.23
N SER G 301 51.00 13.74 -32.27
CA SER G 301 50.41 13.66 -30.95
C SER G 301 49.20 14.56 -30.77
N ALA G 302 48.81 15.31 -31.79
CA ALA G 302 47.67 16.21 -31.67
C ALA G 302 46.38 15.40 -31.45
N ARG G 303 45.56 15.86 -30.51
CA ARG G 303 44.26 15.23 -30.29
C ARG G 303 43.34 15.56 -31.47
N ILE G 304 43.26 14.65 -32.43
CA ILE G 304 42.45 14.81 -33.63
C ILE G 304 41.32 13.80 -33.59
N VAL G 305 40.09 14.29 -33.74
CA VAL G 305 38.88 13.47 -33.61
C VAL G 305 38.26 13.39 -34.99
N TYR G 306 37.88 12.18 -35.41
CA TYR G 306 37.16 11.95 -36.65
C TYR G 306 35.77 11.40 -36.36
N THR G 307 34.85 11.65 -37.29
CA THR G 307 33.50 11.12 -37.13
C THR G 307 32.72 11.11 -38.45
N ALA G 308 31.98 10.04 -38.68
CA ALA G 308 30.98 9.96 -39.73
C ALA G 308 29.67 9.43 -39.15
N CYS G 309 28.57 9.74 -39.84
CA CYS G 309 27.26 9.46 -39.27
C CYS G 309 26.98 7.97 -39.12
N SER G 310 27.72 7.13 -39.86
CA SER G 310 27.59 5.68 -39.73
C SER G 310 28.98 5.07 -39.73
N HIS G 311 29.09 3.91 -39.05
CA HIS G 311 30.39 3.28 -38.85
C HIS G 311 31.02 2.80 -40.14
N ALA G 312 30.24 2.48 -41.16
CA ALA G 312 30.83 2.01 -42.42
C ALA G 312 31.51 3.13 -43.19
N ALA G 313 31.20 4.39 -42.88
CA ALA G 313 31.91 5.53 -43.44
C ALA G 313 33.08 5.97 -42.57
N VAL G 314 32.99 5.79 -41.24
CA VAL G 314 34.17 5.92 -40.38
C VAL G 314 35.21 4.89 -40.78
N ASP G 315 34.76 3.70 -41.17
CA ASP G 315 35.63 2.61 -41.58
C ASP G 315 36.44 2.97 -42.83
N ALA G 316 35.88 3.77 -43.74
CA ALA G 316 36.60 4.14 -44.95
C ALA G 316 37.95 4.78 -44.66
N LEU G 317 38.09 5.44 -43.51
CA LEU G 317 39.38 5.94 -43.04
C LEU G 317 40.03 5.03 -42.02
N CYS G 318 39.24 4.46 -41.10
CA CYS G 318 39.80 3.72 -39.98
C CYS G 318 40.40 2.39 -40.42
N GLU G 319 40.07 1.92 -41.62
CA GLU G 319 40.56 0.61 -42.07
C GLU G 319 42.08 0.62 -42.24
N LYS G 320 42.64 1.76 -42.66
CA LYS G 320 44.08 1.90 -42.74
C LYS G 320 44.61 3.08 -41.94
N ALA G 321 43.77 3.73 -41.12
CA ALA G 321 44.30 4.66 -40.14
C ALA G 321 45.22 3.99 -39.13
N LEU G 322 45.08 2.67 -38.95
CA LEU G 322 46.00 1.89 -38.12
C LEU G 322 47.14 1.27 -38.92
N LYS G 323 47.08 1.35 -40.26
CA LYS G 323 48.16 0.80 -41.08
C LYS G 323 49.15 1.88 -41.49
N TYR G 324 48.66 3.02 -41.93
CA TYR G 324 49.55 4.14 -42.29
C TYR G 324 50.37 4.60 -41.08
N LEU G 325 49.72 4.70 -39.92
CA LEU G 325 50.36 5.08 -38.68
C LEU G 325 50.03 4.05 -37.61
N PRO G 326 50.83 3.94 -36.53
CA PRO G 326 50.62 2.88 -35.53
C PRO G 326 49.19 2.71 -35.02
N ILE G 327 48.87 1.48 -34.64
CA ILE G 327 47.51 1.13 -34.21
C ILE G 327 47.16 1.83 -32.91
N ASP G 328 48.13 1.99 -32.02
CA ASP G 328 47.89 2.38 -30.62
C ASP G 328 47.28 3.76 -30.46
N LYS G 329 46.97 4.44 -31.56
CA LYS G 329 46.58 5.84 -31.48
C LYS G 329 45.26 6.18 -32.20
N CYS G 330 44.35 5.22 -32.33
CA CYS G 330 43.00 5.52 -32.81
C CYS G 330 42.00 4.58 -32.15
N SER G 331 40.74 5.00 -32.12
CA SER G 331 39.65 4.18 -31.60
C SER G 331 38.31 4.81 -31.95
N ARG G 332 37.27 3.98 -32.01
CA ARG G 332 35.89 4.44 -31.94
C ARG G 332 35.06 3.37 -31.24
N ILE G 333 34.10 3.82 -30.43
CA ILE G 333 33.36 2.94 -29.54
C ILE G 333 32.07 2.51 -30.23
N ILE G 334 31.69 1.25 -30.02
CA ILE G 334 30.59 0.60 -30.73
C ILE G 334 29.48 0.34 -29.73
N PRO G 335 28.28 0.87 -29.94
CA PRO G 335 27.16 0.54 -29.05
C PRO G 335 26.38 -0.68 -29.52
N ALA G 336 25.68 -1.34 -28.61
CA ALA G 336 24.89 -2.52 -28.95
C ALA G 336 23.76 -2.73 -27.95
N VAL G 340 22.96 -2.69 -33.69
CA VAL G 340 23.39 -1.53 -34.48
C VAL G 340 24.64 -1.90 -35.28
N GLU G 341 24.63 -1.55 -36.57
CA GLU G 341 25.71 -1.88 -37.48
C GLU G 341 26.90 -0.96 -37.19
N CYS G 342 27.88 -1.48 -36.47
CA CYS G 342 29.10 -0.75 -36.16
C CYS G 342 30.29 -1.71 -36.23
N PHE G 343 31.45 -1.19 -36.60
CA PHE G 343 32.61 -2.00 -36.92
C PHE G 343 33.61 -1.95 -35.77
N ASP G 344 34.02 -3.13 -35.29
CA ASP G 344 34.83 -3.26 -34.10
C ASP G 344 36.33 -3.34 -34.41
N LYS G 345 36.76 -2.69 -35.49
CA LYS G 345 38.16 -2.80 -35.91
C LYS G 345 39.11 -2.20 -34.88
N PHE G 346 38.80 -1.02 -34.37
CA PHE G 346 39.72 -0.31 -33.49
C PHE G 346 39.63 -0.79 -32.04
N LYS G 347 40.26 -0.07 -31.13
CA LYS G 347 40.27 -0.41 -29.71
C LYS G 347 38.97 0.12 -29.11
N VAL G 348 37.97 -0.76 -29.05
CA VAL G 348 36.61 -0.40 -28.66
C VAL G 348 36.52 -0.48 -27.14
N ASN G 349 35.53 0.21 -26.57
CA ASN G 349 35.41 0.37 -25.11
C ASN G 349 36.68 0.95 -24.50
N SER G 350 37.26 1.96 -25.19
CA SER G 350 38.51 2.59 -24.76
C SER G 350 38.40 4.09 -25.02
N THR G 351 38.07 4.85 -23.96
CA THR G 351 38.05 6.30 -24.08
C THR G 351 39.45 6.86 -24.32
N LEU G 352 40.45 6.31 -23.65
CA LEU G 352 41.81 6.80 -23.75
C LEU G 352 42.42 6.42 -25.11
N GLU G 353 42.69 7.42 -25.94
CA GLU G 353 43.33 7.24 -27.23
C GLU G 353 43.84 8.59 -27.72
N GLN G 354 44.31 8.63 -28.97
CA GLN G 354 44.80 9.87 -29.55
C GLN G 354 43.92 10.34 -30.70
N TYR G 355 43.77 9.51 -31.72
CA TYR G 355 42.92 9.85 -32.87
C TYR G 355 41.57 9.17 -32.75
N VAL G 356 40.73 9.65 -31.84
CA VAL G 356 39.44 9.02 -31.58
C VAL G 356 38.53 9.20 -32.79
N PHE G 357 38.29 8.12 -33.51
CA PHE G 357 37.21 8.12 -34.49
C PHE G 357 35.88 8.08 -33.75
N CYS G 358 34.80 8.44 -34.44
CA CYS G 358 33.55 8.62 -33.72
C CYS G 358 32.38 8.43 -34.69
N THR G 359 31.18 8.37 -34.11
CA THR G 359 29.92 8.40 -34.87
C THR G 359 29.01 9.39 -34.17
N VAL G 360 28.30 10.21 -34.94
CA VAL G 360 27.47 11.29 -34.42
C VAL G 360 26.50 10.74 -33.38
N ASN G 361 26.13 9.47 -33.51
CA ASN G 361 25.17 8.86 -32.60
C ASN G 361 25.67 8.77 -31.15
N ALA G 362 26.96 8.54 -30.93
CA ALA G 362 27.44 8.34 -29.57
C ALA G 362 28.94 8.51 -29.41
N LEU G 363 29.36 9.36 -28.45
CA LEU G 363 30.73 9.46 -27.96
C LEU G 363 30.72 10.30 -26.68
N PRO G 364 31.42 9.87 -25.64
CA PRO G 364 31.52 10.68 -24.42
C PRO G 364 32.56 11.80 -24.57
N GLU G 365 32.63 12.64 -23.55
CA GLU G 365 33.50 13.81 -23.56
C GLU G 365 34.57 13.69 -22.49
N THR G 366 35.84 13.67 -22.93
CA THR G 366 36.93 13.82 -21.97
C THR G 366 37.75 15.09 -22.25
N THR G 367 38.37 15.15 -23.42
CA THR G 367 39.14 16.30 -23.86
C THR G 367 39.71 16.05 -25.27
N ALA G 368 40.00 17.12 -26.00
CA ALA G 368 40.71 17.03 -27.27
C ALA G 368 41.13 18.44 -27.67
N ASP G 369 41.89 18.54 -28.77
CA ASP G 369 42.49 19.81 -29.14
C ASP G 369 42.30 20.18 -30.61
N ILE G 370 42.11 19.20 -31.49
CA ILE G 370 42.01 19.44 -32.93
C ILE G 370 40.80 18.69 -33.47
N VAL G 371 40.04 19.34 -34.34
CA VAL G 371 38.82 18.80 -34.92
C VAL G 371 39.10 18.47 -36.37
N VAL G 372 38.92 17.20 -36.76
CA VAL G 372 38.83 16.81 -38.16
C VAL G 372 37.63 15.88 -38.33
N PHE G 373 36.47 16.46 -38.61
CA PHE G 373 35.21 15.72 -38.70
C PHE G 373 34.74 15.62 -40.14
N ASP G 374 34.29 14.42 -40.51
CA ASP G 374 33.77 14.13 -41.85
C ASP G 374 32.33 14.63 -41.97
N GLU G 375 31.63 14.13 -42.98
CA GLU G 375 30.37 14.71 -43.46
C GLU G 375 29.46 15.21 -42.35
N ILE G 376 28.83 16.35 -42.61
CA ILE G 376 28.01 17.08 -41.65
C ILE G 376 26.61 17.23 -42.26
N SER G 377 26.21 16.24 -43.05
CA SER G 377 25.11 16.42 -44.01
C SER G 377 23.73 16.16 -43.40
N MET G 378 23.47 14.92 -42.97
CA MET G 378 22.09 14.49 -42.72
C MET G 378 21.72 14.66 -41.24
N ALA G 379 21.76 15.92 -40.80
CA ALA G 379 21.24 16.34 -39.50
C ALA G 379 21.23 17.85 -39.39
N THR G 380 20.43 18.40 -38.48
CA THR G 380 20.43 19.83 -38.22
C THR G 380 21.61 20.17 -37.30
N ASN G 381 21.60 21.37 -36.70
CA ASN G 381 22.71 21.84 -35.90
C ASN G 381 23.06 20.91 -34.74
N TYR G 382 22.26 19.87 -34.51
CA TYR G 382 22.59 18.85 -33.51
C TYR G 382 23.97 18.26 -33.74
N ASP G 383 24.28 17.91 -35.00
CA ASP G 383 25.57 17.28 -35.30
C ASP G 383 26.73 18.20 -34.95
N LEU G 384 26.64 19.46 -35.39
CA LEU G 384 27.71 20.42 -35.13
C LEU G 384 27.86 20.71 -33.64
N SER G 385 26.74 20.90 -32.94
CA SER G 385 26.78 21.24 -31.53
C SER G 385 27.24 20.10 -30.64
N VAL G 386 26.82 18.86 -30.90
CA VAL G 386 27.26 17.75 -30.06
C VAL G 386 28.77 17.56 -30.19
N VAL G 387 29.32 17.81 -31.38
CA VAL G 387 30.74 17.56 -31.57
C VAL G 387 31.58 18.74 -31.09
N ASN G 388 31.05 19.96 -31.15
CA ASN G 388 31.78 21.07 -30.53
C ASN G 388 31.63 21.11 -29.01
N ALA G 389 30.61 20.46 -28.46
CA ALA G 389 30.53 20.23 -27.02
C ALA G 389 31.40 19.07 -26.58
N ARG G 390 31.56 18.08 -27.46
CA ARG G 390 32.40 16.91 -27.22
C ARG G 390 33.81 17.30 -26.82
N LEU G 391 34.33 18.37 -27.42
CA LEU G 391 35.71 18.77 -27.17
C LEU G 391 35.82 20.28 -27.32
N ARG G 392 36.63 20.89 -26.45
CA ARG G 392 37.05 22.28 -26.62
C ARG G 392 38.37 22.28 -27.38
N ALA G 393 38.29 22.44 -28.69
CA ALA G 393 39.44 22.18 -29.56
C ALA G 393 40.06 23.49 -30.02
N LYS G 394 41.37 23.43 -30.26
CA LYS G 394 42.12 24.57 -30.77
C LYS G 394 42.08 24.68 -32.29
N HIS G 395 41.74 23.59 -33.00
CA HIS G 395 41.71 23.58 -34.45
C HIS G 395 40.49 22.78 -34.90
N TYR G 396 39.84 23.22 -35.98
CA TYR G 396 38.66 22.53 -36.49
C TYR G 396 38.82 22.25 -37.98
N VAL G 397 38.41 21.06 -38.41
CA VAL G 397 38.31 20.74 -39.82
C VAL G 397 36.95 20.07 -40.07
N TYR G 398 35.97 20.85 -40.51
CA TYR G 398 34.62 20.35 -40.76
C TYR G 398 34.52 19.84 -42.20
N ILE G 399 35.14 18.69 -42.45
CA ILE G 399 34.95 18.04 -43.74
C ILE G 399 33.46 17.75 -43.92
N GLY G 400 32.95 18.03 -45.10
CA GLY G 400 31.52 17.94 -45.33
C GLY G 400 31.12 18.49 -46.68
N ASP G 401 29.81 18.74 -46.85
CA ASP G 401 29.27 19.33 -48.06
C ASP G 401 27.79 19.59 -47.82
N PRO G 402 27.26 20.77 -48.18
CA PRO G 402 25.81 20.93 -48.20
C PRO G 402 25.13 19.98 -49.17
N ALA G 403 25.86 19.47 -50.16
CA ALA G 403 25.40 18.34 -50.97
C ALA G 403 26.43 17.23 -50.85
N GLN G 404 26.33 16.47 -49.76
CA GLN G 404 27.06 15.21 -49.62
C GLN G 404 26.05 14.10 -49.38
N LEU G 405 25.20 14.30 -48.37
CA LEU G 405 24.04 13.48 -48.08
C LEU G 405 22.97 14.41 -47.52
N PRO G 406 22.44 15.34 -48.33
CA PRO G 406 21.54 16.37 -47.79
C PRO G 406 20.34 15.78 -47.07
N ALA G 407 20.17 16.17 -45.81
CA ALA G 407 19.16 15.64 -44.91
C ALA G 407 17.77 15.69 -45.54
N PRO G 408 17.16 14.55 -45.82
CA PRO G 408 15.77 14.55 -46.29
C PRO G 408 14.87 15.21 -45.25
N ARG G 409 14.05 16.15 -45.71
CA ARG G 409 13.21 16.94 -44.81
C ARG G 409 11.88 16.23 -44.56
N THR G 410 12.00 15.01 -44.02
CA THR G 410 10.89 14.09 -43.76
C THR G 410 9.85 14.12 -44.89
N LEU G 411 8.60 14.51 -44.61
CA LEU G 411 7.57 14.57 -45.64
C LEU G 411 7.65 15.95 -46.29
N LEU G 412 8.40 16.02 -47.39
CA LEU G 412 8.50 17.27 -48.14
C LEU G 412 7.15 17.61 -48.78
N THR G 413 6.80 18.89 -48.72
CA THR G 413 5.53 19.34 -49.27
C THR G 413 5.71 20.57 -50.15
N LYS G 414 6.72 21.39 -49.87
CA LYS G 414 6.89 22.68 -50.54
C LYS G 414 8.33 22.82 -51.03
N GLY G 415 8.60 22.30 -52.23
CA GLY G 415 9.83 22.59 -52.95
C GLY G 415 11.12 22.16 -52.27
N THR G 416 12.25 22.49 -52.90
CA THR G 416 13.57 22.25 -52.36
C THR G 416 14.31 23.57 -52.16
N LEU G 417 14.84 23.77 -50.97
CA LEU G 417 15.52 25.01 -50.63
C LEU G 417 16.92 25.04 -51.27
N GLU G 418 17.54 26.21 -51.21
CA GLU G 418 18.90 26.36 -51.74
C GLU G 418 19.86 25.46 -50.95
N PRO G 419 20.78 24.77 -51.62
CA PRO G 419 21.69 23.87 -50.88
C PRO G 419 22.55 24.59 -49.87
N GLU G 420 22.90 25.85 -50.12
CA GLU G 420 23.80 26.58 -49.22
C GLU G 420 23.25 26.64 -47.80
N TYR G 421 21.93 26.69 -47.66
CA TYR G 421 21.28 26.91 -46.37
C TYR G 421 21.26 25.64 -45.52
N PHE G 422 22.44 25.13 -45.18
CA PHE G 422 22.56 24.06 -44.19
C PHE G 422 22.65 24.60 -42.77
N ASN G 423 23.12 23.74 -41.85
CA ASN G 423 22.96 23.92 -40.42
C ASN G 423 23.47 25.26 -39.92
N SER G 424 24.79 25.45 -39.93
CA SER G 424 25.37 26.75 -39.59
C SER G 424 26.56 27.17 -40.43
N VAL G 425 27.21 26.27 -41.17
CA VAL G 425 28.49 26.56 -41.80
C VAL G 425 28.42 26.57 -43.32
N CYS G 426 27.41 25.97 -43.93
CA CYS G 426 27.40 25.85 -45.38
C CYS G 426 26.93 27.14 -46.05
N ARG G 427 26.06 27.89 -45.39
CA ARG G 427 25.75 29.22 -45.94
C ARG G 427 26.89 30.19 -45.77
N LEU G 428 27.60 30.03 -44.65
CA LEU G 428 28.85 30.75 -44.39
C LEU G 428 29.93 30.36 -45.39
N MET G 429 29.81 29.15 -45.94
CA MET G 429 30.86 28.44 -46.65
C MET G 429 31.28 29.13 -47.93
N LYS G 430 30.35 29.47 -48.82
CA LYS G 430 30.72 30.11 -50.07
C LYS G 430 30.23 31.55 -50.12
N THR G 431 29.96 32.13 -48.95
CA THR G 431 29.84 33.57 -48.79
C THR G 431 31.12 34.19 -48.24
N ILE G 432 31.96 33.38 -47.59
CA ILE G 432 33.25 33.81 -47.08
C ILE G 432 34.40 33.07 -47.74
N GLY G 433 34.12 32.00 -48.48
CA GLY G 433 35.14 31.28 -49.23
C GLY G 433 35.51 29.95 -48.62
N PRO G 434 35.99 29.03 -49.45
CA PRO G 434 36.44 27.73 -48.94
C PRO G 434 37.63 27.89 -48.00
N ASP G 435 37.62 27.10 -46.93
CA ASP G 435 38.61 27.23 -45.87
C ASP G 435 39.97 26.68 -46.25
N MET G 436 40.02 25.62 -47.05
CA MET G 436 41.28 25.10 -47.60
C MET G 436 41.28 25.10 -49.12
N PHE G 437 42.49 25.15 -49.66
CA PHE G 437 42.79 24.83 -51.05
C PHE G 437 43.04 23.33 -51.11
N LEU G 438 42.09 22.60 -51.70
CA LEU G 438 42.13 21.14 -51.63
C LEU G 438 41.22 20.56 -52.70
N GLY G 439 41.80 19.72 -53.56
CA GLY G 439 41.05 18.89 -54.48
C GLY G 439 41.84 17.63 -54.79
N THR G 440 41.23 16.47 -54.56
CA THR G 440 41.96 15.20 -54.63
C THR G 440 41.19 14.22 -55.51
N CYS G 441 41.36 14.36 -56.82
CA CYS G 441 40.63 13.52 -57.77
C CYS G 441 41.46 12.32 -58.21
N ARG G 442 41.97 11.56 -57.24
CA ARG G 442 42.78 10.38 -57.51
C ARG G 442 41.96 9.09 -57.55
N ARG G 443 40.66 9.18 -57.30
CA ARG G 443 39.77 8.07 -57.64
C ARG G 443 38.74 8.50 -58.67
N CYS G 444 38.08 9.63 -58.43
CA CYS G 444 37.03 10.07 -59.34
C CYS G 444 37.63 10.60 -60.65
N PRO G 445 37.08 10.23 -61.81
CA PRO G 445 37.64 10.69 -63.08
C PRO G 445 37.14 12.08 -63.46
N ALA G 446 37.53 12.55 -64.66
CA ALA G 446 37.11 13.86 -65.14
C ALA G 446 35.74 13.84 -65.79
N GLU G 447 35.26 12.66 -66.20
CA GLU G 447 33.96 12.59 -66.86
C GLU G 447 32.83 13.04 -65.94
N ILE G 448 32.96 12.78 -64.64
CA ILE G 448 31.99 13.29 -63.67
C ILE G 448 32.32 14.72 -63.27
N VAL G 449 33.61 14.99 -63.07
CA VAL G 449 34.07 16.28 -62.59
C VAL G 449 33.62 17.40 -63.51
N ASP G 450 33.72 17.19 -64.82
CA ASP G 450 33.29 18.18 -65.80
C ASP G 450 31.90 18.72 -65.48
N THR G 451 30.89 17.84 -65.51
CA THR G 451 29.53 18.27 -65.27
C THR G 451 29.32 18.76 -63.84
N VAL G 452 29.87 18.05 -62.85
CA VAL G 452 29.52 18.35 -61.47
C VAL G 452 30.11 19.68 -61.05
N SER G 453 31.34 19.98 -61.49
CA SER G 453 31.98 21.27 -61.22
C SER G 453 31.43 22.38 -62.09
N ALA G 454 30.99 22.08 -63.32
CA ALA G 454 30.29 23.09 -64.10
C ALA G 454 28.93 23.43 -63.49
N LEU G 455 28.37 22.53 -62.67
CA LEU G 455 27.10 22.83 -62.03
C LEU G 455 27.29 23.58 -60.72
N VAL G 456 27.92 22.96 -59.71
CA VAL G 456 27.89 23.61 -58.40
C VAL G 456 29.27 23.78 -57.76
N TYR G 457 30.18 22.85 -58.02
CA TYR G 457 31.50 22.93 -57.38
C TYR G 457 32.54 23.53 -58.31
N ASP G 458 32.44 24.85 -58.53
CA ASP G 458 33.19 25.54 -59.57
C ASP G 458 34.68 25.56 -59.27
N ASN G 459 35.47 25.09 -60.24
CA ASN G 459 36.91 25.31 -60.33
C ASN G 459 37.69 24.81 -59.11
N LYS G 460 37.10 23.93 -58.30
CA LYS G 460 37.82 23.45 -57.12
C LYS G 460 38.41 22.06 -57.36
N LEU G 461 37.67 21.18 -58.02
CA LEU G 461 38.13 19.84 -58.32
C LEU G 461 38.75 19.79 -59.73
N LYS G 462 39.76 18.95 -59.89
CA LYS G 462 40.54 18.89 -61.11
C LYS G 462 40.02 17.81 -62.05
N ALA G 463 40.28 17.99 -63.34
CA ALA G 463 40.03 16.97 -64.35
C ALA G 463 41.24 16.04 -64.41
N HIS G 464 41.40 15.27 -63.34
CA HIS G 464 42.67 14.57 -63.10
C HIS G 464 42.87 13.39 -64.05
N LYS G 465 41.85 12.56 -64.24
CA LYS G 465 41.99 11.35 -65.04
C LYS G 465 41.05 11.37 -66.23
N ASP G 466 41.58 10.91 -67.37
CA ASP G 466 40.84 10.92 -68.64
C ASP G 466 39.93 9.71 -68.72
N LYS G 467 39.16 9.60 -69.82
CA LYS G 467 38.21 8.52 -69.99
C LYS G 467 38.45 7.86 -71.34
N SER G 468 38.15 6.56 -71.43
CA SER G 468 38.44 5.80 -72.64
C SER G 468 37.18 5.59 -73.49
N ALA G 469 36.28 6.58 -73.46
CA ALA G 469 35.08 6.60 -74.30
C ALA G 469 34.23 5.34 -74.10
N GLN G 470 33.95 5.06 -72.82
CA GLN G 470 33.04 3.96 -72.50
C GLN G 470 31.81 4.47 -71.76
N CYS G 471 31.80 5.73 -71.31
CA CYS G 471 30.68 6.33 -70.62
C CYS G 471 29.43 6.21 -71.49
N PHE G 472 28.29 5.95 -70.87
CA PHE G 472 27.12 5.44 -71.55
C PHE G 472 26.08 6.54 -71.74
N LYS G 473 25.61 6.70 -72.98
CA LYS G 473 24.47 7.54 -73.29
C LYS G 473 23.46 6.79 -74.14
N MET G 474 22.18 6.98 -73.81
N MET G 474 22.18 6.98 -73.81
CA MET G 474 21.09 6.47 -74.64
CA MET G 474 21.09 6.47 -74.64
C MET G 474 19.83 7.30 -74.39
C MET G 474 19.83 7.30 -74.39
N PHE G 475 19.40 8.06 -75.39
CA PHE G 475 18.26 8.95 -75.24
C PHE G 475 17.00 8.15 -74.91
N TYR G 476 16.32 8.57 -73.84
CA TYR G 476 15.18 7.84 -73.32
C TYR G 476 14.31 8.77 -72.49
N LYS G 477 12.99 8.67 -72.68
CA LYS G 477 12.05 9.48 -71.90
C LYS G 477 11.56 8.70 -70.68
N GLY G 478 10.96 7.54 -70.91
CA GLY G 478 10.59 6.66 -69.82
C GLY G 478 9.16 6.80 -69.35
N VAL G 479 8.65 5.75 -68.70
CA VAL G 479 7.32 5.74 -68.11
C VAL G 479 7.47 5.36 -66.64
N ILE G 480 6.48 5.78 -65.84
CA ILE G 480 6.55 5.63 -64.39
C ILE G 480 5.38 4.82 -63.89
N THR G 481 5.58 4.20 -62.72
CA THR G 481 4.54 3.45 -62.03
C THR G 481 4.89 3.43 -60.56
N HIS G 482 4.09 4.11 -59.74
CA HIS G 482 4.41 4.34 -58.34
C HIS G 482 3.53 3.50 -57.42
N ASP G 483 4.00 3.34 -56.19
CA ASP G 483 3.29 2.62 -55.13
C ASP G 483 2.98 3.60 -54.00
N VAL G 484 2.49 3.05 -52.88
CA VAL G 484 2.15 3.89 -51.74
C VAL G 484 3.37 4.54 -51.12
N SER G 485 4.53 3.88 -51.17
CA SER G 485 5.75 4.44 -50.57
C SER G 485 6.97 4.36 -51.46
N SER G 486 6.92 3.67 -52.60
CA SER G 486 8.04 3.57 -53.51
C SER G 486 7.49 3.46 -54.94
N ALA G 487 8.33 3.04 -55.87
CA ALA G 487 7.94 2.86 -57.26
C ALA G 487 8.86 1.85 -57.92
N ILE G 488 8.31 1.11 -58.87
CA ILE G 488 9.06 0.11 -59.62
C ILE G 488 9.02 0.49 -61.10
N ASN G 489 10.16 0.34 -61.77
CA ASN G 489 10.38 0.92 -63.08
C ASN G 489 10.33 -0.14 -64.18
N ARG G 490 9.47 0.11 -65.16
CA ARG G 490 9.45 -0.75 -66.34
C ARG G 490 10.53 -0.37 -67.36
N PRO G 491 10.46 0.83 -67.94
CA PRO G 491 11.29 1.10 -69.03
C PRO G 491 12.79 1.26 -68.86
N GLN G 492 13.31 2.10 -67.94
CA GLN G 492 14.76 2.19 -67.85
C GLN G 492 15.36 0.96 -67.18
N ILE G 493 14.56 0.23 -66.39
CA ILE G 493 15.01 -1.07 -65.89
C ILE G 493 15.20 -2.06 -67.03
N GLY G 494 14.23 -2.13 -67.94
CA GLY G 494 14.37 -3.00 -69.09
C GLY G 494 15.53 -2.59 -69.98
N VAL G 495 15.72 -1.27 -70.14
CA VAL G 495 16.82 -0.77 -70.97
C VAL G 495 18.16 -1.07 -70.32
N VAL G 496 18.22 -1.03 -68.99
CA VAL G 496 19.44 -1.39 -68.26
C VAL G 496 19.73 -2.88 -68.43
N ARG G 497 18.70 -3.71 -68.33
CA ARG G 497 18.87 -5.14 -68.57
C ARG G 497 19.45 -5.37 -69.95
N GLU G 498 18.75 -4.93 -70.99
CA GLU G 498 19.19 -5.17 -72.36
C GLU G 498 20.47 -4.43 -72.71
N PHE G 499 20.89 -3.46 -71.90
CA PHE G 499 22.21 -2.86 -72.07
C PHE G 499 23.30 -3.75 -71.47
N LEU G 500 23.07 -4.30 -70.28
CA LEU G 500 24.03 -5.21 -69.68
C LEU G 500 24.12 -6.54 -70.45
N THR G 501 23.12 -6.88 -71.25
CA THR G 501 23.22 -8.05 -72.11
C THR G 501 24.11 -7.82 -73.32
N ARG G 502 24.56 -6.58 -73.57
CA ARG G 502 25.42 -6.31 -74.72
C ARG G 502 26.90 -6.38 -74.38
N ASN G 503 27.31 -5.89 -73.23
CA ASN G 503 28.71 -5.83 -72.83
C ASN G 503 29.05 -6.98 -71.89
N PRO G 504 30.14 -7.69 -72.17
CA PRO G 504 30.51 -8.84 -71.33
C PRO G 504 30.86 -8.45 -69.90
N ALA G 505 31.80 -7.53 -69.74
CA ALA G 505 32.31 -7.17 -68.41
C ALA G 505 31.56 -6.01 -67.78
N TRP G 506 30.23 -6.14 -67.68
CA TRP G 506 29.42 -5.14 -66.99
C TRP G 506 28.61 -5.71 -65.84
N ARG G 507 28.66 -7.02 -65.63
CA ARG G 507 27.96 -7.64 -64.49
C ARG G 507 28.87 -7.70 -63.27
N LYS G 508 29.53 -6.58 -62.98
CA LYS G 508 30.31 -6.44 -61.75
C LYS G 508 30.03 -5.06 -61.17
N ALA G 509 28.76 -4.65 -61.20
CA ALA G 509 28.38 -3.31 -60.77
C ALA G 509 27.41 -3.37 -59.60
N VAL G 510 26.90 -2.20 -59.18
CA VAL G 510 25.95 -2.11 -58.08
C VAL G 510 24.60 -1.72 -58.66
N PHE G 511 23.55 -1.96 -57.87
CA PHE G 511 22.18 -1.76 -58.33
C PHE G 511 21.40 -0.85 -57.40
N ILE G 512 21.96 0.32 -57.08
CA ILE G 512 21.33 1.21 -56.11
C ILE G 512 19.98 1.69 -56.62
N SER G 513 19.12 2.07 -55.68
CA SER G 513 17.72 2.37 -55.97
C SER G 513 17.25 3.53 -55.12
N PRO G 514 16.42 4.43 -55.66
CA PRO G 514 15.84 5.49 -54.82
C PRO G 514 15.07 4.94 -53.62
N TYR G 515 14.40 3.81 -53.80
CA TYR G 515 13.84 3.03 -52.70
C TYR G 515 14.15 1.57 -52.96
N ASN G 516 14.37 0.82 -51.88
CA ASN G 516 14.89 -0.55 -51.97
C ASN G 516 13.99 -1.48 -52.78
N SER G 517 12.78 -1.01 -53.13
CA SER G 517 11.86 -1.82 -53.91
C SER G 517 12.44 -2.23 -55.25
N GLN G 518 13.25 -1.38 -55.88
CA GLN G 518 13.78 -1.69 -57.21
C GLN G 518 14.68 -2.92 -57.16
N ASN G 519 15.67 -2.92 -56.27
CA ASN G 519 16.55 -4.08 -56.15
C ASN G 519 15.82 -5.26 -55.53
N ALA G 520 14.82 -5.00 -54.69
CA ALA G 520 14.03 -6.10 -54.14
C ALA G 520 13.29 -6.85 -55.23
N VAL G 521 12.72 -6.12 -56.19
CA VAL G 521 12.03 -6.76 -57.31
C VAL G 521 13.04 -7.43 -58.24
N ALA G 522 14.18 -6.78 -58.48
CA ALA G 522 15.19 -7.33 -59.38
C ALA G 522 15.86 -8.58 -58.83
N SER G 523 15.93 -8.74 -57.51
CA SER G 523 16.60 -9.90 -56.92
C SER G 523 15.85 -11.19 -57.20
N LYS G 524 14.55 -11.09 -57.50
CA LYS G 524 13.73 -12.27 -57.75
C LYS G 524 14.08 -12.96 -59.06
N ILE G 525 14.54 -12.23 -60.08
CA ILE G 525 14.80 -12.82 -61.38
C ILE G 525 16.25 -12.69 -61.84
N LEU G 526 17.00 -11.69 -61.35
CA LEU G 526 18.43 -11.70 -61.63
C LEU G 526 19.26 -11.87 -60.37
N GLY G 527 19.06 -11.00 -59.38
CA GLY G 527 19.71 -11.17 -58.10
C GLY G 527 20.93 -10.30 -57.83
N LEU G 528 20.91 -9.06 -58.31
CA LEU G 528 22.01 -8.15 -58.01
C LEU G 528 21.91 -7.69 -56.55
N PRO G 529 23.03 -7.35 -55.92
CA PRO G 529 23.02 -7.08 -54.47
C PRO G 529 22.20 -5.84 -54.12
N THR G 530 21.69 -5.85 -52.89
CA THR G 530 20.88 -4.76 -52.36
C THR G 530 21.73 -3.52 -52.14
N GLN G 531 21.18 -2.36 -52.53
CA GLN G 531 21.86 -1.09 -52.36
C GLN G 531 20.81 -0.02 -52.09
N THR G 532 21.16 0.93 -51.22
CA THR G 532 20.26 2.00 -50.81
C THR G 532 20.91 3.36 -51.05
N VAL G 533 20.09 4.33 -51.42
CA VAL G 533 20.55 5.69 -51.70
C VAL G 533 20.71 6.45 -50.38
N ASP G 534 20.37 5.80 -49.26
CA ASP G 534 20.48 6.43 -47.96
C ASP G 534 21.90 6.83 -47.66
N SER G 535 22.81 5.85 -47.55
CA SER G 535 24.21 6.11 -47.28
C SER G 535 25.03 4.92 -47.76
N SER G 536 25.69 5.08 -48.92
CA SER G 536 26.71 4.13 -49.33
C SER G 536 27.99 4.45 -48.56
N GLN G 537 27.99 4.15 -47.26
CA GLN G 537 28.99 4.65 -46.34
C GLN G 537 30.39 4.18 -46.67
N GLY G 538 31.24 5.09 -47.15
CA GLY G 538 32.63 4.79 -47.42
C GLY G 538 32.87 3.65 -48.40
N SER G 539 31.91 3.38 -49.28
CA SER G 539 32.01 2.28 -50.24
C SER G 539 31.76 2.85 -51.63
N GLU G 540 32.83 3.23 -52.31
CA GLU G 540 32.77 3.79 -53.65
C GLU G 540 33.49 2.86 -54.62
N TYR G 541 32.82 2.50 -55.71
CA TYR G 541 33.36 1.55 -56.67
C TYR G 541 33.18 2.10 -58.07
N ASP G 542 33.95 1.57 -59.01
CA ASP G 542 34.06 2.14 -60.35
C ASP G 542 32.82 1.89 -61.18
N TYR G 543 32.53 0.62 -61.49
CA TYR G 543 31.42 0.30 -62.37
C TYR G 543 30.13 0.21 -61.57
N VAL G 544 29.07 0.80 -62.12
CA VAL G 544 27.86 1.08 -61.34
C VAL G 544 26.67 1.07 -62.29
N ILE G 545 25.54 0.56 -61.81
CA ILE G 545 24.25 0.71 -62.47
C ILE G 545 23.38 1.59 -61.58
N PHE G 546 23.05 2.78 -62.05
CA PHE G 546 22.22 3.71 -61.29
C PHE G 546 20.82 3.75 -61.90
N THR G 547 19.83 3.91 -61.04
CA THR G 547 18.43 3.91 -61.45
C THR G 547 17.69 5.00 -60.70
N GLN G 548 16.59 5.47 -61.29
CA GLN G 548 15.81 6.58 -60.75
C GLN G 548 14.32 6.26 -60.57
N THR G 549 13.74 5.43 -61.42
CA THR G 549 12.32 5.12 -61.40
C THR G 549 11.47 6.40 -61.45
N THR G 550 11.03 6.88 -60.29
CA THR G 550 10.25 8.11 -60.19
C THR G 550 11.16 9.20 -59.63
N GLU G 551 11.28 10.30 -60.37
CA GLU G 551 12.13 11.43 -59.98
C GLU G 551 11.36 12.74 -60.21
N THR G 552 10.61 13.17 -59.20
CA THR G 552 9.84 14.39 -59.29
C THR G 552 10.41 15.51 -58.44
N ALA G 553 10.59 15.26 -57.14
CA ALA G 553 11.00 16.28 -56.20
C ALA G 553 12.18 15.86 -55.34
N HIS G 554 12.40 14.57 -55.16
CA HIS G 554 13.52 14.12 -54.33
C HIS G 554 14.78 13.81 -55.12
N SER G 555 14.69 13.59 -56.44
CA SER G 555 15.87 13.17 -57.17
C SER G 555 16.35 14.19 -58.21
N CYS G 556 15.48 14.54 -59.16
CA CYS G 556 15.91 15.31 -60.33
C CYS G 556 15.65 16.79 -60.11
N ASN G 557 16.13 17.29 -58.96
CA ASN G 557 15.92 18.70 -58.65
C ASN G 557 17.23 19.48 -58.53
N VAL G 558 18.08 19.05 -57.59
CA VAL G 558 19.32 19.74 -57.27
C VAL G 558 20.33 18.64 -56.95
N ASN G 559 21.51 19.00 -56.44
CA ASN G 559 22.54 18.02 -56.13
C ASN G 559 22.19 17.22 -54.87
N ARG G 560 21.01 16.59 -54.84
CA ARG G 560 20.67 15.69 -53.76
C ARG G 560 21.58 14.46 -53.78
N PHE G 561 21.89 13.97 -54.98
CA PHE G 561 22.79 12.83 -55.13
C PHE G 561 23.80 13.05 -56.25
N ASN G 562 24.17 14.30 -56.53
CA ASN G 562 25.20 14.53 -57.53
C ASN G 562 26.54 13.94 -57.10
N VAL G 563 26.73 13.77 -55.79
CA VAL G 563 27.85 12.96 -55.29
C VAL G 563 27.65 11.48 -55.60
N ALA G 564 26.41 10.99 -55.56
CA ALA G 564 26.10 9.65 -56.05
C ALA G 564 26.20 9.56 -57.56
N ILE G 565 26.35 10.69 -58.25
CA ILE G 565 26.75 10.69 -59.65
C ILE G 565 28.27 10.60 -59.77
N THR G 566 29.00 10.94 -58.71
CA THR G 566 30.45 10.73 -58.70
C THR G 566 30.76 9.29 -58.33
N ARG G 567 30.15 8.36 -59.06
CA ARG G 567 30.26 6.94 -58.75
C ARG G 567 31.66 6.42 -59.07
N ALA G 568 32.16 6.74 -60.26
CA ALA G 568 33.10 5.90 -60.97
C ALA G 568 34.55 6.26 -60.68
N LYS G 569 35.44 5.47 -61.29
CA LYS G 569 36.86 5.78 -61.38
C LYS G 569 37.36 5.82 -62.81
N VAL G 570 36.98 4.86 -63.65
CA VAL G 570 37.34 4.88 -65.08
C VAL G 570 36.11 4.58 -65.94
N GLY G 571 34.93 4.57 -65.35
CA GLY G 571 33.73 4.28 -66.13
C GLY G 571 32.43 4.17 -65.35
N ILE G 572 31.35 4.73 -65.89
CA ILE G 572 30.13 4.96 -65.13
C ILE G 572 28.90 4.58 -65.94
N LEU G 573 27.79 4.38 -65.23
CA LEU G 573 26.44 4.47 -65.78
C LEU G 573 25.60 5.29 -64.82
N CYS G 574 24.86 6.26 -65.35
CA CYS G 574 24.00 7.12 -64.53
C CYS G 574 22.73 7.38 -65.32
N ILE G 575 21.68 6.62 -65.04
CA ILE G 575 20.43 6.74 -65.78
C ILE G 575 19.72 8.01 -65.33
N MET G 576 19.27 8.80 -66.30
CA MET G 576 18.52 10.01 -66.03
C MET G 576 17.34 10.06 -67.00
N SER G 577 16.13 10.11 -66.46
CA SER G 577 14.92 10.02 -67.26
C SER G 577 14.29 11.37 -67.54
N ASP G 578 14.97 12.46 -67.19
CA ASP G 578 14.49 13.81 -67.45
C ASP G 578 15.50 14.52 -68.36
N ARG G 579 15.15 15.76 -68.73
CA ARG G 579 15.91 16.53 -69.71
C ARG G 579 16.47 17.83 -69.12
N ASP G 580 17.01 17.75 -67.90
CA ASP G 580 17.60 18.92 -67.24
C ASP G 580 19.09 18.73 -67.03
N LEU G 581 19.51 17.62 -66.42
CA LEU G 581 20.93 17.38 -66.15
C LEU G 581 21.66 16.73 -67.32
N TYR G 582 21.52 17.29 -68.52
CA TYR G 582 22.27 16.84 -69.68
C TYR G 582 22.74 17.99 -70.55
N ASP G 583 22.44 19.23 -70.17
CA ASP G 583 22.62 20.43 -70.99
C ASP G 583 23.88 20.41 -71.84
N LYS G 584 25.03 20.10 -71.24
CA LYS G 584 26.28 20.00 -71.98
C LYS G 584 27.01 18.69 -71.73
N LEU G 585 26.36 17.71 -71.08
CA LEU G 585 26.97 16.40 -70.90
C LEU G 585 27.17 15.73 -72.26
N GLN G 586 28.36 15.14 -72.45
CA GLN G 586 28.78 14.61 -73.74
C GLN G 586 29.07 13.12 -73.67
N PHE G 587 28.19 12.35 -73.04
CA PHE G 587 28.34 10.91 -73.02
C PHE G 587 28.19 10.37 -74.44
N THR G 588 28.87 9.25 -74.71
CA THR G 588 28.94 8.71 -76.06
C THR G 588 27.56 8.34 -76.58
N SER G 589 27.16 8.96 -77.69
CA SER G 589 25.80 8.81 -78.23
C SER G 589 25.70 7.48 -78.97
N LEU G 590 24.89 6.58 -78.45
CA LEU G 590 24.59 5.31 -79.08
C LEU G 590 23.08 5.03 -79.00
N GLU G 591 22.55 4.41 -80.05
CA GLU G 591 21.12 4.25 -80.18
C GLU G 591 20.61 3.12 -79.27
N ILE G 592 19.30 3.13 -79.05
CA ILE G 592 18.63 2.10 -78.25
C ILE G 592 18.68 0.79 -79.04
N PRO G 593 18.76 -0.36 -78.38
CA PRO G 593 18.76 -1.66 -79.09
C PRO G 593 17.34 -2.14 -79.40
N ALA H 1 -22.72 7.77 -9.41
CA ALA H 1 -23.47 9.00 -9.15
C ALA H 1 -23.08 10.10 -10.13
N VAL H 2 -22.06 9.82 -10.96
CA VAL H 2 -21.58 10.79 -11.93
C VAL H 2 -21.41 10.09 -13.27
N GLY H 3 -21.93 10.72 -14.33
CA GLY H 3 -21.84 10.15 -15.67
C GLY H 3 -22.45 11.06 -16.72
N ALA H 4 -22.74 10.50 -17.89
CA ALA H 4 -23.25 11.26 -19.02
C ALA H 4 -24.76 11.10 -19.14
N CYS H 5 -25.43 12.21 -19.47
CA CYS H 5 -26.87 12.17 -19.64
C CYS H 5 -27.23 11.55 -20.99
N VAL H 6 -28.41 10.92 -21.04
CA VAL H 6 -28.77 10.07 -22.16
C VAL H 6 -29.03 10.85 -23.44
N LEU H 7 -29.09 12.18 -23.37
CA LEU H 7 -29.35 12.99 -24.57
C LEU H 7 -28.16 13.84 -24.98
N CYS H 8 -27.65 14.69 -24.09
CA CYS H 8 -26.53 15.55 -24.43
C CYS H 8 -25.17 14.88 -24.25
N ASN H 9 -25.12 13.72 -23.60
CA ASN H 9 -23.89 13.04 -23.22
C ASN H 9 -22.99 13.91 -22.32
N SER H 10 -23.54 14.97 -21.74
CA SER H 10 -22.78 15.83 -20.84
C SER H 10 -22.79 15.24 -19.43
N GLN H 11 -21.80 15.63 -18.64
CA GLN H 11 -21.65 15.14 -17.28
C GLN H 11 -22.78 15.67 -16.39
N THR H 12 -23.33 14.79 -15.56
CA THR H 12 -24.45 15.14 -14.71
C THR H 12 -24.31 14.40 -13.38
N SER H 13 -25.20 14.70 -12.44
CA SER H 13 -25.24 14.02 -11.16
C SER H 13 -26.68 13.77 -10.73
N LEU H 14 -27.62 14.01 -11.64
CA LEU H 14 -29.05 13.94 -11.34
C LEU H 14 -29.64 12.67 -11.93
N ARG H 15 -30.37 11.92 -11.11
CA ARG H 15 -31.10 10.74 -11.54
C ARG H 15 -32.60 10.98 -11.37
N CYS H 16 -33.36 10.73 -12.43
CA CYS H 16 -34.81 10.79 -12.33
C CYS H 16 -35.32 9.67 -11.45
N GLY H 17 -36.27 10.00 -10.57
CA GLY H 17 -36.76 9.03 -9.60
C GLY H 17 -38.09 8.41 -9.95
N ALA H 18 -38.78 8.95 -10.95
CA ALA H 18 -40.07 8.44 -11.36
C ALA H 18 -39.99 7.47 -12.53
N CYS H 19 -38.80 7.26 -13.09
CA CYS H 19 -38.59 6.25 -14.11
C CYS H 19 -38.00 5.01 -13.47
N ILE H 20 -38.53 3.85 -13.85
CA ILE H 20 -38.18 2.59 -13.21
C ILE H 20 -36.70 2.24 -13.36
N ARG H 21 -36.04 2.73 -14.41
CA ARG H 21 -34.64 2.40 -14.65
C ARG H 21 -33.67 3.47 -14.15
N ARG H 22 -34.17 4.58 -13.61
CA ARG H 22 -33.35 5.64 -13.04
C ARG H 22 -32.28 6.12 -14.03
N PRO H 23 -32.67 6.72 -15.15
CA PRO H 23 -31.68 7.16 -16.13
C PRO H 23 -30.92 8.40 -15.64
N PHE H 24 -29.80 8.65 -16.31
CA PHE H 24 -28.99 9.83 -16.04
C PHE H 24 -29.49 10.98 -16.90
N LEU H 25 -29.96 12.04 -16.25
CA LEU H 25 -30.60 13.15 -16.94
C LEU H 25 -29.79 14.43 -16.78
N CYS H 26 -29.67 15.18 -17.87
CA CYS H 26 -29.01 16.48 -17.85
C CYS H 26 -29.90 17.50 -17.15
N CYS H 27 -29.27 18.53 -16.60
CA CYS H 27 -30.00 19.49 -15.76
C CYS H 27 -31.12 20.16 -16.54
N LYS H 28 -30.82 20.69 -17.74
CA LYS H 28 -31.88 21.23 -18.60
C LYS H 28 -32.84 20.12 -19.01
N CYS H 29 -32.30 18.95 -19.37
CA CYS H 29 -33.15 17.81 -19.67
C CYS H 29 -33.99 17.42 -18.46
N CYS H 30 -33.41 17.52 -17.26
CA CYS H 30 -34.17 17.22 -16.05
C CYS H 30 -35.35 18.17 -15.89
N TYR H 31 -35.11 19.47 -16.10
CA TYR H 31 -36.21 20.43 -16.00
C TYR H 31 -37.29 20.15 -17.04
N ASP H 32 -36.89 19.90 -18.28
CA ASP H 32 -37.86 19.65 -19.34
C ASP H 32 -38.66 18.38 -19.06
N HIS H 33 -38.00 17.34 -18.54
CA HIS H 33 -38.68 16.09 -18.25
C HIS H 33 -39.56 16.18 -17.02
N VAL H 34 -39.23 17.04 -16.06
CA VAL H 34 -40.05 17.19 -14.86
C VAL H 34 -41.19 18.16 -15.04
N ILE H 35 -41.12 19.07 -16.00
CA ILE H 35 -42.16 20.06 -16.25
C ILE H 35 -43.26 19.50 -17.14
N SER H 36 -42.89 18.92 -18.27
CA SER H 36 -43.86 18.40 -19.22
C SER H 36 -44.37 16.99 -18.88
N THR H 37 -44.17 16.50 -17.66
CA THR H 37 -44.53 15.14 -17.31
C THR H 37 -44.71 15.06 -15.80
N SER H 38 -45.61 14.17 -15.37
CA SER H 38 -45.81 13.93 -13.94
C SER H 38 -44.72 13.02 -13.39
N HIS H 39 -43.46 13.35 -13.65
CA HIS H 39 -42.32 12.68 -13.05
C HIS H 39 -41.65 13.68 -12.12
N LYS H 40 -42.07 13.70 -10.86
CA LYS H 40 -41.72 14.79 -9.96
C LYS H 40 -40.77 14.34 -8.87
N LEU H 41 -39.78 13.51 -9.20
CA LEU H 41 -38.80 13.08 -8.22
C LEU H 41 -37.44 13.06 -8.89
N VAL H 42 -36.45 13.62 -8.21
CA VAL H 42 -35.09 13.74 -8.74
C VAL H 42 -34.11 13.28 -7.66
N LEU H 43 -33.15 12.45 -8.06
CA LEU H 43 -32.14 11.94 -7.14
C LEU H 43 -30.77 12.49 -7.50
N SER H 44 -30.01 12.86 -6.47
CA SER H 44 -28.64 13.33 -6.61
C SER H 44 -27.75 12.50 -5.70
N VAL H 45 -26.52 12.95 -5.46
CA VAL H 45 -25.62 12.31 -4.50
C VAL H 45 -26.36 12.13 -3.17
N ASN H 46 -27.29 13.03 -2.89
CA ASN H 46 -28.27 12.89 -1.83
C ASN H 46 -29.64 13.13 -2.42
N PRO H 47 -30.68 12.49 -1.87
CA PRO H 47 -32.03 12.65 -2.45
C PRO H 47 -32.54 14.07 -2.33
N TYR H 48 -33.32 14.48 -3.33
CA TYR H 48 -33.91 15.82 -3.36
C TYR H 48 -35.30 15.78 -2.73
N VAL H 49 -35.32 15.49 -1.43
CA VAL H 49 -36.55 15.43 -0.66
C VAL H 49 -36.38 16.29 0.59
N CYS H 50 -37.50 16.79 1.11
CA CYS H 50 -37.45 17.65 2.29
C CYS H 50 -36.96 16.87 3.50
N ASN H 51 -35.93 17.40 4.16
CA ASN H 51 -35.32 16.73 5.30
C ASN H 51 -35.82 17.26 6.64
N ALA H 52 -36.84 18.11 6.64
CA ALA H 52 -37.40 18.63 7.88
C ALA H 52 -38.02 17.49 8.69
N PRO H 53 -37.67 17.35 9.96
CA PRO H 53 -38.22 16.26 10.77
C PRO H 53 -39.74 16.36 10.86
N GLY H 54 -40.40 15.21 10.71
CA GLY H 54 -41.85 15.16 10.71
C GLY H 54 -42.50 15.57 9.41
N CYS H 55 -41.73 16.03 8.43
CA CYS H 55 -42.28 16.47 7.17
C CYS H 55 -42.12 15.37 6.10
N ASP H 56 -42.99 15.40 5.11
CA ASP H 56 -42.93 14.41 4.03
C ASP H 56 -43.42 15.07 2.74
N VAL H 57 -42.46 15.59 1.95
CA VAL H 57 -42.73 16.08 0.60
C VAL H 57 -41.67 15.52 -0.31
N THR H 58 -42.11 15.01 -1.47
CA THR H 58 -41.21 14.36 -2.42
C THR H 58 -41.19 15.07 -3.78
N ASP H 59 -41.58 16.34 -3.82
CA ASP H 59 -41.54 17.10 -5.06
C ASP H 59 -40.12 17.61 -5.31
N VAL H 60 -39.94 18.28 -6.44
CA VAL H 60 -38.69 18.98 -6.73
C VAL H 60 -38.97 20.46 -6.93
N THR H 61 -40.10 20.77 -7.59
CA THR H 61 -40.51 22.14 -7.83
C THR H 61 -41.03 22.84 -6.58
N GLN H 62 -41.04 22.16 -5.44
CA GLN H 62 -41.63 22.67 -4.21
C GLN H 62 -40.58 22.99 -3.14
N LEU H 63 -39.38 22.44 -3.25
CA LEU H 63 -38.37 22.52 -2.21
C LEU H 63 -37.52 23.78 -2.34
N TYR H 64 -36.97 24.21 -1.21
CA TYR H 64 -36.08 25.36 -1.12
C TYR H 64 -34.79 24.92 -0.43
N LEU H 65 -33.65 25.39 -0.94
CA LEU H 65 -32.37 25.07 -0.34
C LEU H 65 -32.04 26.07 0.76
N GLY H 66 -31.71 25.56 1.94
CA GLY H 66 -31.36 26.40 3.06
C GLY H 66 -30.33 25.77 3.98
N GLY H 67 -29.30 26.53 4.32
CA GLY H 67 -28.22 26.00 5.13
C GLY H 67 -27.42 24.95 4.38
N MET H 68 -27.56 23.69 4.77
CA MET H 68 -26.94 22.57 4.06
C MET H 68 -27.94 21.54 3.59
N SER H 69 -29.12 21.47 4.20
CA SER H 69 -30.15 20.51 3.79
C SER H 69 -31.11 21.13 2.79
N TYR H 70 -32.21 20.43 2.52
CA TYR H 70 -33.27 20.91 1.63
C TYR H 70 -34.56 21.04 2.42
N TYR H 71 -35.29 22.13 2.18
CA TYR H 71 -36.49 22.43 2.94
C TYR H 71 -37.61 22.82 2.01
N CYS H 72 -38.82 22.84 2.56
CA CYS H 72 -40.05 23.13 1.83
C CYS H 72 -40.56 24.52 2.20
N LYS H 73 -41.73 24.88 1.67
CA LYS H 73 -42.33 26.17 2.00
C LYS H 73 -42.67 26.28 3.49
N SER H 74 -43.05 25.17 4.12
CA SER H 74 -43.43 25.19 5.52
C SER H 74 -42.24 25.19 6.46
N HIS H 75 -41.03 24.95 5.95
CA HIS H 75 -39.85 24.96 6.81
C HIS H 75 -38.66 25.69 6.19
N LYS H 76 -38.88 26.54 5.19
CA LYS H 76 -37.77 27.28 4.61
C LYS H 76 -37.21 28.27 5.63
N PRO H 77 -35.89 28.31 5.83
CA PRO H 77 -35.31 29.29 6.74
C PRO H 77 -35.36 30.68 6.12
N PRO H 78 -34.99 31.72 6.88
CA PRO H 78 -34.89 33.06 6.25
C PRO H 78 -33.89 33.09 5.10
N ILE H 79 -32.84 32.27 5.18
CA ILE H 79 -31.86 32.16 4.08
C ILE H 79 -32.30 30.96 3.25
N SER H 80 -33.13 31.23 2.24
CA SER H 80 -33.66 30.17 1.41
C SER H 80 -33.32 30.38 -0.06
N PHE H 81 -33.41 29.31 -0.86
CA PHE H 81 -33.06 29.33 -2.26
C PHE H 81 -33.82 28.22 -2.97
N PRO H 82 -34.67 28.54 -3.95
CA PRO H 82 -35.43 27.49 -4.64
C PRO H 82 -34.56 26.67 -5.59
N LEU H 83 -34.70 25.36 -5.48
CA LEU H 83 -33.95 24.45 -6.34
C LEU H 83 -34.40 24.56 -7.79
N CYS H 84 -35.72 24.54 -8.00
CA CYS H 84 -36.28 24.56 -9.36
C CYS H 84 -36.47 26.00 -9.78
N ALA H 85 -35.51 26.54 -10.53
CA ALA H 85 -35.57 27.91 -10.99
C ALA H 85 -34.74 28.05 -12.26
N ASN H 86 -34.99 29.13 -13.00
CA ASN H 86 -34.28 29.46 -14.23
C ASN H 86 -34.42 28.37 -15.29
N GLY H 87 -35.43 27.51 -15.17
CA GLY H 87 -35.57 26.40 -16.11
C GLY H 87 -34.39 25.45 -16.09
N GLN H 88 -33.78 25.25 -14.92
CA GLN H 88 -32.58 24.43 -14.81
C GLN H 88 -32.38 23.97 -13.38
N VAL H 89 -32.36 22.66 -13.16
CA VAL H 89 -32.28 22.13 -11.80
C VAL H 89 -30.85 22.29 -11.27
N PHE H 90 -30.75 22.36 -9.95
CA PHE H 90 -29.48 22.65 -9.26
C PHE H 90 -28.70 21.34 -9.09
N GLY H 91 -27.53 21.27 -9.72
CA GLY H 91 -26.69 20.10 -9.62
C GLY H 91 -25.29 20.39 -10.12
N LEU H 92 -24.45 19.35 -10.08
CA LEU H 92 -23.07 19.46 -10.53
C LEU H 92 -23.00 19.69 -12.03
N TYR H 93 -21.92 20.35 -12.45
CA TYR H 93 -21.68 20.70 -13.85
C TYR H 93 -22.83 21.48 -14.46
N LYS H 94 -23.42 22.39 -13.68
CA LYS H 94 -24.57 23.16 -14.17
C LYS H 94 -24.18 24.18 -15.24
N ASN H 95 -22.91 24.57 -15.32
CA ASN H 95 -22.47 25.55 -16.29
C ASN H 95 -21.92 24.94 -17.59
N THR H 96 -21.85 23.62 -17.68
CA THR H 96 -21.30 22.99 -18.87
C THR H 96 -22.35 22.07 -19.50
N CYS H 97 -23.57 22.56 -19.62
CA CYS H 97 -24.65 21.86 -20.30
C CYS H 97 -24.92 22.49 -21.66
N VAL H 98 -25.56 21.71 -22.53
CA VAL H 98 -25.88 22.20 -23.87
C VAL H 98 -27.37 22.04 -24.13
N GLY H 99 -28.01 21.13 -23.40
CA GLY H 99 -29.43 20.87 -23.60
C GLY H 99 -29.67 20.07 -24.88
N SER H 100 -30.94 19.79 -25.13
CA SER H 100 -31.35 19.04 -26.32
C SER H 100 -32.82 19.35 -26.57
N ASP H 101 -33.25 19.07 -27.80
CA ASP H 101 -34.64 19.28 -28.21
C ASP H 101 -35.42 17.99 -28.33
N ASN H 102 -34.75 16.84 -28.28
CA ASN H 102 -35.44 15.55 -28.36
C ASN H 102 -36.01 15.18 -26.99
N VAL H 103 -36.87 16.04 -26.45
CA VAL H 103 -37.42 15.80 -25.12
C VAL H 103 -38.84 15.24 -25.19
N THR H 104 -39.61 15.59 -26.24
CA THR H 104 -40.96 15.07 -26.37
C THR H 104 -40.96 13.57 -26.60
N ASP H 105 -40.10 13.08 -27.51
CA ASP H 105 -40.03 11.65 -27.74
C ASP H 105 -39.43 10.92 -26.54
N PHE H 106 -38.46 11.53 -25.86
CA PHE H 106 -37.94 10.93 -24.64
C PHE H 106 -39.03 10.85 -23.57
N ASN H 107 -39.85 11.90 -23.45
CA ASN H 107 -40.97 11.87 -22.52
C ASN H 107 -41.95 10.76 -22.88
N ALA H 108 -42.24 10.62 -24.18
CA ALA H 108 -43.16 9.57 -24.61
C ALA H 108 -42.62 8.20 -24.29
N ILE H 109 -41.32 7.98 -24.51
CA ILE H 109 -40.69 6.70 -24.16
C ILE H 109 -40.81 6.46 -22.66
N ALA H 110 -40.51 7.48 -21.86
CA ALA H 110 -40.59 7.33 -20.41
C ALA H 110 -42.03 7.14 -19.95
N THR H 111 -42.98 7.89 -20.53
CA THR H 111 -44.36 7.84 -20.09
C THR H 111 -45.12 6.65 -20.66
N CYS H 112 -44.61 6.01 -21.71
CA CYS H 112 -45.34 4.92 -22.35
C CYS H 112 -45.37 3.72 -21.43
N ASP H 113 -46.56 3.39 -20.93
CA ASP H 113 -46.76 2.22 -20.09
C ASP H 113 -46.85 0.92 -20.91
N TRP H 114 -46.49 0.97 -22.19
CA TRP H 114 -46.42 -0.21 -23.05
C TRP H 114 -47.79 -0.90 -23.16
N THR H 115 -48.71 -0.18 -23.79
CA THR H 115 -50.08 -0.67 -23.98
C THR H 115 -50.42 -1.01 -25.43
N ASN H 116 -50.18 -0.10 -26.36
CA ASN H 116 -50.67 -0.23 -27.72
C ASN H 116 -49.51 -0.35 -28.71
N ALA H 117 -49.87 -0.35 -30.00
CA ALA H 117 -48.88 -0.53 -31.06
C ALA H 117 -47.91 0.64 -31.12
N GLY H 118 -48.40 1.86 -30.91
CA GLY H 118 -47.54 3.03 -30.95
C GLY H 118 -46.39 2.94 -29.97
N ASP H 119 -46.56 2.17 -28.89
CA ASP H 119 -45.48 1.92 -27.96
C ASP H 119 -44.27 1.35 -28.68
N TYR H 120 -44.46 0.26 -29.43
CA TYR H 120 -43.37 -0.33 -30.19
C TYR H 120 -42.98 0.49 -31.41
N ILE H 121 -43.94 1.21 -32.00
CA ILE H 121 -43.60 2.11 -33.12
C ILE H 121 -42.55 3.11 -32.69
N LEU H 122 -42.78 3.79 -31.56
CA LEU H 122 -41.82 4.76 -31.08
C LEU H 122 -40.62 4.12 -30.39
N ALA H 123 -40.76 2.88 -29.91
CA ALA H 123 -39.59 2.15 -29.41
C ALA H 123 -38.60 1.90 -30.53
N ASN H 124 -39.09 1.56 -31.72
CA ASN H 124 -38.26 1.34 -32.89
C ASN H 124 -38.05 2.61 -33.71
N THR H 125 -38.64 3.73 -33.29
CA THR H 125 -38.49 5.02 -33.98
C THR H 125 -37.94 6.04 -32.99
N CYS H 126 -36.61 6.05 -32.84
CA CYS H 126 -35.92 7.01 -31.99
C CYS H 126 -34.41 6.91 -32.23
N THR H 127 -33.61 7.67 -31.47
CA THR H 127 -32.17 7.61 -31.61
C THR H 127 -31.62 6.48 -30.73
N GLU H 128 -30.34 6.16 -30.92
CA GLU H 128 -29.73 4.93 -30.43
C GLU H 128 -29.94 4.68 -28.93
N ARG H 129 -29.52 5.63 -28.09
CA ARG H 129 -29.65 5.44 -26.65
C ARG H 129 -31.10 5.34 -26.23
N LEU H 130 -32.01 6.01 -26.95
CA LEU H 130 -33.43 5.82 -26.67
C LEU H 130 -33.90 4.43 -27.05
N LYS H 131 -33.39 3.86 -28.13
CA LYS H 131 -33.69 2.44 -28.42
C LYS H 131 -33.23 1.55 -27.28
N LEU H 132 -32.00 1.78 -26.81
CA LEU H 132 -31.47 0.95 -25.72
C LEU H 132 -32.31 1.08 -24.46
N PHE H 133 -32.67 2.33 -24.10
CA PHE H 133 -33.47 2.58 -22.91
C PHE H 133 -34.85 1.96 -23.03
N ALA H 134 -35.47 2.07 -24.22
CA ALA H 134 -36.79 1.49 -24.43
C ALA H 134 -36.76 -0.02 -24.33
N ALA H 135 -35.75 -0.67 -24.92
CA ALA H 135 -35.64 -2.12 -24.82
C ALA H 135 -35.42 -2.54 -23.37
N GLU H 136 -34.55 -1.84 -22.66
CA GLU H 136 -34.26 -2.16 -21.27
C GLU H 136 -35.53 -2.04 -20.41
N THR H 137 -36.28 -0.94 -20.58
CA THR H 137 -37.47 -0.76 -19.76
C THR H 137 -38.59 -1.69 -20.18
N LEU H 138 -38.64 -2.09 -21.46
CA LEU H 138 -39.62 -3.09 -21.88
C LEU H 138 -39.36 -4.44 -21.21
N LYS H 139 -38.10 -4.89 -21.23
CA LYS H 139 -37.81 -6.12 -20.52
C LYS H 139 -38.03 -5.97 -19.02
N ALA H 140 -37.74 -4.79 -18.48
CA ALA H 140 -37.98 -4.55 -17.06
C ALA H 140 -39.46 -4.68 -16.71
N THR H 141 -40.34 -4.06 -17.50
CA THR H 141 -41.76 -4.13 -17.18
C THR H 141 -42.31 -5.53 -17.38
N GLU H 142 -41.85 -6.26 -18.41
CA GLU H 142 -42.35 -7.62 -18.60
C GLU H 142 -41.87 -8.53 -17.48
N GLU H 143 -40.63 -8.36 -17.03
CA GLU H 143 -40.16 -9.22 -15.94
C GLU H 143 -40.83 -8.87 -14.62
N THR H 144 -41.14 -7.59 -14.39
CA THR H 144 -41.93 -7.23 -13.22
C THR H 144 -43.33 -7.83 -13.29
N PHE H 145 -43.94 -7.82 -14.47
CA PHE H 145 -45.26 -8.40 -14.65
C PHE H 145 -45.24 -9.89 -14.36
N LYS H 146 -44.22 -10.60 -14.85
CA LYS H 146 -44.19 -12.04 -14.61
C LYS H 146 -43.76 -12.38 -13.18
N LEU H 147 -43.00 -11.51 -12.52
CA LEU H 147 -42.70 -11.75 -11.12
C LEU H 147 -43.86 -11.37 -10.22
N SER H 148 -44.83 -10.62 -10.73
CA SER H 148 -46.04 -10.35 -9.98
C SER H 148 -46.95 -11.57 -10.03
N TYR H 149 -46.42 -12.72 -9.62
CA TYR H 149 -47.12 -13.99 -9.61
C TYR H 149 -46.81 -14.72 -8.31
N GLY H 150 -47.66 -15.68 -7.96
CA GLY H 150 -47.52 -16.37 -6.70
C GLY H 150 -46.41 -17.40 -6.68
N ILE H 151 -46.28 -18.11 -5.56
CA ILE H 151 -45.29 -19.16 -5.37
C ILE H 151 -46.01 -20.49 -5.37
N ALA H 152 -45.49 -21.45 -6.15
CA ALA H 152 -46.13 -22.76 -6.29
C ALA H 152 -45.94 -23.56 -5.01
N THR H 153 -46.95 -23.51 -4.15
CA THR H 153 -46.93 -24.28 -2.91
C THR H 153 -47.07 -25.76 -3.21
N VAL H 154 -46.01 -26.51 -2.94
CA VAL H 154 -45.99 -27.95 -3.17
C VAL H 154 -45.54 -28.65 -1.89
N ARG H 155 -46.29 -29.67 -1.49
CA ARG H 155 -45.93 -30.48 -0.33
C ARG H 155 -45.83 -31.97 -0.62
N GLU H 156 -46.23 -32.45 -1.79
CA GLU H 156 -46.13 -33.87 -2.12
C GLU H 156 -46.18 -34.03 -3.63
N VAL H 157 -45.79 -35.21 -4.10
CA VAL H 157 -45.77 -35.55 -5.52
C VAL H 157 -46.33 -36.95 -5.70
N LEU H 158 -47.19 -37.12 -6.72
CA LEU H 158 -47.75 -38.43 -7.01
C LEU H 158 -46.72 -39.34 -7.66
N SER H 159 -46.27 -38.97 -8.87
CA SER H 159 -45.34 -39.78 -9.63
C SER H 159 -44.83 -39.01 -10.83
N ASP H 160 -44.06 -39.66 -11.70
CA ASP H 160 -43.69 -39.06 -12.97
C ASP H 160 -44.93 -38.80 -13.81
N ARG H 161 -44.90 -37.69 -14.55
CA ARG H 161 -46.03 -37.25 -15.38
C ARG H 161 -47.28 -37.00 -14.53
N GLU H 162 -47.08 -36.62 -13.27
CA GLU H 162 -48.18 -36.30 -12.37
C GLU H 162 -47.65 -35.35 -11.30
N LEU H 163 -48.53 -34.48 -10.82
CA LEU H 163 -48.15 -33.48 -9.83
C LEU H 163 -49.38 -32.79 -9.28
N HIS H 164 -49.36 -32.54 -7.98
CA HIS H 164 -50.28 -31.60 -7.34
C HIS H 164 -49.50 -30.37 -6.94
N LEU H 165 -49.90 -29.21 -7.45
CA LEU H 165 -49.17 -27.98 -7.24
C LEU H 165 -50.17 -26.84 -7.17
N SER H 166 -49.99 -25.97 -6.17
CA SER H 166 -50.94 -24.90 -5.90
C SER H 166 -50.25 -23.55 -5.97
N TRP H 167 -50.92 -22.61 -6.63
CA TRP H 167 -50.45 -21.24 -6.71
C TRP H 167 -50.86 -20.49 -5.45
N GLU H 168 -50.72 -19.17 -5.44
CA GLU H 168 -51.10 -18.37 -4.28
C GLU H 168 -52.53 -17.89 -4.46
N VAL H 169 -53.07 -17.29 -3.39
CA VAL H 169 -54.43 -16.78 -3.38
C VAL H 169 -54.42 -15.42 -4.07
N GLY H 170 -55.34 -15.23 -5.02
CA GLY H 170 -55.41 -14.02 -5.80
C GLY H 170 -54.48 -13.96 -6.99
N LYS H 171 -53.76 -15.05 -7.29
CA LYS H 171 -52.84 -15.11 -8.40
C LYS H 171 -53.30 -16.16 -9.40
N PRO H 172 -53.35 -15.82 -10.69
CA PRO H 172 -53.86 -16.77 -11.69
C PRO H 172 -52.80 -17.76 -12.15
N ARG H 173 -53.20 -18.71 -12.98
CA ARG H 173 -52.26 -19.71 -13.49
C ARG H 173 -51.29 -19.06 -14.45
N PRO H 174 -49.98 -19.20 -14.25
CA PRO H 174 -49.00 -18.55 -15.13
C PRO H 174 -48.97 -19.21 -16.49
N PRO H 175 -48.34 -18.56 -17.49
CA PRO H 175 -48.24 -19.17 -18.82
C PRO H 175 -47.62 -20.56 -18.81
N LEU H 176 -47.91 -21.35 -19.84
CA LEU H 176 -47.77 -22.80 -19.77
C LEU H 176 -46.37 -23.33 -20.04
N ASN H 177 -45.86 -23.13 -21.25
CA ASN H 177 -44.77 -23.96 -21.76
C ASN H 177 -43.41 -23.36 -21.42
N ARG H 178 -42.36 -23.90 -22.04
CA ARG H 178 -40.97 -23.57 -21.74
C ARG H 178 -40.62 -22.16 -22.17
N ASN H 179 -41.51 -21.51 -22.94
CA ASN H 179 -41.32 -20.09 -23.24
C ASN H 179 -41.29 -19.26 -21.97
N TYR H 180 -41.83 -19.77 -20.88
CA TYR H 180 -41.85 -19.13 -19.56
C TYR H 180 -41.30 -20.18 -18.60
N VAL H 181 -39.99 -20.17 -18.40
CA VAL H 181 -39.30 -21.29 -17.75
C VAL H 181 -39.68 -21.37 -16.29
N PHE H 182 -39.87 -22.59 -15.80
CA PHE H 182 -40.16 -22.87 -14.39
C PHE H 182 -38.90 -23.39 -13.73
N THR H 183 -38.23 -22.54 -12.96
CA THR H 183 -37.04 -22.90 -12.21
C THR H 183 -37.19 -22.37 -10.79
N GLY H 184 -37.38 -23.29 -9.84
CA GLY H 184 -37.66 -22.93 -8.46
C GLY H 184 -36.56 -23.35 -7.50
N TYR H 185 -36.77 -23.00 -6.23
CA TYR H 185 -35.82 -23.30 -5.17
C TYR H 185 -36.53 -23.48 -3.84
N ARG H 186 -36.44 -24.68 -3.25
CA ARG H 186 -37.10 -24.99 -2.00
C ARG H 186 -36.16 -24.70 -0.83
N VAL H 187 -36.65 -24.87 0.40
CA VAL H 187 -35.85 -24.66 1.60
C VAL H 187 -35.97 -25.88 2.50
N THR H 188 -34.89 -26.19 3.23
CA THR H 188 -34.91 -27.28 4.18
C THR H 188 -35.02 -26.70 5.58
N LYS H 189 -34.04 -25.94 6.07
CA LYS H 189 -34.14 -25.34 7.40
C LYS H 189 -33.73 -23.88 7.43
N ASN H 190 -32.70 -23.49 6.68
CA ASN H 190 -32.10 -22.17 6.83
C ASN H 190 -31.84 -21.46 5.51
N SER H 191 -31.67 -22.19 4.42
CA SER H 191 -31.41 -21.58 3.12
C SER H 191 -32.20 -22.28 2.04
N LYS H 192 -31.92 -21.96 0.78
CA LYS H 192 -32.65 -22.51 -0.35
C LYS H 192 -31.93 -23.73 -0.89
N VAL H 193 -32.72 -24.67 -1.44
CA VAL H 193 -32.19 -25.91 -1.98
C VAL H 193 -32.71 -26.09 -3.40
N GLN H 194 -31.99 -26.90 -4.18
CA GLN H 194 -32.25 -27.07 -5.59
C GLN H 194 -33.53 -27.87 -5.83
N ILE H 195 -34.26 -27.49 -6.88
CA ILE H 195 -35.47 -28.20 -7.29
C ILE H 195 -35.28 -28.82 -8.67
N GLY H 196 -35.07 -27.97 -9.68
CA GLY H 196 -34.90 -28.44 -11.04
C GLY H 196 -35.47 -27.51 -12.08
N GLU H 197 -34.87 -27.52 -13.27
CA GLU H 197 -35.35 -26.71 -14.39
C GLU H 197 -36.47 -27.48 -15.09
N TYR H 198 -37.70 -26.94 -15.03
CA TYR H 198 -38.88 -27.70 -15.41
C TYR H 198 -39.84 -26.81 -16.21
N THR H 199 -40.90 -27.46 -16.70
CA THR H 199 -42.04 -26.79 -17.31
C THR H 199 -43.23 -27.72 -17.17
N PHE H 200 -44.42 -27.13 -17.08
CA PHE H 200 -45.62 -27.89 -16.78
C PHE H 200 -46.42 -28.15 -18.05
N GLU H 201 -47.16 -29.28 -18.07
CA GLU H 201 -47.88 -29.69 -19.27
C GLU H 201 -49.33 -29.22 -19.26
N LYS H 202 -50.11 -29.63 -18.26
CA LYS H 202 -51.51 -29.22 -18.18
C LYS H 202 -51.98 -29.19 -16.73
N GLY H 203 -53.28 -29.11 -16.53
CA GLY H 203 -53.85 -29.11 -15.19
C GLY H 203 -54.69 -30.34 -14.91
N ALA H 208 -53.80 -33.51 -13.84
CA ALA H 208 -52.66 -34.14 -14.50
C ALA H 208 -51.60 -33.10 -14.86
N VAL H 209 -50.37 -33.35 -14.40
CA VAL H 209 -49.25 -32.46 -14.73
C VAL H 209 -48.09 -33.30 -15.24
N VAL H 210 -47.98 -33.44 -16.56
CA VAL H 210 -46.83 -34.14 -17.12
C VAL H 210 -45.61 -33.21 -17.12
N TYR H 211 -44.43 -33.81 -17.07
CA TYR H 211 -43.17 -33.09 -17.00
C TYR H 211 -42.52 -33.09 -18.37
N ARG H 212 -42.42 -31.90 -18.98
CA ARG H 212 -41.67 -31.71 -20.22
C ARG H 212 -40.25 -31.24 -19.96
N GLY H 213 -39.74 -31.40 -18.74
CA GLY H 213 -38.41 -30.97 -18.38
C GLY H 213 -37.35 -31.97 -18.77
N THR H 214 -36.20 -31.88 -18.08
CA THR H 214 -35.05 -32.72 -18.40
C THR H 214 -34.35 -33.27 -17.16
N THR H 215 -35.08 -33.46 -16.05
CA THR H 215 -34.51 -34.07 -14.86
C THR H 215 -35.65 -34.63 -14.01
N THR H 216 -35.27 -35.29 -12.91
CA THR H 216 -36.24 -35.84 -11.97
C THR H 216 -35.64 -35.80 -10.58
N TYR H 217 -36.28 -35.08 -9.68
CA TYR H 217 -35.81 -34.87 -8.31
C TYR H 217 -36.80 -35.49 -7.32
N LYS H 218 -36.32 -35.74 -6.11
CA LYS H 218 -37.18 -36.24 -5.04
C LYS H 218 -38.09 -35.12 -4.56
N LEU H 219 -39.07 -34.77 -5.39
CA LEU H 219 -39.91 -33.61 -5.14
C LEU H 219 -41.03 -33.95 -4.17
N ASN H 220 -41.20 -33.09 -3.16
CA ASN H 220 -42.35 -33.19 -2.26
C ASN H 220 -42.52 -31.95 -1.39
N VAL H 221 -41.91 -31.94 -0.20
CA VAL H 221 -42.24 -30.97 0.84
C VAL H 221 -41.54 -29.65 0.58
N GLY H 222 -42.24 -28.56 0.89
CA GLY H 222 -41.69 -27.22 0.88
C GLY H 222 -41.16 -26.77 -0.47
N ASP H 223 -41.66 -27.34 -1.55
CA ASP H 223 -41.16 -27.04 -2.88
C ASP H 223 -41.76 -25.74 -3.39
N TYR H 224 -40.89 -24.89 -3.96
CA TYR H 224 -41.26 -23.56 -4.43
C TYR H 224 -40.92 -23.46 -5.92
N PHE H 225 -41.86 -23.83 -6.79
CA PHE H 225 -41.69 -23.60 -8.22
C PHE H 225 -42.02 -22.15 -8.54
N VAL H 226 -41.12 -21.47 -9.26
CA VAL H 226 -41.29 -20.08 -9.61
C VAL H 226 -40.72 -19.84 -11.00
N LEU H 227 -41.31 -18.89 -11.71
CA LEU H 227 -40.73 -18.38 -12.96
C LEU H 227 -39.73 -17.31 -12.56
N THR H 228 -38.47 -17.72 -12.40
CA THR H 228 -37.45 -16.86 -11.82
C THR H 228 -37.27 -15.57 -12.62
N SER H 229 -37.61 -14.45 -11.99
CA SER H 229 -37.36 -13.15 -12.56
C SER H 229 -35.94 -12.71 -12.23
N HIS H 230 -35.20 -12.31 -13.26
CA HIS H 230 -33.80 -11.96 -13.12
C HIS H 230 -33.62 -10.45 -13.24
N THR H 231 -32.70 -9.93 -12.43
CA THR H 231 -32.34 -8.52 -12.51
C THR H 231 -31.66 -8.25 -13.85
N VAL H 232 -32.04 -7.16 -14.51
CA VAL H 232 -31.52 -6.83 -15.84
C VAL H 232 -30.33 -5.89 -15.66
N MET H 233 -29.20 -6.26 -16.26
CA MET H 233 -28.03 -5.38 -16.26
C MET H 233 -28.15 -4.33 -17.36
N PRO H 234 -27.56 -3.16 -17.16
CA PRO H 234 -27.62 -2.11 -18.19
C PRO H 234 -26.79 -2.46 -19.41
N LEU H 235 -27.22 -1.92 -20.55
CA LEU H 235 -26.56 -2.19 -21.83
C LEU H 235 -25.32 -1.31 -21.99
N SER H 236 -24.38 -1.75 -22.83
CA SER H 236 -23.19 -0.98 -23.11
C SER H 236 -23.10 -0.61 -24.58
N ALA H 237 -23.22 -1.62 -25.46
CA ALA H 237 -23.07 -1.41 -26.88
C ALA H 237 -24.42 -1.17 -27.56
N PRO H 238 -24.42 -0.50 -28.72
CA PRO H 238 -25.68 -0.29 -29.44
C PRO H 238 -26.23 -1.58 -30.05
N THR H 239 -27.40 -1.49 -30.68
CA THR H 239 -28.02 -2.68 -31.26
C THR H 239 -27.25 -3.19 -32.47
N LEU H 240 -26.69 -2.30 -33.28
CA LEU H 240 -25.85 -2.70 -34.40
C LEU H 240 -24.74 -1.67 -34.61
N VAL H 241 -23.68 -2.11 -35.25
CA VAL H 241 -22.55 -1.25 -35.60
C VAL H 241 -22.64 -0.94 -37.09
N PRO H 242 -22.58 0.33 -37.50
CA PRO H 242 -22.68 0.66 -38.92
C PRO H 242 -21.54 0.04 -39.71
N GLN H 243 -21.90 -0.68 -40.77
CA GLN H 243 -20.91 -1.43 -41.54
C GLN H 243 -20.27 -0.54 -42.61
N GLU H 244 -19.09 -0.97 -43.05
CA GLU H 244 -18.37 -0.34 -44.14
C GLU H 244 -17.63 -1.43 -44.91
N HIS H 245 -17.86 -1.50 -46.22
CA HIS H 245 -17.33 -2.58 -47.04
C HIS H 245 -15.81 -2.42 -47.18
N TYR H 246 -15.07 -3.38 -46.65
CA TYR H 246 -13.61 -3.34 -46.70
C TYR H 246 -13.07 -3.54 -48.10
N VAL H 247 -11.81 -3.17 -48.30
CA VAL H 247 -11.07 -3.51 -49.50
C VAL H 247 -10.03 -4.59 -49.22
N ARG H 248 -9.37 -4.52 -48.06
CA ARG H 248 -8.47 -5.56 -47.61
C ARG H 248 -9.25 -6.61 -46.83
N ILE H 249 -8.90 -7.87 -47.04
CA ILE H 249 -9.44 -8.97 -46.22
C ILE H 249 -8.45 -9.16 -45.07
N THR H 250 -8.65 -8.37 -44.01
CA THR H 250 -7.74 -8.39 -42.88
C THR H 250 -8.03 -9.59 -41.99
N GLY H 251 -7.02 -10.44 -41.79
CA GLY H 251 -7.17 -11.60 -40.94
C GLY H 251 -7.81 -12.77 -41.65
N LEU H 252 -8.76 -12.49 -42.53
CA LEU H 252 -9.45 -13.55 -43.26
C LEU H 252 -8.54 -14.14 -44.33
N TYR H 253 -8.50 -15.47 -44.39
CA TYR H 253 -7.58 -16.20 -45.28
C TYR H 253 -8.35 -17.21 -46.12
N PRO H 254 -8.76 -16.82 -47.34
CA PRO H 254 -9.25 -17.82 -48.28
C PRO H 254 -8.17 -18.84 -48.61
N THR H 255 -8.44 -20.11 -48.33
CA THR H 255 -7.42 -21.14 -48.47
C THR H 255 -7.07 -21.37 -49.93
N LEU H 256 -5.91 -22.01 -50.15
CA LEU H 256 -5.46 -22.31 -51.50
C LEU H 256 -6.44 -23.23 -52.21
N ASN H 257 -6.93 -24.25 -51.52
CA ASN H 257 -7.93 -25.16 -52.06
C ASN H 257 -9.33 -24.65 -51.73
N ILE H 258 -10.33 -25.34 -52.27
CA ILE H 258 -11.73 -25.01 -52.04
C ILE H 258 -12.33 -26.12 -51.18
N SER H 259 -12.65 -25.79 -49.93
CA SER H 259 -13.34 -26.72 -49.05
C SER H 259 -14.80 -26.74 -49.47
N ASP H 260 -15.09 -27.55 -50.49
CA ASP H 260 -16.39 -27.53 -51.16
C ASP H 260 -17.42 -28.29 -50.33
N GLU H 261 -17.82 -27.68 -49.22
CA GLU H 261 -18.97 -28.16 -48.47
C GLU H 261 -20.22 -27.87 -49.30
N PHE H 262 -20.43 -26.59 -49.63
CA PHE H 262 -21.49 -26.15 -50.52
C PHE H 262 -20.89 -25.34 -51.66
N SER H 263 -21.61 -25.30 -52.78
CA SER H 263 -21.11 -24.65 -53.99
C SER H 263 -21.10 -23.13 -53.86
N SER H 264 -22.26 -22.53 -53.55
CA SER H 264 -22.40 -21.07 -53.45
C SER H 264 -21.78 -20.50 -52.18
N ASN H 265 -21.19 -21.35 -51.34
CA ASN H 265 -20.53 -20.86 -50.15
C ASN H 265 -19.31 -20.00 -50.49
N VAL H 266 -18.71 -20.21 -51.67
CA VAL H 266 -17.64 -19.33 -52.12
C VAL H 266 -18.16 -17.90 -52.26
N ALA H 267 -19.31 -17.72 -52.90
CA ALA H 267 -19.92 -16.39 -52.98
C ALA H 267 -20.30 -15.89 -51.59
N ASN H 268 -20.81 -16.78 -50.74
CA ASN H 268 -21.06 -16.48 -49.33
C ASN H 268 -19.87 -15.71 -48.76
N TYR H 269 -18.70 -16.35 -48.77
CA TYR H 269 -17.49 -15.73 -48.26
C TYR H 269 -17.18 -14.44 -49.02
N GLN H 270 -17.35 -14.48 -50.34
CA GLN H 270 -17.01 -13.36 -51.22
C GLN H 270 -17.67 -12.06 -50.78
N LYS H 271 -18.93 -12.11 -50.32
CA LYS H 271 -19.53 -10.86 -49.90
C LYS H 271 -19.71 -10.74 -48.38
N VAL H 272 -19.40 -11.79 -47.61
CA VAL H 272 -19.43 -11.59 -46.16
C VAL H 272 -18.06 -11.21 -45.62
N GLY H 273 -17.03 -11.26 -46.47
CA GLY H 273 -15.70 -10.91 -46.00
C GLY H 273 -15.36 -9.44 -45.93
N MET H 274 -16.23 -8.55 -46.37
CA MET H 274 -15.86 -7.14 -46.48
C MET H 274 -16.72 -6.21 -45.63
N GLN H 275 -17.96 -6.56 -45.35
CA GLN H 275 -18.87 -5.69 -44.59
C GLN H 275 -18.90 -6.13 -43.13
N LYS H 276 -19.11 -5.16 -42.25
CA LYS H 276 -18.95 -5.39 -40.82
C LYS H 276 -19.99 -6.35 -40.25
N TYR H 277 -21.05 -6.63 -40.99
CA TYR H 277 -22.00 -7.66 -40.58
C TYR H 277 -22.65 -8.22 -41.84
N SER H 278 -23.42 -9.29 -41.67
CA SER H 278 -24.24 -9.86 -42.73
C SER H 278 -25.41 -10.58 -42.08
N THR H 279 -26.16 -11.35 -42.86
CA THR H 279 -27.26 -12.13 -42.29
C THR H 279 -27.56 -13.30 -43.21
N LEU H 280 -27.86 -14.44 -42.60
CA LEU H 280 -28.23 -15.64 -43.35
C LEU H 280 -29.74 -15.67 -43.51
N GLN H 281 -30.24 -15.09 -44.59
CA GLN H 281 -31.67 -15.04 -44.88
C GLN H 281 -32.08 -16.42 -45.37
N GLY H 282 -32.47 -17.29 -44.44
CA GLY H 282 -32.74 -18.67 -44.76
C GLY H 282 -34.17 -19.07 -44.51
N PRO H 283 -34.87 -19.45 -45.58
CA PRO H 283 -36.11 -20.21 -45.42
C PRO H 283 -35.83 -21.56 -44.78
N PRO H 284 -36.82 -22.19 -44.16
CA PRO H 284 -36.56 -23.42 -43.41
C PRO H 284 -36.00 -24.52 -44.31
N GLY H 285 -34.91 -25.15 -43.86
CA GLY H 285 -34.27 -26.21 -44.61
C GLY H 285 -33.76 -25.78 -45.97
N THR H 286 -33.13 -24.61 -46.04
CA THR H 286 -32.67 -24.03 -47.29
C THR H 286 -31.23 -23.53 -47.13
N GLY H 287 -30.38 -24.35 -46.54
CA GLY H 287 -29.03 -23.92 -46.26
C GLY H 287 -28.88 -23.09 -45.00
N LYS H 288 -29.90 -23.07 -44.14
CA LYS H 288 -29.87 -22.33 -42.90
C LYS H 288 -28.98 -22.97 -41.84
N SER H 289 -28.29 -24.06 -42.17
CA SER H 289 -27.61 -24.87 -41.15
C SER H 289 -26.10 -24.91 -41.31
N HIS H 290 -25.58 -25.29 -42.48
CA HIS H 290 -24.18 -25.69 -42.59
C HIS H 290 -23.37 -24.81 -43.53
N PHE H 291 -23.92 -23.67 -43.96
CA PHE H 291 -23.09 -22.70 -44.67
C PHE H 291 -21.99 -22.18 -43.76
N ALA H 292 -22.32 -21.96 -42.48
CA ALA H 292 -21.29 -21.63 -41.50
C ALA H 292 -20.32 -22.79 -41.30
N ILE H 293 -20.81 -24.03 -41.43
CA ILE H 293 -19.93 -25.19 -41.33
C ILE H 293 -18.89 -25.17 -42.44
N GLY H 294 -19.33 -24.85 -43.67
CA GLY H 294 -18.38 -24.68 -44.76
C GLY H 294 -17.43 -23.52 -44.54
N LEU H 295 -17.95 -22.40 -44.02
CA LEU H 295 -17.10 -21.26 -43.67
C LEU H 295 -16.07 -21.64 -42.62
N ALA H 296 -16.38 -22.64 -41.79
CA ALA H 296 -15.46 -23.04 -40.72
C ALA H 296 -14.12 -23.51 -41.29
N LEU H 297 -14.15 -24.27 -42.39
CA LEU H 297 -12.91 -24.76 -42.99
C LEU H 297 -12.43 -23.93 -44.16
N TYR H 298 -13.28 -23.16 -44.83
CA TYR H 298 -12.76 -22.26 -45.86
C TYR H 298 -12.01 -21.09 -45.22
N TYR H 299 -12.48 -20.64 -44.06
CA TYR H 299 -11.80 -19.62 -43.27
C TYR H 299 -11.34 -20.24 -41.95
N PRO H 300 -10.39 -21.18 -41.99
CA PRO H 300 -10.05 -21.93 -40.76
C PRO H 300 -9.21 -21.13 -39.79
N SER H 301 -8.48 -20.14 -40.31
CA SER H 301 -7.61 -19.29 -39.49
C SER H 301 -8.32 -18.03 -39.02
N ALA H 302 -9.65 -18.07 -38.95
CA ALA H 302 -10.45 -16.94 -38.50
C ALA H 302 -11.24 -17.34 -37.26
N ARG H 303 -11.19 -16.51 -36.23
CA ARG H 303 -11.92 -16.77 -34.99
C ARG H 303 -13.41 -16.65 -35.27
N ILE H 304 -14.13 -17.77 -35.18
CA ILE H 304 -15.53 -17.82 -35.58
C ILE H 304 -16.38 -18.17 -34.37
N VAL H 305 -17.43 -17.36 -34.16
CA VAL H 305 -18.34 -17.53 -33.04
C VAL H 305 -19.71 -17.96 -33.55
N TYR H 306 -20.36 -18.85 -32.79
CA TYR H 306 -21.69 -19.31 -33.09
C TYR H 306 -22.59 -19.08 -31.88
N THR H 307 -23.82 -18.64 -32.13
CA THR H 307 -24.75 -18.39 -31.04
C THR H 307 -26.18 -18.44 -31.59
N ALA H 308 -27.13 -18.54 -30.66
CA ALA H 308 -28.55 -18.53 -30.98
C ALA H 308 -29.26 -17.69 -29.91
N CYS H 309 -30.58 -17.78 -29.87
CA CYS H 309 -31.37 -17.00 -28.91
C CYS H 309 -31.92 -17.83 -27.76
N SER H 310 -32.13 -19.13 -27.96
CA SER H 310 -32.69 -19.98 -26.92
C SER H 310 -31.89 -21.27 -26.82
N HIS H 311 -31.91 -21.88 -25.64
CA HIS H 311 -31.21 -23.13 -25.40
C HIS H 311 -31.89 -24.29 -26.13
N ALA H 312 -33.13 -24.09 -26.56
CA ALA H 312 -33.85 -25.14 -27.27
C ALA H 312 -33.35 -25.29 -28.70
N ALA H 313 -33.11 -24.18 -29.39
CA ALA H 313 -32.70 -24.20 -30.80
C ALA H 313 -31.19 -24.33 -30.97
N VAL H 314 -30.60 -25.43 -30.49
CA VAL H 314 -29.16 -25.65 -30.60
C VAL H 314 -28.89 -26.86 -31.47
N ASP H 315 -29.92 -27.35 -32.16
CA ASP H 315 -29.80 -28.60 -32.91
C ASP H 315 -28.72 -28.50 -33.98
N ALA H 316 -28.94 -27.65 -34.99
CA ALA H 316 -27.93 -27.42 -36.02
C ALA H 316 -26.73 -26.67 -35.48
N LEU H 317 -26.90 -25.99 -34.34
CA LEU H 317 -25.78 -25.33 -33.68
C LEU H 317 -24.71 -26.35 -33.27
N CYS H 318 -25.15 -27.53 -32.82
CA CYS H 318 -24.25 -28.49 -32.20
C CYS H 318 -24.02 -29.76 -33.01
N GLU H 319 -24.88 -30.07 -34.00
CA GLU H 319 -24.74 -31.39 -34.60
C GLU H 319 -23.61 -31.46 -35.63
N LYS H 320 -23.71 -30.70 -36.72
CA LYS H 320 -22.73 -30.82 -37.80
C LYS H 320 -21.35 -30.32 -37.38
N ALA H 321 -21.27 -29.46 -36.38
CA ALA H 321 -19.99 -28.96 -35.88
C ALA H 321 -19.10 -30.12 -35.45
N LEU H 322 -19.63 -31.01 -34.60
CA LEU H 322 -18.88 -32.19 -34.23
C LEU H 322 -18.94 -33.26 -35.31
N LYS H 323 -20.00 -33.29 -36.12
CA LYS H 323 -20.15 -34.32 -37.14
C LYS H 323 -19.04 -34.26 -38.20
N TYR H 324 -18.71 -33.06 -38.68
CA TYR H 324 -17.74 -32.91 -39.75
C TYR H 324 -16.54 -32.04 -39.41
N LEU H 325 -16.69 -31.04 -38.55
CA LEU H 325 -15.48 -30.28 -38.29
C LEU H 325 -14.57 -31.05 -37.32
N PRO H 326 -13.26 -30.75 -37.31
CA PRO H 326 -12.34 -31.48 -36.43
C PRO H 326 -12.71 -31.35 -34.95
N ILE H 327 -12.36 -32.39 -34.18
CA ILE H 327 -12.86 -32.51 -32.81
C ILE H 327 -12.35 -31.36 -31.95
N ASP H 328 -11.06 -31.06 -32.04
CA ASP H 328 -10.46 -30.09 -31.12
C ASP H 328 -10.88 -28.66 -31.43
N LYS H 329 -11.17 -28.38 -32.70
CA LYS H 329 -11.48 -27.01 -33.11
C LYS H 329 -12.77 -26.48 -32.50
N CYS H 330 -13.64 -27.36 -32.02
CA CYS H 330 -14.89 -26.95 -31.41
C CYS H 330 -14.71 -26.69 -29.91
N SER H 331 -15.68 -25.98 -29.33
CA SER H 331 -15.64 -25.63 -27.93
C SER H 331 -17.06 -25.44 -27.42
N ARG H 332 -17.28 -25.75 -26.14
CA ARG H 332 -18.61 -25.75 -25.56
C ARG H 332 -18.68 -24.73 -24.42
N ILE H 333 -19.82 -24.03 -24.35
CA ILE H 333 -20.10 -23.08 -23.27
C ILE H 333 -21.50 -23.39 -22.76
N ILE H 334 -21.61 -23.87 -21.53
CA ILE H 334 -22.91 -24.18 -20.93
C ILE H 334 -22.88 -23.83 -19.45
N PRO H 335 -23.86 -23.06 -18.96
CA PRO H 335 -23.91 -22.76 -17.52
C PRO H 335 -24.21 -24.01 -16.71
N ALA H 336 -23.68 -24.04 -15.49
CA ALA H 336 -23.89 -25.17 -14.59
C ALA H 336 -23.70 -24.75 -13.14
N VAL H 340 -29.88 -24.73 -18.87
CA VAL H 340 -29.09 -25.67 -18.08
C VAL H 340 -28.85 -26.96 -18.88
N GLU H 341 -29.91 -27.76 -19.03
CA GLU H 341 -29.81 -29.01 -19.76
C GLU H 341 -29.76 -28.73 -21.26
N CYS H 342 -28.64 -29.06 -21.87
CA CYS H 342 -28.42 -28.79 -23.29
C CYS H 342 -27.30 -29.69 -23.79
N PHE H 343 -26.90 -29.48 -25.05
CA PHE H 343 -25.86 -30.30 -25.67
C PHE H 343 -24.50 -29.88 -25.12
N ASP H 344 -23.83 -30.81 -24.45
CA ASP H 344 -22.47 -30.64 -23.95
C ASP H 344 -21.45 -31.40 -24.78
N LYS H 345 -21.65 -31.45 -26.10
CA LYS H 345 -20.85 -32.30 -26.96
C LYS H 345 -19.40 -31.86 -27.07
N PHE H 346 -19.13 -30.56 -27.07
CA PHE H 346 -17.75 -30.08 -27.13
C PHE H 346 -17.18 -29.88 -25.72
N LYS H 347 -16.04 -29.21 -25.61
CA LYS H 347 -15.32 -29.09 -24.35
C LYS H 347 -15.71 -27.81 -23.64
N VAL H 348 -16.16 -27.94 -22.39
CA VAL H 348 -16.38 -26.79 -21.53
C VAL H 348 -15.07 -26.42 -20.82
N ASN H 349 -14.98 -25.16 -20.38
CA ASN H 349 -13.79 -24.64 -19.71
C ASN H 349 -12.61 -24.71 -20.67
N SER H 350 -12.69 -23.90 -21.74
CA SER H 350 -11.60 -23.76 -22.69
C SER H 350 -11.67 -22.39 -23.35
N THR H 351 -10.72 -21.51 -23.02
CA THR H 351 -10.78 -20.14 -23.51
C THR H 351 -10.21 -20.01 -24.91
N LEU H 352 -9.17 -20.77 -25.25
CA LEU H 352 -8.54 -20.68 -26.55
C LEU H 352 -9.17 -21.69 -27.50
N GLU H 353 -9.87 -21.19 -28.52
CA GLU H 353 -10.48 -22.01 -29.55
C GLU H 353 -10.98 -21.08 -30.66
N GLN H 354 -11.24 -21.66 -31.83
CA GLN H 354 -11.67 -20.91 -32.98
C GLN H 354 -13.14 -21.11 -33.33
N TYR H 355 -13.84 -22.02 -32.64
CA TYR H 355 -15.25 -22.31 -32.93
C TYR H 355 -15.96 -22.55 -31.60
N VAL H 356 -16.57 -21.50 -31.07
CA VAL H 356 -17.33 -21.56 -29.82
C VAL H 356 -18.81 -21.61 -30.16
N PHE H 357 -19.52 -22.54 -29.52
CA PHE H 357 -20.94 -22.77 -29.79
C PHE H 357 -21.70 -22.63 -28.49
N CYS H 358 -22.67 -21.69 -28.46
CA CYS H 358 -23.43 -21.42 -27.25
C CYS H 358 -24.67 -20.59 -27.53
N THR H 359 -25.31 -20.10 -26.47
CA THR H 359 -26.38 -19.12 -26.55
C THR H 359 -25.90 -17.82 -25.90
N VAL H 360 -26.72 -16.78 -26.00
CA VAL H 360 -26.34 -15.45 -25.53
C VAL H 360 -26.50 -15.35 -24.01
N ASN H 361 -26.85 -16.46 -23.36
CA ASN H 361 -27.09 -16.43 -21.93
C ASN H 361 -25.82 -16.08 -21.16
N ALA H 362 -24.71 -16.75 -21.50
CA ALA H 362 -23.47 -16.60 -20.76
C ALA H 362 -22.29 -17.10 -21.59
N LEU H 363 -21.29 -16.24 -21.79
CA LEU H 363 -20.13 -16.58 -22.61
C LEU H 363 -18.85 -16.16 -21.90
N PRO H 364 -17.70 -16.77 -22.24
CA PRO H 364 -16.47 -16.30 -21.70
C PRO H 364 -15.78 -15.12 -22.36
N GLU H 365 -15.96 -13.97 -21.70
CA GLU H 365 -15.77 -12.65 -22.32
C GLU H 365 -14.48 -12.60 -23.15
N THR H 366 -14.66 -12.39 -24.46
CA THR H 366 -13.56 -12.29 -25.40
C THR H 366 -14.08 -11.60 -26.65
N THR H 367 -13.15 -11.19 -27.52
CA THR H 367 -13.47 -10.56 -28.79
C THR H 367 -12.98 -11.44 -29.93
N ALA H 368 -13.63 -11.27 -31.09
CA ALA H 368 -13.36 -12.12 -32.25
C ALA H 368 -13.36 -11.29 -33.53
N ASP H 369 -13.44 -11.95 -34.68
CA ASP H 369 -13.52 -11.24 -35.95
C ASP H 369 -14.61 -11.82 -36.85
N ILE H 370 -15.08 -13.03 -36.54
CA ILE H 370 -16.22 -13.64 -37.23
C ILE H 370 -17.17 -14.22 -36.17
N VAL H 371 -18.46 -13.93 -36.33
CA VAL H 371 -19.50 -14.47 -35.47
C VAL H 371 -20.64 -14.93 -36.37
N VAL H 372 -21.43 -15.90 -35.88
CA VAL H 372 -22.71 -16.26 -36.48
C VAL H 372 -23.76 -16.21 -35.38
N PHE H 373 -24.96 -15.75 -35.73
CA PHE H 373 -26.03 -15.50 -34.76
C PHE H 373 -27.33 -16.01 -35.35
N ASP H 374 -28.00 -16.91 -34.64
CA ASP H 374 -29.19 -17.55 -35.19
C ASP H 374 -30.47 -16.95 -34.60
N GLU H 375 -31.59 -17.24 -35.26
CA GLU H 375 -32.93 -16.93 -34.78
C GLU H 375 -33.15 -15.43 -34.60
N ILE H 376 -33.03 -14.67 -35.68
CA ILE H 376 -33.27 -13.24 -35.63
C ILE H 376 -34.75 -12.88 -35.46
N SER H 377 -35.68 -13.78 -35.77
CA SER H 377 -37.10 -13.43 -35.74
C SER H 377 -37.57 -13.13 -34.32
N MET H 378 -37.17 -13.95 -33.34
CA MET H 378 -37.54 -13.73 -31.96
C MET H 378 -36.42 -13.05 -31.18
N ALA H 379 -35.67 -12.18 -31.85
CA ALA H 379 -34.57 -11.45 -31.24
C ALA H 379 -34.91 -9.97 -31.16
N THR H 380 -34.74 -9.40 -29.98
CA THR H 380 -34.99 -7.99 -29.73
C THR H 380 -33.68 -7.21 -29.79
N ASN H 381 -33.80 -5.89 -29.79
CA ASN H 381 -32.60 -5.04 -29.81
C ASN H 381 -31.74 -5.22 -28.57
N TYR H 382 -32.33 -5.67 -27.47
CA TYR H 382 -31.55 -5.95 -26.26
C TYR H 382 -30.57 -7.10 -26.53
N ASP H 383 -31.04 -8.16 -27.18
CA ASP H 383 -30.16 -9.28 -27.50
C ASP H 383 -29.09 -8.89 -28.52
N LEU H 384 -29.45 -8.08 -29.51
CA LEU H 384 -28.44 -7.60 -30.45
C LEU H 384 -27.39 -6.76 -29.74
N SER H 385 -27.79 -5.89 -28.82
CA SER H 385 -26.85 -5.08 -28.07
C SER H 385 -25.96 -5.94 -27.18
N VAL H 386 -26.52 -6.97 -26.52
CA VAL H 386 -25.69 -7.77 -25.64
C VAL H 386 -24.71 -8.63 -26.43
N VAL H 387 -25.12 -9.13 -27.61
CA VAL H 387 -24.17 -9.90 -28.41
C VAL H 387 -23.11 -8.99 -29.02
N ASN H 388 -23.47 -7.74 -29.33
CA ASN H 388 -22.47 -6.79 -29.81
C ASN H 388 -21.54 -6.32 -28.71
N ALA H 389 -21.97 -6.37 -27.45
CA ALA H 389 -21.13 -5.94 -26.32
C ALA H 389 -20.20 -7.06 -25.89
N ARG H 390 -20.76 -8.26 -25.67
CA ARG H 390 -19.94 -9.40 -25.27
C ARG H 390 -18.93 -9.75 -26.37
N LEU H 391 -19.37 -9.74 -27.63
CA LEU H 391 -18.52 -10.03 -28.76
C LEU H 391 -18.38 -8.79 -29.63
N ARG H 392 -17.15 -8.33 -29.81
CA ARG H 392 -16.83 -7.20 -30.68
C ARG H 392 -16.00 -7.74 -31.84
N ALA H 393 -16.65 -8.05 -32.95
CA ALA H 393 -16.01 -8.73 -34.06
C ALA H 393 -15.89 -7.80 -35.26
N LYS H 394 -15.34 -8.34 -36.35
CA LYS H 394 -15.15 -7.61 -37.60
C LYS H 394 -16.28 -7.86 -38.60
N HIS H 395 -16.75 -9.10 -38.70
CA HIS H 395 -17.93 -9.42 -39.51
C HIS H 395 -18.72 -10.49 -38.78
N TYR H 396 -20.04 -10.48 -38.97
CA TYR H 396 -20.89 -11.53 -38.42
C TYR H 396 -22.17 -11.62 -39.24
N VAL H 397 -22.88 -12.73 -39.06
CA VAL H 397 -24.11 -13.01 -39.80
C VAL H 397 -25.22 -13.29 -38.80
N TYR H 398 -26.40 -12.72 -39.04
CA TYR H 398 -27.57 -13.02 -38.23
C TYR H 398 -28.45 -14.02 -38.99
N ILE H 399 -28.31 -15.29 -38.64
CA ILE H 399 -29.15 -16.32 -39.24
C ILE H 399 -30.59 -16.15 -38.78
N GLY H 400 -31.51 -16.19 -39.75
CA GLY H 400 -32.92 -16.00 -39.46
C GLY H 400 -33.64 -15.33 -40.60
N ASP H 401 -34.97 -15.40 -40.61
CA ASP H 401 -35.77 -14.87 -41.71
C ASP H 401 -36.98 -14.14 -41.14
N PRO H 402 -37.41 -13.06 -41.78
CA PRO H 402 -38.67 -12.40 -41.35
C PRO H 402 -39.88 -13.29 -41.46
N ALA H 403 -39.85 -14.29 -42.34
CA ALA H 403 -40.97 -15.21 -42.48
C ALA H 403 -40.95 -16.25 -41.36
N GLN H 404 -40.93 -15.80 -40.11
CA GLN H 404 -40.92 -16.66 -38.95
C GLN H 404 -41.72 -16.02 -37.83
N LEU H 405 -41.54 -16.51 -36.59
CA LEU H 405 -42.39 -16.10 -35.48
C LEU H 405 -41.77 -14.97 -34.68
N PRO H 406 -42.59 -14.10 -34.09
CA PRO H 406 -42.05 -13.05 -33.21
C PRO H 406 -41.65 -13.61 -31.84
N ALA H 407 -40.95 -12.79 -31.07
CA ALA H 407 -40.63 -13.12 -29.69
C ALA H 407 -41.90 -13.13 -28.85
N PRO H 408 -41.89 -13.82 -27.69
CA PRO H 408 -43.11 -13.90 -26.88
C PRO H 408 -43.49 -12.55 -26.30
N ARG H 409 -43.90 -11.62 -27.16
CA ARG H 409 -44.30 -10.27 -26.74
C ARG H 409 -45.77 -10.26 -26.33
N THR H 410 -46.04 -10.90 -25.21
CA THR H 410 -47.39 -10.98 -24.66
C THR H 410 -47.85 -9.61 -24.17
N LEU H 411 -46.92 -8.67 -24.10
CA LEU H 411 -47.22 -7.31 -23.66
C LEU H 411 -48.24 -6.66 -24.59
N LEU H 412 -48.08 -6.80 -25.90
CA LEU H 412 -48.99 -6.20 -26.86
C LEU H 412 -50.23 -7.08 -27.01
N THR H 413 -51.41 -6.46 -27.00
CA THR H 413 -52.66 -7.17 -27.13
C THR H 413 -53.51 -6.71 -28.31
N LYS H 414 -53.43 -5.44 -28.69
CA LYS H 414 -54.29 -4.92 -29.74
C LYS H 414 -53.76 -5.25 -31.13
N GLY H 415 -52.56 -4.76 -31.45
CA GLY H 415 -52.02 -4.96 -32.78
C GLY H 415 -50.88 -5.94 -32.80
N THR H 416 -50.87 -6.80 -33.81
CA THR H 416 -49.78 -7.76 -33.97
C THR H 416 -48.50 -7.03 -34.36
N LEU H 417 -47.37 -7.62 -33.96
CA LEU H 417 -46.05 -7.07 -34.24
C LEU H 417 -45.55 -7.69 -35.55
N GLU H 418 -45.47 -6.88 -36.58
CA GLU H 418 -45.20 -7.30 -37.95
C GLU H 418 -43.69 -7.38 -38.20
N PRO H 419 -43.25 -7.87 -39.37
CA PRO H 419 -41.81 -7.94 -39.67
C PRO H 419 -41.05 -6.64 -39.47
N GLU H 420 -41.69 -5.50 -39.77
CA GLU H 420 -41.02 -4.21 -39.65
C GLU H 420 -40.72 -3.86 -38.20
N TYR H 421 -41.34 -4.58 -37.26
CA TYR H 421 -41.21 -4.26 -35.84
C TYR H 421 -40.54 -5.34 -35.01
N PHE H 422 -39.87 -6.32 -35.64
CA PHE H 422 -39.14 -7.33 -34.88
C PHE H 422 -38.01 -6.68 -34.10
N ASN H 423 -37.06 -6.09 -34.81
CA ASN H 423 -35.95 -5.37 -34.19
C ASN H 423 -35.36 -4.42 -35.23
N SER H 424 -34.31 -3.70 -34.82
CA SER H 424 -33.68 -2.75 -35.73
C SER H 424 -33.08 -3.43 -36.96
N VAL H 425 -32.38 -4.55 -36.78
CA VAL H 425 -31.77 -5.22 -37.93
C VAL H 425 -32.83 -5.85 -38.83
N CYS H 426 -33.88 -6.44 -38.24
CA CYS H 426 -34.90 -7.14 -39.01
C CYS H 426 -35.66 -6.23 -39.96
N ARG H 427 -35.71 -4.92 -39.69
CA ARG H 427 -36.18 -3.96 -40.67
C ARG H 427 -35.03 -3.30 -41.42
N LEU H 428 -33.81 -3.35 -40.88
CA LEU H 428 -32.65 -2.86 -41.62
C LEU H 428 -32.49 -3.63 -42.92
N MET H 429 -32.65 -4.95 -42.88
CA MET H 429 -32.65 -5.73 -44.11
C MET H 429 -33.99 -5.68 -44.83
N LYS H 430 -35.01 -5.07 -44.23
CA LYS H 430 -36.30 -4.93 -44.91
C LYS H 430 -36.35 -3.68 -45.77
N THR H 431 -35.78 -2.58 -45.30
CA THR H 431 -35.80 -1.33 -46.05
C THR H 431 -34.79 -1.33 -47.19
N ILE H 432 -33.50 -1.52 -46.88
CA ILE H 432 -32.46 -1.46 -47.90
C ILE H 432 -32.23 -2.79 -48.59
N GLY H 433 -32.81 -3.87 -48.09
CA GLY H 433 -32.64 -5.18 -48.68
C GLY H 433 -31.75 -6.07 -47.84
N PRO H 434 -31.96 -7.38 -47.94
CA PRO H 434 -31.16 -8.31 -47.14
C PRO H 434 -29.71 -8.35 -47.60
N ASP H 435 -28.82 -8.65 -46.66
CA ASP H 435 -27.42 -8.86 -46.99
C ASP H 435 -27.25 -10.07 -47.89
N MET H 436 -28.05 -11.10 -47.65
CA MET H 436 -28.03 -12.33 -48.43
C MET H 436 -29.46 -12.77 -48.76
N PHE H 437 -29.59 -13.49 -49.88
CA PHE H 437 -30.88 -14.05 -50.28
C PHE H 437 -30.63 -15.38 -50.98
N LEU H 438 -31.04 -16.48 -50.34
CA LEU H 438 -30.89 -17.80 -50.91
C LEU H 438 -32.16 -18.19 -51.66
N GLY H 439 -32.05 -19.18 -52.54
CA GLY H 439 -33.19 -19.69 -53.26
C GLY H 439 -33.12 -21.19 -53.48
N THR H 440 -32.39 -21.90 -52.62
CA THR H 440 -32.14 -23.34 -52.77
C THR H 440 -32.69 -24.07 -51.55
N CYS H 441 -33.84 -24.70 -51.72
CA CYS H 441 -34.41 -25.54 -50.66
C CYS H 441 -33.71 -26.90 -50.68
N ARG H 442 -33.18 -27.32 -49.53
CA ARG H 442 -32.39 -28.54 -49.47
C ARG H 442 -33.23 -29.77 -49.79
N ARG H 443 -34.35 -29.94 -49.08
CA ARG H 443 -35.19 -31.12 -49.26
C ARG H 443 -36.64 -30.75 -48.98
N CYS H 444 -37.37 -30.35 -50.04
CA CYS H 444 -38.76 -29.93 -49.87
C CYS H 444 -39.46 -29.82 -51.21
N PRO H 445 -40.64 -30.42 -51.36
CA PRO H 445 -41.47 -30.15 -52.54
C PRO H 445 -41.85 -28.67 -52.67
N ALA H 446 -42.48 -28.31 -53.79
CA ALA H 446 -42.71 -26.92 -54.13
C ALA H 446 -43.97 -26.33 -53.50
N GLU H 447 -44.60 -27.00 -52.55
CA GLU H 447 -45.76 -26.42 -51.88
C GLU H 447 -45.38 -25.16 -51.11
N ILE H 448 -44.37 -25.27 -50.24
CA ILE H 448 -43.88 -24.11 -49.53
C ILE H 448 -43.32 -23.07 -50.50
N VAL H 449 -42.72 -23.53 -51.61
CA VAL H 449 -42.24 -22.65 -52.65
C VAL H 449 -43.37 -21.75 -53.09
N ASP H 450 -44.43 -22.35 -53.64
CA ASP H 450 -45.57 -21.58 -54.14
C ASP H 450 -46.16 -20.69 -53.06
N THR H 451 -46.47 -21.26 -51.90
CA THR H 451 -47.14 -20.52 -50.83
C THR H 451 -46.34 -19.31 -50.38
N VAL H 452 -45.15 -19.53 -49.82
CA VAL H 452 -44.41 -18.44 -49.20
C VAL H 452 -43.71 -17.57 -50.24
N SER H 453 -43.58 -18.05 -51.48
CA SER H 453 -43.10 -17.21 -52.56
C SER H 453 -44.16 -16.25 -53.07
N ALA H 454 -45.42 -16.68 -53.10
CA ALA H 454 -46.50 -15.75 -53.40
C ALA H 454 -46.74 -14.79 -52.23
N LEU H 455 -46.47 -15.25 -51.01
CA LEU H 455 -46.71 -14.40 -49.86
C LEU H 455 -45.59 -13.40 -49.59
N VAL H 456 -44.40 -13.88 -49.25
CA VAL H 456 -43.32 -12.99 -48.83
C VAL H 456 -41.98 -13.29 -49.50
N TYR H 457 -41.75 -14.48 -50.04
CA TYR H 457 -40.44 -14.76 -50.63
C TYR H 457 -40.25 -14.12 -52.00
N ASP H 458 -41.31 -13.58 -52.61
CA ASP H 458 -41.24 -12.88 -53.89
C ASP H 458 -40.76 -13.79 -55.02
N ASN H 459 -40.87 -15.10 -54.83
CA ASN H 459 -40.59 -16.11 -55.85
C ASN H 459 -39.17 -15.98 -56.40
N LYS H 460 -38.21 -15.86 -55.49
CA LYS H 460 -36.80 -16.01 -55.84
C LYS H 460 -36.33 -17.46 -55.71
N LEU H 461 -37.10 -18.30 -55.03
CA LEU H 461 -36.87 -19.74 -54.99
C LEU H 461 -38.04 -20.44 -55.66
N LYS H 462 -37.73 -21.48 -56.43
CA LYS H 462 -38.73 -22.17 -57.23
C LYS H 462 -38.64 -23.67 -56.99
N ALA H 463 -39.39 -24.43 -57.80
CA ALA H 463 -39.55 -25.87 -57.60
C ALA H 463 -38.25 -26.63 -57.74
N HIS H 464 -37.77 -27.20 -56.63
CA HIS H 464 -36.63 -28.11 -56.66
C HIS H 464 -37.10 -29.56 -56.63
N LYS H 465 -38.05 -29.87 -55.75
CA LYS H 465 -38.68 -31.19 -55.71
C LYS H 465 -40.10 -31.07 -56.26
N ASP H 466 -40.57 -32.16 -56.87
CA ASP H 466 -41.84 -32.13 -57.58
C ASP H 466 -43.00 -31.99 -56.61
N LYS H 467 -44.12 -31.47 -57.13
CA LYS H 467 -45.36 -31.29 -56.38
C LYS H 467 -46.33 -32.38 -56.79
N SER H 468 -46.44 -33.42 -55.96
CA SER H 468 -47.39 -34.50 -56.20
C SER H 468 -48.78 -34.21 -55.63
N ALA H 469 -48.93 -33.11 -54.89
CA ALA H 469 -50.22 -32.69 -54.35
C ALA H 469 -50.86 -33.77 -53.48
N GLN H 470 -50.06 -34.36 -52.59
CA GLN H 470 -50.55 -35.29 -51.58
C GLN H 470 -51.01 -34.54 -50.33
N CYS H 471 -50.50 -33.34 -50.11
CA CYS H 471 -50.93 -32.50 -49.01
C CYS H 471 -52.42 -32.19 -49.13
N PHE H 472 -53.07 -32.02 -47.97
CA PHE H 472 -54.51 -31.89 -47.93
C PHE H 472 -54.92 -30.64 -47.16
N LYS H 473 -55.91 -29.93 -47.70
CA LYS H 473 -56.54 -28.81 -47.03
C LYS H 473 -58.04 -28.93 -47.28
N MET H 474 -58.83 -28.75 -46.23
N MET H 474 -58.83 -28.75 -46.23
CA MET H 474 -60.25 -29.02 -46.30
CA MET H 474 -60.26 -29.05 -46.30
C MET H 474 -61.08 -27.75 -46.12
C MET H 474 -61.07 -27.77 -46.09
N PHE H 475 -62.39 -27.91 -46.08
CA PHE H 475 -63.34 -26.79 -45.98
C PHE H 475 -63.82 -26.57 -44.55
N TYR H 476 -63.27 -27.31 -43.59
CA TYR H 476 -63.72 -27.25 -42.20
C TYR H 476 -63.31 -25.91 -41.58
N LYS H 477 -64.17 -25.39 -40.70
CA LYS H 477 -63.96 -24.08 -40.11
C LYS H 477 -63.61 -24.14 -38.63
N GLY H 478 -64.43 -24.79 -37.81
CA GLY H 478 -64.14 -24.93 -36.40
C GLY H 478 -64.88 -23.90 -35.55
N VAL H 479 -64.93 -24.18 -34.25
CA VAL H 479 -65.61 -23.35 -33.27
C VAL H 479 -64.69 -23.13 -32.09
N ILE H 480 -64.64 -21.90 -31.58
CA ILE H 480 -63.68 -21.48 -30.55
C ILE H 480 -64.43 -21.18 -29.26
N THR H 481 -63.82 -21.55 -28.13
CA THR H 481 -64.40 -21.30 -26.81
C THR H 481 -63.29 -21.04 -25.81
N HIS H 482 -63.40 -19.94 -25.06
CA HIS H 482 -62.42 -19.58 -24.05
C HIS H 482 -62.84 -20.08 -22.67
N ASP H 483 -61.87 -20.64 -21.94
CA ASP H 483 -62.08 -20.99 -20.54
C ASP H 483 -61.14 -20.21 -19.64
N VAL H 484 -59.83 -20.32 -19.89
CA VAL H 484 -58.79 -19.73 -19.07
C VAL H 484 -57.79 -19.14 -20.06
N SER H 485 -56.62 -18.69 -19.59
CA SER H 485 -55.58 -18.15 -20.48
C SER H 485 -55.18 -19.13 -21.58
N SER H 486 -55.66 -20.37 -21.53
CA SER H 486 -55.61 -21.30 -22.65
C SER H 486 -57.03 -21.72 -22.95
N ALA H 487 -57.29 -22.08 -24.21
CA ALA H 487 -58.64 -22.38 -24.65
C ALA H 487 -58.68 -23.81 -25.16
N ILE H 488 -59.86 -24.23 -25.60
CA ILE H 488 -60.07 -25.60 -26.05
C ILE H 488 -60.90 -25.56 -27.34
N ASN H 489 -61.06 -26.71 -27.99
CA ASN H 489 -61.79 -26.77 -29.24
C ASN H 489 -62.59 -28.07 -29.37
N ARG H 490 -63.92 -27.99 -29.20
CA ARG H 490 -64.75 -29.16 -29.47
C ARG H 490 -64.60 -29.61 -30.93
N PRO H 491 -64.59 -28.71 -31.94
CA PRO H 491 -64.19 -29.15 -33.28
C PRO H 491 -62.68 -29.27 -33.39
N GLN H 492 -62.07 -29.81 -32.36
CA GLN H 492 -60.80 -30.51 -32.41
C GLN H 492 -60.88 -31.84 -31.69
N ILE H 493 -61.57 -31.89 -30.55
CA ILE H 493 -61.78 -33.15 -29.85
C ILE H 493 -62.53 -34.12 -30.74
N GLY H 494 -63.48 -33.62 -31.52
CA GLY H 494 -64.14 -34.47 -32.49
C GLY H 494 -63.43 -34.49 -33.83
N VAL H 495 -62.74 -33.39 -34.15
CA VAL H 495 -62.16 -33.23 -35.48
C VAL H 495 -60.92 -34.09 -35.70
N VAL H 496 -60.13 -34.36 -34.65
CA VAL H 496 -59.00 -35.28 -34.82
C VAL H 496 -59.49 -36.64 -35.28
N ARG H 497 -60.53 -37.17 -34.63
CA ARG H 497 -61.11 -38.43 -35.05
C ARG H 497 -61.72 -38.32 -36.45
N GLU H 498 -62.47 -37.24 -36.70
CA GLU H 498 -63.12 -37.08 -37.99
C GLU H 498 -62.13 -36.97 -39.14
N PHE H 499 -60.92 -36.49 -38.86
CA PHE H 499 -59.89 -36.34 -39.88
C PHE H 499 -58.96 -37.54 -39.96
N LEU H 500 -58.91 -38.39 -38.93
CA LEU H 500 -58.24 -39.67 -39.04
C LEU H 500 -59.20 -40.80 -39.40
N THR H 501 -60.46 -40.47 -39.73
CA THR H 501 -61.48 -41.43 -40.08
C THR H 501 -60.97 -42.52 -41.03
N ARG H 502 -60.48 -42.13 -42.20
CA ARG H 502 -59.96 -43.11 -43.14
C ARG H 502 -58.61 -42.75 -43.75
N ASN H 503 -58.18 -41.51 -43.72
CA ASN H 503 -56.88 -41.15 -44.28
C ASN H 503 -55.78 -41.82 -43.47
N PRO H 504 -54.93 -42.64 -44.09
CA PRO H 504 -53.95 -43.41 -43.31
C PRO H 504 -52.57 -42.77 -43.24
N ALA H 505 -52.42 -41.57 -43.80
CA ALA H 505 -51.09 -41.01 -43.97
C ALA H 505 -50.67 -40.07 -42.85
N TRP H 506 -51.61 -39.38 -42.20
CA TRP H 506 -51.26 -38.39 -41.18
C TRP H 506 -51.45 -38.92 -39.77
N ARG H 507 -51.30 -40.24 -39.56
CA ARG H 507 -51.37 -40.78 -38.21
C ARG H 507 -50.06 -40.54 -37.45
N LYS H 508 -48.97 -40.32 -38.17
CA LYS H 508 -47.67 -40.10 -37.53
C LYS H 508 -47.24 -38.67 -37.88
N ALA H 509 -48.16 -37.74 -37.72
CA ALA H 509 -47.88 -36.33 -37.97
C ALA H 509 -47.62 -35.60 -36.65
N VAL H 510 -47.18 -34.36 -36.77
CA VAL H 510 -46.81 -33.55 -35.61
C VAL H 510 -47.84 -32.43 -35.44
N PHE H 511 -48.09 -32.06 -34.19
CA PHE H 511 -49.21 -31.22 -33.79
C PHE H 511 -48.72 -29.81 -33.45
N ILE H 512 -48.87 -28.88 -34.41
CA ILE H 512 -48.64 -27.48 -34.11
C ILE H 512 -49.63 -27.03 -33.02
N SER H 513 -49.17 -26.18 -32.11
CA SER H 513 -49.86 -25.92 -30.85
C SER H 513 -50.11 -24.44 -30.62
N PRO H 514 -51.03 -23.83 -31.36
CA PRO H 514 -51.47 -22.47 -30.98
C PRO H 514 -52.01 -22.41 -29.57
N TYR H 515 -52.64 -23.49 -29.10
CA TYR H 515 -53.03 -23.64 -27.70
C TYR H 515 -52.38 -24.93 -27.18
N ASN H 516 -51.47 -24.78 -26.22
CA ASN H 516 -50.78 -25.94 -25.67
C ASN H 516 -51.69 -26.84 -24.85
N SER H 517 -52.67 -26.25 -24.17
CA SER H 517 -53.63 -27.06 -23.42
C SER H 517 -54.46 -27.94 -24.35
N GLN H 518 -54.82 -27.43 -25.53
CA GLN H 518 -55.53 -28.26 -26.50
C GLN H 518 -54.67 -29.42 -26.97
N ASN H 519 -53.36 -29.19 -27.17
CA ASN H 519 -52.47 -30.29 -27.52
C ASN H 519 -52.35 -31.30 -26.39
N ALA H 520 -52.35 -30.82 -25.14
CA ALA H 520 -52.34 -31.72 -24.00
C ALA H 520 -53.60 -32.59 -23.97
N VAL H 521 -54.76 -31.98 -24.22
CA VAL H 521 -56.00 -32.75 -24.28
C VAL H 521 -55.98 -33.74 -25.44
N ALA H 522 -55.44 -33.34 -26.59
CA ALA H 522 -55.33 -34.25 -27.72
C ALA H 522 -54.44 -35.44 -27.39
N SER H 523 -53.32 -35.19 -26.70
CA SER H 523 -52.47 -36.28 -26.23
C SER H 523 -53.16 -37.17 -25.21
N LYS H 524 -53.99 -36.61 -24.33
CA LYS H 524 -54.71 -37.40 -23.34
C LYS H 524 -55.77 -38.27 -24.00
N ILE H 525 -56.44 -37.76 -25.02
CA ILE H 525 -57.56 -38.47 -25.65
C ILE H 525 -57.09 -39.42 -26.74
N LEU H 526 -56.48 -38.90 -27.80
CA LEU H 526 -55.99 -39.71 -28.92
C LEU H 526 -54.49 -39.92 -28.87
N GLY H 527 -53.72 -38.84 -28.81
CA GLY H 527 -52.28 -38.94 -28.64
C GLY H 527 -51.46 -38.53 -29.84
N LEU H 528 -50.97 -37.30 -29.82
CA LEU H 528 -50.03 -36.78 -30.81
C LEU H 528 -48.91 -36.07 -30.07
N PRO H 529 -47.70 -36.09 -30.61
CA PRO H 529 -46.60 -35.35 -29.99
C PRO H 529 -46.89 -33.85 -29.94
N THR H 530 -46.48 -33.23 -28.84
CA THR H 530 -46.66 -31.80 -28.66
C THR H 530 -45.54 -31.05 -29.38
N GLN H 531 -45.90 -30.10 -30.22
CA GLN H 531 -44.94 -29.32 -31.00
C GLN H 531 -45.14 -27.84 -30.66
N THR H 532 -44.13 -27.24 -30.06
CA THR H 532 -44.16 -25.81 -29.75
C THR H 532 -44.21 -25.03 -31.06
N VAL H 533 -44.63 -23.77 -30.98
CA VAL H 533 -44.76 -22.90 -32.14
C VAL H 533 -43.52 -22.05 -32.35
N ASP H 534 -43.12 -21.29 -31.32
CA ASP H 534 -42.03 -20.34 -31.46
C ASP H 534 -40.67 -21.03 -31.52
N SER H 535 -40.31 -21.76 -30.46
CA SER H 535 -38.99 -22.36 -30.37
C SER H 535 -39.01 -23.81 -30.85
N SER H 536 -39.53 -24.06 -32.05
CA SER H 536 -39.54 -25.40 -32.60
C SER H 536 -39.19 -25.41 -34.08
N GLN H 537 -38.18 -24.66 -34.47
CA GLN H 537 -37.67 -24.68 -35.83
C GLN H 537 -36.48 -25.62 -35.93
N GLY H 538 -36.53 -26.51 -36.92
CA GLY H 538 -35.55 -27.56 -37.06
C GLY H 538 -35.90 -28.86 -36.36
N SER H 539 -36.85 -28.84 -35.43
CA SER H 539 -37.32 -30.06 -34.78
C SER H 539 -38.46 -30.72 -35.54
N GLU H 540 -38.92 -30.12 -36.63
CA GLU H 540 -39.99 -30.70 -37.42
C GLU H 540 -39.54 -32.00 -38.06
N TYR H 541 -40.48 -32.95 -38.15
CA TYR H 541 -40.25 -34.24 -38.76
C TYR H 541 -40.60 -34.16 -40.25
N ASP H 542 -40.61 -35.30 -40.93
CA ASP H 542 -40.95 -35.35 -42.35
C ASP H 542 -42.44 -35.20 -42.61
N TYR H 543 -43.29 -35.32 -41.57
CA TYR H 543 -44.73 -35.43 -41.75
C TYR H 543 -45.42 -34.74 -40.58
N VAL H 544 -46.28 -33.77 -40.88
CA VAL H 544 -46.86 -32.89 -39.86
C VAL H 544 -48.30 -32.58 -40.24
N ILE H 545 -49.17 -32.41 -39.24
CA ILE H 545 -50.52 -31.88 -39.42
C ILE H 545 -50.57 -30.44 -38.93
N PHE H 546 -51.07 -29.55 -39.77
CA PHE H 546 -51.47 -28.21 -39.34
C PHE H 546 -52.95 -28.30 -38.97
N THR H 547 -53.25 -28.12 -37.69
CA THR H 547 -54.60 -28.26 -37.17
C THR H 547 -55.27 -26.89 -37.06
N GLN H 548 -56.59 -26.89 -36.86
CA GLN H 548 -57.35 -25.66 -36.82
C GLN H 548 -57.02 -24.85 -35.57
N THR H 549 -57.42 -25.36 -34.41
CA THR H 549 -56.92 -24.96 -33.10
C THR H 549 -57.26 -23.50 -32.73
N THR H 550 -57.77 -22.71 -33.67
CA THR H 550 -58.01 -21.29 -33.44
C THR H 550 -58.67 -20.64 -34.65
N GLU H 551 -59.35 -19.52 -34.39
CA GLU H 551 -59.89 -18.69 -35.45
C GLU H 551 -59.59 -17.22 -35.20
N THR H 552 -59.24 -16.86 -33.96
CA THR H 552 -59.08 -15.48 -33.58
C THR H 552 -57.74 -14.93 -34.07
N ALA H 553 -57.40 -13.73 -33.60
CA ALA H 553 -56.16 -13.07 -33.99
C ALA H 553 -54.99 -13.56 -33.15
N HIS H 554 -55.15 -14.73 -32.52
CA HIS H 554 -54.06 -15.30 -31.72
C HIS H 554 -52.82 -15.57 -32.57
N SER H 555 -52.99 -16.17 -33.74
CA SER H 555 -51.82 -16.65 -34.47
C SER H 555 -51.86 -16.33 -35.97
N CYS H 556 -53.06 -16.16 -36.52
CA CYS H 556 -53.23 -16.16 -37.97
C CYS H 556 -53.43 -14.76 -38.51
N ASN H 557 -52.34 -14.04 -38.75
CA ASN H 557 -52.44 -12.91 -39.68
C ASN H 557 -51.55 -13.15 -40.90
N VAL H 558 -50.24 -13.19 -40.70
CA VAL H 558 -49.32 -13.66 -41.74
C VAL H 558 -48.27 -14.58 -41.14
N ASN H 559 -47.54 -14.08 -40.15
CA ASN H 559 -46.24 -14.64 -39.79
C ASN H 559 -46.32 -15.51 -38.54
N ARG H 560 -47.06 -16.60 -38.65
CA ARG H 560 -46.83 -17.71 -37.72
C ARG H 560 -46.86 -19.03 -38.47
N PHE H 561 -47.54 -19.05 -39.62
CA PHE H 561 -47.64 -20.24 -40.44
C PHE H 561 -46.63 -20.29 -41.58
N ASN H 562 -45.82 -19.24 -41.75
CA ASN H 562 -44.83 -19.25 -42.81
C ASN H 562 -43.80 -20.35 -42.61
N VAL H 563 -43.50 -20.70 -41.35
CA VAL H 563 -42.68 -21.85 -41.07
C VAL H 563 -43.51 -23.10 -40.83
N ALA H 564 -44.74 -22.96 -40.33
CA ALA H 564 -45.61 -24.10 -40.10
C ALA H 564 -45.97 -24.83 -41.38
N ILE H 565 -46.02 -24.13 -42.51
CA ILE H 565 -46.23 -24.79 -43.81
C ILE H 565 -45.03 -25.62 -44.22
N THR H 566 -43.86 -25.40 -43.61
CA THR H 566 -42.65 -26.14 -43.94
C THR H 566 -42.31 -27.22 -42.92
N ARG H 567 -43.15 -27.43 -41.89
CA ARG H 567 -42.86 -28.46 -40.90
C ARG H 567 -42.81 -29.85 -41.53
N ALA H 568 -43.86 -30.21 -42.27
CA ALA H 568 -43.87 -31.43 -43.04
C ALA H 568 -43.21 -31.18 -44.40
N LYS H 569 -42.75 -32.26 -45.03
CA LYS H 569 -42.06 -32.13 -46.31
C LYS H 569 -42.97 -32.46 -47.49
N VAL H 570 -43.56 -33.64 -47.51
CA VAL H 570 -44.42 -34.04 -48.62
C VAL H 570 -45.89 -33.91 -48.20
N GLY H 571 -46.23 -34.53 -47.08
CA GLY H 571 -47.60 -34.51 -46.60
C GLY H 571 -47.91 -33.41 -45.62
N ILE H 572 -47.99 -32.17 -46.09
CA ILE H 572 -48.29 -31.03 -45.23
C ILE H 572 -49.79 -30.76 -45.20
N LEU H 573 -50.49 -31.36 -44.24
CA LEU H 573 -51.91 -31.12 -44.08
C LEU H 573 -52.11 -29.76 -43.41
N CYS H 574 -52.32 -28.71 -44.21
CA CYS H 574 -52.57 -27.37 -43.71
C CYS H 574 -54.00 -27.00 -44.11
N ILE H 575 -54.94 -27.40 -43.26
CA ILE H 575 -56.35 -27.10 -43.52
C ILE H 575 -56.60 -25.61 -43.33
N MET H 576 -57.52 -25.06 -44.12
CA MET H 576 -57.89 -23.66 -43.94
C MET H 576 -58.68 -23.55 -42.65
N SER H 577 -58.17 -22.76 -41.70
CA SER H 577 -58.78 -22.70 -40.37
C SER H 577 -59.68 -21.49 -40.23
N ASP H 578 -59.19 -20.32 -40.63
CA ASP H 578 -59.85 -19.04 -40.38
C ASP H 578 -59.50 -18.10 -41.53
N ARG H 579 -59.56 -16.79 -41.30
CA ARG H 579 -59.37 -15.83 -42.39
C ARG H 579 -57.94 -15.92 -42.90
N ASP H 580 -57.61 -17.05 -43.51
CA ASP H 580 -56.27 -17.39 -43.94
C ASP H 580 -56.10 -16.94 -45.40
N LEU H 581 -55.10 -17.43 -46.14
CA LEU H 581 -54.80 -16.99 -47.49
C LEU H 581 -55.47 -17.92 -48.50
N TYR H 582 -56.71 -18.34 -48.19
CA TYR H 582 -57.49 -19.32 -48.94
C TYR H 582 -57.36 -19.19 -50.45
N ASP H 583 -57.82 -18.07 -51.02
CA ASP H 583 -57.92 -17.94 -52.47
C ASP H 583 -56.63 -17.36 -53.02
N LYS H 584 -55.58 -18.17 -52.91
CA LYS H 584 -54.27 -17.77 -53.42
C LYS H 584 -53.58 -18.86 -54.23
N LEU H 585 -53.92 -20.13 -54.02
CA LEU H 585 -53.17 -21.23 -54.62
C LEU H 585 -54.02 -22.43 -54.94
N GLN H 586 -53.37 -23.56 -55.20
CA GLN H 586 -54.03 -24.83 -55.51
C GLN H 586 -53.70 -25.82 -54.40
N PHE H 587 -54.73 -26.45 -53.85
CA PHE H 587 -54.55 -27.41 -52.76
C PHE H 587 -55.56 -28.53 -52.92
N THR H 588 -55.11 -29.76 -52.71
CA THR H 588 -55.98 -30.92 -52.77
C THR H 588 -56.86 -31.00 -51.53
N SER H 589 -58.03 -31.60 -51.70
CA SER H 589 -59.03 -31.63 -50.63
C SER H 589 -59.78 -32.95 -50.65
N LEU H 590 -60.12 -33.45 -49.47
CA LEU H 590 -61.02 -34.59 -49.32
C LEU H 590 -62.10 -34.20 -48.32
N GLU H 591 -63.35 -34.47 -48.66
CA GLU H 591 -64.49 -34.08 -47.85
C GLU H 591 -64.81 -35.17 -46.84
N ILE H 592 -64.95 -34.78 -45.58
CA ILE H 592 -65.30 -35.73 -44.52
C ILE H 592 -66.74 -36.21 -44.74
N PRO H 593 -67.06 -37.46 -44.42
CA PRO H 593 -68.42 -38.00 -44.58
C PRO H 593 -69.42 -37.31 -43.66
N ASN I 5 3.21 -16.04 65.93
CA ASN I 5 2.15 -17.00 65.80
C ASN I 5 1.44 -16.66 64.56
N ASN I 6 0.18 -17.03 64.45
CA ASN I 6 -0.64 -16.62 63.32
C ASN I 6 -1.99 -16.91 63.92
N GLU I 7 -2.15 -16.65 65.20
CA GLU I 7 -3.37 -16.97 65.92
C GLU I 7 -4.73 -16.92 65.25
N LEU I 8 -5.59 -17.89 65.58
CA LEU I 8 -6.93 -17.96 65.00
C LEU I 8 -8.03 -17.15 65.69
N SER I 9 -8.01 -15.83 65.62
CA SER I 9 -9.03 -14.89 66.06
C SER I 9 -9.08 -14.73 67.57
N PRO I 10 -7.99 -14.03 68.12
CA PRO I 10 -7.96 -13.80 69.58
C PRO I 10 -9.20 -13.11 70.15
N VAL I 11 -9.50 -11.93 69.64
CA VAL I 11 -10.67 -11.26 70.08
C VAL I 11 -11.80 -12.05 69.47
N ALA I 12 -12.72 -12.52 70.30
CA ALA I 12 -13.79 -13.35 69.81
C ALA I 12 -14.96 -12.60 69.24
N LEU I 13 -16.14 -13.17 69.38
CA LEU I 13 -17.32 -12.56 68.82
C LEU I 13 -18.51 -12.77 69.78
N ARG I 14 -19.70 -12.26 69.48
CA ARG I 14 -20.86 -12.37 70.39
C ARG I 14 -22.30 -12.67 69.88
N GLN I 15 -23.03 -13.64 70.46
CA GLN I 15 -24.48 -13.93 70.16
C GLN I 15 -25.06 -15.05 69.25
N MET I 16 -26.26 -15.55 69.61
CA MET I 16 -26.90 -16.64 68.90
C MET I 16 -28.44 -16.73 69.09
N SER I 17 -29.27 -16.32 68.11
CA SER I 17 -30.76 -16.29 68.26
C SER I 17 -31.62 -16.26 66.99
N CYS I 18 -32.91 -16.69 67.02
CA CYS I 18 -33.93 -16.60 65.89
C CYS I 18 -34.79 -17.70 65.15
N ALA I 19 -34.37 -18.49 64.14
CA ALA I 19 -35.30 -19.49 63.41
C ALA I 19 -34.80 -20.44 62.30
N ALA I 20 -35.66 -21.38 61.82
CA ALA I 20 -35.32 -22.37 60.73
C ALA I 20 -36.43 -23.29 60.13
N GLY I 21 -36.23 -23.91 58.97
CA GLY I 21 -37.15 -24.85 58.34
C GLY I 21 -36.48 -25.84 57.41
N THR I 22 -37.28 -26.48 56.56
CA THR I 22 -36.74 -27.43 55.60
C THR I 22 -37.19 -27.18 54.17
N THR I 23 -38.31 -26.48 53.95
CA THR I 23 -38.82 -26.20 52.60
C THR I 23 -39.26 -24.74 52.55
N GLN I 24 -38.32 -23.86 52.20
CA GLN I 24 -38.58 -22.43 52.02
C GLN I 24 -39.22 -21.80 53.25
N THR I 25 -40.55 -21.69 53.24
CA THR I 25 -41.31 -21.01 54.29
C THR I 25 -41.58 -21.90 55.50
N ALA I 26 -40.81 -22.98 55.68
CA ALA I 26 -41.01 -23.87 56.82
C ALA I 26 -40.50 -23.29 58.13
N CYS I 27 -39.80 -22.14 58.08
CA CYS I 27 -39.27 -21.52 59.29
C CYS I 27 -40.42 -20.83 60.03
N THR I 28 -40.86 -21.43 61.14
CA THR I 28 -42.05 -20.91 61.81
C THR I 28 -41.72 -19.94 62.94
N ASP I 29 -41.10 -20.42 64.02
CA ASP I 29 -40.80 -19.50 65.12
C ASP I 29 -39.32 -19.41 65.44
N ASP I 30 -38.72 -20.51 65.88
CA ASP I 30 -37.30 -20.56 66.22
C ASP I 30 -36.84 -22.01 66.36
N ASN I 31 -35.96 -22.46 65.47
CA ASN I 31 -35.43 -23.82 65.53
C ASN I 31 -33.94 -23.80 65.18
N ALA I 32 -33.21 -22.85 65.76
CA ALA I 32 -31.78 -22.77 65.49
C ALA I 32 -31.03 -21.97 66.54
N LEU I 33 -29.86 -22.43 66.90
CA LEU I 33 -29.04 -21.63 67.75
C LEU I 33 -28.21 -21.05 66.58
N ALA I 34 -28.77 -20.10 65.84
CA ALA I 34 -28.00 -19.47 64.79
C ALA I 34 -26.94 -18.64 65.44
N TYR I 35 -25.69 -19.07 65.41
CA TYR I 35 -24.57 -18.37 66.03
C TYR I 35 -23.79 -17.20 65.43
N TYR I 36 -23.24 -16.31 66.27
CA TYR I 36 -22.33 -15.16 65.96
C TYR I 36 -22.28 -13.97 65.04
N ASN I 37 -21.34 -13.08 65.34
CA ASN I 37 -21.09 -11.88 64.56
C ASN I 37 -22.04 -10.82 64.18
N THR I 38 -21.81 -9.63 64.70
CA THR I 38 -22.59 -8.48 64.33
C THR I 38 -21.51 -7.61 63.75
N THR I 39 -21.25 -7.69 62.45
CA THR I 39 -20.13 -6.95 61.82
C THR I 39 -20.26 -5.44 61.87
N LYS I 40 -19.26 -4.71 61.36
CA LYS I 40 -19.38 -3.26 61.56
C LYS I 40 -20.37 -2.63 60.59
N GLY I 41 -20.59 -3.24 59.43
CA GLY I 41 -21.61 -2.79 58.51
C GLY I 41 -23.00 -3.32 58.78
N GLY I 42 -23.14 -4.28 59.67
CA GLY I 42 -24.45 -4.84 59.98
C GLY I 42 -24.33 -6.26 60.48
N ARG I 43 -25.46 -6.78 60.96
CA ARG I 43 -25.52 -8.14 61.49
C ARG I 43 -25.35 -9.17 60.38
N PHE I 44 -24.31 -10.00 60.48
CA PHE I 44 -24.02 -11.02 59.47
C PHE I 44 -23.66 -12.29 60.24
N VAL I 45 -24.56 -13.27 60.22
CA VAL I 45 -24.43 -14.47 61.02
C VAL I 45 -23.41 -15.40 60.37
N LEU I 46 -22.78 -16.23 61.20
CA LEU I 46 -21.74 -17.15 60.72
C LEU I 46 -22.16 -18.61 60.88
N ALA I 47 -22.51 -19.05 62.08
CA ALA I 47 -22.69 -20.47 62.37
C ALA I 47 -24.12 -20.77 62.80
N LEU I 48 -24.58 -21.97 62.51
CA LEU I 48 -25.92 -22.43 62.85
C LEU I 48 -25.83 -23.75 63.61
N LEU I 49 -26.57 -23.84 64.71
CA LEU I 49 -26.65 -25.06 65.52
C LEU I 49 -28.11 -25.44 65.68
N SER I 50 -28.37 -26.75 65.75
CA SER I 50 -29.74 -27.25 65.64
C SER I 50 -29.94 -28.37 66.65
N ASP I 51 -30.74 -28.11 67.68
CA ASP I 51 -31.17 -29.16 68.59
C ASP I 51 -32.00 -30.21 67.88
N LEU I 52 -32.51 -29.90 66.69
CA LEU I 52 -33.24 -30.85 65.87
C LEU I 52 -32.27 -31.77 65.14
N GLN I 53 -32.77 -32.54 64.16
CA GLN I 53 -31.93 -33.52 63.49
C GLN I 53 -31.82 -33.34 61.99
N ASP I 54 -32.68 -32.55 61.35
CA ASP I 54 -32.62 -32.41 59.89
C ASP I 54 -33.28 -31.10 59.50
N LEU I 55 -32.47 -30.16 59.00
CA LEU I 55 -32.99 -28.91 58.47
C LEU I 55 -32.15 -28.52 57.26
N LYS I 56 -32.82 -27.94 56.27
CA LYS I 56 -32.11 -27.41 55.11
C LYS I 56 -32.29 -25.90 54.98
N TRP I 57 -33.03 -25.24 55.87
CA TRP I 57 -33.42 -23.87 55.60
C TRP I 57 -33.55 -23.10 56.90
N ALA I 58 -33.47 -21.78 56.80
CA ALA I 58 -33.60 -20.90 57.96
C ALA I 58 -34.02 -19.51 57.47
N ARG I 59 -34.35 -18.63 58.42
CA ARG I 59 -34.71 -17.26 58.08
C ARG I 59 -34.31 -16.30 59.21
N PHE I 60 -33.17 -15.63 59.05
CA PHE I 60 -32.71 -14.72 60.08
C PHE I 60 -33.26 -13.32 59.85
N PRO I 61 -33.97 -12.74 60.84
CA PRO I 61 -34.45 -11.36 60.67
C PRO I 61 -33.38 -10.33 61.06
N LYS I 62 -33.38 -9.18 60.39
CA LYS I 62 -32.36 -8.18 60.65
C LYS I 62 -32.87 -6.80 60.22
N SER I 63 -32.38 -5.78 60.93
CA SER I 63 -32.59 -4.37 60.61
C SER I 63 -34.01 -4.04 60.14
N ASP I 64 -34.23 -4.09 58.82
CA ASP I 64 -35.50 -3.65 58.25
C ASP I 64 -36.63 -4.61 58.54
N GLY I 65 -36.34 -5.88 58.82
CA GLY I 65 -37.37 -6.86 59.03
C GLY I 65 -37.92 -7.39 57.72
N THR I 66 -38.30 -6.48 56.81
CA THR I 66 -38.69 -6.89 55.47
C THR I 66 -37.55 -7.61 54.75
N GLY I 67 -36.31 -7.21 55.00
CA GLY I 67 -35.18 -7.94 54.46
C GLY I 67 -34.70 -9.01 55.44
N THR I 68 -35.16 -10.24 55.23
CA THR I 68 -34.76 -11.39 56.03
C THR I 68 -34.62 -12.57 55.07
N ILE I 69 -33.39 -13.08 54.94
CA ILE I 69 -33.02 -13.90 53.79
C ILE I 69 -33.33 -15.36 54.08
N TYR I 70 -33.85 -16.07 53.08
CA TYR I 70 -34.06 -17.51 53.16
C TYR I 70 -32.76 -18.21 52.79
N THR I 71 -31.96 -18.51 53.80
CA THR I 71 -30.61 -19.02 53.61
C THR I 71 -30.61 -20.48 53.20
N GLU I 72 -29.74 -20.85 52.27
CA GLU I 72 -29.52 -22.24 51.88
C GLU I 72 -28.41 -22.85 52.74
N LEU I 73 -28.72 -23.95 53.43
CA LEU I 73 -27.74 -24.58 54.30
C LEU I 73 -26.98 -25.70 53.59
N GLU I 74 -26.23 -26.49 54.34
CA GLU I 74 -25.39 -27.55 53.76
C GLU I 74 -25.58 -28.80 54.60
N PRO I 75 -25.15 -29.96 54.10
CA PRO I 75 -25.28 -31.21 54.86
C PRO I 75 -24.62 -31.11 56.23
N PRO I 76 -25.25 -31.63 57.26
CA PRO I 76 -24.81 -31.35 58.64
C PRO I 76 -23.73 -32.31 59.11
N CYS I 77 -23.18 -31.95 60.28
CA CYS I 77 -22.32 -32.80 61.10
C CYS I 77 -22.91 -32.89 62.50
N ARG I 78 -22.50 -33.91 63.26
CA ARG I 78 -23.11 -34.21 64.55
C ARG I 78 -22.04 -34.35 65.63
N PHE I 79 -22.35 -33.88 66.84
CA PHE I 79 -21.47 -34.10 67.99
C PHE I 79 -22.26 -33.95 69.28
N VAL I 80 -21.69 -34.46 70.36
CA VAL I 80 -22.30 -34.39 71.68
C VAL I 80 -21.49 -33.39 72.51
N THR I 81 -22.16 -32.73 73.45
CA THR I 81 -21.57 -31.61 74.18
C THR I 81 -21.40 -31.93 75.65
N ASP I 82 -20.35 -31.38 76.25
CA ASP I 82 -20.10 -31.50 77.69
C ASP I 82 -20.75 -30.34 78.45
N THR I 83 -22.06 -30.21 78.33
CA THR I 83 -22.79 -29.20 79.06
C THR I 83 -23.05 -29.68 80.50
N PRO I 84 -23.29 -28.76 81.43
CA PRO I 84 -23.75 -29.19 82.77
C PRO I 84 -25.08 -29.92 82.74
N LYS I 85 -25.83 -29.74 81.64
CA LYS I 85 -27.10 -30.44 81.49
C LYS I 85 -26.90 -31.95 81.39
N GLY I 86 -25.86 -32.39 80.69
CA GLY I 86 -25.57 -33.78 80.53
C GLY I 86 -25.67 -34.20 79.08
N PRO I 87 -26.55 -35.15 78.79
CA PRO I 87 -26.71 -35.59 77.39
C PRO I 87 -27.43 -34.52 76.59
N LYS I 88 -26.72 -33.89 75.67
CA LYS I 88 -27.28 -32.85 74.81
C LYS I 88 -26.65 -33.02 73.42
N VAL I 89 -27.50 -33.17 72.40
CA VAL I 89 -27.08 -33.44 71.04
C VAL I 89 -27.66 -32.38 70.11
N LYS I 90 -26.80 -31.79 69.27
CA LYS I 90 -27.22 -31.00 68.13
C LYS I 90 -26.57 -31.53 66.86
N TYR I 91 -27.00 -30.96 65.75
CA TYR I 91 -26.49 -31.27 64.42
C TYR I 91 -25.98 -29.96 63.82
N LEU I 92 -24.67 -29.89 63.60
CA LEU I 92 -24.02 -28.64 63.22
C LEU I 92 -24.29 -28.30 61.76
N TYR I 93 -24.45 -27.01 61.48
CA TYR I 93 -24.55 -26.51 60.11
C TYR I 93 -23.74 -25.23 59.99
N PHE I 94 -23.29 -24.95 58.77
CA PHE I 94 -22.76 -23.65 58.38
C PHE I 94 -23.56 -23.12 57.20
N ILE I 95 -23.72 -21.80 57.15
CA ILE I 95 -24.30 -21.15 55.97
C ILE I 95 -23.44 -21.49 54.77
N LYS I 96 -24.07 -21.82 53.65
CA LYS I 96 -23.32 -22.26 52.48
C LYS I 96 -22.42 -21.15 51.95
N GLY I 97 -21.27 -21.55 51.42
CA GLY I 97 -20.29 -20.61 50.93
C GLY I 97 -19.39 -20.00 51.98
N LEU I 98 -19.54 -20.40 53.25
CA LEU I 98 -18.69 -19.87 54.31
C LEU I 98 -17.26 -20.35 54.12
N ASN I 99 -16.33 -19.40 54.01
CA ASN I 99 -14.95 -19.73 53.73
C ASN I 99 -14.30 -20.39 54.96
N ASN I 100 -13.11 -20.96 54.74
CA ASN I 100 -12.45 -21.77 55.75
C ASN I 100 -12.13 -20.99 57.01
N LEU I 101 -11.68 -19.73 56.85
CA LEU I 101 -11.27 -18.94 58.01
C LEU I 101 -12.43 -18.68 58.97
N ASN I 102 -13.63 -18.43 58.44
CA ASN I 102 -14.78 -18.17 59.31
C ASN I 102 -15.18 -19.43 60.09
N ARG I 103 -15.21 -20.58 59.42
CA ARG I 103 -15.51 -21.82 60.14
C ARG I 103 -14.45 -22.11 61.19
N GLY I 104 -13.18 -21.87 60.88
CA GLY I 104 -12.15 -22.02 61.89
C GLY I 104 -12.37 -21.10 63.07
N MET I 105 -12.77 -19.85 62.79
CA MET I 105 -13.04 -18.89 63.85
C MET I 105 -14.13 -19.40 64.78
N VAL I 106 -15.28 -19.77 64.22
CA VAL I 106 -16.41 -20.16 65.07
C VAL I 106 -16.11 -21.48 65.79
N LEU I 107 -15.46 -22.43 65.11
CA LEU I 107 -15.13 -23.69 65.76
C LEU I 107 -14.15 -23.49 66.91
N GLY I 108 -13.11 -22.67 66.69
CA GLY I 108 -12.15 -22.41 67.75
C GLY I 108 -12.78 -21.71 68.94
N SER I 109 -13.61 -20.70 68.67
CA SER I 109 -14.24 -19.99 69.78
C SER I 109 -15.19 -20.90 70.55
N LEU I 110 -16.01 -21.67 69.84
CA LEU I 110 -16.96 -22.57 70.47
C LEU I 110 -16.24 -23.63 71.30
N ALA I 111 -15.13 -24.16 70.78
CA ALA I 111 -14.42 -25.22 71.49
C ALA I 111 -13.58 -24.70 72.64
N ALA I 112 -13.03 -23.48 72.55
CA ALA I 112 -12.10 -22.98 73.56
C ALA I 112 -12.77 -22.14 74.64
N THR I 113 -13.94 -21.56 74.35
CA THR I 113 -14.67 -20.79 75.36
C THR I 113 -15.70 -21.62 76.11
N VAL I 114 -16.42 -22.50 75.41
CA VAL I 114 -17.39 -23.39 76.02
C VAL I 114 -16.93 -24.83 75.80
N ARG I 115 -17.26 -25.69 76.74
CA ARG I 115 -16.81 -27.08 76.70
C ARG I 115 -17.74 -27.90 75.80
N LEU I 116 -17.13 -28.76 74.97
CA LEU I 116 -17.85 -29.67 74.10
C LEU I 116 -17.26 -31.06 74.27
N GLN I 117 -17.87 -32.04 73.60
CA GLN I 117 -17.26 -33.36 73.46
C GLN I 117 -17.16 -33.72 71.99
ZN ZN J . -13.44 -16.67 37.83
ZN ZN K . -19.06 1.38 27.52
PG GTP L . 5.86 -20.96 68.25
O1G GTP L . 6.73 -22.02 68.86
O2G GTP L . 4.39 -21.20 68.43
O3G GTP L . 6.30 -19.55 68.54
O3B GTP L . 6.04 -21.15 66.66
PB GTP L . 7.43 -21.09 65.84
O1B GTP L . 8.42 -20.21 66.55
O2B GTP L . 7.06 -20.75 64.42
O3A GTP L . 7.92 -22.63 65.77
PA GTP L . 8.98 -23.38 66.73
O1A GTP L . 9.52 -22.46 67.80
O2A GTP L . 8.38 -24.68 67.16
O5' GTP L . 10.17 -23.73 65.71
C5' GTP L . 11.39 -23.00 65.77
C4' GTP L . 11.34 -21.94 64.70
O4' GTP L . 12.59 -21.27 64.50
C3' GTP L . 10.97 -22.62 63.40
O3' GTP L . 9.62 -22.31 63.09
C2' GTP L . 11.96 -22.09 62.38
O2' GTP L . 11.37 -21.17 61.47
C1' GTP L . 13.08 -21.43 63.17
N9 GTP L . 14.28 -22.28 63.33
C8 GTP L . 15.07 -22.21 64.41
N7 GTP L . 16.09 -23.07 64.34
C5 GTP L . 15.97 -23.74 63.18
C6 GTP L . 16.73 -24.79 62.48
O6 GTP L . 17.73 -25.29 62.99
N1 GTP L . 16.30 -25.21 61.30
C2 GTP L . 15.21 -24.72 60.73
N2 GTP L . 14.85 -25.22 59.52
N3 GTP L . 14.47 -23.74 61.29
C4 GTP L . 14.78 -23.21 62.50
ZN ZN M . 3.28 28.85 -27.38
ZN ZN N . 11.11 36.87 -23.66
ZN ZN O . -12.87 28.46 -9.81
ZN ZN P . -38.84 10.29 -15.15
ZN ZN Q . -28.50 16.77 -21.07
ZN ZN R . -40.81 20.25 4.96
#